data_8FCV
#
_entry.id   8FCV
#
_cell.length_a   1.00
_cell.length_b   1.00
_cell.length_c   1.00
_cell.angle_alpha   90.00
_cell.angle_beta   90.00
_cell.angle_gamma   90.00
#
_symmetry.space_group_name_H-M   'P 1'
#
loop_
_entity.id
_entity.type
_entity.pdbx_description
1 polymer 'DNA (60-MER)'
2 polymer 'DNA (60-MER)'
3 polymer TniQ
4 polymer TnsC
5 non-polymer "ADENOSINE-5'-TRIPHOSPHATE"
6 non-polymer 'MAGNESIUM ION'
#
loop_
_entity_poly.entity_id
_entity_poly.type
_entity_poly.pdbx_seq_one_letter_code
_entity_poly.pdbx_strand_id
1 'polydeoxyribonucleotide'
;(DA)(DA)(DG)(DA)(DC)(DG)(DT)(DA)(DG)(DC)(DC)(DC)(DA)(DG)(DC)(DG)(DC)(DG)(DT)(DC)
(DG)(DG)(DC)(DC)(DG)(DC)(DT)(DA)(DC)(DG)(DT)(DA)(DT)(DC)(DG)(DT)(DA)(DG)(DA)(DT)
(DA)(DT)(DA)(DT)(DC)(DT)(DA)(DC)(DG)(DC)(DG)(DT)(DA)(DG)(DA)(DT)(DA)(DT)(DA)(DT)
;
N
2 'polydeoxyribonucleotide'
;(DA)(DT)(DA)(DT)(DA)(DT)(DC)(DT)(DA)(DC)(DG)(DC)(DG)(DT)(DA)(DG)(DA)(DT)(DA)(DT)
(DA)(DT)(DC)(DT)(DA)(DC)(DG)(DA)(DT)(DA)(DC)(DG)(DT)(DA)(DG)(DC)(DG)(DG)(DC)(DC)
(DG)(DA)(DC)(DG)(DC)(DG)(DC)(DT)(DG)(DG)(DG)(DC)(DT)(DA)(DC)(DG)(DT)(DC)(DT)(DT)
;
O
3 'polypeptide(L)'
;MTIYSEHWSLNPLEIPQRSRLFSLEPVAVGTPYAESLSSYLHRLAQAHCLTSEKLVMGEIAPLILKDEDKSELLSKNLSH
LLGNSDAKPAINGMREMTEKLVTVLEELTMRQDLRFLTLLSWKGMIYDKGLFRNYRAWCPCCCEEWMQKNKTIYEPLSWS
FKDVEFCLIHKQRLIEECSHCGARLPVMARLSPAGFCSRCYGWLGQEIKGEEEIEKYRVNIQGISELIALTPQLGYKPIP
IELTRKLQLILLVFEQAIGKDVKLLGDLGGIMESLRIASTTNQSQPYHLVKLIIPVCEKAKISVFQLFGSDFKELGKILF
GNFSLELKL
;
P
4 'polypeptide(L)'
;MTKSTGFPLELLTRPATERLAYFENYTVAHPRLKEVYEILMRTIAEPAGASFIFVYGASGVGKTTLRLRVEQKLTELALP
KLESDRARVPVVGIEAIAPESRYFNWKEYYTRALITLEEPLIDHKFDYGVRGISRDNFGKINVESKVVAPALRRALENAL
IHRHPDVFFVDEAQHFGKVASGYKLQDQLDCLKSLANMTGILHCLLGTYELLTFRNLSGQLSRRSVDIHFRRYCADSPED
VQAFKSVLLTFQQHLPLAETPNLVDHWEYFYERTLGCIGTLKDWLKRVLSDALDREATTITLKDLQKRALSVAQCQKMFK
EIQEGERQLSETEADVQNLRSALGLGAKPIVLPEETPKTTRPPGKVGKRKPKRDPIGVQQDVS
;
Q,R,S,T,U,V,W
#
# COMPACT_ATOMS: atom_id res chain seq x y z
N ILE C 3 -47.19 -10.69 42.32
CA ILE C 3 -45.86 -10.55 41.74
C ILE C 3 -45.38 -11.90 41.20
N TYR C 4 -44.10 -11.97 40.87
CA TYR C 4 -43.49 -13.17 40.31
C TYR C 4 -42.65 -13.83 41.40
N SER C 5 -42.96 -15.09 41.71
CA SER C 5 -42.24 -15.83 42.73
C SER C 5 -41.00 -16.54 42.19
N GLU C 6 -40.79 -16.53 40.87
CA GLU C 6 -39.64 -17.22 40.29
C GLU C 6 -38.35 -16.45 40.59
N HIS C 7 -37.40 -17.13 41.20
CA HIS C 7 -36.09 -16.54 41.52
C HIS C 7 -35.01 -17.45 40.92
N TRP C 8 -34.41 -17.00 39.82
CA TRP C 8 -33.38 -17.78 39.17
C TRP C 8 -32.07 -17.71 39.97
N SER C 9 -31.24 -18.73 39.77
CA SER C 9 -29.91 -18.81 40.39
C SER C 9 -28.90 -19.16 39.32
N LEU C 10 -27.89 -18.32 39.15
CA LEU C 10 -26.90 -18.48 38.09
C LEU C 10 -25.57 -19.04 38.59
N ASN C 11 -25.59 -19.91 39.58
CA ASN C 11 -24.36 -20.49 40.10
C ASN C 11 -23.76 -21.44 39.07
N PRO C 12 -22.44 -21.58 39.02
CA PRO C 12 -21.83 -22.54 38.10
C PRO C 12 -22.12 -23.97 38.53
N LEU C 13 -21.97 -24.89 37.57
CA LEU C 13 -22.32 -26.29 37.78
C LEU C 13 -21.14 -27.20 38.06
N GLU C 14 -19.91 -26.78 37.73
CA GLU C 14 -18.70 -27.53 38.03
C GLU C 14 -18.75 -28.92 37.38
N ILE C 15 -18.69 -28.89 36.05
CA ILE C 15 -18.63 -30.12 35.25
C ILE C 15 -17.30 -30.82 35.53
N PRO C 16 -17.21 -32.13 35.33
CA PRO C 16 -15.94 -32.83 35.56
C PRO C 16 -14.85 -32.33 34.62
N GLN C 17 -13.61 -32.46 35.07
CA GLN C 17 -12.45 -31.94 34.34
C GLN C 17 -12.39 -32.53 32.94
N ARG C 18 -12.13 -31.68 31.96
CA ARG C 18 -12.08 -32.07 30.57
C ARG C 18 -10.69 -32.57 30.19
N SER C 19 -10.63 -33.29 29.07
CA SER C 19 -9.36 -33.83 28.59
C SER C 19 -8.45 -32.71 28.11
N ARG C 20 -7.17 -32.83 28.44
CA ARG C 20 -6.18 -31.86 27.97
C ARG C 20 -6.03 -31.91 26.45
N LEU C 21 -6.05 -33.11 25.88
CA LEU C 21 -5.98 -33.30 24.44
C LEU C 21 -7.30 -33.88 23.94
N PHE C 22 -7.54 -33.74 22.65
CA PHE C 22 -8.78 -34.24 22.06
C PHE C 22 -8.86 -35.76 22.21
N SER C 23 -10.07 -36.24 22.48
CA SER C 23 -10.30 -37.67 22.68
C SER C 23 -10.56 -38.34 21.32
N LEU C 24 -9.52 -38.37 20.50
CA LEU C 24 -9.62 -39.00 19.20
C LEU C 24 -9.70 -40.52 19.34
N GLU C 25 -10.69 -41.09 18.69
CA GLU C 25 -10.87 -42.55 18.73
C GLU C 25 -9.77 -43.23 17.91
N PRO C 26 -9.25 -44.37 18.35
CA PRO C 26 -8.30 -45.10 17.51
C PRO C 26 -9.03 -45.89 16.44
N VAL C 27 -8.42 -45.98 15.26
CA VAL C 27 -9.11 -46.50 14.09
C VAL C 27 -8.93 -48.02 14.04
N ALA C 28 -10.04 -48.73 13.88
CA ALA C 28 -10.06 -50.18 13.64
C ALA C 28 -9.40 -50.95 14.78
N VAL C 29 -9.81 -50.62 16.01
CA VAL C 29 -9.32 -51.34 17.17
C VAL C 29 -9.99 -52.71 17.23
N GLY C 30 -9.20 -53.75 17.46
CA GLY C 30 -9.70 -55.12 17.46
C GLY C 30 -9.69 -55.79 16.12
N THR C 31 -9.25 -55.11 15.07
CA THR C 31 -9.16 -55.64 13.72
C THR C 31 -7.71 -55.73 13.28
N PRO C 32 -7.40 -56.53 12.26
CA PRO C 32 -6.01 -56.62 11.78
C PRO C 32 -5.45 -55.30 11.26
N TYR C 33 -6.23 -54.22 11.24
CA TYR C 33 -5.77 -52.93 10.72
C TYR C 33 -5.84 -51.85 11.79
N ALA C 34 -5.45 -52.17 13.02
CA ALA C 34 -5.45 -51.19 14.09
C ALA C 34 -4.38 -50.13 13.86
N GLU C 35 -4.69 -48.89 14.25
CA GLU C 35 -3.73 -47.81 14.13
C GLU C 35 -2.58 -47.96 15.12
N SER C 36 -1.37 -47.72 14.64
CA SER C 36 -0.18 -47.74 15.48
C SER C 36 -0.16 -46.51 16.39
N LEU C 37 0.58 -46.62 17.49
CA LEU C 37 0.66 -45.50 18.43
C LEU C 37 1.32 -44.29 17.79
N SER C 38 2.30 -44.53 16.92
CA SER C 38 2.96 -43.42 16.23
C SER C 38 1.97 -42.68 15.32
N SER C 39 1.18 -43.43 14.55
CA SER C 39 0.18 -42.81 13.70
C SER C 39 -0.87 -42.08 14.53
N TYR C 40 -1.23 -42.64 15.68
CA TYR C 40 -2.17 -41.95 16.56
C TYR C 40 -1.59 -40.65 17.09
N LEU C 41 -0.31 -40.66 17.45
CA LEU C 41 0.35 -39.43 17.90
C LEU C 41 0.34 -38.38 16.80
N HIS C 42 0.67 -38.78 15.58
CA HIS C 42 0.68 -37.83 14.47
C HIS C 42 -0.73 -37.32 14.16
N ARG C 43 -1.73 -38.19 14.26
CA ARG C 43 -3.11 -37.76 14.04
C ARG C 43 -3.56 -36.78 15.12
N LEU C 44 -3.21 -37.03 16.38
CA LEU C 44 -3.55 -36.10 17.44
C LEU C 44 -2.84 -34.76 17.24
N ALA C 45 -1.58 -34.79 16.80
CA ALA C 45 -0.87 -33.55 16.50
C ALA C 45 -1.54 -32.79 15.37
N GLN C 46 -1.95 -33.50 14.31
CA GLN C 46 -2.62 -32.85 13.18
C GLN C 46 -3.96 -32.25 13.61
N ALA C 47 -4.69 -32.95 14.48
CA ALA C 47 -5.98 -32.44 14.95
C ALA C 47 -5.81 -31.17 15.78
N HIS C 48 -4.67 -31.01 16.45
CA HIS C 48 -4.39 -29.83 17.25
C HIS C 48 -3.65 -28.75 16.49
N CYS C 49 -3.42 -28.95 15.19
CA CYS C 49 -2.65 -28.02 14.36
C CYS C 49 -1.26 -27.77 14.95
N LEU C 50 -0.66 -28.82 15.50
CA LEU C 50 0.68 -28.78 16.05
C LEU C 50 1.49 -29.91 15.44
N THR C 51 2.79 -29.70 15.33
CA THR C 51 3.67 -30.78 14.91
C THR C 51 3.76 -31.82 16.01
N SER C 52 4.01 -33.07 15.62
CA SER C 52 4.13 -34.14 16.61
C SER C 52 5.23 -33.82 17.62
N GLU C 53 6.37 -33.35 17.13
CA GLU C 53 7.46 -32.92 18.01
C GLU C 53 6.98 -31.83 18.99
N LYS C 54 6.37 -30.77 18.46
CA LYS C 54 6.00 -29.63 19.29
C LYS C 54 4.96 -30.03 20.34
N LEU C 55 3.94 -30.79 19.93
CA LEU C 55 2.97 -31.29 20.89
C LEU C 55 3.62 -32.19 21.93
N VAL C 56 4.60 -32.98 21.50
CA VAL C 56 5.27 -33.87 22.43
C VAL C 56 5.91 -33.07 23.55
N MET C 57 6.82 -32.15 23.23
CA MET C 57 7.41 -31.41 24.36
C MET C 57 6.43 -30.44 25.00
N GLY C 58 5.30 -30.14 24.35
CA GLY C 58 4.32 -29.29 24.98
C GLY C 58 3.61 -29.97 26.12
N GLU C 59 3.19 -31.22 25.91
CA GLU C 59 2.37 -31.89 26.93
C GLU C 59 2.91 -33.22 27.42
N ILE C 60 3.42 -34.08 26.53
CA ILE C 60 3.85 -35.40 26.97
C ILE C 60 5.17 -35.32 27.74
N ALA C 61 6.07 -34.45 27.30
CA ALA C 61 7.39 -34.35 27.95
C ALA C 61 7.31 -34.02 29.43
N PRO C 62 6.57 -33.00 29.89
CA PRO C 62 6.53 -32.74 31.34
C PRO C 62 6.04 -33.92 32.16
N LEU C 63 5.08 -34.69 31.64
CA LEU C 63 4.61 -35.87 32.36
C LEU C 63 5.61 -37.02 32.25
N ILE C 64 6.35 -37.08 31.15
CA ILE C 64 7.38 -38.11 31.00
C ILE C 64 8.67 -37.68 31.70
N LEU C 65 9.24 -36.56 31.27
CA LEU C 65 10.44 -36.00 31.89
C LEU C 65 10.02 -35.31 33.18
N LYS C 66 10.32 -35.92 34.31
CA LYS C 66 9.74 -35.50 35.58
C LYS C 66 10.33 -34.17 36.09
N ASP C 67 11.66 -34.03 36.06
CA ASP C 67 12.31 -32.88 36.70
C ASP C 67 13.10 -32.08 35.66
N GLU C 68 12.39 -31.21 34.95
CA GLU C 68 12.98 -30.26 34.02
C GLU C 68 12.05 -29.05 33.92
N ASP C 69 12.57 -27.96 33.35
CA ASP C 69 11.75 -26.79 33.08
C ASP C 69 10.97 -27.03 31.80
N LYS C 70 9.63 -27.01 31.90
CA LYS C 70 8.79 -27.35 30.75
C LYS C 70 9.00 -26.37 29.60
N SER C 71 9.07 -25.07 29.90
CA SER C 71 9.35 -24.09 28.86
C SER C 71 10.73 -24.33 28.24
N GLU C 72 11.70 -24.69 29.06
CA GLU C 72 13.02 -25.03 28.55
C GLU C 72 12.98 -26.34 27.78
N LEU C 73 12.00 -27.20 28.07
CA LEU C 73 11.81 -28.41 27.27
C LEU C 73 11.13 -28.11 25.95
N LEU C 74 10.42 -26.99 25.84
CA LEU C 74 9.70 -26.64 24.61
C LEU C 74 10.62 -26.35 23.43
N SER C 75 11.92 -26.19 23.64
CA SER C 75 12.85 -25.78 22.59
C SER C 75 13.96 -26.80 22.43
N LYS C 76 13.59 -28.07 22.32
CA LYS C 76 14.58 -29.14 22.13
C LYS C 76 14.25 -30.03 20.95
N ASN C 77 15.01 -31.10 20.80
CA ASN C 77 14.81 -32.12 19.77
C ASN C 77 14.03 -33.28 20.36
N LEU C 78 13.26 -33.95 19.50
CA LEU C 78 12.38 -35.03 19.95
C LEU C 78 13.15 -36.17 20.62
N SER C 79 14.44 -36.32 20.26
CA SER C 79 15.18 -37.47 20.74
C SER C 79 15.54 -37.36 22.21
N HIS C 80 15.48 -36.15 22.78
CA HIS C 80 15.89 -35.99 24.18
C HIS C 80 15.00 -36.81 25.11
N LEU C 81 13.73 -36.98 24.75
CA LEU C 81 12.81 -37.79 25.54
C LEU C 81 12.39 -39.08 24.84
N LEU C 82 12.31 -39.09 23.50
CA LEU C 82 11.93 -40.33 22.84
C LEU C 82 13.09 -41.32 22.77
N GLY C 83 14.32 -40.84 22.65
CA GLY C 83 15.44 -41.75 22.46
C GLY C 83 15.54 -42.24 21.03
N ASN C 84 15.86 -41.32 20.11
CA ASN C 84 16.02 -41.66 18.71
C ASN C 84 17.23 -42.54 18.44
N SER C 85 18.13 -42.71 19.42
CA SER C 85 19.23 -43.65 19.27
C SER C 85 18.68 -45.05 19.03
N ASP C 86 17.58 -45.38 19.70
CA ASP C 86 16.77 -46.54 19.37
C ASP C 86 15.68 -46.17 18.34
N ALA C 87 14.75 -45.31 18.74
CA ALA C 87 13.60 -44.95 17.92
C ALA C 87 13.03 -46.18 17.22
N LYS C 88 13.00 -46.14 15.88
CA LYS C 88 12.60 -47.25 15.02
C LYS C 88 11.12 -47.57 15.21
N PRO C 89 10.49 -48.24 14.24
CA PRO C 89 9.10 -48.68 14.43
C PRO C 89 8.91 -49.56 15.66
N ALA C 90 10.00 -49.90 16.34
CA ALA C 90 9.95 -50.67 17.57
C ALA C 90 9.32 -49.90 18.72
N ILE C 91 9.09 -48.60 18.58
CA ILE C 91 8.35 -47.86 19.61
C ILE C 91 6.95 -48.44 19.76
N ASN C 92 6.41 -49.03 18.69
CA ASN C 92 5.12 -49.69 18.74
C ASN C 92 5.14 -50.99 19.54
N GLY C 93 6.31 -51.43 20.00
CA GLY C 93 6.42 -52.68 20.71
C GLY C 93 6.10 -52.61 22.20
N MET C 94 6.94 -53.23 23.02
CA MET C 94 6.72 -53.35 24.45
C MET C 94 7.87 -52.76 25.26
N ARG C 95 8.48 -51.69 24.74
CA ARG C 95 9.65 -51.11 25.38
C ARG C 95 9.24 -50.11 26.46
N GLU C 96 10.20 -49.76 27.32
CA GLU C 96 9.90 -48.96 28.50
C GLU C 96 9.37 -47.57 28.12
N MET C 97 10.02 -46.91 27.16
CA MET C 97 9.53 -45.61 26.74
C MET C 97 8.15 -45.71 26.11
N THR C 98 7.89 -46.81 25.39
CA THR C 98 6.53 -47.06 24.92
C THR C 98 5.56 -47.17 26.09
N GLU C 99 5.96 -47.85 27.16
CA GLU C 99 5.10 -48.01 28.31
C GLU C 99 4.74 -46.66 28.91
N LYS C 100 5.75 -45.83 29.20
CA LYS C 100 5.46 -44.55 29.84
C LYS C 100 4.71 -43.61 28.90
N LEU C 101 5.01 -43.67 27.61
CA LEU C 101 4.29 -42.84 26.64
C LEU C 101 2.82 -43.23 26.58
N VAL C 102 2.53 -44.54 26.58
CA VAL C 102 1.14 -45.00 26.57
C VAL C 102 0.44 -44.56 27.85
N THR C 103 1.11 -44.69 28.99
CA THR C 103 0.51 -44.28 30.25
C THR C 103 0.18 -42.79 30.24
N VAL C 104 1.12 -41.96 29.78
CA VAL C 104 0.89 -40.52 29.76
C VAL C 104 -0.23 -40.16 28.79
N LEU C 105 -0.25 -40.79 27.61
CA LEU C 105 -1.31 -40.52 26.64
C LEU C 105 -2.67 -40.92 27.21
N GLU C 106 -2.75 -42.08 27.85
CA GLU C 106 -4.02 -42.52 28.43
C GLU C 106 -4.45 -41.61 29.56
N GLU C 107 -3.51 -41.05 30.32
CA GLU C 107 -3.88 -40.12 31.37
C GLU C 107 -4.35 -38.79 30.80
N LEU C 108 -3.72 -38.32 29.73
CA LEU C 108 -4.04 -37.00 29.17
C LEU C 108 -5.46 -36.97 28.62
N THR C 109 -5.83 -37.98 27.84
CA THR C 109 -7.15 -38.04 27.20
C THR C 109 -8.16 -38.86 27.97
N MET C 110 -7.78 -39.39 29.15
CA MET C 110 -8.57 -40.38 29.88
C MET C 110 -9.31 -41.34 28.94
N ARG C 111 -8.54 -41.90 28.01
CA ARG C 111 -9.04 -42.97 27.15
C ARG C 111 -8.52 -44.30 27.66
N GLN C 112 -9.23 -45.38 27.31
CA GLN C 112 -8.94 -46.71 27.86
C GLN C 112 -8.63 -47.74 26.79
N ASP C 113 -8.06 -47.34 25.65
CA ASP C 113 -7.77 -48.27 24.57
C ASP C 113 -6.42 -48.08 23.90
N LEU C 114 -5.62 -47.10 24.33
CA LEU C 114 -4.33 -46.88 23.68
C LEU C 114 -3.37 -48.04 23.92
N ARG C 115 -3.53 -48.76 25.03
CA ARG C 115 -2.67 -49.91 25.31
C ARG C 115 -2.83 -51.00 24.25
N PHE C 116 -3.97 -51.04 23.56
CA PHE C 116 -4.17 -51.99 22.48
C PHE C 116 -3.50 -51.56 21.18
N LEU C 117 -3.09 -50.30 21.08
CA LEU C 117 -2.39 -49.81 19.90
C LEU C 117 -0.91 -50.17 19.91
N THR C 118 -0.46 -50.93 20.90
CA THR C 118 0.93 -51.38 21.01
C THR C 118 0.94 -52.82 21.53
N LEU C 119 2.12 -53.29 21.93
CA LEU C 119 2.30 -54.66 22.39
C LEU C 119 2.77 -54.74 23.83
N LEU C 120 2.47 -53.73 24.66
CA LEU C 120 2.81 -53.82 26.07
C LEU C 120 1.98 -54.89 26.78
N SER C 121 0.79 -55.18 26.25
CA SER C 121 -0.02 -56.27 26.79
C SER C 121 0.66 -57.62 26.63
N TRP C 122 1.66 -57.71 25.74
CA TRP C 122 2.42 -58.93 25.53
C TRP C 122 3.84 -58.83 26.09
N LYS C 123 4.10 -57.84 26.95
CA LYS C 123 5.41 -57.74 27.59
C LYS C 123 5.64 -58.94 28.50
N GLY C 124 6.84 -59.50 28.42
CA GLY C 124 7.15 -60.74 29.10
C GLY C 124 6.61 -61.97 28.41
N MET C 125 5.91 -61.81 27.28
CA MET C 125 5.32 -62.91 26.56
C MET C 125 5.98 -63.12 25.20
N ILE C 126 6.35 -62.03 24.52
CA ILE C 126 6.92 -62.07 23.18
C ILE C 126 8.23 -61.33 23.20
N TYR C 127 9.29 -61.98 22.71
CA TYR C 127 10.61 -61.36 22.68
C TYR C 127 10.62 -60.15 21.76
N ASP C 128 11.35 -59.12 22.18
CA ASP C 128 11.44 -57.87 21.44
C ASP C 128 12.33 -57.96 20.21
N LYS C 129 13.46 -58.65 20.31
CA LYS C 129 14.43 -58.66 19.22
C LYS C 129 13.89 -59.41 18.01
N GLY C 130 14.33 -58.99 16.83
CA GLY C 130 13.93 -59.64 15.60
C GLY C 130 12.45 -59.56 15.28
N LEU C 131 11.77 -58.53 15.77
CA LEU C 131 10.32 -58.42 15.62
C LEU C 131 9.89 -57.22 14.81
N PHE C 132 10.48 -56.05 15.02
CA PHE C 132 10.04 -54.82 14.38
C PHE C 132 11.10 -54.30 13.43
N ARG C 133 10.64 -53.66 12.36
CA ARG C 133 11.54 -53.06 11.38
C ARG C 133 12.29 -51.89 12.00
N ASN C 134 13.46 -51.60 11.44
CA ASN C 134 14.24 -50.45 11.86
C ASN C 134 13.78 -49.16 11.20
N TYR C 135 13.13 -49.24 10.04
CA TYR C 135 12.79 -48.09 9.24
C TYR C 135 11.30 -48.13 8.92
N ARG C 136 10.74 -46.96 8.63
CA ARG C 136 9.30 -46.87 8.39
C ARG C 136 8.92 -47.57 7.11
N ALA C 137 7.74 -48.19 7.11
CA ALA C 137 7.22 -48.90 5.95
C ALA C 137 5.74 -48.53 5.75
N TRP C 138 5.27 -48.72 4.52
CA TRP C 138 3.90 -48.36 4.19
C TRP C 138 3.45 -49.18 2.99
N CYS C 139 2.13 -49.28 2.82
CA CYS C 139 1.55 -49.87 1.63
C CYS C 139 0.91 -48.76 0.80
N PRO C 140 1.53 -48.36 -0.32
CA PRO C 140 0.99 -47.23 -1.09
C PRO C 140 -0.44 -47.42 -1.55
N CYS C 141 -0.83 -48.65 -1.89
CA CYS C 141 -2.20 -48.90 -2.31
C CYS C 141 -3.19 -48.59 -1.20
N CYS C 142 -2.84 -48.95 0.05
CA CYS C 142 -3.73 -48.67 1.17
C CYS C 142 -3.93 -47.16 1.34
N CYS C 143 -2.85 -46.39 1.31
CA CYS C 143 -2.96 -44.94 1.48
C CYS C 143 -3.75 -44.32 0.33
N GLU C 144 -3.49 -44.75 -0.91
CA GLU C 144 -4.21 -44.19 -2.04
C GLU C 144 -5.70 -44.50 -1.97
N GLU C 145 -6.05 -45.75 -1.63
CA GLU C 145 -7.45 -46.10 -1.49
C GLU C 145 -8.12 -45.32 -0.37
N TRP C 146 -7.43 -45.17 0.77
CA TRP C 146 -8.00 -44.45 1.89
C TRP C 146 -8.22 -42.98 1.56
N MET C 147 -7.25 -42.34 0.91
CA MET C 147 -7.39 -40.93 0.58
C MET C 147 -8.43 -40.70 -0.51
N GLN C 148 -8.49 -41.59 -1.50
CA GLN C 148 -9.50 -41.47 -2.54
C GLN C 148 -10.90 -41.66 -1.97
N LYS C 149 -11.05 -42.57 -1.01
CA LYS C 149 -12.34 -42.81 -0.37
C LYS C 149 -12.63 -41.84 0.78
N ASN C 150 -11.84 -40.77 0.89
CA ASN C 150 -12.02 -39.77 1.95
C ASN C 150 -12.00 -40.43 3.34
N LYS C 151 -11.10 -41.38 3.52
CA LYS C 151 -10.96 -42.09 4.78
C LYS C 151 -9.68 -41.67 5.49
N THR C 152 -9.66 -41.88 6.80
CA THR C 152 -8.56 -41.43 7.63
C THR C 152 -7.29 -42.23 7.31
N ILE C 153 -6.20 -41.52 7.08
CA ILE C 153 -4.90 -42.13 6.80
C ILE C 153 -4.25 -42.51 8.12
N TYR C 154 -3.60 -43.66 8.15
CA TYR C 154 -2.93 -44.15 9.35
C TYR C 154 -2.00 -45.30 8.96
N GLU C 155 -1.20 -45.74 9.93
CA GLU C 155 -0.29 -46.87 9.72
C GLU C 155 -0.70 -48.03 10.62
N PRO C 156 -1.11 -49.16 10.05
CA PRO C 156 -1.42 -50.33 10.89
C PRO C 156 -0.18 -50.87 11.59
N LEU C 157 -0.41 -51.56 12.72
CA LEU C 157 0.70 -52.19 13.43
C LEU C 157 1.41 -53.21 12.55
N SER C 158 0.67 -53.92 11.70
CA SER C 158 1.27 -54.98 10.88
C SER C 158 2.42 -54.46 10.03
N TRP C 159 2.33 -53.20 9.57
CA TRP C 159 3.40 -52.64 8.75
C TRP C 159 4.70 -52.48 9.52
N SER C 160 4.65 -52.41 10.85
CA SER C 160 5.84 -52.20 11.66
C SER C 160 6.65 -53.47 11.86
N PHE C 161 6.14 -54.63 11.49
CA PHE C 161 6.84 -55.89 11.71
C PHE C 161 7.70 -56.27 10.51
N LYS C 162 8.86 -56.85 10.79
CA LYS C 162 9.75 -57.30 9.71
C LYS C 162 9.12 -58.41 8.90
N ASP C 163 8.45 -59.35 9.56
CA ASP C 163 7.89 -60.52 8.89
C ASP C 163 6.55 -60.24 8.22
N VAL C 164 6.07 -59.00 8.26
CA VAL C 164 4.91 -58.58 7.48
C VAL C 164 5.44 -57.68 6.37
N GLU C 165 5.48 -58.20 5.14
CA GLU C 165 5.93 -57.42 3.99
C GLU C 165 4.84 -57.19 2.96
N PHE C 166 3.66 -57.79 3.13
CA PHE C 166 2.62 -57.72 2.12
C PHE C 166 1.30 -57.31 2.76
N CYS C 167 0.51 -56.55 2.01
CA CYS C 167 -0.84 -56.17 2.42
C CYS C 167 -1.82 -57.15 1.78
N LEU C 168 -2.46 -57.98 2.61
CA LEU C 168 -3.36 -59.00 2.09
C LEU C 168 -4.51 -58.41 1.29
N ILE C 169 -4.93 -57.18 1.64
CA ILE C 169 -6.01 -56.54 0.90
C ILE C 169 -5.59 -56.26 -0.54
N HIS C 170 -4.37 -55.76 -0.71
CA HIS C 170 -3.89 -55.35 -2.03
C HIS C 170 -2.81 -56.27 -2.61
N LYS C 171 -2.32 -57.24 -1.84
CA LYS C 171 -1.31 -58.19 -2.30
C LYS C 171 -0.07 -57.45 -2.81
N GLN C 172 0.32 -56.40 -2.10
CA GLN C 172 1.41 -55.53 -2.51
C GLN C 172 2.53 -55.56 -1.47
N ARG C 173 3.76 -55.71 -1.95
CA ARG C 173 4.91 -55.70 -1.06
C ARG C 173 5.10 -54.32 -0.44
N LEU C 174 5.37 -54.30 0.86
CA LEU C 174 5.56 -53.04 1.56
C LEU C 174 6.78 -52.30 1.02
N ILE C 175 6.65 -50.97 0.95
CA ILE C 175 7.71 -50.12 0.41
C ILE C 175 8.30 -49.32 1.56
N GLU C 176 9.62 -49.42 1.73
CA GLU C 176 10.32 -48.76 2.82
C GLU C 176 11.05 -47.50 2.38
N GLU C 177 11.08 -47.21 1.09
CA GLU C 177 11.83 -46.08 0.55
C GLU C 177 10.88 -45.12 -0.14
N CYS C 178 11.03 -43.83 0.16
CA CYS C 178 10.23 -42.81 -0.50
C CYS C 178 10.62 -42.73 -1.97
N SER C 179 9.62 -42.78 -2.86
CA SER C 179 9.88 -42.79 -4.29
C SER C 179 10.43 -41.45 -4.78
N HIS C 180 10.23 -40.36 -4.03
CA HIS C 180 10.66 -39.05 -4.47
C HIS C 180 12.09 -38.73 -4.02
N CYS C 181 12.34 -38.73 -2.71
CA CYS C 181 13.64 -38.40 -2.17
C CYS C 181 14.60 -39.57 -2.15
N GLY C 182 14.09 -40.81 -2.21
CA GLY C 182 14.95 -41.97 -2.18
C GLY C 182 15.44 -42.37 -0.81
N ALA C 183 15.05 -41.65 0.23
CA ALA C 183 15.47 -41.94 1.60
C ALA C 183 14.40 -42.75 2.33
N ARG C 184 14.81 -43.37 3.43
CA ARG C 184 13.93 -44.19 4.24
C ARG C 184 13.54 -43.40 5.48
N LEU C 185 12.24 -43.27 5.69
CA LEU C 185 11.72 -42.43 6.77
C LEU C 185 11.93 -43.10 8.12
N PRO C 186 12.37 -42.35 9.14
CA PRO C 186 12.18 -42.81 10.51
C PRO C 186 10.70 -42.67 10.90
N VAL C 187 10.27 -43.53 11.82
CA VAL C 187 8.87 -43.50 12.24
C VAL C 187 8.58 -42.21 12.99
N MET C 188 9.48 -41.79 13.88
CA MET C 188 9.36 -40.55 14.62
C MET C 188 10.13 -39.43 13.92
N ALA C 189 9.50 -38.27 13.84
CA ALA C 189 10.09 -37.12 13.18
C ALA C 189 9.43 -35.85 13.72
N ARG C 190 9.97 -34.71 13.30
CA ARG C 190 9.39 -33.42 13.71
C ARG C 190 7.97 -33.27 13.18
N LEU C 191 7.74 -33.67 11.93
CA LEU C 191 6.42 -33.57 11.31
C LEU C 191 6.31 -34.70 10.29
N SER C 192 5.64 -35.78 10.67
CA SER C 192 5.45 -36.95 9.80
C SER C 192 3.99 -37.36 9.81
N PRO C 193 3.11 -36.62 9.13
CA PRO C 193 1.73 -37.06 9.01
C PRO C 193 1.65 -38.35 8.22
N ALA C 194 0.65 -39.17 8.56
CA ALA C 194 0.51 -40.49 7.96
C ALA C 194 0.34 -40.39 6.44
N GLY C 195 1.10 -41.21 5.72
CA GLY C 195 1.06 -41.22 4.27
C GLY C 195 2.02 -40.26 3.59
N PHE C 196 2.54 -39.27 4.31
CA PHE C 196 3.45 -38.29 3.72
C PHE C 196 4.89 -38.68 4.01
N CYS C 197 5.77 -38.34 3.07
CA CYS C 197 7.20 -38.50 3.29
C CYS C 197 7.65 -37.53 4.38
N SER C 198 8.20 -38.08 5.47
CA SER C 198 8.60 -37.24 6.59
C SER C 198 9.76 -36.31 6.25
N ARG C 199 10.48 -36.59 5.16
CA ARG C 199 11.64 -35.79 4.77
C ARG C 199 11.32 -34.80 3.65
N CYS C 200 10.84 -35.29 2.52
CA CYS C 200 10.61 -34.45 1.35
C CYS C 200 9.15 -34.03 1.18
N TYR C 201 8.27 -34.42 2.10
CA TYR C 201 6.86 -34.05 2.06
C TYR C 201 6.17 -34.60 0.82
N GLY C 202 6.83 -35.51 0.11
CA GLY C 202 6.23 -36.11 -1.07
C GLY C 202 5.18 -37.14 -0.72
N TRP C 203 4.44 -37.55 -1.74
CA TRP C 203 3.39 -38.55 -1.57
C TRP C 203 3.95 -39.96 -1.61
N LEU C 204 3.34 -40.86 -0.84
CA LEU C 204 3.79 -42.24 -0.75
C LEU C 204 2.71 -43.24 -1.14
N GLY C 205 1.61 -42.78 -1.76
CA GLY C 205 0.53 -43.65 -2.15
C GLY C 205 0.40 -43.73 -3.66
N GLN C 206 0.74 -44.90 -4.20
CA GLN C 206 0.65 -45.15 -5.64
C GLN C 206 0.17 -46.58 -5.85
N GLU C 207 -0.31 -46.85 -7.07
CA GLU C 207 -0.82 -48.17 -7.43
C GLU C 207 0.37 -49.06 -7.79
N ILE C 208 1.00 -49.60 -6.75
CA ILE C 208 2.14 -50.49 -6.90
C ILE C 208 1.64 -51.93 -6.87
N LYS C 209 2.03 -52.72 -7.86
CA LYS C 209 1.59 -54.10 -7.98
C LYS C 209 2.57 -55.03 -7.30
N GLY C 210 2.04 -56.00 -6.54
CA GLY C 210 2.86 -57.01 -5.90
C GLY C 210 2.78 -58.33 -6.62
N GLU C 211 3.92 -58.80 -7.13
CA GLU C 211 3.97 -59.98 -7.99
C GLU C 211 4.98 -60.98 -7.45
N GLU C 212 4.91 -61.25 -6.15
CA GLU C 212 5.81 -62.20 -5.49
C GLU C 212 5.01 -63.38 -4.97
N GLU C 213 5.72 -64.35 -4.41
CA GLU C 213 5.11 -65.53 -3.80
C GLU C 213 4.67 -65.16 -2.39
N ILE C 214 3.46 -64.62 -2.27
CA ILE C 214 2.95 -64.18 -0.99
C ILE C 214 2.54 -65.34 -0.09
N GLU C 215 2.38 -66.54 -0.66
CA GLU C 215 1.96 -67.69 0.14
C GLU C 215 3.00 -68.07 1.18
N LYS C 216 4.28 -67.77 0.92
CA LYS C 216 5.33 -68.10 1.88
C LYS C 216 5.15 -67.33 3.19
N TYR C 217 4.81 -66.05 3.10
CA TYR C 217 4.66 -65.21 4.27
C TYR C 217 3.22 -65.07 4.74
N ARG C 218 2.28 -65.78 4.09
CA ARG C 218 0.87 -65.65 4.43
C ARG C 218 0.59 -66.09 5.87
N VAL C 219 1.19 -67.20 6.29
CA VAL C 219 0.97 -67.69 7.64
C VAL C 219 1.46 -66.66 8.66
N ASN C 220 2.66 -66.12 8.43
CA ASN C 220 3.21 -65.13 9.34
C ASN C 220 2.33 -63.89 9.43
N ILE C 221 1.91 -63.35 8.28
CA ILE C 221 1.18 -62.09 8.30
C ILE C 221 -0.20 -62.30 8.92
N GLN C 222 -0.86 -63.41 8.60
CA GLN C 222 -2.17 -63.69 9.17
C GLN C 222 -2.09 -63.93 10.68
N GLY C 223 -1.04 -64.64 11.13
CA GLY C 223 -0.87 -64.86 12.55
C GLY C 223 -0.63 -63.57 13.31
N ILE C 224 0.21 -62.69 12.76
CA ILE C 224 0.47 -61.41 13.42
C ILE C 224 -0.79 -60.55 13.42
N SER C 225 -1.55 -60.58 12.31
CA SER C 225 -2.80 -59.84 12.26
C SER C 225 -3.80 -60.33 13.31
N GLU C 226 -3.90 -61.65 13.46
CA GLU C 226 -4.76 -62.21 14.50
C GLU C 226 -4.28 -61.79 15.89
N LEU C 227 -2.96 -61.79 16.10
CA LEU C 227 -2.42 -61.39 17.39
C LEU C 227 -2.78 -59.95 17.73
N ILE C 228 -2.66 -59.05 16.74
CA ILE C 228 -3.04 -57.66 16.99
C ILE C 228 -4.55 -57.55 17.22
N ALA C 229 -5.35 -58.21 16.39
CA ALA C 229 -6.80 -58.06 16.47
C ALA C 229 -7.40 -58.70 17.71
N LEU C 230 -6.70 -59.65 18.34
CA LEU C 230 -7.26 -60.39 19.47
C LEU C 230 -7.04 -59.69 20.80
N THR C 231 -5.99 -58.90 20.95
CA THR C 231 -5.67 -58.27 22.23
C THR C 231 -6.82 -57.42 22.79
N PRO C 232 -7.45 -56.52 22.04
CA PRO C 232 -8.55 -55.75 22.63
C PRO C 232 -9.75 -56.59 23.01
N GLN C 233 -9.92 -57.76 22.41
CA GLN C 233 -11.09 -58.60 22.66
C GLN C 233 -10.94 -59.51 23.87
N LEU C 234 -9.72 -59.65 24.41
CA LEU C 234 -9.54 -60.51 25.59
C LEU C 234 -10.28 -59.96 26.80
N GLY C 235 -10.20 -58.65 27.03
CA GLY C 235 -10.81 -58.04 28.19
C GLY C 235 -9.99 -58.09 29.45
N TYR C 236 -8.75 -58.55 29.39
CA TYR C 236 -7.91 -58.62 30.58
C TYR C 236 -6.45 -58.62 30.13
N LYS C 237 -5.57 -58.36 31.10
CA LYS C 237 -4.15 -58.50 30.85
C LYS C 237 -3.79 -59.98 30.82
N PRO C 238 -3.21 -60.48 29.72
CA PRO C 238 -2.89 -61.91 29.66
C PRO C 238 -1.94 -62.33 30.76
N ILE C 239 -2.11 -63.56 31.22
CA ILE C 239 -1.29 -64.16 32.27
C ILE C 239 -0.20 -64.98 31.61
N PRO C 240 1.08 -64.76 31.96
CA PRO C 240 2.16 -65.49 31.26
C PRO C 240 2.04 -67.00 31.36
N ILE C 241 1.70 -67.52 32.54
CA ILE C 241 1.66 -68.96 32.71
C ILE C 241 0.44 -69.55 32.00
N GLU C 242 -0.59 -68.75 31.76
CA GLU C 242 -1.67 -69.20 30.91
C GLU C 242 -1.14 -69.59 29.52
N LEU C 243 -0.37 -68.69 28.90
CA LEU C 243 0.22 -68.99 27.60
C LEU C 243 1.21 -70.13 27.70
N THR C 244 2.02 -70.15 28.76
CA THR C 244 3.01 -71.23 28.92
C THR C 244 2.33 -72.59 29.00
N ARG C 245 1.24 -72.69 29.75
CA ARG C 245 0.55 -73.95 29.92
C ARG C 245 -0.27 -74.31 28.69
N LYS C 246 -0.74 -73.33 27.93
CA LYS C 246 -1.32 -73.65 26.62
C LYS C 246 -0.27 -74.25 25.69
N LEU C 247 0.93 -73.68 25.70
CA LEU C 247 2.03 -74.25 24.92
C LEU C 247 2.35 -75.67 25.39
N GLN C 248 2.36 -75.88 26.71
CA GLN C 248 2.62 -77.22 27.24
C GLN C 248 1.54 -78.20 26.83
N LEU C 249 0.27 -77.75 26.82
CA LEU C 249 -0.81 -78.61 26.37
C LEU C 249 -0.65 -78.98 24.91
N ILE C 250 -0.26 -78.00 24.07
CA ILE C 250 0.01 -78.31 22.67
C ILE C 250 1.17 -79.30 22.55
N LEU C 251 2.18 -79.17 23.42
CA LEU C 251 3.29 -80.11 23.41
C LEU C 251 2.82 -81.53 23.76
N LEU C 252 1.95 -81.64 24.76
CA LEU C 252 1.42 -82.96 25.12
C LEU C 252 0.58 -83.55 23.99
N VAL C 253 -0.21 -82.72 23.32
CA VAL C 253 -0.98 -83.19 22.17
C VAL C 253 -0.05 -83.69 21.08
N PHE C 254 1.04 -82.95 20.83
CA PHE C 254 2.03 -83.38 19.85
C PHE C 254 2.64 -84.71 20.23
N GLU C 255 2.97 -84.88 21.52
CA GLU C 255 3.58 -86.12 21.97
C GLU C 255 2.62 -87.30 21.82
N GLN C 256 1.35 -87.10 22.15
CA GLN C 256 0.36 -88.17 21.97
C GLN C 256 0.19 -88.51 20.49
N ALA C 257 0.17 -87.49 19.63
CA ALA C 257 0.04 -87.74 18.19
C ALA C 257 1.24 -88.52 17.67
N ILE C 258 2.44 -88.18 18.13
CA ILE C 258 3.63 -88.93 17.74
C ILE C 258 3.55 -90.36 18.26
N GLY C 259 3.04 -90.53 19.48
CA GLY C 259 2.85 -91.87 20.00
C GLY C 259 1.92 -92.70 19.14
N LYS C 260 0.86 -92.06 18.61
CA LYS C 260 -0.04 -92.78 17.71
C LYS C 260 0.58 -93.00 16.34
N ASP C 261 1.27 -92.00 15.80
CA ASP C 261 1.84 -92.08 14.46
C ASP C 261 3.30 -91.69 14.53
N VAL C 262 4.18 -92.63 14.14
CA VAL C 262 5.61 -92.39 14.23
C VAL C 262 6.08 -91.40 13.15
N LYS C 263 5.43 -91.40 11.98
CA LYS C 263 5.90 -90.57 10.87
C LYS C 263 5.84 -89.09 11.24
N LEU C 264 4.87 -88.68 12.05
CA LEU C 264 4.73 -87.27 12.41
C LEU C 264 5.95 -86.75 13.17
N LEU C 265 6.77 -87.64 13.73
CA LEU C 265 8.00 -87.18 14.36
C LEU C 265 8.92 -86.50 13.36
N GLY C 266 8.98 -87.02 12.13
CA GLY C 266 9.80 -86.37 11.12
C GLY C 266 9.35 -84.95 10.82
N ASP C 267 8.04 -84.72 10.82
CA ASP C 267 7.52 -83.38 10.55
C ASP C 267 7.60 -82.46 11.76
N LEU C 268 7.61 -83.00 12.97
CA LEU C 268 7.48 -82.16 14.16
C LEU C 268 8.64 -82.24 15.15
N GLY C 269 9.76 -82.87 14.80
CA GLY C 269 10.84 -83.03 15.78
C GLY C 269 11.46 -81.71 16.22
N GLY C 270 11.76 -80.84 15.27
CA GLY C 270 12.37 -79.57 15.61
C GLY C 270 11.47 -78.70 16.47
N ILE C 271 10.19 -78.64 16.10
CA ILE C 271 9.24 -77.85 16.88
C ILE C 271 9.02 -78.49 18.26
N MET C 272 9.04 -79.82 18.33
CA MET C 272 8.96 -80.49 19.63
C MET C 272 10.12 -80.08 20.52
N GLU C 273 11.34 -80.10 19.97
CA GLU C 273 12.50 -79.72 20.76
C GLU C 273 12.42 -78.25 21.18
N SER C 274 11.99 -77.39 20.26
CA SER C 274 11.87 -75.97 20.58
C SER C 274 10.85 -75.72 21.68
N LEU C 275 9.70 -76.38 21.60
CA LEU C 275 8.68 -76.23 22.64
C LEU C 275 9.16 -76.79 23.97
N ARG C 276 9.87 -77.92 23.94
CA ARG C 276 10.40 -78.48 25.18
C ARG C 276 11.40 -77.53 25.81
N ILE C 277 12.27 -76.92 25.01
CA ILE C 277 13.22 -75.95 25.54
C ILE C 277 12.48 -74.75 26.12
N ALA C 278 11.49 -74.23 25.39
CA ALA C 278 10.71 -73.10 25.88
C ALA C 278 9.94 -73.43 27.16
N SER C 279 9.58 -74.68 27.37
CA SER C 279 8.91 -75.10 28.61
C SER C 279 9.88 -75.46 29.71
N THR C 280 11.16 -75.68 29.40
CA THR C 280 12.19 -75.91 30.42
C THR C 280 12.86 -74.63 30.88
N THR C 281 13.07 -73.67 29.99
CA THR C 281 13.54 -72.36 30.41
C THR C 281 12.49 -71.67 31.28
N ASN C 282 12.89 -70.56 31.89
CA ASN C 282 12.00 -69.84 32.79
C ASN C 282 10.74 -69.42 32.05
N GLN C 283 9.58 -69.70 32.67
CA GLN C 283 8.31 -69.42 32.02
C GLN C 283 8.08 -67.92 31.84
N SER C 284 8.59 -67.11 32.77
CA SER C 284 8.43 -65.66 32.65
C SER C 284 9.21 -65.11 31.46
N GLN C 285 10.18 -65.86 30.93
CA GLN C 285 10.89 -65.43 29.74
C GLN C 285 9.94 -65.39 28.55
N PRO C 286 9.94 -64.31 27.76
CA PRO C 286 9.06 -64.25 26.59
C PRO C 286 9.48 -65.27 25.53
N TYR C 287 8.52 -65.61 24.68
CA TYR C 287 8.76 -66.52 23.56
C TYR C 287 8.83 -65.74 22.25
N HIS C 288 9.73 -66.17 21.37
CA HIS C 288 9.89 -65.55 20.06
C HIS C 288 8.64 -65.82 19.24
N LEU C 289 7.94 -64.75 18.83
CA LEU C 289 6.64 -64.91 18.18
C LEU C 289 6.77 -65.70 16.88
N VAL C 290 7.42 -65.12 15.87
CA VAL C 290 7.49 -65.74 14.56
C VAL C 290 8.37 -66.99 14.57
N LYS C 291 9.37 -67.05 15.44
CA LYS C 291 10.27 -68.19 15.46
C LYS C 291 9.61 -69.40 16.12
N LEU C 292 8.79 -69.18 17.16
CA LEU C 292 8.26 -70.30 17.92
C LEU C 292 6.74 -70.43 17.83
N ILE C 293 5.97 -69.41 18.24
CA ILE C 293 4.54 -69.61 18.45
C ILE C 293 3.82 -69.82 17.11
N ILE C 294 4.10 -68.96 16.13
CA ILE C 294 3.40 -69.07 14.85
C ILE C 294 3.66 -70.41 14.16
N PRO C 295 4.89 -70.90 14.04
CA PRO C 295 5.07 -72.25 13.48
C PRO C 295 4.43 -73.34 14.33
N VAL C 296 4.43 -73.17 15.66
CA VAL C 296 3.85 -74.20 16.53
C VAL C 296 2.35 -74.32 16.28
N CYS C 297 1.63 -73.19 16.29
CA CYS C 297 0.20 -73.25 16.03
C CYS C 297 -0.07 -73.62 14.58
N GLU C 298 0.87 -73.32 13.67
CA GLU C 298 0.72 -73.74 12.28
C GLU C 298 0.74 -75.25 12.14
N LYS C 299 1.72 -75.91 12.76
CA LYS C 299 1.79 -77.37 12.70
C LYS C 299 0.64 -78.01 13.46
N ALA C 300 0.20 -77.38 14.54
CA ALA C 300 -1.00 -77.81 15.24
C ALA C 300 -2.28 -77.49 14.47
N LYS C 301 -2.16 -76.89 13.28
CA LYS C 301 -3.31 -76.53 12.46
C LYS C 301 -4.28 -75.64 13.22
N ILE C 302 -3.75 -74.71 14.01
CA ILE C 302 -4.54 -73.85 14.87
C ILE C 302 -4.13 -72.40 14.62
N SER C 303 -5.14 -71.55 14.46
CA SER C 303 -4.92 -70.13 14.28
C SER C 303 -4.41 -69.50 15.58
N VAL C 304 -3.66 -68.41 15.43
CA VAL C 304 -3.20 -67.66 16.59
C VAL C 304 -4.40 -67.16 17.40
N PHE C 305 -5.47 -66.75 16.71
CA PHE C 305 -6.68 -66.33 17.39
C PHE C 305 -7.23 -67.45 18.27
N GLN C 306 -7.29 -68.67 17.74
CA GLN C 306 -7.79 -69.79 18.53
C GLN C 306 -6.87 -70.08 19.70
N LEU C 307 -5.56 -69.98 19.50
CA LEU C 307 -4.61 -70.30 20.56
C LEU C 307 -4.73 -69.31 21.72
N PHE C 308 -4.78 -68.01 21.42
CA PHE C 308 -4.82 -67.01 22.48
C PHE C 308 -6.23 -66.68 22.98
N GLY C 309 -7.27 -67.12 22.29
CA GLY C 309 -8.62 -66.73 22.67
C GLY C 309 -9.42 -67.80 23.37
N SER C 310 -9.37 -69.02 22.87
CA SER C 310 -10.19 -70.09 23.44
C SER C 310 -9.66 -70.53 24.79
N ASP C 311 -10.56 -71.03 25.64
CA ASP C 311 -10.16 -71.52 26.94
C ASP C 311 -9.44 -72.87 26.81
N PHE C 312 -9.03 -73.42 27.95
CA PHE C 312 -8.29 -74.68 27.92
C PHE C 312 -9.16 -75.83 27.42
N LYS C 313 -10.43 -75.84 27.79
CA LYS C 313 -11.32 -76.91 27.34
C LYS C 313 -11.47 -76.90 25.82
N GLU C 314 -11.80 -75.73 25.26
CA GLU C 314 -11.98 -75.64 23.80
C GLU C 314 -10.68 -75.93 23.07
N LEU C 315 -9.56 -75.38 23.57
CA LEU C 315 -8.28 -75.63 22.92
C LEU C 315 -7.92 -77.11 22.95
N GLY C 316 -8.12 -77.77 24.09
CA GLY C 316 -7.84 -79.19 24.17
C GLY C 316 -8.73 -80.02 23.25
N LYS C 317 -10.02 -79.70 23.22
CA LYS C 317 -10.93 -80.44 22.35
C LYS C 317 -10.56 -80.27 20.89
N ILE C 318 -10.23 -79.04 20.48
CA ILE C 318 -9.89 -78.80 19.09
C ILE C 318 -8.56 -79.47 18.73
N LEU C 319 -7.59 -79.45 19.65
CA LEU C 319 -6.34 -80.16 19.40
C LEU C 319 -6.58 -81.66 19.24
N PHE C 320 -7.38 -82.25 20.13
CA PHE C 320 -7.64 -83.69 20.05
C PHE C 320 -8.34 -84.03 18.75
N GLY C 321 -9.32 -83.22 18.34
CA GLY C 321 -9.98 -83.45 17.07
C GLY C 321 -9.04 -83.28 15.89
N ASN C 322 -8.13 -82.31 15.98
CA ASN C 322 -7.20 -82.04 14.89
C ASN C 322 -6.24 -83.20 14.68
N PHE C 323 -5.75 -83.79 15.78
CA PHE C 323 -4.88 -84.95 15.68
C PHE C 323 -5.61 -86.27 15.90
N SER C 324 -6.95 -86.24 15.91
CA SER C 324 -7.77 -87.45 15.94
C SER C 324 -7.48 -88.29 17.18
N LEU C 325 -7.10 -87.64 18.27
CA LEU C 325 -6.89 -88.33 19.53
C LEU C 325 -8.22 -88.62 20.21
N GLU C 326 -8.19 -89.57 21.14
CA GLU C 326 -9.38 -89.97 21.88
C GLU C 326 -9.46 -89.34 23.26
N LEU C 327 -8.60 -88.37 23.54
CA LEU C 327 -8.58 -87.75 24.86
C LEU C 327 -9.76 -86.80 25.02
N LYS C 328 -10.10 -86.51 26.27
CA LYS C 328 -11.17 -85.58 26.61
C LYS C 328 -10.79 -84.90 27.92
N LEU C 329 -10.50 -83.61 27.86
CA LEU C 329 -10.14 -82.87 29.06
C LEU C 329 -11.36 -82.15 29.66
N SER D 4 -41.15 -17.22 48.22
CA SER D 4 -41.81 -16.20 49.01
C SER D 4 -41.54 -14.80 48.45
N THR D 5 -42.46 -13.88 48.72
CA THR D 5 -42.32 -12.50 48.24
C THR D 5 -41.29 -11.71 49.04
N GLY D 6 -40.97 -12.14 50.26
CA GLY D 6 -40.07 -11.43 51.12
C GLY D 6 -38.69 -12.06 51.18
N PHE D 7 -37.68 -11.21 51.38
CA PHE D 7 -36.32 -11.68 51.55
C PHE D 7 -36.18 -12.42 52.89
N PRO D 8 -35.17 -13.29 53.02
CA PRO D 8 -34.93 -13.94 54.31
C PRO D 8 -34.77 -12.94 55.44
N LEU D 9 -35.50 -13.15 56.54
CA LEU D 9 -35.60 -12.16 57.59
C LEU D 9 -34.36 -12.09 58.48
N GLU D 10 -33.50 -13.10 58.45
CA GLU D 10 -32.29 -13.05 59.26
C GLU D 10 -31.21 -12.17 58.63
N LEU D 11 -31.42 -11.72 57.39
CA LEU D 11 -30.43 -10.90 56.71
C LEU D 11 -30.28 -9.52 57.35
N LEU D 12 -31.28 -9.07 58.11
CA LEU D 12 -31.18 -7.77 58.77
C LEU D 12 -30.04 -7.76 59.78
N THR D 13 -29.90 -8.83 60.56
CA THR D 13 -28.82 -8.92 61.53
C THR D 13 -27.46 -9.10 60.90
N ARG D 14 -27.40 -9.57 59.66
CA ARG D 14 -26.13 -9.78 58.98
C ARG D 14 -25.56 -8.45 58.51
N PRO D 15 -24.25 -8.38 58.26
CA PRO D 15 -23.63 -7.12 57.83
C PRO D 15 -24.16 -6.65 56.47
N ALA D 16 -23.76 -5.43 56.13
CA ALA D 16 -24.24 -4.81 54.89
C ALA D 16 -23.79 -5.58 53.66
N THR D 17 -22.57 -6.11 53.68
CA THR D 17 -22.04 -6.83 52.54
C THR D 17 -22.91 -8.05 52.21
N GLU D 18 -23.37 -8.76 53.23
CA GLU D 18 -24.22 -9.93 53.01
C GLU D 18 -25.54 -9.54 52.36
N ARG D 19 -26.16 -8.45 52.82
CA ARG D 19 -27.40 -7.99 52.21
C ARG D 19 -27.18 -7.58 50.76
N LEU D 20 -26.09 -6.86 50.49
CA LEU D 20 -25.80 -6.46 49.12
C LEU D 20 -25.57 -7.67 48.22
N ALA D 21 -24.88 -8.68 48.75
CA ALA D 21 -24.67 -9.91 47.99
C ALA D 21 -26.00 -10.61 47.69
N TYR D 22 -26.85 -10.75 48.71
CA TYR D 22 -28.15 -11.39 48.48
C TYR D 22 -28.93 -10.64 47.42
N PHE D 23 -28.84 -9.31 47.42
CA PHE D 23 -29.55 -8.54 46.40
C PHE D 23 -28.93 -8.73 45.02
N GLU D 24 -27.60 -8.80 44.94
CA GLU D 24 -26.95 -8.81 43.62
C GLU D 24 -27.09 -10.16 42.93
N ASN D 25 -26.92 -11.27 43.66
CA ASN D 25 -27.16 -12.55 42.99
C ASN D 25 -28.63 -12.89 42.86
N TYR D 26 -29.54 -12.06 43.38
CA TYR D 26 -30.97 -12.27 43.14
C TYR D 26 -31.36 -11.68 41.80
N THR D 27 -32.11 -12.45 41.00
CA THR D 27 -32.67 -11.98 39.74
C THR D 27 -34.13 -12.42 39.65
N VAL D 28 -34.95 -11.62 38.98
CA VAL D 28 -36.38 -11.87 38.84
C VAL D 28 -36.67 -12.24 37.39
N ALA D 29 -37.69 -13.07 37.18
CA ALA D 29 -38.07 -13.51 35.84
C ALA D 29 -39.33 -12.76 35.43
N HIS D 30 -39.18 -11.75 34.59
CA HIS D 30 -40.31 -11.04 34.02
C HIS D 30 -40.76 -11.73 32.73
N PRO D 31 -42.02 -11.54 32.32
CA PRO D 31 -42.57 -12.37 31.23
C PRO D 31 -41.76 -12.34 29.95
N ARG D 32 -41.21 -11.18 29.56
CA ARG D 32 -40.42 -11.12 28.33
C ARG D 32 -39.17 -11.99 28.45
N LEU D 33 -38.49 -11.93 29.59
CA LEU D 33 -37.26 -12.70 29.76
C LEU D 33 -37.53 -14.19 29.69
N LYS D 34 -38.58 -14.66 30.38
CA LYS D 34 -38.87 -16.08 30.37
C LYS D 34 -39.36 -16.53 28.99
N GLU D 35 -40.14 -15.70 28.31
CA GLU D 35 -40.60 -16.06 26.96
C GLU D 35 -39.41 -16.19 26.00
N VAL D 36 -38.49 -15.22 26.05
CA VAL D 36 -37.31 -15.29 25.20
C VAL D 36 -36.45 -16.49 25.58
N TYR D 37 -36.39 -16.81 26.87
CA TYR D 37 -35.64 -17.97 27.33
C TYR D 37 -36.22 -19.26 26.76
N GLU D 38 -37.54 -19.43 26.82
CA GLU D 38 -38.16 -20.61 26.25
C GLU D 38 -37.92 -20.68 24.74
N ILE D 39 -38.07 -19.54 24.04
CA ILE D 39 -37.86 -19.54 22.60
C ILE D 39 -36.43 -19.92 22.26
N LEU D 40 -35.46 -19.33 22.97
CA LEU D 40 -34.05 -19.60 22.70
C LEU D 40 -33.71 -21.06 22.94
N MET D 41 -34.22 -21.63 24.04
CA MET D 41 -33.89 -23.04 24.32
C MET D 41 -34.62 -23.99 23.38
N ARG D 42 -35.83 -23.62 22.93
CA ARG D 42 -36.50 -24.42 21.92
C ARG D 42 -35.72 -24.42 20.61
N THR D 43 -35.20 -23.26 20.22
CA THR D 43 -34.38 -23.19 19.01
C THR D 43 -33.06 -23.94 19.19
N ILE D 44 -32.49 -23.88 20.40
CA ILE D 44 -31.23 -24.59 20.67
C ILE D 44 -31.44 -26.09 20.59
N ALA D 45 -32.51 -26.60 21.19
CA ALA D 45 -32.76 -28.04 21.17
C ALA D 45 -32.99 -28.54 19.76
N GLU D 46 -33.73 -27.78 18.95
CA GLU D 46 -34.03 -28.13 17.57
C GLU D 46 -33.60 -26.97 16.67
N PRO D 47 -32.37 -26.97 16.19
CA PRO D 47 -31.92 -25.87 15.31
C PRO D 47 -32.73 -25.75 14.03
N ALA D 48 -33.31 -26.86 13.56
CA ALA D 48 -34.14 -26.86 12.35
C ALA D 48 -33.36 -26.34 11.14
N GLY D 49 -32.08 -26.69 11.07
CA GLY D 49 -31.24 -26.31 9.94
C GLY D 49 -30.75 -24.89 9.95
N ALA D 50 -31.02 -24.12 11.01
CA ALA D 50 -30.59 -22.73 11.11
C ALA D 50 -29.32 -22.66 11.95
N SER D 51 -28.31 -21.96 11.43
CA SER D 51 -27.02 -21.87 12.10
C SER D 51 -26.82 -20.52 12.81
N PHE D 52 -27.84 -19.68 12.86
CA PHE D 52 -27.73 -18.37 13.49
C PHE D 52 -29.00 -18.04 14.25
N ILE D 53 -28.83 -17.62 15.51
CA ILE D 53 -29.95 -17.37 16.41
C ILE D 53 -29.87 -15.93 16.92
N PHE D 54 -29.49 -15.00 16.03
CA PHE D 54 -29.30 -13.59 16.37
C PHE D 54 -30.36 -13.11 17.36
N VAL D 55 -29.89 -12.49 18.44
CA VAL D 55 -30.76 -11.96 19.49
C VAL D 55 -30.42 -10.47 19.65
N TYR D 56 -31.41 -9.61 19.41
CA TYR D 56 -31.26 -8.18 19.59
C TYR D 56 -31.72 -7.80 20.99
N GLY D 57 -31.89 -6.51 21.23
CA GLY D 57 -32.40 -6.00 22.50
C GLY D 57 -31.78 -4.67 22.87
N ALA D 58 -32.47 -3.95 23.74
CA ALA D 58 -31.95 -2.69 24.24
C ALA D 58 -30.77 -2.92 25.18
N SER D 59 -30.04 -1.86 25.47
CA SER D 59 -28.94 -1.94 26.41
C SER D 59 -29.48 -2.07 27.83
N GLY D 60 -29.52 -3.29 28.35
CA GLY D 60 -30.00 -3.54 29.69
C GLY D 60 -31.28 -4.33 29.80
N VAL D 61 -31.78 -4.91 28.71
CA VAL D 61 -32.96 -5.75 28.80
C VAL D 61 -32.65 -7.07 29.48
N GLY D 62 -31.39 -7.47 29.55
CA GLY D 62 -31.02 -8.71 30.20
C GLY D 62 -30.40 -9.72 29.25
N LYS D 63 -29.76 -9.24 28.19
CA LYS D 63 -29.14 -10.15 27.22
C LYS D 63 -28.05 -10.99 27.88
N THR D 64 -27.17 -10.36 28.65
CA THR D 64 -26.10 -11.09 29.31
C THR D 64 -26.66 -12.07 30.35
N THR D 65 -27.66 -11.64 31.13
CA THR D 65 -28.24 -12.52 32.13
C THR D 65 -28.91 -13.73 31.47
N LEU D 66 -29.63 -13.50 30.37
CA LEU D 66 -30.23 -14.61 29.64
C LEU D 66 -29.17 -15.54 29.09
N ARG D 67 -28.05 -14.98 28.60
CA ARG D 67 -26.96 -15.80 28.10
C ARG D 67 -26.40 -16.71 29.19
N LEU D 68 -26.11 -16.14 30.36
CA LEU D 68 -25.58 -16.95 31.46
C LEU D 68 -26.60 -18.00 31.91
N ARG D 69 -27.88 -17.63 31.99
CA ARG D 69 -28.90 -18.59 32.40
C ARG D 69 -28.99 -19.76 31.44
N VAL D 70 -28.98 -19.47 30.13
CA VAL D 70 -29.06 -20.54 29.14
C VAL D 70 -27.82 -21.41 29.22
N GLU D 71 -26.64 -20.80 29.37
CA GLU D 71 -25.42 -21.58 29.51
C GLU D 71 -25.51 -22.53 30.71
N GLN D 72 -25.92 -22.01 31.86
CA GLN D 72 -25.99 -22.82 33.07
C GLN D 72 -27.01 -23.94 32.94
N LYS D 73 -28.18 -23.63 32.38
CA LYS D 73 -29.22 -24.66 32.29
C LYS D 73 -28.85 -25.74 31.29
N LEU D 74 -28.26 -25.38 30.15
CA LEU D 74 -27.79 -26.39 29.22
C LEU D 74 -26.66 -27.20 29.84
N THR D 75 -25.79 -26.57 30.62
CA THR D 75 -24.71 -27.29 31.29
C THR D 75 -25.27 -28.33 32.24
N GLU D 76 -26.26 -27.96 33.05
CA GLU D 76 -26.81 -28.94 33.99
C GLU D 76 -27.67 -29.98 33.27
N LEU D 77 -28.27 -29.63 32.13
CA LEU D 77 -28.99 -30.63 31.35
C LEU D 77 -28.04 -31.68 30.80
N ALA D 78 -26.86 -31.25 30.33
CA ALA D 78 -25.87 -32.18 29.82
C ALA D 78 -25.10 -32.90 30.92
N LEU D 79 -25.07 -32.36 32.13
CA LEU D 79 -24.21 -32.89 33.19
C LEU D 79 -24.35 -34.39 33.44
N PRO D 80 -25.55 -35.00 33.43
CA PRO D 80 -25.62 -36.43 33.74
C PRO D 80 -24.76 -37.32 32.84
N LYS D 81 -24.36 -36.85 31.66
CA LYS D 81 -23.63 -37.70 30.72
C LYS D 81 -22.18 -37.28 30.48
N LEU D 82 -21.72 -36.15 31.05
CA LEU D 82 -20.31 -35.78 30.89
C LEU D 82 -19.35 -36.73 31.60
N GLU D 83 -19.79 -37.43 32.64
CA GLU D 83 -18.91 -38.40 33.29
C GLU D 83 -18.53 -39.52 32.34
N SER D 84 -19.47 -39.97 31.50
CA SER D 84 -19.16 -41.03 30.55
C SER D 84 -18.28 -40.53 29.41
N ASP D 85 -18.61 -39.37 28.83
CA ASP D 85 -17.94 -38.87 27.64
C ASP D 85 -17.14 -37.62 27.99
N ARG D 86 -15.84 -37.66 27.73
CA ARG D 86 -14.96 -36.54 27.96
C ARG D 86 -14.73 -35.77 26.66
N ALA D 87 -14.03 -34.64 26.76
CA ALA D 87 -13.83 -33.72 25.63
C ALA D 87 -15.16 -33.34 25.00
N ARG D 88 -16.14 -33.02 25.84
CA ARG D 88 -17.53 -32.83 25.44
C ARG D 88 -18.09 -31.57 26.08
N VAL D 89 -17.38 -30.45 25.93
CA VAL D 89 -17.80 -29.19 26.53
C VAL D 89 -19.22 -28.87 26.08
N PRO D 90 -20.18 -28.71 27.01
CA PRO D 90 -21.58 -28.57 26.62
C PRO D 90 -21.86 -27.32 25.80
N VAL D 91 -21.55 -26.15 26.35
CA VAL D 91 -21.76 -24.88 25.68
C VAL D 91 -20.52 -24.03 25.82
N VAL D 92 -20.35 -23.11 24.87
CA VAL D 92 -19.22 -22.19 24.85
C VAL D 92 -19.76 -20.78 24.64
N GLY D 93 -19.41 -19.87 25.55
CA GLY D 93 -19.84 -18.49 25.42
C GLY D 93 -18.71 -17.50 25.64
N ILE D 94 -18.41 -16.71 24.61
CA ILE D 94 -17.35 -15.71 24.67
C ILE D 94 -17.93 -14.38 24.19
N GLU D 95 -17.21 -13.30 24.51
CA GLU D 95 -17.63 -11.95 24.18
C GLU D 95 -16.68 -11.35 23.16
N ALA D 96 -17.25 -10.74 22.12
CA ALA D 96 -16.44 -10.12 21.08
C ALA D 96 -15.71 -8.89 21.62
N ILE D 97 -14.54 -8.62 21.06
CA ILE D 97 -13.67 -7.55 21.49
C ILE D 97 -13.69 -6.44 20.44
N ALA D 98 -13.94 -5.22 20.87
CA ALA D 98 -13.82 -4.08 19.98
C ALA D 98 -12.35 -3.91 19.59
N PRO D 99 -12.05 -3.66 18.31
CA PRO D 99 -10.66 -3.64 17.87
C PRO D 99 -9.99 -2.30 18.16
N GLU D 100 -8.73 -2.39 18.61
CA GLU D 100 -7.92 -1.19 18.79
C GLU D 100 -7.66 -0.50 17.46
N SER D 101 -7.40 -1.27 16.41
CA SER D 101 -7.19 -0.72 15.08
C SER D 101 -8.56 -0.37 14.47
N ARG D 102 -8.53 0.14 13.23
CA ARG D 102 -9.77 0.53 12.57
C ARG D 102 -10.65 -0.66 12.21
N TYR D 103 -10.04 -1.77 11.80
CA TYR D 103 -10.77 -2.95 11.34
C TYR D 103 -10.80 -4.01 12.44
N PHE D 104 -11.85 -4.82 12.41
CA PHE D 104 -11.98 -5.92 13.36
C PHE D 104 -10.88 -6.95 13.14
N ASN D 105 -10.32 -7.47 14.23
CA ASN D 105 -9.23 -8.43 14.17
C ASN D 105 -9.80 -9.82 14.37
N TRP D 106 -9.49 -10.73 13.45
CA TRP D 106 -9.96 -12.10 13.52
C TRP D 106 -8.96 -13.05 14.15
N LYS D 107 -7.66 -12.74 14.09
CA LYS D 107 -6.68 -13.54 14.80
C LYS D 107 -6.95 -13.53 16.31
N GLU D 108 -7.29 -12.35 16.84
CA GLU D 108 -7.66 -12.26 18.25
C GLU D 108 -8.92 -13.08 18.55
N TYR D 109 -9.91 -13.01 17.66
CA TYR D 109 -11.14 -13.79 17.86
C TYR D 109 -10.82 -15.28 17.92
N TYR D 110 -10.04 -15.78 16.96
CA TYR D 110 -9.72 -17.20 16.94
C TYR D 110 -8.90 -17.62 18.15
N THR D 111 -7.90 -16.81 18.53
CA THR D 111 -7.07 -17.22 19.66
C THR D 111 -7.85 -17.14 20.97
N ARG D 112 -8.77 -16.20 21.11
CA ARG D 112 -9.59 -16.14 22.31
C ARG D 112 -10.55 -17.33 22.37
N ALA D 113 -11.13 -17.70 21.22
CA ALA D 113 -11.98 -18.89 21.20
C ALA D 113 -11.17 -20.13 21.56
N LEU D 114 -9.93 -20.23 21.09
CA LEU D 114 -9.08 -21.34 21.48
C LEU D 114 -8.76 -21.33 22.98
N ILE D 115 -8.53 -20.14 23.54
CA ILE D 115 -8.27 -20.02 24.97
C ILE D 115 -9.47 -20.51 25.76
N THR D 116 -10.68 -20.17 25.31
CA THR D 116 -11.88 -20.61 26.02
C THR D 116 -11.98 -22.12 26.03
N LEU D 117 -11.66 -22.77 24.92
CA LEU D 117 -11.72 -24.23 24.82
C LEU D 117 -10.53 -24.92 25.49
N GLU D 118 -9.70 -24.18 26.22
CA GLU D 118 -8.53 -24.75 26.90
C GLU D 118 -7.59 -25.46 25.92
N GLU D 119 -7.41 -24.89 24.74
CA GLU D 119 -6.52 -25.46 23.74
C GLU D 119 -5.08 -25.38 24.25
N PRO D 120 -4.34 -26.49 24.23
CA PRO D 120 -2.92 -26.44 24.59
C PRO D 120 -2.04 -25.91 23.46
N LEU D 121 -1.01 -25.17 23.86
CA LEU D 121 0.00 -24.65 22.94
C LEU D 121 -0.64 -23.81 21.83
N ILE D 122 -1.42 -22.80 22.23
CA ILE D 122 -2.11 -21.96 21.26
C ILE D 122 -1.11 -21.10 20.49
N ASP D 123 -0.16 -20.48 21.20
CA ASP D 123 0.76 -19.56 20.55
C ASP D 123 1.66 -20.27 19.54
N HIS D 124 2.15 -21.46 19.88
CA HIS D 124 3.09 -22.16 19.03
C HIS D 124 2.43 -22.53 17.69
N LYS D 125 1.45 -23.45 17.75
CA LYS D 125 0.59 -23.80 16.62
C LYS D 125 1.38 -24.25 15.38
N PHE D 126 0.66 -24.46 14.28
CA PHE D 126 1.22 -24.83 12.99
C PHE D 126 0.09 -24.89 11.98
N ASP D 127 0.43 -24.77 10.70
CA ASP D 127 -0.52 -24.88 9.61
C ASP D 127 -0.19 -26.12 8.79
N TYR D 128 -1.11 -27.09 8.77
CA TYR D 128 -0.89 -28.35 8.06
C TYR D 128 -1.29 -28.18 6.59
N GLY D 129 -0.45 -27.45 5.87
CA GLY D 129 -0.69 -27.20 4.46
C GLY D 129 0.48 -26.50 3.77
N ALA D 149 -5.22 -15.55 9.36
CA ALA D 149 -4.65 -16.64 10.14
C ALA D 149 -5.30 -17.97 9.80
N PRO D 150 -4.67 -18.73 8.91
CA PRO D 150 -5.27 -20.01 8.49
C PRO D 150 -5.04 -21.11 9.52
N ALA D 151 -3.87 -21.12 10.16
CA ALA D 151 -3.59 -22.14 11.16
C ALA D 151 -4.51 -22.02 12.36
N LEU D 152 -4.70 -20.79 12.86
CA LEU D 152 -5.61 -20.59 13.99
C LEU D 152 -7.03 -20.96 13.63
N ARG D 153 -7.47 -20.59 12.43
CA ARG D 153 -8.82 -20.92 11.99
C ARG D 153 -9.01 -22.43 11.90
N ARG D 154 -8.04 -23.14 11.32
CA ARG D 154 -8.13 -24.59 11.23
C ARG D 154 -8.13 -25.24 12.62
N ALA D 155 -7.31 -24.71 13.53
CA ALA D 155 -7.30 -25.23 14.90
C ALA D 155 -8.66 -25.03 15.56
N LEU D 156 -9.26 -23.86 15.38
CA LEU D 156 -10.59 -23.62 15.94
C LEU D 156 -11.62 -24.56 15.34
N GLU D 157 -11.55 -24.78 14.03
CA GLU D 157 -12.49 -25.70 13.38
C GLU D 157 -12.36 -27.11 13.94
N ASN D 158 -11.13 -27.60 14.06
CA ASN D 158 -10.91 -28.95 14.60
C ASN D 158 -11.36 -29.04 16.04
N ALA D 159 -11.08 -28.01 16.84
CA ALA D 159 -11.51 -28.01 18.23
C ALA D 159 -13.02 -28.04 18.35
N LEU D 160 -13.71 -27.27 17.51
CA LEU D 160 -15.17 -27.29 17.53
C LEU D 160 -15.71 -28.64 17.07
N ILE D 161 -15.06 -29.26 16.09
CA ILE D 161 -15.52 -30.56 15.61
C ILE D 161 -15.37 -31.62 16.69
N HIS D 162 -14.22 -31.65 17.36
CA HIS D 162 -13.93 -32.73 18.29
C HIS D 162 -14.56 -32.49 19.66
N ARG D 163 -14.40 -31.29 20.22
CA ARG D 163 -14.96 -31.01 21.54
C ARG D 163 -16.48 -31.07 21.53
N HIS D 164 -17.10 -30.86 20.37
CA HIS D 164 -18.54 -31.03 20.16
C HIS D 164 -19.35 -30.13 21.08
N PRO D 165 -19.32 -28.81 20.89
CA PRO D 165 -20.19 -27.94 21.71
C PRO D 165 -21.60 -27.89 21.15
N ASP D 166 -22.57 -27.78 22.06
CA ASP D 166 -23.97 -27.72 21.64
C ASP D 166 -24.27 -26.38 20.97
N VAL D 167 -23.84 -25.29 21.59
CA VAL D 167 -24.06 -23.94 21.07
C VAL D 167 -22.77 -23.14 21.19
N PHE D 168 -22.78 -21.95 20.58
CA PHE D 168 -21.64 -21.03 20.62
C PHE D 168 -22.18 -19.60 20.71
N PHE D 169 -22.28 -19.08 21.93
CA PHE D 169 -22.68 -17.70 22.13
C PHE D 169 -21.52 -16.76 21.80
N VAL D 170 -21.82 -15.67 21.11
CA VAL D 170 -20.85 -14.62 20.84
C VAL D 170 -21.48 -13.31 21.28
N ASP D 171 -21.20 -12.91 22.52
CA ASP D 171 -21.79 -11.69 23.05
C ASP D 171 -21.17 -10.46 22.40
N GLU D 172 -21.91 -9.36 22.45
CA GLU D 172 -21.49 -8.08 21.88
C GLU D 172 -21.14 -8.23 20.39
N ALA D 173 -22.11 -8.73 19.63
CA ALA D 173 -21.89 -8.98 18.21
C ALA D 173 -21.86 -7.69 17.40
N GLN D 174 -22.21 -6.54 18.00
CA GLN D 174 -22.09 -5.29 17.28
C GLN D 174 -20.64 -4.95 16.95
N HIS D 175 -19.70 -5.43 17.77
CA HIS D 175 -18.29 -5.20 17.53
C HIS D 175 -17.77 -5.96 16.31
N PHE D 176 -18.55 -6.90 15.78
CA PHE D 176 -18.13 -7.61 14.57
C PHE D 176 -18.02 -6.65 13.39
N GLY D 177 -18.95 -5.71 13.28
CA GLY D 177 -18.97 -4.80 12.16
C GLY D 177 -18.16 -3.53 12.37
N LYS D 178 -16.99 -3.66 12.99
CA LYS D 178 -16.07 -2.54 13.14
C LYS D 178 -15.11 -2.48 11.94
N VAL D 179 -15.71 -2.45 10.75
CA VAL D 179 -14.97 -2.40 9.51
C VAL D 179 -15.46 -1.22 8.68
N ALA D 180 -14.53 -0.54 8.03
CA ALA D 180 -14.85 0.62 7.21
C ALA D 180 -15.46 0.25 5.87
N SER D 181 -15.42 -1.02 5.48
CA SER D 181 -16.00 -1.46 4.23
C SER D 181 -17.42 -1.95 4.47
N GLY D 182 -18.37 -1.38 3.73
CA GLY D 182 -19.76 -1.78 3.89
C GLY D 182 -20.01 -3.23 3.50
N TYR D 183 -19.32 -3.70 2.46
CA TYR D 183 -19.49 -5.09 2.04
C TYR D 183 -18.73 -6.06 2.93
N LYS D 184 -17.63 -5.62 3.55
CA LYS D 184 -16.95 -6.49 4.51
C LYS D 184 -17.74 -6.63 5.80
N LEU D 185 -18.74 -5.75 6.02
CA LEU D 185 -19.63 -5.89 7.18
C LEU D 185 -20.28 -7.27 7.18
N GLN D 186 -20.79 -7.70 6.03
CA GLN D 186 -21.32 -9.06 5.91
C GLN D 186 -20.22 -10.09 5.67
N ASP D 187 -19.02 -9.66 5.27
CA ASP D 187 -17.92 -10.61 5.15
C ASP D 187 -17.44 -11.10 6.51
N GLN D 188 -17.65 -10.30 7.57
CA GLN D 188 -17.39 -10.81 8.92
C GLN D 188 -18.25 -12.02 9.21
N LEU D 189 -19.56 -11.91 8.97
CA LEU D 189 -20.44 -13.06 9.12
C LEU D 189 -20.14 -14.14 8.10
N ASP D 190 -19.58 -13.79 6.95
CA ASP D 190 -19.16 -14.81 6.00
C ASP D 190 -18.03 -15.66 6.57
N CYS D 191 -17.06 -15.02 7.22
CA CYS D 191 -15.99 -15.76 7.88
C CYS D 191 -16.55 -16.63 9.01
N LEU D 192 -17.46 -16.06 9.82
CA LEU D 192 -18.08 -16.85 10.89
C LEU D 192 -18.86 -18.03 10.31
N LYS D 193 -19.53 -17.82 9.18
CA LYS D 193 -20.33 -18.85 8.55
C LYS D 193 -19.45 -19.96 8.00
N SER D 194 -18.34 -19.59 7.37
CA SER D 194 -17.38 -20.59 6.90
C SER D 194 -16.80 -21.38 8.06
N LEU D 195 -16.60 -20.72 9.21
CA LEU D 195 -16.22 -21.44 10.42
C LEU D 195 -17.31 -22.43 10.84
N ALA D 196 -18.58 -22.00 10.72
CA ALA D 196 -19.69 -22.81 11.24
C ALA D 196 -19.92 -24.06 10.39
N ASN D 197 -19.91 -23.93 9.06
CA ASN D 197 -20.33 -25.04 8.21
C ASN D 197 -19.44 -26.26 8.36
N MET D 198 -18.11 -26.06 8.34
CA MET D 198 -17.22 -27.20 8.41
C MET D 198 -17.20 -27.86 9.79
N THR D 199 -17.82 -27.24 10.79
CA THR D 199 -18.01 -27.87 12.09
C THR D 199 -19.45 -28.11 12.48
N GLY D 200 -20.41 -27.43 11.84
CA GLY D 200 -21.82 -27.64 12.15
C GLY D 200 -22.20 -27.31 13.56
N ILE D 201 -21.69 -26.20 14.10
CA ILE D 201 -21.94 -25.78 15.48
C ILE D 201 -22.81 -24.53 15.44
N LEU D 202 -23.88 -24.54 16.21
CA LEU D 202 -24.81 -23.41 16.24
C LEU D 202 -24.13 -22.17 16.79
N HIS D 203 -24.39 -21.03 16.14
CA HIS D 203 -23.81 -19.74 16.53
C HIS D 203 -24.97 -18.79 16.85
N CYS D 204 -25.18 -18.51 18.13
CA CYS D 204 -26.24 -17.60 18.57
C CYS D 204 -25.57 -16.32 19.06
N LEU D 205 -25.53 -15.33 18.18
CA LEU D 205 -24.88 -14.07 18.51
C LEU D 205 -25.83 -13.16 19.27
N LEU D 206 -25.29 -12.43 20.23
CA LEU D 206 -26.04 -11.47 21.04
C LEU D 206 -25.40 -10.10 20.92
N GLY D 207 -26.23 -9.07 20.84
CA GLY D 207 -25.72 -7.71 20.73
C GLY D 207 -26.84 -6.71 20.84
N THR D 208 -26.46 -5.43 20.70
CA THR D 208 -27.40 -4.33 20.76
C THR D 208 -28.09 -4.17 19.41
N TYR D 209 -28.79 -3.04 19.23
CA TYR D 209 -29.54 -2.81 18.01
C TYR D 209 -28.64 -2.57 16.81
N GLU D 210 -27.34 -2.42 17.04
CA GLU D 210 -26.42 -2.29 15.94
C GLU D 210 -26.20 -3.68 15.35
N LEU D 211 -27.16 -4.57 15.57
CA LEU D 211 -27.05 -5.94 15.08
C LEU D 211 -27.83 -6.12 13.79
N LEU D 212 -28.95 -5.42 13.67
CA LEU D 212 -29.80 -5.56 12.49
C LEU D 212 -29.05 -5.28 11.18
N THR D 213 -27.89 -4.66 11.27
CA THR D 213 -27.09 -4.40 10.08
C THR D 213 -26.43 -5.69 9.63
N PHE D 214 -26.83 -6.81 10.22
CA PHE D 214 -26.23 -8.09 9.89
C PHE D 214 -27.23 -9.23 9.78
N ARG D 215 -28.51 -9.00 10.10
CA ARG D 215 -29.47 -10.08 10.30
C ARG D 215 -29.68 -10.95 9.06
N ASN D 216 -30.23 -10.39 8.00
CA ASN D 216 -30.67 -11.17 6.85
C ASN D 216 -30.00 -10.73 5.55
N LEU D 217 -28.82 -10.14 5.62
CA LEU D 217 -28.07 -9.83 4.40
C LEU D 217 -27.67 -11.11 3.70
N SER D 218 -27.95 -11.17 2.39
CA SER D 218 -27.70 -12.34 1.56
C SER D 218 -28.58 -13.53 1.96
N GLY D 219 -28.84 -14.42 1.01
CA GLY D 219 -29.73 -15.55 1.28
C GLY D 219 -29.17 -16.50 2.31
N GLN D 220 -27.84 -16.66 2.35
CA GLN D 220 -27.23 -17.58 3.31
C GLN D 220 -27.53 -17.15 4.74
N LEU D 221 -27.41 -15.86 5.03
CA LEU D 221 -27.74 -15.35 6.35
C LEU D 221 -29.23 -15.03 6.50
N SER D 222 -30.00 -15.11 5.42
CA SER D 222 -31.43 -14.88 5.51
C SER D 222 -32.21 -16.16 5.77
N ARG D 223 -31.65 -17.31 5.42
CA ARG D 223 -32.35 -18.59 5.58
C ARG D 223 -32.01 -19.27 6.90
N ARG D 224 -30.72 -19.50 7.15
CA ARG D 224 -30.27 -20.24 8.32
C ARG D 224 -30.10 -19.36 9.56
N SER D 225 -30.78 -18.21 9.61
CA SER D 225 -30.75 -17.34 10.78
C SER D 225 -32.16 -17.18 11.33
N VAL D 226 -32.32 -17.43 12.62
CA VAL D 226 -33.58 -17.24 13.33
C VAL D 226 -33.42 -16.03 14.23
N ASP D 227 -34.33 -15.08 14.11
CA ASP D 227 -34.22 -13.78 14.77
C ASP D 227 -35.11 -13.75 16.00
N ILE D 228 -34.51 -13.48 17.15
CA ILE D 228 -35.24 -13.30 18.40
C ILE D 228 -35.02 -11.87 18.87
N HIS D 229 -36.10 -11.17 19.19
CA HIS D 229 -36.04 -9.79 19.63
C HIS D 229 -36.34 -9.73 21.12
N PHE D 230 -35.35 -9.28 21.90
CA PHE D 230 -35.54 -9.08 23.34
C PHE D 230 -36.26 -7.73 23.53
N ARG D 231 -37.57 -7.76 23.33
CA ARG D 231 -38.37 -6.55 23.44
C ARG D 231 -38.36 -6.02 24.87
N ARG D 232 -38.28 -4.71 25.00
CA ARG D 232 -38.37 -4.06 26.30
C ARG D 232 -39.83 -3.86 26.67
N TYR D 233 -40.08 -3.25 27.83
CA TYR D 233 -41.43 -2.97 28.29
C TYR D 233 -41.78 -1.54 27.93
N CYS D 234 -42.56 -1.37 26.87
CA CYS D 234 -43.00 -0.06 26.43
C CYS D 234 -44.18 0.40 27.28
N ALA D 235 -44.35 1.71 27.39
CA ALA D 235 -45.34 2.31 28.26
C ALA D 235 -46.71 2.48 27.60
N ASP D 236 -46.88 2.00 26.37
CA ASP D 236 -48.15 2.19 25.67
C ASP D 236 -49.17 1.14 26.08
N SER D 237 -48.80 -0.14 25.96
CA SER D 237 -49.72 -1.22 26.27
C SER D 237 -49.97 -1.28 27.78
N PRO D 238 -51.23 -1.25 28.23
CA PRO D 238 -51.49 -1.34 29.68
C PRO D 238 -50.97 -2.62 30.31
N GLU D 239 -50.92 -3.72 29.55
CA GLU D 239 -50.37 -4.96 30.09
C GLU D 239 -48.89 -4.80 30.43
N ASP D 240 -48.13 -4.14 29.57
CA ASP D 240 -46.72 -3.91 29.85
C ASP D 240 -46.53 -2.97 31.02
N VAL D 241 -47.41 -1.97 31.14
CA VAL D 241 -47.35 -1.07 32.30
C VAL D 241 -47.62 -1.83 33.59
N GLN D 242 -48.62 -2.73 33.56
CA GLN D 242 -48.90 -3.55 34.72
C GLN D 242 -47.74 -4.47 35.06
N ALA D 243 -47.09 -5.03 34.03
CA ALA D 243 -45.91 -5.86 34.26
C ALA D 243 -44.78 -5.06 34.90
N PHE D 244 -44.57 -3.83 34.42
CA PHE D 244 -43.53 -2.97 35.00
C PHE D 244 -43.86 -2.64 36.45
N LYS D 245 -45.13 -2.37 36.74
CA LYS D 245 -45.53 -2.12 38.13
C LYS D 245 -45.31 -3.36 39.00
N SER D 246 -45.59 -4.54 38.44
CA SER D 246 -45.40 -5.77 39.20
C SER D 246 -43.93 -6.04 39.48
N VAL D 247 -43.05 -5.80 38.50
CA VAL D 247 -41.63 -5.98 38.75
C VAL D 247 -41.11 -4.96 39.75
N LEU D 248 -41.65 -3.73 39.71
CA LEU D 248 -41.32 -2.76 40.75
C LEU D 248 -41.75 -3.27 42.13
N LEU D 249 -42.95 -3.83 42.21
CA LEU D 249 -43.46 -4.34 43.49
C LEU D 249 -42.59 -5.48 44.01
N THR D 250 -42.19 -6.41 43.13
CA THR D 250 -41.39 -7.54 43.59
C THR D 250 -39.97 -7.10 43.93
N PHE D 251 -39.42 -6.10 43.23
CA PHE D 251 -38.14 -5.55 43.61
C PHE D 251 -38.20 -4.87 44.98
N GLN D 252 -39.30 -4.16 45.24
CA GLN D 252 -39.48 -3.55 46.55
C GLN D 252 -39.57 -4.61 47.64
N GLN D 253 -40.36 -5.66 47.40
CA GLN D 253 -40.53 -6.72 48.38
C GLN D 253 -39.26 -7.55 48.56
N HIS D 254 -38.37 -7.55 47.58
CA HIS D 254 -37.11 -8.26 47.69
C HIS D 254 -35.93 -7.35 48.03
N LEU D 255 -36.20 -6.09 48.35
CA LEU D 255 -35.12 -5.18 48.75
C LEU D 255 -34.75 -5.45 50.21
N PRO D 256 -33.51 -5.84 50.50
CA PRO D 256 -33.15 -6.18 51.88
C PRO D 256 -32.97 -4.97 52.78
N LEU D 257 -34.08 -4.45 53.29
CA LEU D 257 -34.06 -3.29 54.18
C LEU D 257 -34.87 -3.60 55.43
N ALA D 258 -34.60 -2.82 56.48
CA ALA D 258 -35.35 -2.98 57.73
C ALA D 258 -36.83 -2.68 57.51
N GLU D 259 -37.14 -1.65 56.73
CA GLU D 259 -38.50 -1.32 56.36
C GLU D 259 -38.63 -1.33 54.85
N THR D 260 -39.79 -1.76 54.37
CA THR D 260 -40.02 -1.85 52.93
C THR D 260 -40.47 -0.48 52.41
N PRO D 261 -39.70 0.17 51.54
CA PRO D 261 -40.14 1.45 50.99
C PRO D 261 -41.17 1.24 49.89
N ASN D 262 -42.05 2.23 49.73
CA ASN D 262 -43.09 2.16 48.71
C ASN D 262 -42.51 2.66 47.40
N LEU D 263 -42.32 1.74 46.46
CA LEU D 263 -41.70 2.06 45.18
C LEU D 263 -42.69 2.10 44.02
N VAL D 264 -43.85 1.45 44.16
CA VAL D 264 -44.79 1.36 43.06
C VAL D 264 -45.40 2.73 42.74
N ASP D 265 -45.49 3.62 43.73
CA ASP D 265 -46.13 4.91 43.51
C ASP D 265 -45.37 5.73 42.46
N HIS D 266 -44.05 5.81 42.59
CA HIS D 266 -43.26 6.55 41.62
C HIS D 266 -42.92 5.68 40.42
N TRP D 267 -43.94 5.01 39.85
CA TRP D 267 -43.70 4.16 38.70
C TRP D 267 -43.35 5.00 37.47
N GLU D 268 -43.97 6.18 37.34
CA GLU D 268 -43.62 7.07 36.24
C GLU D 268 -42.16 7.52 36.34
N TYR D 269 -41.72 7.91 37.54
CA TYR D 269 -40.35 8.33 37.71
C TYR D 269 -39.38 7.18 37.46
N PHE D 270 -39.71 5.98 37.94
CA PHE D 270 -38.84 4.83 37.70
C PHE D 270 -38.76 4.47 36.23
N TYR D 271 -39.86 4.63 35.49
CA TYR D 271 -39.84 4.34 34.06
C TYR D 271 -39.13 5.42 33.27
N GLU D 272 -39.15 6.67 33.75
CA GLU D 272 -38.55 7.77 32.99
C GLU D 272 -37.05 7.56 32.81
N ARG D 273 -36.35 7.14 33.86
CA ARG D 273 -34.90 7.00 33.83
C ARG D 273 -34.44 5.57 33.53
N THR D 274 -35.37 4.65 33.25
CA THR D 274 -35.02 3.28 32.91
C THR D 274 -35.51 2.83 31.55
N LEU D 275 -36.47 3.55 30.95
CA LEU D 275 -36.99 3.24 29.61
C LEU D 275 -37.60 1.85 29.53
N GLY D 276 -37.96 1.26 30.67
CA GLY D 276 -38.49 -0.08 30.70
C GLY D 276 -37.45 -1.18 30.76
N CYS D 277 -36.17 -0.83 30.68
CA CYS D 277 -35.11 -1.83 30.77
C CYS D 277 -34.99 -2.33 32.20
N ILE D 278 -35.24 -3.62 32.41
CA ILE D 278 -35.27 -4.17 33.75
C ILE D 278 -33.87 -4.15 34.38
N GLY D 279 -32.84 -4.38 33.57
CA GLY D 279 -31.48 -4.31 34.10
C GLY D 279 -31.12 -2.93 34.62
N THR D 280 -31.58 -1.89 33.92
CA THR D 280 -31.36 -0.53 34.40
C THR D 280 -32.01 -0.31 35.76
N LEU D 281 -33.24 -0.79 35.91
CA LEU D 281 -33.92 -0.71 37.21
C LEU D 281 -33.14 -1.47 38.27
N LYS D 282 -32.63 -2.66 37.93
CA LYS D 282 -31.89 -3.46 38.89
C LYS D 282 -30.64 -2.75 39.36
N ASP D 283 -29.86 -2.19 38.43
CA ASP D 283 -28.62 -1.53 38.83
C ASP D 283 -28.89 -0.24 39.58
N TRP D 284 -29.93 0.50 39.18
CA TRP D 284 -30.29 1.72 39.90
C TRP D 284 -30.71 1.39 41.33
N LEU D 285 -31.54 0.36 41.51
CA LEU D 285 -31.95 -0.04 42.84
C LEU D 285 -30.78 -0.57 43.66
N LYS D 286 -29.83 -1.25 43.01
CA LYS D 286 -28.63 -1.68 43.71
C LYS D 286 -27.84 -0.48 44.22
N ARG D 287 -27.71 0.56 43.39
CA ARG D 287 -27.02 1.78 43.82
C ARG D 287 -27.73 2.40 45.02
N VAL D 288 -29.05 2.52 44.93
CA VAL D 288 -29.80 3.16 46.01
C VAL D 288 -29.70 2.34 47.30
N LEU D 289 -29.80 1.01 47.19
CA LEU D 289 -29.71 0.15 48.35
C LEU D 289 -28.35 0.22 48.99
N SER D 290 -27.29 0.25 48.18
CA SER D 290 -25.94 0.37 48.74
C SER D 290 -25.75 1.72 49.42
N ASP D 291 -26.28 2.79 48.83
CA ASP D 291 -26.21 4.10 49.47
C ASP D 291 -26.93 4.10 50.82
N ALA D 292 -28.11 3.46 50.87
CA ALA D 292 -28.84 3.38 52.13
C ALA D 292 -28.08 2.56 53.16
N LEU D 293 -27.50 1.43 52.74
CA LEU D 293 -26.80 0.57 53.68
C LEU D 293 -25.54 1.24 54.22
N ASP D 294 -24.84 2.00 53.38
CA ASP D 294 -23.65 2.71 53.84
C ASP D 294 -23.98 3.73 54.92
N ARG D 295 -25.16 4.34 54.85
CA ARG D 295 -25.61 5.29 55.85
C ARG D 295 -26.45 4.63 56.94
N GLU D 296 -26.59 3.31 56.90
CA GLU D 296 -27.39 2.55 57.88
C GLU D 296 -28.83 3.02 57.93
N ALA D 297 -29.37 3.42 56.77
CA ALA D 297 -30.76 3.86 56.71
C ALA D 297 -31.70 2.65 56.74
N THR D 298 -32.98 2.93 57.01
CA THR D 298 -33.99 1.90 57.09
C THR D 298 -35.05 2.01 56.01
N THR D 299 -35.03 3.06 55.18
CA THR D 299 -36.03 3.23 54.14
C THR D 299 -35.41 4.01 52.98
N ILE D 300 -36.07 3.92 51.83
CA ILE D 300 -35.61 4.58 50.61
C ILE D 300 -36.47 5.82 50.38
N THR D 301 -35.83 6.97 50.25
CA THR D 301 -36.51 8.21 49.96
C THR D 301 -36.42 8.55 48.48
N LEU D 302 -37.27 9.48 48.04
CA LEU D 302 -37.24 9.89 46.64
C LEU D 302 -35.92 10.55 46.28
N LYS D 303 -35.38 11.38 47.18
CA LYS D 303 -34.09 12.01 46.92
C LYS D 303 -32.96 11.00 46.85
N ASP D 304 -33.10 9.85 47.54
CA ASP D 304 -32.10 8.80 47.42
C ASP D 304 -32.06 8.25 46.00
N LEU D 305 -33.22 8.04 45.39
CA LEU D 305 -33.27 7.64 43.99
C LEU D 305 -32.78 8.76 43.08
N GLN D 306 -33.08 10.01 43.44
CA GLN D 306 -32.66 11.15 42.63
C GLN D 306 -31.16 11.32 42.61
N LYS D 307 -30.47 10.92 43.69
CA LYS D 307 -29.02 11.08 43.76
C LYS D 307 -28.32 10.27 42.67
N ARG D 308 -28.74 9.02 42.46
CA ARG D 308 -28.06 8.11 41.55
C ARG D 308 -28.84 7.88 40.27
N ALA D 309 -29.79 8.75 39.96
CA ALA D 309 -30.53 8.63 38.71
C ALA D 309 -29.63 8.97 37.52
N LEU D 310 -29.97 8.38 36.38
CA LEU D 310 -29.22 8.64 35.15
C LEU D 310 -29.51 10.04 34.62
N SER D 311 -28.53 10.60 33.91
CA SER D 311 -28.67 11.95 33.37
C SER D 311 -29.74 11.97 32.28
N VAL D 312 -30.44 13.11 32.18
CA VAL D 312 -31.52 13.23 31.20
C VAL D 312 -30.99 13.06 29.79
N ALA D 313 -29.82 13.63 29.50
CA ALA D 313 -29.23 13.48 28.17
C ALA D 313 -28.92 12.02 27.86
N GLN D 314 -28.42 11.29 28.85
CA GLN D 314 -28.13 9.86 28.65
C GLN D 314 -29.41 9.10 28.32
N CYS D 315 -30.48 9.34 29.07
CA CYS D 315 -31.75 8.67 28.78
C CYS D 315 -32.28 9.04 27.41
N GLN D 316 -32.15 10.31 27.03
CA GLN D 316 -32.57 10.73 25.68
C GLN D 316 -31.79 9.97 24.62
N LYS D 317 -30.48 9.82 24.81
CA LYS D 317 -29.67 9.14 23.81
C LYS D 317 -30.05 7.67 23.69
N MET D 318 -30.19 6.98 24.82
CA MET D 318 -30.53 5.56 24.72
C MET D 318 -31.94 5.38 24.17
N PHE D 319 -32.87 6.28 24.51
CA PHE D 319 -34.21 6.21 23.95
C PHE D 319 -34.18 6.42 22.44
N LYS D 320 -33.39 7.38 21.96
CA LYS D 320 -33.25 7.55 20.51
C LYS D 320 -32.71 6.30 19.86
N GLU D 321 -31.69 5.70 20.46
CA GLU D 321 -31.11 4.49 19.89
C GLU D 321 -32.12 3.36 19.83
N ILE D 322 -32.87 3.15 20.92
CA ILE D 322 -33.78 2.00 20.93
C ILE D 322 -34.99 2.27 20.05
N GLN D 323 -35.39 3.54 19.91
CA GLN D 323 -36.45 3.88 18.98
C GLN D 323 -36.04 3.60 17.54
N GLU D 324 -34.80 3.98 17.18
CA GLU D 324 -34.31 3.66 15.84
C GLU D 324 -34.23 2.15 15.62
N GLY D 325 -33.77 1.41 16.63
CA GLY D 325 -33.71 -0.03 16.50
C GLY D 325 -35.07 -0.67 16.34
N GLU D 326 -36.05 -0.21 17.11
CA GLU D 326 -37.41 -0.73 16.99
C GLU D 326 -38.01 -0.40 15.63
N ARG D 327 -37.75 0.81 15.13
CA ARG D 327 -38.22 1.17 13.79
C ARG D 327 -37.61 0.26 12.74
N GLN D 328 -36.31 0.01 12.83
CA GLN D 328 -35.66 -0.88 11.86
C GLN D 328 -36.21 -2.29 11.95
N LEU D 329 -36.44 -2.79 13.17
CA LEU D 329 -36.94 -4.15 13.36
C LEU D 329 -38.44 -4.27 13.13
N SER D 330 -39.15 -3.15 12.94
CA SER D 330 -40.59 -3.17 12.75
C SER D 330 -41.00 -3.68 11.37
N GLU D 331 -40.07 -4.19 10.59
CA GLU D 331 -40.39 -4.75 9.28
C GLU D 331 -41.32 -5.96 9.44
N THR D 332 -42.39 -5.97 8.67
CA THR D 332 -43.38 -7.05 8.75
C THR D 332 -43.55 -7.74 7.40
N SER E 4 -5.41 27.69 65.82
CA SER E 4 -5.94 28.86 65.13
C SER E 4 -6.38 28.51 63.71
N THR E 5 -7.12 29.44 63.09
CA THR E 5 -7.59 29.25 61.73
C THR E 5 -6.57 29.63 60.67
N GLY E 6 -5.40 30.12 61.08
CA GLY E 6 -4.36 30.53 60.17
C GLY E 6 -3.17 29.57 60.17
N PHE E 7 -2.14 29.97 59.43
CA PHE E 7 -0.94 29.18 59.33
C PHE E 7 -0.18 29.20 60.66
N PRO E 8 0.61 28.15 60.94
CA PRO E 8 1.40 28.15 62.19
C PRO E 8 2.37 29.31 62.24
N LEU E 9 2.48 29.91 63.42
CA LEU E 9 3.22 31.17 63.56
C LEU E 9 4.73 30.98 63.53
N GLU E 10 5.23 29.81 63.93
CA GLU E 10 6.67 29.61 64.02
C GLU E 10 7.36 29.60 62.66
N LEU E 11 6.59 29.48 61.57
CA LEU E 11 7.20 29.43 60.24
C LEU E 11 7.86 30.76 59.87
N LEU E 12 7.48 31.86 60.52
CA LEU E 12 8.12 33.13 60.23
C LEU E 12 9.61 33.11 60.51
N THR E 13 10.04 32.36 61.53
CA THR E 13 11.47 32.23 61.81
C THR E 13 12.15 31.33 60.80
N ARG E 14 11.41 30.43 60.17
CA ARG E 14 11.98 29.48 59.23
C ARG E 14 12.31 30.16 57.90
N PRO E 15 13.25 29.59 57.13
CA PRO E 15 13.61 30.18 55.84
C PRO E 15 12.48 30.13 54.82
N ALA E 16 12.71 30.71 53.65
CA ALA E 16 11.67 30.78 52.63
C ALA E 16 11.28 29.41 52.11
N THR E 17 12.24 28.48 52.03
CA THR E 17 11.95 27.17 51.45
C THR E 17 10.90 26.43 52.26
N GLU E 18 11.01 26.46 53.60
CA GLU E 18 10.05 25.76 54.43
C GLU E 18 8.65 26.37 54.31
N ARG E 19 8.56 27.69 54.27
CA ARG E 19 7.26 28.35 54.11
C ARG E 19 6.64 28.00 52.76
N LEU E 20 7.45 28.02 51.70
CA LEU E 20 6.94 27.67 50.38
C LEU E 20 6.46 26.23 50.34
N ALA E 21 7.22 25.31 50.96
CA ALA E 21 6.81 23.92 50.99
C ALA E 21 5.51 23.74 51.77
N TYR E 22 5.38 24.43 52.91
CA TYR E 22 4.15 24.35 53.68
C TYR E 22 2.96 24.86 52.88
N PHE E 23 3.15 25.98 52.16
CA PHE E 23 2.05 26.51 51.38
C PHE E 23 1.66 25.59 50.23
N GLU E 24 2.65 25.01 49.54
CA GLU E 24 2.33 24.16 48.40
C GLU E 24 1.70 22.85 48.83
N ASN E 25 2.14 22.30 49.97
CA ASN E 25 1.58 21.03 50.43
C ASN E 25 0.25 21.20 51.15
N TYR E 26 -0.12 22.41 51.54
CA TYR E 26 -1.41 22.63 52.19
C TYR E 26 -2.54 22.52 51.17
N THR E 27 -3.59 21.81 51.53
CA THR E 27 -4.76 21.63 50.68
C THR E 27 -5.99 22.15 51.39
N VAL E 28 -6.76 23.00 50.71
CA VAL E 28 -7.98 23.58 51.26
C VAL E 28 -9.16 22.74 50.80
N ALA E 29 -10.21 22.73 51.62
CA ALA E 29 -11.44 22.00 51.32
C ALA E 29 -12.55 23.00 51.06
N HIS E 30 -13.24 22.84 49.95
CA HIS E 30 -14.33 23.70 49.54
C HIS E 30 -15.52 22.86 49.12
N PRO E 31 -16.74 23.42 49.22
CA PRO E 31 -17.95 22.58 49.08
C PRO E 31 -18.03 21.80 47.77
N ARG E 32 -17.62 22.40 46.66
CA ARG E 32 -17.68 21.68 45.39
C ARG E 32 -16.75 20.49 45.38
N LEU E 33 -15.53 20.68 45.89
CA LEU E 33 -14.58 19.56 45.97
C LEU E 33 -15.10 18.46 46.87
N LYS E 34 -15.65 18.82 48.03
CA LYS E 34 -16.18 17.82 48.94
C LYS E 34 -17.33 17.04 48.32
N GLU E 35 -18.25 17.76 47.64
CA GLU E 35 -19.38 17.10 47.01
C GLU E 35 -18.93 16.15 45.92
N VAL E 36 -18.03 16.60 45.04
CA VAL E 36 -17.56 15.75 43.96
C VAL E 36 -16.79 14.55 44.52
N TYR E 37 -16.00 14.77 45.58
CA TYR E 37 -15.24 13.69 46.20
C TYR E 37 -16.17 12.63 46.79
N GLU E 38 -17.22 13.07 47.49
CA GLU E 38 -18.13 12.09 48.09
C GLU E 38 -18.93 11.37 47.01
N ILE E 39 -19.29 12.06 45.93
CA ILE E 39 -19.99 11.40 44.83
C ILE E 39 -19.10 10.34 44.19
N LEU E 40 -17.83 10.68 43.96
CA LEU E 40 -16.90 9.73 43.36
C LEU E 40 -16.66 8.54 44.28
N MET E 41 -16.55 8.79 45.60
CA MET E 41 -16.35 7.70 46.53
C MET E 41 -17.56 6.77 46.56
N ARG E 42 -18.77 7.34 46.54
CA ARG E 42 -19.97 6.51 46.51
C ARG E 42 -20.03 5.69 45.22
N THR E 43 -19.70 6.31 44.08
CA THR E 43 -19.72 5.60 42.82
C THR E 43 -18.69 4.48 42.80
N ILE E 44 -17.51 4.73 43.37
CA ILE E 44 -16.45 3.72 43.42
C ILE E 44 -16.80 2.60 44.39
N ALA E 45 -17.59 2.88 45.42
CA ALA E 45 -18.00 1.83 46.36
C ALA E 45 -18.77 0.73 45.66
N GLU E 46 -19.58 1.08 44.65
CA GLU E 46 -20.27 0.08 43.85
C GLU E 46 -20.59 0.65 42.46
N PRO E 47 -20.03 0.06 41.41
CA PRO E 47 -20.34 0.56 40.06
C PRO E 47 -21.76 0.22 39.62
N ALA E 48 -22.23 -0.99 39.95
CA ALA E 48 -23.56 -1.45 39.57
C ALA E 48 -23.78 -1.36 38.07
N GLY E 49 -22.95 -2.10 37.33
CA GLY E 49 -23.11 -2.19 35.89
C GLY E 49 -22.58 -1.01 35.11
N ALA E 50 -21.99 -0.02 35.77
CA ALA E 50 -21.41 1.14 35.12
C ALA E 50 -19.91 0.89 34.95
N SER E 51 -19.42 1.06 33.72
CA SER E 51 -18.03 0.78 33.41
C SER E 51 -17.22 2.03 33.10
N PHE E 52 -17.81 3.22 33.24
CA PHE E 52 -17.10 4.45 32.95
C PHE E 52 -17.54 5.54 33.93
N ILE E 53 -16.56 6.22 34.52
CA ILE E 53 -16.79 7.35 35.41
C ILE E 53 -16.22 8.58 34.69
N PHE E 54 -17.09 9.36 34.07
CA PHE E 54 -16.66 10.54 33.31
C PHE E 54 -16.65 11.74 34.24
N VAL E 55 -15.47 12.25 34.54
CA VAL E 55 -15.31 13.44 35.37
C VAL E 55 -14.86 14.58 34.48
N TYR E 56 -15.78 15.52 34.23
CA TYR E 56 -15.47 16.71 33.45
C TYR E 56 -15.13 17.87 34.37
N GLY E 57 -14.19 18.69 33.94
CA GLY E 57 -13.82 19.87 34.70
C GLY E 57 -12.87 20.73 33.90
N ALA E 58 -12.92 22.03 34.18
CA ALA E 58 -12.03 22.96 33.50
C ALA E 58 -10.59 22.76 33.96
N SER E 59 -9.68 23.44 33.27
CA SER E 59 -8.30 23.40 33.70
C SER E 59 -8.17 24.32 34.92
N GLY E 60 -8.40 23.78 36.11
CA GLY E 60 -8.24 24.56 37.33
C GLY E 60 -9.17 24.09 38.42
N VAL E 61 -10.05 23.14 38.11
CA VAL E 61 -11.02 22.66 39.09
C VAL E 61 -10.40 21.79 40.19
N GLY E 62 -9.27 21.16 39.89
CA GLY E 62 -8.63 20.30 40.86
C GLY E 62 -8.90 18.83 40.58
N LYS E 63 -8.85 18.44 39.32
CA LYS E 63 -9.08 17.06 38.95
C LYS E 63 -7.95 16.15 39.42
N THR E 64 -6.70 16.56 39.17
CA THR E 64 -5.56 15.72 39.52
C THR E 64 -5.43 15.54 41.02
N THR E 65 -5.62 16.62 41.78
CA THR E 65 -5.52 16.51 43.24
C THR E 65 -6.66 15.68 43.81
N LEU E 66 -7.87 15.78 43.23
CA LEU E 66 -8.97 14.93 43.67
C LEU E 66 -8.67 13.47 43.38
N ARG E 67 -8.10 13.19 42.21
CA ARG E 67 -7.70 11.83 41.89
C ARG E 67 -6.67 11.31 42.89
N LEU E 68 -5.68 12.14 43.21
CA LEU E 68 -4.65 11.73 44.17
C LEU E 68 -5.25 11.46 45.54
N ARG E 69 -6.16 12.33 46.00
CA ARG E 69 -6.78 12.14 47.30
C ARG E 69 -7.64 10.88 47.33
N VAL E 70 -8.39 10.62 46.25
CA VAL E 70 -9.22 9.42 46.18
C VAL E 70 -8.34 8.18 46.21
N GLU E 71 -7.26 8.18 45.44
CA GLU E 71 -6.36 7.04 45.42
C GLU E 71 -5.73 6.80 46.78
N GLN E 72 -5.29 7.88 47.46
CA GLN E 72 -4.70 7.74 48.78
C GLN E 72 -5.71 7.21 49.79
N LYS E 73 -6.95 7.72 49.75
CA LYS E 73 -7.97 7.26 50.68
C LYS E 73 -8.29 5.79 50.46
N LEU E 74 -8.41 5.38 49.20
CA LEU E 74 -8.67 3.98 48.91
C LEU E 74 -7.50 3.10 49.35
N THR E 75 -6.26 3.56 49.18
CA THR E 75 -5.11 2.81 49.65
C THR E 75 -5.15 2.63 51.17
N GLU E 76 -5.44 3.71 51.90
CA GLU E 76 -5.53 3.60 53.35
C GLU E 76 -6.68 2.69 53.78
N LEU E 77 -7.81 2.74 53.07
CA LEU E 77 -8.92 1.87 53.40
C LEU E 77 -8.58 0.40 53.13
N ALA E 78 -7.79 0.13 52.10
CA ALA E 78 -7.46 -1.24 51.73
C ALA E 78 -6.23 -1.78 52.43
N LEU E 79 -5.49 -0.94 53.17
CA LEU E 79 -4.35 -1.45 53.93
C LEU E 79 -4.69 -2.62 54.84
N PRO E 80 -5.76 -2.57 55.66
CA PRO E 80 -6.05 -3.74 56.51
C PRO E 80 -6.34 -5.00 55.71
N LYS E 81 -7.00 -4.87 54.56
CA LYS E 81 -7.25 -6.05 53.73
C LYS E 81 -6.01 -6.44 52.95
N LEU E 82 -5.18 -5.47 52.57
CA LEU E 82 -3.92 -5.78 51.89
C LEU E 82 -2.97 -6.56 52.80
N GLU E 83 -2.99 -6.28 54.10
CA GLU E 83 -2.14 -7.02 55.02
C GLU E 83 -2.51 -8.50 55.03
N SER E 84 -3.80 -8.82 55.00
CA SER E 84 -4.24 -10.21 55.01
C SER E 84 -4.18 -10.82 53.61
N ASP E 85 -4.66 -10.09 52.61
CA ASP E 85 -4.72 -10.58 51.23
C ASP E 85 -3.66 -9.88 50.40
N ARG E 86 -2.74 -10.66 49.85
CA ARG E 86 -1.67 -10.13 49.01
C ARG E 86 -2.10 -10.21 47.54
N ALA E 87 -1.21 -9.77 46.64
CA ALA E 87 -1.48 -9.75 45.20
C ALA E 87 -2.75 -8.97 44.88
N ARG E 88 -2.93 -7.84 45.56
CA ARG E 88 -4.12 -7.00 45.39
C ARG E 88 -3.68 -5.54 45.47
N VAL E 89 -3.64 -4.87 44.34
CA VAL E 89 -3.40 -3.43 44.28
C VAL E 89 -4.75 -2.72 44.43
N PRO E 90 -4.90 -1.80 45.38
CA PRO E 90 -6.21 -1.15 45.55
C PRO E 90 -6.60 -0.27 44.38
N VAL E 91 -5.71 0.64 43.98
CA VAL E 91 -6.00 1.59 42.91
C VAL E 91 -4.77 1.68 42.03
N VAL E 92 -4.98 1.63 40.71
CA VAL E 92 -3.93 1.85 39.73
C VAL E 92 -4.36 2.98 38.81
N GLY E 93 -3.51 3.97 38.64
CA GLY E 93 -3.82 5.12 37.83
C GLY E 93 -2.68 5.46 36.88
N ILE E 94 -3.05 5.73 35.63
CA ILE E 94 -2.09 6.07 34.58
C ILE E 94 -2.53 7.37 33.92
N GLU E 95 -1.65 7.90 33.08
CA GLU E 95 -1.89 9.15 32.37
C GLU E 95 -2.04 8.87 30.88
N ALA E 96 -2.92 9.62 30.23
CA ALA E 96 -3.14 9.48 28.79
C ALA E 96 -2.03 10.21 28.03
N ILE E 97 -1.53 9.58 26.98
CA ILE E 97 -0.40 10.11 26.22
C ILE E 97 -0.93 10.80 24.96
N ALA E 98 -0.57 12.05 24.78
CA ALA E 98 -0.83 12.72 23.51
C ALA E 98 0.15 12.19 22.47
N PRO E 99 -0.32 11.66 21.36
CA PRO E 99 0.58 11.01 20.40
C PRO E 99 1.21 11.98 19.41
N GLU E 100 2.44 11.66 19.03
CA GLU E 100 3.14 12.46 18.03
C GLU E 100 2.45 12.39 16.68
N SER E 101 1.96 11.20 16.31
CA SER E 101 1.25 11.02 15.05
C SER E 101 -0.20 11.44 15.21
N ARG E 102 -0.98 11.30 14.14
CA ARG E 102 -2.39 11.67 14.16
C ARG E 102 -3.27 10.62 14.81
N TYR E 103 -2.72 9.45 15.14
CA TYR E 103 -3.48 8.36 15.72
C TYR E 103 -3.03 8.13 17.16
N PHE E 104 -3.99 7.87 18.04
CA PHE E 104 -3.65 7.41 19.39
C PHE E 104 -2.98 6.05 19.30
N ASN E 105 -1.84 5.91 19.98
CA ASN E 105 -1.06 4.67 19.93
C ASN E 105 -1.55 3.79 21.08
N TRP E 106 -2.36 2.78 20.75
CA TRP E 106 -2.90 1.90 21.78
C TRP E 106 -1.83 0.97 22.34
N LYS E 107 -0.81 0.65 21.54
CA LYS E 107 0.28 -0.20 22.05
C LYS E 107 1.01 0.48 23.19
N GLU E 108 1.33 1.77 23.02
CA GLU E 108 2.00 2.50 24.09
C GLU E 108 1.12 2.61 25.33
N TYR E 109 -0.18 2.85 25.14
CA TYR E 109 -1.09 2.92 26.27
C TYR E 109 -1.13 1.59 27.02
N TYR E 110 -1.20 0.49 26.27
CA TYR E 110 -1.25 -0.82 26.91
C TYR E 110 0.03 -1.13 27.68
N THR E 111 1.19 -0.86 27.07
CA THR E 111 2.44 -1.17 27.76
C THR E 111 2.67 -0.25 28.96
N ARG E 112 2.25 1.02 28.86
CA ARG E 112 2.38 1.91 30.02
C ARG E 112 1.43 1.51 31.14
N ALA E 113 0.22 1.07 30.79
CA ALA E 113 -0.68 0.56 31.81
C ALA E 113 -0.10 -0.66 32.49
N LEU E 114 0.51 -1.57 31.70
CA LEU E 114 1.09 -2.76 32.29
C LEU E 114 2.26 -2.42 33.21
N ILE E 115 3.14 -1.50 32.79
CA ILE E 115 4.30 -1.17 33.61
C ILE E 115 3.89 -0.41 34.86
N THR E 116 2.87 0.45 34.76
CA THR E 116 2.42 1.20 35.93
C THR E 116 1.71 0.29 36.92
N LEU E 117 0.82 -0.58 36.43
CA LEU E 117 0.11 -1.50 37.31
C LEU E 117 1.07 -2.49 37.97
N GLU E 118 2.04 -2.99 37.21
CA GLU E 118 3.00 -3.98 37.72
C GLU E 118 4.20 -3.25 38.33
N GLU E 119 3.98 -2.70 39.52
CA GLU E 119 5.08 -2.22 40.34
C GLU E 119 4.94 -2.60 41.82
N PRO E 120 4.63 -3.87 42.16
CA PRO E 120 4.75 -4.29 43.56
C PRO E 120 6.12 -4.89 43.83
N LEU E 121 6.34 -5.42 45.03
CA LEU E 121 7.59 -6.11 45.30
C LEU E 121 7.65 -7.41 44.49
N ILE E 122 8.87 -7.93 44.36
CA ILE E 122 9.17 -8.97 43.38
C ILE E 122 8.54 -10.31 43.72
N ASP E 123 7.91 -10.45 44.89
CA ASP E 123 7.44 -11.76 45.32
C ASP E 123 6.33 -12.30 44.43
N HIS E 124 5.45 -11.43 43.91
CA HIS E 124 4.39 -11.90 43.02
C HIS E 124 5.02 -12.37 41.71
N LYS E 125 4.91 -13.67 41.45
CA LYS E 125 5.30 -14.25 40.17
C LYS E 125 4.02 -14.71 39.47
N PHE E 126 3.39 -13.79 38.74
CA PHE E 126 2.10 -14.05 38.12
C PHE E 126 2.19 -14.91 36.87
N ASP E 127 3.28 -14.82 36.11
CA ASP E 127 3.45 -15.56 34.86
C ASP E 127 2.33 -15.22 33.87
N TYR E 128 2.37 -13.95 33.44
CA TYR E 128 1.39 -13.39 32.50
C TYR E 128 1.32 -14.22 31.22
N GLY E 129 0.24 -14.06 30.46
CA GLY E 129 0.15 -14.66 29.15
C GLY E 129 1.10 -13.99 28.17
N VAL E 130 1.23 -14.63 27.01
CA VAL E 130 2.10 -14.19 25.91
C VAL E 130 3.56 -14.33 26.32
N ARG E 131 4.40 -14.76 25.38
CA ARG E 131 5.80 -15.03 25.67
C ARG E 131 6.65 -13.75 25.72
N GLY E 132 6.17 -12.65 25.16
CA GLY E 132 6.99 -11.46 24.99
C GLY E 132 7.10 -10.58 26.22
N ILE E 133 6.40 -10.89 27.30
CA ILE E 133 6.38 -10.06 28.50
C ILE E 133 6.85 -10.91 29.68
N SER E 134 7.82 -10.39 30.43
CA SER E 134 8.37 -11.07 31.59
C SER E 134 9.07 -10.04 32.46
N ARG E 135 9.55 -10.50 33.62
CA ARG E 135 10.27 -9.65 34.55
C ARG E 135 11.73 -9.51 34.11
N ASP E 136 12.56 -8.93 34.95
CA ASP E 136 13.98 -8.78 34.67
C ASP E 136 14.75 -8.85 35.99
N ASN E 137 16.06 -8.60 35.92
CA ASN E 137 16.88 -8.61 37.12
C ASN E 137 16.47 -7.49 38.09
N PHE E 138 16.18 -6.31 37.57
CA PHE E 138 15.88 -5.15 38.39
C PHE E 138 14.41 -5.08 38.82
N GLY E 139 13.56 -6.01 38.35
CA GLY E 139 12.18 -6.05 38.74
C GLY E 139 11.22 -5.31 37.82
N LYS E 140 11.73 -4.47 36.92
CA LYS E 140 10.87 -3.76 35.98
C LYS E 140 10.65 -4.63 34.74
N ILE E 141 9.39 -4.90 34.42
CA ILE E 141 9.09 -5.77 33.29
C ILE E 141 9.53 -5.11 32.00
N ASN E 142 9.86 -5.94 31.01
CA ASN E 142 10.30 -5.48 29.71
C ASN E 142 9.41 -6.06 28.63
N VAL E 143 9.08 -5.24 27.63
CA VAL E 143 8.26 -5.65 26.50
C VAL E 143 9.02 -5.32 25.22
N GLU E 144 9.20 -6.32 24.37
CA GLU E 144 9.90 -6.12 23.10
C GLU E 144 8.97 -5.54 22.06
N SER E 145 9.54 -4.81 21.11
CA SER E 145 8.75 -4.24 20.02
C SER E 145 8.17 -5.32 19.12
N LYS E 146 8.71 -6.54 19.18
CA LYS E 146 8.15 -7.64 18.39
C LYS E 146 6.74 -7.99 18.82
N VAL E 147 6.44 -7.85 20.12
CA VAL E 147 5.14 -8.23 20.64
C VAL E 147 4.06 -7.37 20.00
N VAL E 148 3.02 -8.00 19.47
CA VAL E 148 1.93 -7.27 18.86
C VAL E 148 1.04 -6.66 19.94
N ALA E 149 0.34 -5.60 19.59
CA ALA E 149 -0.48 -4.88 20.56
C ALA E 149 -1.60 -5.72 21.16
N PRO E 150 -2.39 -6.49 20.38
CA PRO E 150 -3.47 -7.27 21.00
C PRO E 150 -2.99 -8.29 22.03
N ALA E 151 -1.82 -8.90 21.82
CA ALA E 151 -1.30 -9.82 22.82
C ALA E 151 -0.95 -9.10 24.11
N LEU E 152 -0.35 -7.91 23.99
CA LEU E 152 -0.10 -7.08 25.16
C LEU E 152 -1.41 -6.71 25.85
N ARG E 153 -2.45 -6.42 25.07
CA ARG E 153 -3.76 -6.14 25.65
C ARG E 153 -4.28 -7.33 26.44
N ARG E 154 -4.16 -8.53 25.88
CA ARG E 154 -4.62 -9.73 26.59
C ARG E 154 -3.84 -9.96 27.87
N ALA E 155 -2.53 -9.72 27.83
CA ALA E 155 -1.73 -9.81 29.05
C ALA E 155 -2.21 -8.79 30.09
N LEU E 156 -2.54 -7.58 29.64
CA LEU E 156 -3.09 -6.58 30.55
C LEU E 156 -4.42 -7.05 31.14
N GLU E 157 -5.25 -7.70 30.33
CA GLU E 157 -6.51 -8.25 30.84
C GLU E 157 -6.27 -9.27 31.94
N ASN E 158 -5.32 -10.19 31.71
CA ASN E 158 -5.01 -11.20 32.71
C ASN E 158 -4.47 -10.55 33.98
N ALA E 159 -3.59 -9.57 33.83
CA ALA E 159 -3.05 -8.88 35.00
C ALA E 159 -4.14 -8.17 35.77
N LEU E 160 -5.06 -7.52 35.07
CA LEU E 160 -6.13 -6.78 35.75
C LEU E 160 -7.08 -7.72 36.47
N ILE E 161 -7.44 -8.84 35.84
CA ILE E 161 -8.35 -9.76 36.52
C ILE E 161 -7.68 -10.42 37.71
N HIS E 162 -6.37 -10.70 37.62
CA HIS E 162 -5.67 -11.29 38.77
C HIS E 162 -5.54 -10.28 39.92
N ARG E 163 -5.07 -9.08 39.62
CA ARG E 163 -4.87 -8.08 40.67
C ARG E 163 -6.20 -7.55 41.18
N HIS E 164 -7.15 -7.31 40.27
CA HIS E 164 -8.49 -6.81 40.58
C HIS E 164 -8.42 -5.47 41.32
N PRO E 165 -7.99 -4.39 40.67
CA PRO E 165 -8.05 -3.08 41.32
C PRO E 165 -9.48 -2.56 41.38
N ASP E 166 -9.70 -1.64 42.32
CA ASP E 166 -11.04 -1.09 42.50
C ASP E 166 -11.42 -0.17 41.34
N VAL E 167 -10.49 0.67 40.90
CA VAL E 167 -10.75 1.64 39.83
C VAL E 167 -9.47 1.87 39.05
N PHE E 168 -9.61 2.06 37.73
CA PHE E 168 -8.50 2.39 36.86
C PHE E 168 -8.61 3.86 36.47
N PHE E 169 -7.71 4.68 37.00
CA PHE E 169 -7.73 6.12 36.74
C PHE E 169 -6.94 6.45 35.48
N VAL E 170 -7.54 7.29 34.65
CA VAL E 170 -6.88 7.81 33.45
C VAL E 170 -7.04 9.33 33.47
N ASP E 171 -5.92 10.04 33.54
CA ASP E 171 -5.93 11.50 33.53
C ASP E 171 -5.86 12.02 32.11
N GLU E 172 -6.31 13.26 31.93
CA GLU E 172 -6.49 13.92 30.63
C GLU E 172 -6.97 12.93 29.57
N ALA E 173 -8.13 12.33 29.82
CA ALA E 173 -8.64 11.29 28.93
C ALA E 173 -9.06 11.84 27.57
N GLN E 174 -9.10 13.16 27.41
CA GLN E 174 -9.42 13.73 26.11
C GLN E 174 -8.37 13.42 25.05
N HIS E 175 -7.21 12.92 25.45
CA HIS E 175 -6.20 12.51 24.47
C HIS E 175 -6.65 11.32 23.64
N PHE E 176 -7.69 10.61 24.07
CA PHE E 176 -8.27 9.55 23.25
C PHE E 176 -8.90 10.09 21.97
N GLY E 177 -9.15 11.38 21.91
CA GLY E 177 -9.82 11.99 20.78
C GLY E 177 -8.95 12.34 19.60
N LYS E 178 -7.67 11.98 19.62
CA LYS E 178 -6.75 12.29 18.53
C LYS E 178 -6.80 11.16 17.51
N VAL E 179 -7.68 11.30 16.53
CA VAL E 179 -7.85 10.34 15.45
C VAL E 179 -8.02 11.11 14.14
N ALA E 180 -8.15 10.35 13.05
CA ALA E 180 -8.42 10.94 11.74
C ALA E 180 -9.78 10.60 11.18
N SER E 181 -10.32 9.43 11.50
CA SER E 181 -11.65 9.03 11.05
C SER E 181 -12.69 9.65 11.97
N GLY E 182 -13.78 10.17 11.39
CA GLY E 182 -14.81 10.79 12.19
C GLY E 182 -15.49 9.82 13.13
N TYR E 183 -15.82 8.63 12.63
CA TYR E 183 -16.47 7.61 13.46
C TYR E 183 -15.51 6.94 14.43
N LYS E 184 -14.21 7.22 14.32
CA LYS E 184 -13.23 6.49 15.12
C LYS E 184 -13.35 6.81 16.61
N LEU E 185 -14.04 7.89 16.97
CA LEU E 185 -14.27 8.19 18.38
C LEU E 185 -15.07 7.07 19.04
N GLN E 186 -16.13 6.63 18.36
CA GLN E 186 -16.92 5.52 18.85
C GLN E 186 -16.09 4.26 18.95
N ASP E 187 -15.18 4.05 17.98
CA ASP E 187 -14.31 2.88 18.03
C ASP E 187 -13.38 2.91 19.24
N GLN E 188 -12.80 4.08 19.53
CA GLN E 188 -11.93 4.22 20.69
C GLN E 188 -12.70 3.95 21.98
N LEU E 189 -13.88 4.54 22.10
CA LEU E 189 -14.68 4.34 23.30
C LEU E 189 -15.13 2.89 23.43
N ASP E 190 -15.44 2.24 22.31
CA ASP E 190 -15.82 0.83 22.34
C ASP E 190 -14.66 -0.04 22.76
N CYS E 191 -13.45 0.30 22.32
CA CYS E 191 -12.26 -0.44 22.75
C CYS E 191 -12.07 -0.31 24.26
N LEU E 192 -12.21 0.91 24.78
CA LEU E 192 -12.07 1.10 26.22
C LEU E 192 -13.17 0.36 26.99
N LYS E 193 -14.40 0.41 26.48
CA LYS E 193 -15.51 -0.28 27.12
C LYS E 193 -15.29 -1.80 27.11
N SER E 194 -14.82 -2.32 25.98
CA SER E 194 -14.56 -3.74 25.89
C SER E 194 -13.49 -4.10 26.88
N LEU E 195 -12.41 -3.33 26.91
CA LEU E 195 -11.35 -3.58 27.87
C LEU E 195 -11.95 -3.72 29.26
N ALA E 196 -12.57 -2.66 29.74
CA ALA E 196 -13.17 -2.70 31.08
C ALA E 196 -14.13 -3.86 31.26
N ASN E 197 -14.80 -4.27 30.19
CA ASN E 197 -15.78 -5.35 30.27
C ASN E 197 -15.27 -6.64 30.88
N MET E 198 -14.57 -7.44 30.10
CA MET E 198 -14.10 -8.74 30.54
C MET E 198 -13.22 -8.63 31.79
N THR E 199 -12.56 -7.49 31.97
CA THR E 199 -11.84 -7.24 33.22
C THR E 199 -12.76 -6.91 34.37
N GLY E 200 -13.93 -6.34 34.10
CA GLY E 200 -14.86 -5.97 35.17
C GLY E 200 -14.34 -4.87 36.06
N ILE E 201 -13.46 -4.02 35.54
CA ILE E 201 -12.83 -2.97 36.33
C ILE E 201 -13.42 -1.63 35.91
N LEU E 202 -13.90 -0.87 36.89
CA LEU E 202 -14.50 0.43 36.61
C LEU E 202 -13.41 1.40 36.16
N HIS E 203 -13.57 1.93 34.95
CA HIS E 203 -12.60 2.87 34.38
C HIS E 203 -13.09 4.29 34.61
N CYS E 204 -12.30 5.09 35.32
CA CYS E 204 -12.62 6.48 35.58
C CYS E 204 -11.75 7.37 34.69
N LEU E 205 -12.40 8.25 33.93
CA LEU E 205 -11.72 9.14 33.01
C LEU E 205 -11.88 10.58 33.49
N LEU E 206 -10.76 11.27 33.67
CA LEU E 206 -10.73 12.67 34.08
C LEU E 206 -10.07 13.48 32.97
N GLY E 207 -10.71 14.57 32.56
CA GLY E 207 -10.18 15.40 31.51
C GLY E 207 -10.84 16.76 31.49
N THR E 208 -10.43 17.56 30.51
CA THR E 208 -10.96 18.91 30.35
C THR E 208 -12.35 18.85 29.72
N TYR E 209 -12.91 20.01 29.38
CA TYR E 209 -14.26 20.05 28.82
C TYR E 209 -14.31 19.45 27.42
N GLU E 210 -13.18 19.34 26.73
CA GLU E 210 -13.19 18.70 25.42
C GLU E 210 -13.35 17.19 25.53
N LEU E 211 -13.30 16.65 26.75
CA LEU E 211 -13.64 15.24 26.94
C LEU E 211 -15.10 14.96 26.60
N LEU E 212 -15.93 16.01 26.57
CA LEU E 212 -17.35 15.86 26.30
C LEU E 212 -17.64 15.29 24.92
N THR E 213 -16.63 15.16 24.06
CA THR E 213 -16.84 14.56 22.75
C THR E 213 -17.29 13.10 22.84
N PHE E 214 -16.98 12.42 23.94
CA PHE E 214 -17.39 11.03 24.15
C PHE E 214 -18.49 10.90 25.20
N ARG E 215 -19.26 11.97 25.43
CA ARG E 215 -20.21 11.99 26.54
C ARG E 215 -21.28 10.91 26.41
N ASN E 216 -22.14 11.04 25.42
CA ASN E 216 -23.20 10.06 25.13
C ASN E 216 -23.16 9.66 23.66
N LEU E 217 -21.95 9.32 23.18
CA LEU E 217 -21.77 9.03 21.76
C LEU E 217 -22.51 7.79 21.29
N SER E 218 -22.96 6.92 22.20
CA SER E 218 -23.80 5.79 21.81
C SER E 218 -24.56 5.30 23.03
N GLY E 219 -25.65 4.58 22.78
CA GLY E 219 -26.52 4.15 23.86
C GLY E 219 -25.84 3.18 24.82
N GLN E 220 -25.08 2.23 24.27
CA GLN E 220 -24.40 1.25 25.12
C GLN E 220 -23.43 1.93 26.06
N LEU E 221 -22.65 2.90 25.56
CA LEU E 221 -21.77 3.66 26.43
C LEU E 221 -22.54 4.65 27.28
N SER E 222 -23.69 5.13 26.78
CA SER E 222 -24.49 6.08 27.54
C SER E 222 -25.02 5.44 28.83
N ARG E 223 -25.56 4.23 28.75
CA ARG E 223 -26.06 3.56 29.95
C ARG E 223 -24.92 3.21 30.89
N ARG E 224 -23.86 2.61 30.36
CA ARG E 224 -22.80 2.03 31.18
C ARG E 224 -21.84 3.07 31.74
N SER E 225 -22.18 4.36 31.65
CA SER E 225 -21.34 5.41 32.17
C SER E 225 -22.19 6.41 32.95
N VAL E 226 -21.66 6.86 34.08
CA VAL E 226 -22.23 7.96 34.84
C VAL E 226 -21.23 9.11 34.81
N ASP E 227 -21.74 10.33 34.89
CA ASP E 227 -20.93 11.53 34.72
C ASP E 227 -20.95 12.37 35.98
N ILE E 228 -19.77 12.81 36.40
CA ILE E 228 -19.62 13.69 37.54
C ILE E 228 -19.05 15.01 37.05
N HIS E 229 -19.72 16.12 37.39
CA HIS E 229 -19.34 17.44 36.91
C HIS E 229 -18.53 18.13 38.01
N PHE E 230 -17.30 18.50 37.68
CA PHE E 230 -16.45 19.27 38.59
C PHE E 230 -16.63 20.75 38.29
N ARG E 231 -17.80 21.26 38.68
CA ARG E 231 -18.18 22.62 38.35
C ARG E 231 -17.26 23.62 39.04
N ARG E 232 -16.94 24.70 38.33
CA ARG E 232 -16.21 25.81 38.91
C ARG E 232 -17.15 26.69 39.73
N TYR E 233 -16.64 27.83 40.19
CA TYR E 233 -17.43 28.78 40.94
C TYR E 233 -17.92 29.88 40.00
N CYS E 234 -19.23 30.08 39.95
CA CYS E 234 -19.84 31.05 39.06
C CYS E 234 -19.90 32.41 39.73
N ALA E 235 -20.65 33.34 39.15
CA ALA E 235 -20.86 34.67 39.70
C ALA E 235 -22.33 35.02 39.89
N ASP E 236 -23.23 34.51 39.05
CA ASP E 236 -24.64 34.83 39.19
C ASP E 236 -25.20 34.33 40.51
N SER E 237 -24.86 33.11 40.89
CA SER E 237 -25.35 32.55 42.15
C SER E 237 -24.53 33.10 43.32
N PRO E 238 -25.14 33.75 44.30
CA PRO E 238 -24.36 34.26 45.43
C PRO E 238 -23.73 33.17 46.28
N GLU E 239 -24.24 31.94 46.21
CA GLU E 239 -23.72 30.88 47.07
C GLU E 239 -22.28 30.52 46.71
N ASP E 240 -22.01 30.29 45.43
CA ASP E 240 -20.64 29.99 45.01
C ASP E 240 -19.74 31.19 45.20
N VAL E 241 -20.30 32.41 45.10
CA VAL E 241 -19.51 33.60 45.37
C VAL E 241 -19.06 33.62 46.83
N GLN E 242 -19.96 33.32 47.75
CA GLN E 242 -19.59 33.25 49.16
C GLN E 242 -18.58 32.13 49.41
N ALA E 243 -18.74 31.00 48.72
CA ALA E 243 -17.77 29.92 48.84
C ALA E 243 -16.39 30.37 48.39
N PHE E 244 -16.32 31.10 47.27
CA PHE E 244 -15.05 31.62 46.80
C PHE E 244 -14.46 32.62 47.79
N LYS E 245 -15.31 33.45 48.39
CA LYS E 245 -14.85 34.39 49.42
C LYS E 245 -14.24 33.63 50.59
N SER E 246 -14.90 32.56 51.04
CA SER E 246 -14.38 31.78 52.15
C SER E 246 -13.05 31.11 51.79
N VAL E 247 -12.93 30.61 50.56
CA VAL E 247 -11.68 30.02 50.12
C VAL E 247 -10.56 31.06 50.13
N LEU E 248 -10.86 32.26 49.64
CA LEU E 248 -9.87 33.34 49.64
C LEU E 248 -9.46 33.71 51.06
N LEU E 249 -10.42 33.78 51.99
CA LEU E 249 -10.09 34.08 53.38
C LEU E 249 -9.21 33.00 53.98
N THR E 250 -9.51 31.73 53.71
CA THR E 250 -8.67 30.65 54.24
C THR E 250 -7.27 30.73 53.67
N PHE E 251 -7.15 31.00 52.37
CA PHE E 251 -5.83 31.11 51.75
C PHE E 251 -5.04 32.27 52.34
N GLN E 252 -5.68 33.42 52.54
CA GLN E 252 -4.98 34.57 53.10
C GLN E 252 -4.62 34.35 54.57
N GLN E 253 -5.41 33.54 55.29
CA GLN E 253 -5.04 33.20 56.65
C GLN E 253 -3.90 32.20 56.69
N HIS E 254 -3.78 31.35 55.67
CA HIS E 254 -2.73 30.33 55.63
C HIS E 254 -1.48 30.78 54.88
N LEU E 255 -1.42 32.03 54.45
CA LEU E 255 -0.22 32.53 53.79
C LEU E 255 0.91 32.71 54.80
N PRO E 256 2.06 32.08 54.61
CA PRO E 256 3.17 32.26 55.57
C PRO E 256 3.83 33.62 55.45
N LEU E 257 3.13 34.66 55.90
CA LEU E 257 3.64 36.03 55.85
C LEU E 257 3.44 36.69 57.20
N ALA E 258 4.28 37.70 57.48
CA ALA E 258 4.18 38.42 58.74
C ALA E 258 2.85 39.15 58.85
N GLU E 259 2.40 39.76 57.77
CA GLU E 259 1.13 40.48 57.73
C GLU E 259 0.19 39.72 56.81
N THR E 260 -1.01 39.44 57.29
CA THR E 260 -1.99 38.72 56.49
C THR E 260 -2.68 39.67 55.52
N PRO E 261 -2.43 39.57 54.23
CA PRO E 261 -3.01 40.54 53.28
C PRO E 261 -4.51 40.39 53.18
N ASN E 262 -5.15 41.50 52.82
CA ASN E 262 -6.60 41.54 52.63
C ASN E 262 -6.83 41.12 51.18
N LEU E 263 -7.23 39.87 50.99
CA LEU E 263 -7.62 39.36 49.68
C LEU E 263 -9.12 39.46 49.44
N VAL E 264 -9.89 39.89 50.44
CA VAL E 264 -11.34 39.94 50.31
C VAL E 264 -11.79 41.14 49.49
N ASP E 265 -10.99 42.21 49.41
CA ASP E 265 -11.39 43.39 48.66
C ASP E 265 -11.36 43.12 47.15
N HIS E 266 -10.24 42.57 46.67
CA HIS E 266 -10.12 42.28 45.24
C HIS E 266 -10.54 40.85 44.92
N TRP E 267 -11.73 40.46 45.41
CA TRP E 267 -12.27 39.16 45.02
C TRP E 267 -12.71 39.16 43.56
N GLU E 268 -13.18 40.31 43.06
CA GLU E 268 -13.53 40.42 41.66
C GLU E 268 -12.30 40.21 40.79
N TYR E 269 -11.16 40.77 41.19
CA TYR E 269 -9.93 40.60 40.43
C TYR E 269 -9.47 39.14 40.41
N PHE E 270 -9.51 38.48 41.57
CA PHE E 270 -9.11 37.07 41.63
C PHE E 270 -10.05 36.21 40.80
N TYR E 271 -11.35 36.47 40.88
CA TYR E 271 -12.29 35.71 40.05
C TYR E 271 -12.08 35.99 38.56
N GLU E 272 -11.74 37.23 38.20
CA GLU E 272 -11.49 37.57 36.81
C GLU E 272 -10.28 36.82 36.28
N ARG E 273 -9.24 36.67 37.09
CA ARG E 273 -8.09 35.89 36.66
C ARG E 273 -8.26 34.40 36.90
N THR E 274 -8.34 33.98 38.17
CA THR E 274 -8.45 32.56 38.50
C THR E 274 -9.72 31.91 37.96
N LEU E 275 -10.67 32.72 37.51
CA LEU E 275 -11.94 32.18 37.02
C LEU E 275 -12.55 31.24 38.05
N GLY E 276 -12.38 31.54 39.32
CA GLY E 276 -12.92 30.71 40.37
C GLY E 276 -12.16 29.41 40.57
N CYS E 277 -11.48 28.94 39.53
CA CYS E 277 -10.76 27.67 39.64
C CYS E 277 -9.84 27.71 40.84
N ILE E 278 -9.99 26.74 41.74
CA ILE E 278 -9.20 26.74 42.97
C ILE E 278 -7.73 26.45 42.66
N GLY E 279 -7.47 25.56 41.71
CA GLY E 279 -6.09 25.24 41.37
C GLY E 279 -5.35 26.42 40.75
N THR E 280 -6.00 27.15 39.85
CA THR E 280 -5.38 28.32 39.25
C THR E 280 -5.10 29.39 40.30
N LEU E 281 -6.05 29.59 41.22
CA LEU E 281 -5.83 30.54 42.31
C LEU E 281 -4.67 30.10 43.19
N LYS E 282 -4.57 28.80 43.47
CA LYS E 282 -3.48 28.29 44.27
C LYS E 282 -2.13 28.52 43.59
N ASP E 283 -2.06 28.27 42.28
CA ASP E 283 -0.80 28.51 41.57
C ASP E 283 -0.46 30.00 41.55
N TRP E 284 -1.45 30.85 41.35
CA TRP E 284 -1.22 32.29 41.38
C TRP E 284 -0.67 32.72 42.74
N LEU E 285 -1.29 32.24 43.81
CA LEU E 285 -0.84 32.58 45.15
C LEU E 285 0.55 32.02 45.42
N LYS E 286 0.85 30.84 44.87
CA LYS E 286 2.19 30.27 45.00
C LYS E 286 3.23 31.17 44.35
N ARG E 287 2.96 31.63 43.12
CA ARG E 287 3.90 32.52 42.44
C ARG E 287 4.09 33.82 43.23
N VAL E 288 2.98 34.40 43.70
CA VAL E 288 3.06 35.67 44.41
C VAL E 288 3.81 35.50 45.73
N LEU E 289 3.57 34.40 46.45
CA LEU E 289 4.28 34.15 47.69
C LEU E 289 5.76 33.92 47.45
N SER E 290 6.11 33.22 46.37
CA SER E 290 7.52 33.03 46.05
C SER E 290 8.20 34.37 45.77
N ASP E 291 7.54 35.25 45.01
CA ASP E 291 8.11 36.56 44.75
C ASP E 291 8.24 37.36 46.04
N ALA E 292 7.23 37.31 46.90
CA ALA E 292 7.28 38.05 48.16
C ALA E 292 8.42 37.55 49.05
N LEU E 293 8.61 36.23 49.11
CA LEU E 293 9.72 35.69 49.87
C LEU E 293 11.07 36.07 49.27
N ASP E 294 11.14 36.16 47.94
CA ASP E 294 12.36 36.65 47.31
C ASP E 294 12.66 38.09 47.72
N ARG E 295 11.63 38.94 47.73
CA ARG E 295 11.78 40.32 48.19
C ARG E 295 11.71 40.45 49.71
N GLU E 296 11.40 39.36 50.42
CA GLU E 296 11.29 39.36 51.88
C GLU E 296 10.25 40.36 52.37
N ALA E 297 9.27 40.69 51.52
CA ALA E 297 8.25 41.65 51.88
C ALA E 297 7.18 41.01 52.75
N THR E 298 6.84 41.66 53.86
CA THR E 298 5.90 41.04 54.79
C THR E 298 4.46 41.08 54.30
N THR E 299 4.28 41.30 53.00
CA THR E 299 2.93 41.43 52.49
C THR E 299 2.83 41.20 50.99
N ILE E 300 1.60 41.05 50.51
CA ILE E 300 1.39 40.89 49.08
C ILE E 300 0.72 42.13 48.53
N THR E 301 1.47 42.93 47.79
CA THR E 301 0.92 44.14 47.22
C THR E 301 0.12 43.80 45.97
N LEU E 302 -0.89 44.61 45.67
CA LEU E 302 -1.72 44.35 44.51
C LEU E 302 -0.86 44.14 43.28
N LYS E 303 -0.03 45.12 42.94
CA LYS E 303 0.78 44.99 41.74
C LYS E 303 1.50 43.66 41.66
N ASP E 304 1.81 43.05 42.82
CA ASP E 304 2.44 41.74 42.81
C ASP E 304 1.54 40.69 42.18
N LEU E 305 0.23 40.78 42.44
CA LEU E 305 -0.71 39.88 41.80
C LEU E 305 -0.71 40.07 40.28
N GLN E 306 -0.62 41.32 39.83
CA GLN E 306 -0.59 41.59 38.39
C GLN E 306 0.68 41.08 37.75
N LYS E 307 1.75 40.92 38.54
CA LYS E 307 3.01 40.45 37.98
C LYS E 307 2.91 39.00 37.54
N ARG E 308 2.29 38.15 38.36
CA ARG E 308 2.16 36.73 38.08
C ARG E 308 0.75 36.32 37.72
N ALA E 309 -0.09 37.27 37.29
CA ALA E 309 -1.42 36.94 36.83
C ALA E 309 -1.34 36.32 35.43
N LEU E 310 -2.51 36.07 34.85
CA LEU E 310 -2.61 35.51 33.50
C LEU E 310 -3.10 36.59 32.54
N SER E 311 -2.61 36.52 31.31
CA SER E 311 -3.02 37.47 30.29
C SER E 311 -4.52 37.37 30.03
N VAL E 312 -5.14 38.52 29.75
CA VAL E 312 -6.57 38.54 29.48
C VAL E 312 -6.89 37.69 28.26
N ALA E 313 -5.94 37.59 27.32
CA ALA E 313 -6.12 36.70 26.19
C ALA E 313 -6.21 35.25 26.64
N GLN E 314 -5.35 34.86 27.59
CA GLN E 314 -5.44 33.52 28.16
C GLN E 314 -6.77 33.32 28.88
N CYS E 315 -7.15 34.28 29.73
CA CYS E 315 -8.37 34.15 30.50
C CYS E 315 -9.61 34.13 29.60
N GLN E 316 -9.60 34.93 28.54
CA GLN E 316 -10.71 34.92 27.60
C GLN E 316 -10.84 33.57 26.91
N LYS E 317 -9.70 32.95 26.57
CA LYS E 317 -9.76 31.62 25.95
C LYS E 317 -10.24 30.59 26.96
N MET E 318 -9.89 30.76 28.24
CA MET E 318 -10.41 29.90 29.29
C MET E 318 -11.94 29.93 29.29
N PHE E 319 -12.52 31.11 29.50
CA PHE E 319 -13.96 31.22 29.64
C PHE E 319 -14.68 30.89 28.35
N LYS E 320 -14.02 31.06 27.20
CA LYS E 320 -14.64 30.74 25.92
C LYS E 320 -14.98 29.25 25.83
N GLU E 321 -14.07 28.40 26.30
CA GLU E 321 -14.31 26.96 26.25
C GLU E 321 -15.12 26.49 27.46
N ILE E 322 -15.07 27.25 28.56
CA ILE E 322 -15.82 26.86 29.76
C ILE E 322 -17.32 27.04 29.52
N GLN E 323 -17.73 28.20 28.99
CA GLN E 323 -19.15 28.44 28.76
C GLN E 323 -19.68 27.55 27.65
N GLU E 324 -18.84 27.24 26.66
CA GLU E 324 -19.27 26.37 25.56
C GLU E 324 -19.61 24.98 26.06
N GLY E 325 -18.80 24.43 26.98
CA GLY E 325 -19.07 23.11 27.50
C GLY E 325 -20.18 23.08 28.53
N GLU E 326 -20.36 24.18 29.27
CA GLU E 326 -21.38 24.19 30.33
C GLU E 326 -22.79 24.05 29.77
N ARG E 327 -23.08 24.73 28.66
CA ARG E 327 -24.41 24.60 28.07
C ARG E 327 -24.66 23.18 27.57
N GLN E 328 -23.62 22.50 27.10
CA GLN E 328 -23.77 21.09 26.75
C GLN E 328 -24.05 20.25 27.98
N LEU E 329 -23.45 20.60 29.12
CA LEU E 329 -23.61 19.85 30.36
C LEU E 329 -24.71 20.43 31.25
N SER E 330 -25.67 21.11 30.66
CA SER E 330 -26.77 21.71 31.41
C SER E 330 -28.04 20.90 31.22
N GLU E 331 -28.67 20.52 32.33
CA GLU E 331 -29.90 19.75 32.32
C GLU E 331 -31.01 20.61 32.92
N THR E 332 -32.09 20.80 32.17
CA THR E 332 -33.21 21.62 32.58
C THR E 332 -34.48 20.78 32.61
N GLU E 333 -35.52 21.33 33.26
CA GLU E 333 -36.81 20.65 33.28
C GLU E 333 -37.43 20.58 31.90
N ALA E 334 -37.05 21.49 31.00
CA ALA E 334 -37.54 21.42 29.62
C ALA E 334 -37.07 20.14 28.95
N ASP E 335 -35.83 19.73 29.20
CA ASP E 335 -35.31 18.49 28.64
C ASP E 335 -35.99 17.27 29.26
N VAL E 336 -36.70 17.44 30.38
CA VAL E 336 -37.39 16.31 30.99
C VAL E 336 -38.72 16.07 30.30
N GLN E 337 -39.46 17.14 29.98
CA GLN E 337 -40.82 17.00 29.47
C GLN E 337 -40.84 16.26 28.14
N ASN E 338 -39.98 16.64 27.19
CA ASN E 338 -39.96 15.96 25.91
C ASN E 338 -39.55 14.51 26.06
N LEU E 339 -38.60 14.23 26.96
CA LEU E 339 -38.23 12.85 27.26
C LEU E 339 -39.43 12.08 27.79
N ARG E 340 -40.20 12.69 28.69
CA ARG E 340 -41.46 12.10 29.11
C ARG E 340 -42.45 12.04 27.96
N SER E 341 -42.49 13.07 27.12
CA SER E 341 -43.41 13.09 26.00
C SER E 341 -43.01 12.07 24.94
N ALA E 342 -41.72 11.98 24.63
CA ALA E 342 -41.27 11.05 23.60
C ALA E 342 -41.54 9.60 24.00
N LEU E 343 -41.31 9.27 25.26
CA LEU E 343 -41.62 7.93 25.77
C LEU E 343 -43.11 7.66 25.84
N GLY E 344 -43.95 8.68 25.70
CA GLY E 344 -45.37 8.55 25.96
C GLY E 344 -45.74 8.58 27.42
N LEU E 345 -44.77 8.77 28.32
CA LEU E 345 -45.02 8.81 29.75
C LEU E 345 -45.74 10.06 30.20
N GLY E 346 -45.78 11.11 29.36
CA GLY E 346 -46.45 12.33 29.73
C GLY E 346 -47.92 12.10 30.07
N SER F 4 37.16 54.01 33.93
CA SER F 4 36.53 54.61 32.76
C SER F 4 35.30 53.81 32.33
N THR F 5 34.30 54.52 31.80
CA THR F 5 33.09 53.89 31.30
C THR F 5 33.24 53.34 29.89
N GLY F 6 34.38 53.56 29.24
CA GLY F 6 34.63 53.10 27.90
C GLY F 6 35.51 51.87 27.84
N PHE F 7 35.90 51.52 26.62
CA PHE F 7 36.73 50.34 26.41
C PHE F 7 38.13 50.56 26.96
N PRO F 8 38.85 49.49 27.28
CA PRO F 8 40.24 49.65 27.73
C PRO F 8 41.10 50.28 26.64
N LEU F 9 41.76 51.38 27.00
CA LEU F 9 42.60 52.10 26.06
C LEU F 9 43.87 51.34 25.71
N GLU F 10 44.18 50.25 26.41
CA GLU F 10 45.32 49.42 26.07
C GLU F 10 45.11 48.65 24.79
N LEU F 11 43.86 48.50 24.33
CA LEU F 11 43.56 47.67 23.17
C LEU F 11 44.18 48.23 21.89
N LEU F 12 44.47 49.54 21.85
CA LEU F 12 45.02 50.13 20.64
C LEU F 12 46.38 49.54 20.30
N THR F 13 47.14 49.11 21.30
CA THR F 13 48.41 48.44 21.03
C THR F 13 48.21 47.01 20.54
N ARG F 14 47.08 46.40 20.90
CA ARG F 14 46.81 45.03 20.50
C ARG F 14 46.47 44.95 19.01
N PRO F 15 46.70 43.78 18.39
CA PRO F 15 46.36 43.62 16.97
C PRO F 15 44.86 43.58 16.71
N ALA F 16 44.49 43.37 15.46
CA ALA F 16 43.08 43.42 15.06
C ALA F 16 42.26 42.30 15.71
N THR F 17 42.81 41.10 15.79
CA THR F 17 42.04 39.95 16.27
C THR F 17 41.62 40.14 17.72
N GLU F 18 42.52 40.66 18.56
CA GLU F 18 42.17 40.87 19.96
C GLU F 18 41.05 41.88 20.12
N ARG F 19 41.11 42.99 19.38
CA ARG F 19 40.06 43.99 19.47
C ARG F 19 38.73 43.44 18.96
N LEU F 20 38.76 42.69 17.87
CA LEU F 20 37.54 42.09 17.34
C LEU F 20 36.94 41.12 18.35
N ALA F 21 37.76 40.29 18.99
CA ALA F 21 37.27 39.34 19.98
C ALA F 21 36.70 40.08 21.19
N TYR F 22 37.36 41.14 21.64
CA TYR F 22 36.85 41.91 22.77
C TYR F 22 35.50 42.51 22.46
N PHE F 23 35.34 43.09 21.26
CA PHE F 23 34.05 43.68 20.91
C PHE F 23 32.98 42.61 20.77
N GLU F 24 33.33 41.44 20.23
CA GLU F 24 32.35 40.38 20.06
C GLU F 24 31.88 39.85 21.41
N ASN F 25 32.80 39.68 22.37
CA ASN F 25 32.47 39.10 23.65
C ASN F 25 31.74 40.06 24.59
N TYR F 26 31.66 41.35 24.24
CA TYR F 26 30.99 42.31 25.11
C TYR F 26 29.49 42.07 25.10
N THR F 27 28.90 41.99 26.29
CA THR F 27 27.46 41.93 26.46
C THR F 27 27.00 43.20 27.18
N VAL F 28 26.11 43.95 26.54
CA VAL F 28 25.59 45.19 27.11
C VAL F 28 24.29 44.89 27.84
N ALA F 29 24.01 45.68 28.87
CA ALA F 29 22.80 45.54 29.67
C ALA F 29 21.87 46.71 29.39
N HIS F 30 20.65 46.41 28.97
CA HIS F 30 19.65 47.41 28.65
C HIS F 30 18.34 47.05 29.34
N PRO F 31 17.48 48.05 29.61
CA PRO F 31 16.31 47.80 30.47
C PRO F 31 15.40 46.68 29.99
N ARG F 32 15.16 46.57 28.68
CA ARG F 32 14.27 45.52 28.19
C ARG F 32 14.84 44.14 28.45
N LEU F 33 16.13 43.94 28.14
CA LEU F 33 16.77 42.67 28.43
C LEU F 33 16.77 42.40 29.94
N LYS F 34 17.03 43.42 30.74
CA LYS F 34 17.05 43.23 32.19
C LYS F 34 15.69 42.78 32.71
N GLU F 35 14.61 43.44 32.29
CA GLU F 35 13.30 43.09 32.80
C GLU F 35 12.87 41.70 32.31
N VAL F 36 13.15 41.39 31.04
CA VAL F 36 12.80 40.08 30.51
C VAL F 36 13.57 38.99 31.24
N TYR F 37 14.86 39.22 31.49
CA TYR F 37 15.67 38.26 32.21
C TYR F 37 15.18 38.06 33.63
N GLU F 38 14.79 39.14 34.31
CA GLU F 38 14.26 39.02 35.66
C GLU F 38 12.95 38.23 35.68
N ILE F 39 12.05 38.51 34.73
CA ILE F 39 10.79 37.77 34.67
C ILE F 39 11.05 36.29 34.39
N LEU F 40 12.00 36.00 33.50
CA LEU F 40 12.29 34.61 33.19
C LEU F 40 12.92 33.89 34.38
N MET F 41 13.81 34.56 35.10
CA MET F 41 14.34 34.00 36.34
C MET F 41 13.24 33.71 37.35
N ARG F 42 12.29 34.64 37.48
CA ARG F 42 11.22 34.43 38.46
C ARG F 42 10.32 33.27 38.06
N THR F 43 10.01 33.13 36.77
CA THR F 43 9.11 32.07 36.35
C THR F 43 9.82 30.72 36.32
N ILE F 44 11.15 30.72 36.22
CA ILE F 44 11.88 29.45 36.28
C ILE F 44 12.19 29.04 37.72
N ALA F 45 12.27 30.01 38.64
CA ALA F 45 12.50 29.67 40.04
C ALA F 45 11.37 28.80 40.58
N GLU F 46 10.12 29.15 40.28
CA GLU F 46 9.00 28.29 40.61
C GLU F 46 8.00 28.27 39.45
N PRO F 47 7.73 27.11 38.87
CA PRO F 47 6.73 27.05 37.78
C PRO F 47 5.30 27.20 38.28
N ALA F 48 4.97 26.58 39.42
CA ALA F 48 3.64 26.64 40.01
C ALA F 48 2.58 26.13 39.03
N GLY F 49 2.70 24.85 38.68
CA GLY F 49 1.76 24.23 37.77
C GLY F 49 1.81 24.76 36.35
N ALA F 50 3.00 25.11 35.87
CA ALA F 50 3.19 25.56 34.50
C ALA F 50 4.26 24.72 33.83
N SER F 51 4.02 24.36 32.58
CA SER F 51 4.93 23.51 31.83
C SER F 51 5.58 24.21 30.64
N PHE F 52 5.11 25.39 30.26
CA PHE F 52 5.64 26.09 29.10
C PHE F 52 5.96 27.53 29.46
N ILE F 53 7.08 28.03 28.94
CA ILE F 53 7.40 29.45 28.94
C ILE F 53 7.61 29.86 27.49
N PHE F 54 6.69 30.68 26.97
CA PHE F 54 6.75 31.16 25.60
C PHE F 54 7.44 32.51 25.61
N VAL F 55 8.61 32.58 24.98
CA VAL F 55 9.40 33.80 24.90
C VAL F 55 9.35 34.28 23.47
N TYR F 56 8.39 35.15 23.16
CA TYR F 56 8.31 35.80 21.85
C TYR F 56 9.36 36.90 21.77
N GLY F 57 10.08 36.95 20.66
CA GLY F 57 11.06 37.99 20.42
C GLY F 57 11.39 38.13 18.95
N ALA F 58 11.50 39.36 18.47
CA ALA F 58 11.76 39.59 17.04
C ALA F 58 13.16 39.18 16.61
N SER F 59 13.44 39.30 15.31
CA SER F 59 14.75 38.90 14.80
C SER F 59 15.84 39.90 15.12
N GLY F 60 16.48 39.74 16.27
CA GLY F 60 17.56 40.62 16.67
C GLY F 60 17.36 41.11 18.08
N VAL F 61 16.55 40.39 18.85
CA VAL F 61 16.24 40.84 20.19
C VAL F 61 17.12 40.26 21.29
N GLY F 62 17.91 39.23 21.00
CA GLY F 62 18.68 38.70 22.09
C GLY F 62 18.14 37.44 22.74
N LYS F 63 17.35 36.64 22.01
CA LYS F 63 16.78 35.44 22.60
C LYS F 63 17.86 34.42 22.94
N THR F 64 18.76 34.15 21.98
CA THR F 64 19.77 33.12 22.19
C THR F 64 20.79 33.55 23.25
N THR F 65 21.19 34.83 23.25
CA THR F 65 22.14 35.28 24.26
C THR F 65 21.48 35.32 25.64
N LEU F 66 20.18 35.63 25.70
CA LEU F 66 19.46 35.52 26.96
C LEU F 66 19.42 34.09 27.45
N ARG F 67 19.20 33.14 26.53
CA ARG F 67 19.23 31.73 26.91
C ARG F 67 20.59 31.32 27.43
N LEU F 68 21.66 31.78 26.79
CA LEU F 68 23.01 31.47 27.25
C LEU F 68 23.27 32.06 28.63
N ARG F 69 22.84 33.32 28.84
CA ARG F 69 23.04 33.98 30.12
C ARG F 69 22.30 33.26 31.23
N VAL F 70 21.04 32.90 30.99
CA VAL F 70 20.26 32.22 32.02
C VAL F 70 20.80 30.81 32.24
N GLU F 71 21.32 30.16 31.20
CA GLU F 71 21.96 28.87 31.37
C GLU F 71 23.19 28.97 32.27
N GLN F 72 24.01 29.99 32.03
CA GLN F 72 25.20 30.19 32.87
C GLN F 72 24.81 30.50 34.31
N LYS F 73 23.79 31.35 34.50
CA LYS F 73 23.38 31.69 35.86
C LYS F 73 22.79 30.48 36.58
N LEU F 74 21.99 29.68 35.88
CA LEU F 74 21.43 28.48 36.48
C LEU F 74 22.53 27.50 36.87
N THR F 75 23.52 27.32 35.99
CA THR F 75 24.64 26.44 36.32
C THR F 75 25.41 26.95 37.53
N GLU F 76 25.65 28.27 37.59
CA GLU F 76 26.36 28.84 38.73
C GLU F 76 25.58 28.65 40.03
N LEU F 77 24.26 28.88 39.98
CA LEU F 77 23.45 28.72 41.18
C LEU F 77 23.36 27.27 41.61
N ALA F 78 23.39 26.34 40.65
CA ALA F 78 23.34 24.92 40.97
C ALA F 78 24.69 24.36 41.38
N LEU F 79 25.78 25.08 41.09
CA LEU F 79 27.13 24.58 41.36
C LEU F 79 27.38 24.15 42.80
N PRO F 80 27.09 24.96 43.84
CA PRO F 80 27.53 24.54 45.18
C PRO F 80 26.76 23.34 45.73
N LYS F 81 25.48 23.19 45.38
CA LYS F 81 24.77 21.97 45.72
C LYS F 81 25.11 20.82 44.77
N LEU F 82 25.58 21.12 43.56
CA LEU F 82 26.04 20.06 42.66
C LEU F 82 27.25 19.33 43.24
N GLU F 83 28.10 20.03 43.96
CA GLU F 83 29.20 19.37 44.65
C GLU F 83 28.69 18.38 45.69
N SER F 84 27.50 18.64 46.25
CA SER F 84 26.89 17.76 47.24
C SER F 84 25.89 16.80 46.64
N ASP F 85 25.15 17.21 45.61
CA ASP F 85 24.10 16.40 45.01
C ASP F 85 24.49 16.03 43.58
N ARG F 86 24.37 14.76 43.25
CA ARG F 86 24.64 14.25 41.91
C ARG F 86 23.33 13.75 41.28
N ALA F 87 23.46 13.16 40.09
CA ALA F 87 22.31 12.68 39.31
C ALA F 87 21.34 13.83 39.03
N ARG F 88 21.90 15.01 38.77
CA ARG F 88 21.08 16.19 38.53
C ARG F 88 21.83 17.14 37.61
N VAL F 89 21.18 17.56 36.53
CA VAL F 89 21.73 18.57 35.64
C VAL F 89 20.97 19.87 35.89
N PRO F 90 21.64 21.02 35.87
CA PRO F 90 20.94 22.28 36.13
C PRO F 90 19.93 22.63 35.05
N VAL F 91 20.36 22.55 33.79
CA VAL F 91 19.58 23.02 32.65
C VAL F 91 20.05 22.30 31.40
N VAL F 92 19.08 21.93 30.54
CA VAL F 92 19.37 21.30 29.26
C VAL F 92 18.89 22.25 28.17
N GLY F 93 19.77 22.59 27.25
CA GLY F 93 19.47 23.54 26.19
C GLY F 93 19.55 22.90 24.82
N ILE F 94 18.45 22.96 24.08
CA ILE F 94 18.35 22.36 22.76
C ILE F 94 17.69 23.38 21.82
N GLU F 95 17.86 23.18 20.52
CA GLU F 95 17.21 23.98 19.50
C GLU F 95 16.41 23.09 18.57
N ALA F 96 15.20 23.54 18.23
CA ALA F 96 14.34 22.78 17.34
C ALA F 96 14.92 22.73 15.94
N ILE F 97 14.66 21.64 15.23
CA ILE F 97 15.23 21.39 13.91
C ILE F 97 14.13 21.55 12.87
N ALA F 98 14.38 22.37 11.87
CA ALA F 98 13.46 22.48 10.75
C ALA F 98 13.53 21.22 9.91
N PRO F 99 12.45 20.48 9.74
CA PRO F 99 12.53 19.19 9.04
C PRO F 99 12.63 19.37 7.53
N GLU F 100 13.29 18.40 6.89
CA GLU F 100 13.37 18.40 5.43
C GLU F 100 12.00 18.13 4.82
N SER F 101 11.21 17.25 5.43
CA SER F 101 9.90 16.90 4.91
C SER F 101 8.88 17.96 5.32
N ARG F 102 7.60 17.68 5.06
CA ARG F 102 6.55 18.65 5.36
C ARG F 102 6.25 18.74 6.86
N TYR F 103 6.34 17.62 7.58
CA TYR F 103 5.98 17.58 8.99
C TYR F 103 7.21 17.53 9.88
N PHE F 104 7.04 18.02 11.10
CA PHE F 104 8.12 17.96 12.08
C PHE F 104 8.38 16.51 12.47
N ASN F 105 9.65 16.16 12.59
CA ASN F 105 10.06 14.78 12.88
C ASN F 105 10.32 14.67 14.37
N TRP F 106 9.43 13.98 15.08
CA TRP F 106 9.57 13.85 16.53
C TRP F 106 10.64 12.85 16.93
N LYS F 107 10.92 11.85 16.08
CA LYS F 107 11.95 10.87 16.40
C LYS F 107 13.33 11.52 16.51
N GLU F 108 13.66 12.39 15.56
CA GLU F 108 14.94 13.09 15.62
C GLU F 108 14.99 14.04 16.82
N TYR F 109 13.87 14.70 17.11
CA TYR F 109 13.82 15.57 18.28
C TYR F 109 14.10 14.77 19.56
N TYR F 110 13.47 13.61 19.70
CA TYR F 110 13.66 12.81 20.91
C TYR F 110 15.10 12.31 21.01
N THR F 111 15.65 11.79 19.90
CA THR F 111 16.99 11.23 19.97
C THR F 111 18.03 12.32 20.21
N ARG F 112 17.85 13.51 19.62
CA ARG F 112 18.81 14.58 19.86
C ARG F 112 18.64 15.18 21.24
N ALA F 113 17.42 15.19 21.78
CA ALA F 113 17.24 15.61 23.16
C ALA F 113 17.97 14.66 24.11
N LEU F 114 17.86 13.36 23.86
CA LEU F 114 18.61 12.39 24.66
C LEU F 114 20.11 12.59 24.51
N ILE F 115 20.56 12.90 23.28
CA ILE F 115 21.98 13.11 23.05
C ILE F 115 22.49 14.31 23.84
N THR F 116 21.80 15.44 23.73
CA THR F 116 22.26 16.67 24.37
C THR F 116 22.15 16.58 25.89
N LEU F 117 21.05 16.01 26.40
CA LEU F 117 20.90 15.89 27.84
C LEU F 117 21.94 14.94 28.43
N GLU F 118 22.27 13.86 27.71
CA GLU F 118 23.15 12.82 28.22
C GLU F 118 24.58 13.08 27.75
N GLU F 119 25.20 14.09 28.36
CA GLU F 119 26.65 14.29 28.25
C GLU F 119 27.28 14.60 29.61
N PRO F 120 27.06 13.75 30.63
CA PRO F 120 27.76 13.94 31.90
C PRO F 120 29.06 13.15 31.94
N LEU F 121 29.73 13.14 33.09
CA LEU F 121 30.90 12.29 33.25
C LEU F 121 30.50 10.82 33.21
N ILE F 122 31.44 9.97 32.79
CA ILE F 122 31.14 8.57 32.49
C ILE F 122 30.64 7.80 33.70
N ASP F 123 30.87 8.31 34.92
CA ASP F 123 30.44 7.61 36.12
C ASP F 123 28.92 7.45 36.20
N HIS F 124 28.17 8.34 35.55
CA HIS F 124 26.71 8.35 35.65
C HIS F 124 26.13 7.28 34.74
N LYS F 125 25.63 6.20 35.35
CA LYS F 125 24.98 5.11 34.63
C LYS F 125 23.55 4.97 35.14
N PHE F 126 22.59 4.89 34.22
CA PHE F 126 21.19 4.72 34.59
C PHE F 126 20.55 3.46 34.04
N ASP F 127 21.02 2.96 32.89
CA ASP F 127 20.39 1.82 32.20
C ASP F 127 18.95 2.16 31.81
N TYR F 128 18.85 3.11 30.88
CA TYR F 128 17.57 3.58 30.37
C TYR F 128 16.76 2.42 29.79
N GLY F 129 15.45 2.64 29.68
CA GLY F 129 14.60 1.65 29.06
C GLY F 129 14.89 1.50 27.58
N VAL F 130 14.31 0.44 27.00
CA VAL F 130 14.49 0.04 25.60
C VAL F 130 15.94 -0.40 25.36
N ARG F 131 16.11 -1.44 24.55
CA ARG F 131 17.43 -2.02 24.33
C ARG F 131 18.21 -1.28 23.24
N GLY F 132 17.59 -0.36 22.52
CA GLY F 132 18.25 0.34 21.44
C GLY F 132 19.07 1.54 21.85
N ILE F 133 19.17 1.85 23.14
CA ILE F 133 19.88 3.02 23.63
C ILE F 133 20.91 2.55 24.65
N SER F 134 22.13 3.04 24.51
CA SER F 134 23.23 2.66 25.39
C SER F 134 24.34 3.70 25.26
N ARG F 135 25.44 3.46 25.96
CA ARG F 135 26.63 4.28 25.82
C ARG F 135 27.54 3.66 24.76
N ASP F 136 28.77 4.16 24.66
CA ASP F 136 29.75 3.60 23.74
C ASP F 136 31.12 3.76 24.36
N ASN F 137 32.17 3.47 23.58
CA ASN F 137 33.54 3.61 24.08
C ASN F 137 33.98 5.05 24.20
N PHE F 138 33.35 5.98 23.46
CA PHE F 138 33.65 7.40 23.58
C PHE F 138 32.74 8.10 24.58
N GLY F 139 31.81 7.38 25.20
CA GLY F 139 30.92 7.96 26.18
C GLY F 139 29.67 8.63 25.61
N LYS F 140 29.50 8.65 24.30
CA LYS F 140 28.33 9.26 23.70
C LYS F 140 27.22 8.23 23.53
N ILE F 141 25.98 8.69 23.71
CA ILE F 141 24.83 7.81 23.54
C ILE F 141 24.70 7.41 22.08
N ASN F 142 24.56 6.11 21.82
CA ASN F 142 24.29 5.63 20.48
C ASN F 142 22.84 5.17 20.39
N VAL F 143 22.14 5.64 19.35
CA VAL F 143 20.73 5.34 19.15
C VAL F 143 20.61 4.67 17.79
N GLU F 144 20.11 3.44 17.77
CA GLU F 144 19.94 2.70 16.53
C GLU F 144 18.80 3.30 15.72
N SER F 145 18.72 2.90 14.45
CA SER F 145 17.63 3.35 13.59
C SER F 145 16.38 2.49 13.73
N LYS F 146 16.44 1.39 14.49
CA LYS F 146 15.33 0.48 14.63
C LYS F 146 14.39 0.83 15.79
N VAL F 147 14.76 1.79 16.63
CA VAL F 147 13.94 2.13 17.79
C VAL F 147 12.80 3.04 17.35
N VAL F 148 11.58 2.67 17.72
CA VAL F 148 10.41 3.44 17.34
C VAL F 148 10.29 4.67 18.26
N ALA F 149 9.53 5.65 17.80
CA ALA F 149 9.40 6.93 18.51
C ALA F 149 8.85 6.80 19.92
N PRO F 150 7.80 6.03 20.20
CA PRO F 150 7.35 5.90 21.60
C PRO F 150 8.41 5.34 22.54
N ALA F 151 9.26 4.42 22.06
CA ALA F 151 10.33 3.90 22.90
C ALA F 151 11.34 5.00 23.25
N LEU F 152 11.70 5.83 22.26
CA LEU F 152 12.57 6.96 22.52
C LEU F 152 11.93 7.94 23.49
N ARG F 153 10.61 8.15 23.36
CA ARG F 153 9.90 9.02 24.29
C ARG F 153 9.95 8.47 25.71
N ARG F 154 9.75 7.18 25.87
CA ARG F 154 9.81 6.58 27.21
C ARG F 154 11.21 6.70 27.81
N ALA F 155 12.24 6.45 26.99
CA ALA F 155 13.61 6.60 27.50
C ALA F 155 13.90 8.04 27.88
N LEU F 156 13.45 9.00 27.07
CA LEU F 156 13.64 10.40 27.39
C LEU F 156 12.92 10.79 28.66
N GLU F 157 11.70 10.26 28.86
CA GLU F 157 10.96 10.52 30.09
C GLU F 157 11.71 9.98 31.30
N ASN F 158 12.26 8.76 31.20
CA ASN F 158 13.02 8.21 32.30
C ASN F 158 14.26 9.06 32.60
N ALA F 159 14.96 9.49 31.55
CA ALA F 159 16.14 10.33 31.75
C ALA F 159 15.76 11.66 32.41
N LEU F 160 14.65 12.26 31.98
CA LEU F 160 14.21 13.53 32.55
C LEU F 160 13.82 13.37 34.02
N ILE F 161 13.07 12.31 34.35
CA ILE F 161 12.65 12.14 35.73
C ILE F 161 13.84 11.79 36.63
N HIS F 162 14.89 11.19 36.06
CA HIS F 162 16.08 10.91 36.87
C HIS F 162 16.91 12.18 37.08
N ARG F 163 17.37 12.79 35.98
CA ARG F 163 18.23 13.96 36.09
C ARG F 163 17.49 15.14 36.71
N HIS F 164 16.23 15.33 36.33
CA HIS F 164 15.39 16.42 36.82
C HIS F 164 16.02 17.79 36.58
N PRO F 165 16.22 18.21 35.34
CA PRO F 165 16.71 19.57 35.09
C PRO F 165 15.69 20.61 35.51
N ASP F 166 16.19 21.78 35.91
CA ASP F 166 15.30 22.86 36.32
C ASP F 166 14.42 23.33 35.17
N VAL F 167 15.00 23.47 33.97
CA VAL F 167 14.26 23.91 32.80
C VAL F 167 14.77 23.13 31.60
N PHE F 168 13.96 23.08 30.55
CA PHE F 168 14.27 22.34 29.33
C PHE F 168 14.14 23.30 28.15
N PHE F 169 15.26 23.79 27.65
CA PHE F 169 15.28 24.83 26.64
C PHE F 169 15.13 24.24 25.25
N VAL F 170 14.16 24.73 24.50
CA VAL F 170 13.96 24.34 23.10
C VAL F 170 14.08 25.61 22.28
N ASP F 171 15.28 25.89 21.79
CA ASP F 171 15.52 27.09 20.99
C ASP F 171 14.92 26.93 19.60
N GLU F 172 14.69 28.06 18.94
CA GLU F 172 14.11 28.11 17.59
C GLU F 172 12.83 27.29 17.53
N ALA F 173 11.94 27.52 18.50
CA ALA F 173 10.70 26.75 18.60
C ALA F 173 9.74 27.04 17.44
N GLN F 174 10.08 27.95 16.54
CA GLN F 174 9.24 28.21 15.38
C GLN F 174 9.12 26.98 14.49
N HIS F 175 10.08 26.05 14.58
CA HIS F 175 10.08 24.89 13.70
C HIS F 175 9.05 23.86 14.09
N PHE F 176 8.41 24.02 15.26
CA PHE F 176 7.34 23.12 15.67
C PHE F 176 6.09 23.26 14.82
N GLY F 177 5.93 24.38 14.11
CA GLY F 177 4.74 24.64 13.33
C GLY F 177 4.72 24.04 11.95
N LYS F 178 5.75 23.30 11.56
CA LYS F 178 5.83 22.69 10.23
C LYS F 178 5.07 21.37 10.28
N VAL F 179 3.80 21.39 9.87
CA VAL F 179 2.93 20.22 9.85
C VAL F 179 2.09 20.24 8.58
N ALA F 180 1.34 19.16 8.38
CA ALA F 180 0.47 19.04 7.22
C ALA F 180 -0.98 19.38 7.52
N SER F 181 -1.55 18.83 8.58
CA SER F 181 -2.93 19.11 8.95
C SER F 181 -3.01 20.43 9.70
N GLY F 182 -4.06 21.20 9.41
CA GLY F 182 -4.22 22.50 10.04
C GLY F 182 -4.41 22.39 11.54
N TYR F 183 -5.20 21.40 11.99
CA TYR F 183 -5.45 21.22 13.41
C TYR F 183 -4.30 20.55 14.13
N LYS F 184 -3.29 20.07 13.39
CA LYS F 184 -2.21 19.29 14.01
C LYS F 184 -1.33 20.13 14.93
N LEU F 185 -1.49 21.46 14.89
CA LEU F 185 -0.75 22.32 15.81
C LEU F 185 -1.13 22.02 17.26
N GLN F 186 -2.43 21.85 17.51
CA GLN F 186 -2.90 21.46 18.83
C GLN F 186 -2.32 20.12 19.26
N ASP F 187 -2.28 19.16 18.34
CA ASP F 187 -1.75 17.84 18.67
C ASP F 187 -0.25 17.92 19.00
N GLN F 188 0.49 18.73 18.25
CA GLN F 188 1.91 18.92 18.53
C GLN F 188 2.12 19.50 19.93
N LEU F 189 1.38 20.56 20.24
CA LEU F 189 1.55 21.20 21.53
C LEU F 189 1.07 20.29 22.67
N ASP F 190 0.05 19.47 22.42
CA ASP F 190 -0.41 18.51 23.42
C ASP F 190 0.62 17.41 23.63
N CYS F 191 1.32 17.00 22.57
CA CYS F 191 2.40 16.05 22.72
C CYS F 191 3.51 16.62 23.59
N LEU F 192 3.86 17.89 23.36
CA LEU F 192 4.86 18.54 24.21
C LEU F 192 4.38 18.61 25.66
N LYS F 193 3.10 18.95 25.85
CA LYS F 193 2.55 19.04 27.20
C LYS F 193 2.58 17.69 27.90
N SER F 194 2.24 16.61 27.17
CA SER F 194 2.27 15.28 27.74
C SER F 194 3.69 14.86 28.09
N LEU F 195 4.67 15.23 27.26
CA LEU F 195 6.06 14.97 27.62
C LEU F 195 6.44 15.71 28.89
N ALA F 196 5.98 16.95 29.03
CA ALA F 196 6.32 17.74 30.22
C ALA F 196 5.65 17.21 31.47
N ASN F 197 4.42 16.69 31.34
CA ASN F 197 3.60 16.36 32.51
C ASN F 197 4.20 15.20 33.30
N MET F 198 4.51 14.09 32.62
CA MET F 198 5.03 12.91 33.32
C MET F 198 6.37 13.17 33.97
N THR F 199 7.14 14.13 33.45
CA THR F 199 8.47 14.41 33.96
C THR F 199 8.52 15.59 34.92
N GLY F 200 7.47 16.41 34.95
CA GLY F 200 7.48 17.59 35.81
C GLY F 200 8.58 18.56 35.49
N ILE F 201 8.94 18.69 34.21
CA ILE F 201 10.06 19.52 33.78
C ILE F 201 9.50 20.71 33.03
N LEU F 202 9.84 21.91 33.49
CA LEU F 202 9.37 23.15 32.88
C LEU F 202 10.09 23.34 31.54
N HIS F 203 9.31 23.46 30.47
CA HIS F 203 9.86 23.71 29.14
C HIS F 203 9.78 25.19 28.82
N CYS F 204 10.83 25.72 28.21
CA CYS F 204 10.85 27.10 27.73
C CYS F 204 11.08 27.08 26.23
N LEU F 205 10.15 27.67 25.49
CA LEU F 205 10.23 27.72 24.04
C LEU F 205 10.61 29.13 23.59
N LEU F 206 11.70 29.22 22.83
CA LEU F 206 12.19 30.49 22.31
C LEU F 206 11.95 30.51 20.81
N GLY F 207 11.39 31.62 20.31
CA GLY F 207 11.11 31.72 18.90
C GLY F 207 10.73 33.14 18.52
N THR F 208 10.59 33.34 17.22
CA THR F 208 10.22 34.65 16.70
C THR F 208 8.73 34.90 16.95
N TYR F 209 8.23 36.01 16.40
CA TYR F 209 6.84 36.37 16.58
C TYR F 209 5.89 35.40 15.89
N GLU F 210 6.41 34.52 15.03
CA GLU F 210 5.57 33.48 14.44
C GLU F 210 5.06 32.53 15.51
N LEU F 211 5.82 32.36 16.61
CA LEU F 211 5.44 31.45 17.69
C LEU F 211 4.10 31.80 18.31
N LEU F 212 3.50 32.93 17.96
CA LEU F 212 2.17 33.27 18.47
C LEU F 212 1.10 32.34 17.93
N THR F 213 1.42 31.53 16.92
CA THR F 213 0.50 30.50 16.46
C THR F 213 0.23 29.44 17.52
N PHE F 214 1.12 29.32 18.51
CA PHE F 214 0.96 28.38 19.61
C PHE F 214 0.45 29.05 20.89
N ARG F 215 0.05 30.32 20.80
CA ARG F 215 -0.18 31.13 22.00
C ARG F 215 -1.30 30.57 22.87
N ASN F 216 -2.54 30.67 22.40
CA ASN F 216 -3.71 30.31 23.18
C ASN F 216 -4.64 29.42 22.35
N LEU F 217 -4.06 28.39 21.74
CA LEU F 217 -4.83 27.50 20.88
C LEU F 217 -5.65 26.49 21.67
N SER F 218 -5.47 26.41 22.98
CA SER F 218 -6.27 25.56 23.85
C SER F 218 -6.25 26.12 25.25
N GLY F 219 -7.40 26.06 25.94
CA GLY F 219 -7.46 26.58 27.29
C GLY F 219 -6.61 25.79 28.27
N GLN F 220 -6.61 24.46 28.14
CA GLN F 220 -5.75 23.64 28.98
C GLN F 220 -4.29 23.98 28.76
N LEU F 221 -3.89 24.17 27.50
CA LEU F 221 -2.54 24.63 27.21
C LEU F 221 -2.34 26.08 27.61
N SER F 222 -3.42 26.87 27.61
CA SER F 222 -3.31 28.26 28.01
C SER F 222 -3.04 28.39 29.51
N ARG F 223 -3.49 27.41 30.31
CA ARG F 223 -3.28 27.49 31.75
C ARG F 223 -1.82 27.29 32.13
N ARG F 224 -1.13 26.36 31.48
CA ARG F 224 0.20 25.95 31.87
C ARG F 224 1.29 26.58 31.01
N SER F 225 1.02 27.78 30.47
CA SER F 225 1.98 28.51 29.64
C SER F 225 2.13 29.93 30.18
N VAL F 226 3.35 30.44 30.12
CA VAL F 226 3.67 31.80 30.54
C VAL F 226 4.21 32.54 29.34
N ASP F 227 3.62 33.70 29.04
CA ASP F 227 3.96 34.49 27.86
C ASP F 227 4.91 35.60 28.28
N ILE F 228 6.18 35.47 27.88
CA ILE F 228 7.17 36.52 28.08
C ILE F 228 7.45 37.17 26.74
N HIS F 229 7.30 38.49 26.67
CA HIS F 229 7.46 39.25 25.44
C HIS F 229 8.80 39.95 25.48
N PHE F 230 9.69 39.60 24.55
CA PHE F 230 10.99 40.26 24.42
C PHE F 230 10.84 41.44 23.46
N ARG F 231 10.18 42.48 23.95
CA ARG F 231 9.83 43.61 23.11
C ARG F 231 11.07 44.36 22.64
N ARG F 232 11.00 44.87 21.42
CA ARG F 232 12.03 45.75 20.88
C ARG F 232 11.83 47.16 21.42
N TYR F 233 12.62 48.09 20.90
CA TYR F 233 12.52 49.50 21.27
C TYR F 233 11.68 50.24 20.25
N CYS F 234 10.60 50.86 20.70
CA CYS F 234 9.70 51.58 19.81
C CYS F 234 10.24 52.99 19.55
N ALA F 235 9.56 53.72 18.68
CA ALA F 235 9.90 55.11 18.38
C ALA F 235 8.83 56.09 18.78
N ASP F 236 7.56 55.65 18.85
CA ASP F 236 6.50 56.53 19.31
C ASP F 236 6.70 56.92 20.78
N SER F 237 7.13 55.98 21.60
CA SER F 237 7.39 56.27 23.00
C SER F 237 8.75 56.93 23.16
N PRO F 238 8.84 58.14 23.71
CA PRO F 238 10.15 58.77 23.89
C PRO F 238 11.08 58.00 24.81
N GLU F 239 10.54 57.21 25.74
CA GLU F 239 11.38 56.45 26.67
C GLU F 239 12.22 55.42 25.93
N ASP F 240 11.61 54.68 24.99
CA ASP F 240 12.37 53.70 24.22
C ASP F 240 13.40 54.40 23.33
N VAL F 241 13.05 55.57 22.80
CA VAL F 241 13.98 56.33 21.97
C VAL F 241 15.21 56.72 22.79
N GLN F 242 14.98 57.22 24.01
CA GLN F 242 16.09 57.61 24.87
C GLN F 242 16.92 56.39 25.27
N ALA F 243 16.27 55.27 25.53
CA ALA F 243 17.00 54.05 25.88
C ALA F 243 17.89 53.59 24.73
N PHE F 244 17.36 53.63 23.50
CA PHE F 244 18.15 53.24 22.34
C PHE F 244 19.31 54.20 22.12
N LYS F 245 19.07 55.51 22.33
CA LYS F 245 20.15 56.48 22.27
C LYS F 245 21.24 56.17 23.29
N SER F 246 20.84 55.84 24.52
CA SER F 246 21.82 55.52 25.56
C SER F 246 22.62 54.26 25.21
N VAL F 247 21.95 53.26 24.67
CA VAL F 247 22.65 52.02 24.30
C VAL F 247 23.62 52.29 23.14
N LEU F 248 23.21 53.13 22.19
CA LEU F 248 24.12 53.52 21.12
C LEU F 248 25.33 54.25 21.67
N LEU F 249 25.11 55.12 22.66
CA LEU F 249 26.22 55.83 23.31
C LEU F 249 27.17 54.83 23.98
N THR F 250 26.61 53.84 24.67
CA THR F 250 27.46 52.83 25.33
C THR F 250 28.25 52.03 24.30
N PHE F 251 27.62 51.67 23.18
CA PHE F 251 28.33 50.93 22.15
C PHE F 251 29.47 51.75 21.53
N GLN F 252 29.19 53.01 21.17
CA GLN F 252 30.23 53.83 20.58
C GLN F 252 31.31 54.19 21.60
N GLN F 253 30.97 54.13 22.89
CA GLN F 253 31.95 54.43 23.93
C GLN F 253 32.98 53.31 24.04
N HIS F 254 32.58 52.08 23.76
CA HIS F 254 33.41 50.91 23.97
C HIS F 254 33.98 50.34 22.68
N LEU F 255 33.86 51.05 21.56
CA LEU F 255 34.40 50.57 20.30
C LEU F 255 35.91 50.71 20.31
N PRO F 256 36.66 49.63 20.10
CA PRO F 256 38.13 49.71 20.18
C PRO F 256 38.75 50.43 18.99
N LEU F 257 38.61 51.75 18.94
CA LEU F 257 39.17 52.57 17.87
C LEU F 257 39.98 53.71 18.47
N ALA F 258 40.91 54.24 17.67
CA ALA F 258 41.74 55.36 18.14
C ALA F 258 40.90 56.59 18.40
N GLU F 259 39.96 56.89 17.52
CA GLU F 259 39.05 58.02 17.67
C GLU F 259 37.65 57.49 17.94
N THR F 260 37.05 57.94 19.04
CA THR F 260 35.70 57.50 19.37
C THR F 260 34.71 58.17 18.43
N PRO F 261 33.96 57.41 17.63
CA PRO F 261 33.00 58.04 16.70
C PRO F 261 31.77 58.56 17.43
N ASN F 262 31.08 59.48 16.76
CA ASN F 262 29.82 60.01 17.25
C ASN F 262 28.71 59.30 16.51
N LEU F 263 27.83 58.64 17.25
CA LEU F 263 26.75 57.85 16.67
C LEU F 263 25.35 58.32 17.05
N VAL F 264 25.20 59.13 18.09
CA VAL F 264 23.87 59.52 18.55
C VAL F 264 23.21 60.48 17.56
N ASP F 265 24.00 61.12 16.68
CA ASP F 265 23.41 62.04 15.72
C ASP F 265 22.50 61.30 14.73
N HIS F 266 23.01 60.23 14.13
CA HIS F 266 22.20 59.41 13.23
C HIS F 266 21.56 58.24 13.98
N TRP F 267 20.91 58.56 15.10
CA TRP F 267 20.09 57.57 15.77
C TRP F 267 18.91 57.17 14.89
N GLU F 268 18.40 58.10 14.09
CA GLU F 268 17.34 57.77 13.14
C GLU F 268 17.84 56.76 12.10
N TYR F 269 19.06 56.96 11.60
CA TYR F 269 19.64 56.00 10.66
C TYR F 269 19.84 54.64 11.30
N PHE F 270 20.36 54.61 12.53
CA PHE F 270 20.59 53.33 13.20
C PHE F 270 19.28 52.61 13.49
N TYR F 271 18.25 53.33 13.90
CA TYR F 271 16.92 52.75 14.08
C TYR F 271 16.33 52.27 12.76
N GLU F 272 16.63 52.97 11.67
CA GLU F 272 16.05 52.62 10.37
C GLU F 272 16.46 51.23 9.92
N ARG F 273 17.74 50.87 10.11
CA ARG F 273 18.26 49.61 9.64
C ARG F 273 18.32 48.54 10.72
N THR F 274 17.83 48.83 11.93
CA THR F 274 17.79 47.85 13.00
C THR F 274 16.43 47.71 13.66
N LEU F 275 15.50 48.63 13.44
CA LEU F 275 14.16 48.60 14.03
C LEU F 275 14.20 48.55 15.55
N GLY F 276 15.30 49.00 16.16
CA GLY F 276 15.46 48.92 17.59
C GLY F 276 15.99 47.60 18.11
N CYS F 277 16.19 46.62 17.23
CA CYS F 277 16.75 45.34 17.65
C CYS F 277 18.19 45.54 18.12
N ILE F 278 18.56 44.81 19.17
CA ILE F 278 19.86 45.00 19.78
C ILE F 278 20.90 44.07 19.16
N GLY F 279 20.54 42.81 18.92
CA GLY F 279 21.48 41.90 18.29
C GLY F 279 21.84 42.32 16.88
N THR F 280 20.85 42.80 16.11
CA THR F 280 21.13 43.28 14.77
C THR F 280 22.07 44.48 14.78
N LEU F 281 21.84 45.41 15.72
CA LEU F 281 22.73 46.56 15.84
C LEU F 281 24.14 46.13 16.24
N LYS F 282 24.25 45.16 17.15
CA LYS F 282 25.55 44.67 17.57
C LYS F 282 26.29 44.03 16.40
N ASP F 283 25.58 43.22 15.60
CA ASP F 283 26.20 42.61 14.43
C ASP F 283 26.59 43.64 13.39
N TRP F 284 25.76 44.65 13.18
CA TRP F 284 26.10 45.74 12.27
C TRP F 284 27.38 46.43 12.71
N LEU F 285 27.47 46.76 13.99
CA LEU F 285 28.67 47.41 14.50
C LEU F 285 29.89 46.50 14.44
N LYS F 286 29.69 45.19 14.65
CA LYS F 286 30.80 44.25 14.51
C LYS F 286 31.35 44.23 13.10
N ARG F 287 30.45 44.16 12.10
CA ARG F 287 30.90 44.18 10.71
C ARG F 287 31.56 45.51 10.35
N VAL F 288 31.00 46.63 10.83
CA VAL F 288 31.59 47.93 10.56
C VAL F 288 32.98 48.04 11.18
N LEU F 289 33.12 47.54 12.41
CA LEU F 289 34.43 47.55 13.07
C LEU F 289 35.43 46.69 12.31
N SER F 290 34.99 45.52 11.83
CA SER F 290 35.89 44.67 11.05
C SER F 290 36.34 45.37 9.77
N ASP F 291 35.41 46.04 9.08
CA ASP F 291 35.76 46.77 7.87
C ASP F 291 36.75 47.90 8.17
N ALA F 292 36.45 48.71 9.18
CA ALA F 292 37.30 49.86 9.50
C ALA F 292 38.65 49.41 10.04
N LEU F 293 38.71 48.20 10.60
CA LEU F 293 39.96 47.69 11.14
C LEU F 293 40.79 46.96 10.09
N ASP F 294 40.16 46.50 9.01
CA ASP F 294 40.94 45.98 7.88
C ASP F 294 41.71 47.10 7.19
N ARG F 295 41.08 48.27 7.01
CA ARG F 295 41.73 49.44 6.45
C ARG F 295 42.56 50.20 7.47
N GLU F 296 42.51 49.79 8.74
CA GLU F 296 43.26 50.42 9.83
C GLU F 296 42.85 51.87 10.06
N ALA F 297 41.64 52.24 9.66
CA ALA F 297 41.16 53.60 9.88
C ALA F 297 40.92 53.84 11.36
N THR F 298 41.28 55.02 11.84
CA THR F 298 41.16 55.31 13.27
C THR F 298 39.73 55.65 13.67
N THR F 299 38.78 55.44 12.77
CA THR F 299 37.39 55.76 13.06
C THR F 299 36.41 55.06 12.14
N ILE F 300 35.13 55.28 12.40
CA ILE F 300 34.06 54.81 11.55
C ILE F 300 33.46 55.96 10.77
N THR F 301 33.19 55.74 9.49
CA THR F 301 32.55 56.75 8.67
C THR F 301 31.13 56.33 8.35
N LEU F 302 30.27 57.30 8.07
CA LEU F 302 28.89 56.99 7.75
C LEU F 302 28.86 55.97 6.62
N LYS F 303 29.48 56.30 5.49
CA LYS F 303 29.42 55.39 4.36
C LYS F 303 29.82 53.97 4.76
N ASP F 304 30.63 53.83 5.81
CA ASP F 304 30.95 52.50 6.32
C ASP F 304 29.71 51.82 6.87
N LEU F 305 28.85 52.56 7.57
CA LEU F 305 27.58 52.01 8.01
C LEU F 305 26.71 51.63 6.82
N GLN F 306 26.72 52.45 5.77
CA GLN F 306 25.96 52.13 4.57
C GLN F 306 26.47 50.88 3.86
N LYS F 307 27.72 50.49 4.12
CA LYS F 307 28.30 49.32 3.45
C LYS F 307 27.70 48.03 3.97
N ARG F 308 27.59 47.89 5.29
CA ARG F 308 27.10 46.66 5.90
C ARG F 308 25.68 46.78 6.44
N ALA F 309 25.00 47.89 6.16
CA ALA F 309 23.60 48.01 6.55
C ALA F 309 22.74 47.03 5.74
N LEU F 310 21.72 46.50 6.39
CA LEU F 310 20.81 45.59 5.71
C LEU F 310 20.03 46.32 4.64
N SER F 311 19.55 45.55 3.66
CA SER F 311 18.80 46.13 2.56
C SER F 311 17.49 46.73 3.07
N VAL F 312 17.03 47.77 2.38
CA VAL F 312 15.76 48.41 2.75
C VAL F 312 14.62 47.41 2.62
N ALA F 313 14.69 46.53 1.61
CA ALA F 313 13.65 45.50 1.46
C ALA F 313 13.65 44.55 2.65
N GLN F 314 14.83 44.18 3.14
CA GLN F 314 14.91 43.30 4.31
C GLN F 314 14.28 43.96 5.53
N CYS F 315 14.65 45.21 5.79
CA CYS F 315 14.11 45.91 6.96
C CYS F 315 12.64 46.26 6.78
N GLN F 316 12.20 46.50 5.54
CA GLN F 316 10.81 46.82 5.30
C GLN F 316 9.90 45.67 5.70
N LYS F 317 10.29 44.44 5.36
CA LYS F 317 9.44 43.29 5.65
C LYS F 317 9.51 42.90 7.12
N MET F 318 10.68 43.05 7.74
CA MET F 318 10.82 42.75 9.16
C MET F 318 9.82 43.54 9.99
N PHE F 319 9.60 44.81 9.62
CA PHE F 319 8.59 45.60 10.31
C PHE F 319 7.20 45.05 10.05
N LYS F 320 6.96 44.52 8.85
CA LYS F 320 5.63 44.00 8.52
C LYS F 320 5.26 42.84 9.41
N GLU F 321 6.20 41.91 9.64
CA GLU F 321 5.91 40.77 10.52
C GLU F 321 5.96 41.17 11.99
N ILE F 322 6.79 42.16 12.34
CA ILE F 322 6.82 42.63 13.71
C ILE F 322 5.54 43.39 14.05
N GLN F 323 5.07 44.25 13.15
CA GLN F 323 3.89 45.06 13.42
C GLN F 323 2.66 44.20 13.65
N GLU F 324 2.48 43.16 12.82
CA GLU F 324 1.36 42.26 13.02
C GLU F 324 1.60 41.34 14.22
N GLY F 325 2.86 41.04 14.52
CA GLY F 325 3.16 40.25 15.70
C GLY F 325 2.82 40.97 16.99
N GLU F 326 3.18 42.25 17.07
CA GLU F 326 2.87 43.03 18.27
C GLU F 326 1.36 43.25 18.40
N ARG F 327 0.66 43.34 17.27
CA ARG F 327 -0.79 43.51 17.32
C ARG F 327 -1.48 42.35 18.00
N GLN F 328 -1.02 41.12 17.73
CA GLN F 328 -1.57 39.96 18.42
C GLN F 328 -1.23 39.99 19.90
N LEU F 329 -0.10 40.58 20.26
CA LEU F 329 0.37 40.64 21.63
C LEU F 329 -0.11 41.89 22.36
N SER F 330 -0.92 42.72 21.72
CA SER F 330 -1.38 43.98 22.29
C SER F 330 -2.49 43.72 23.28
N GLU F 331 -2.32 44.20 24.51
CA GLU F 331 -3.33 44.09 25.56
C GLU F 331 -3.81 45.47 25.91
N THR F 332 -5.12 45.69 25.78
CA THR F 332 -5.73 46.99 26.02
C THR F 332 -6.77 46.88 27.13
N GLU F 333 -7.17 48.04 27.65
CA GLU F 333 -8.22 48.09 28.67
C GLU F 333 -9.56 47.60 28.12
N ALA F 334 -9.77 47.68 26.81
CA ALA F 334 -11.02 47.18 26.22
C ALA F 334 -11.18 45.69 26.44
N ASP F 335 -10.09 44.93 26.27
CA ASP F 335 -10.16 43.49 26.46
C ASP F 335 -10.53 43.13 27.89
N VAL F 336 -10.04 43.90 28.86
CA VAL F 336 -10.38 43.66 30.26
C VAL F 336 -11.87 43.85 30.48
N GLN F 337 -12.44 44.90 29.88
CA GLN F 337 -13.88 45.17 30.06
C GLN F 337 -14.73 44.06 29.46
N ASN F 338 -14.35 43.57 28.28
CA ASN F 338 -15.07 42.44 27.69
C ASN F 338 -14.96 41.19 28.56
N LEU F 339 -13.81 41.01 29.21
CA LEU F 339 -13.67 39.89 30.14
C LEU F 339 -14.63 40.04 31.32
N ARG F 340 -14.73 41.25 31.87
CA ARG F 340 -15.67 41.48 32.97
C ARG F 340 -17.10 41.27 32.52
N SER F 341 -17.46 41.78 31.34
CA SER F 341 -18.82 41.62 30.83
C SER F 341 -19.14 40.15 30.59
N ALA F 342 -18.21 39.41 29.99
CA ALA F 342 -18.43 37.98 29.77
C ALA F 342 -18.52 37.23 31.09
N LEU F 343 -17.65 37.57 32.05
CA LEU F 343 -17.63 36.89 33.34
C LEU F 343 -18.80 37.29 34.24
N GLY F 344 -19.55 38.32 33.88
CA GLY F 344 -20.61 38.82 34.73
C GLY F 344 -20.14 39.68 35.87
N LEU F 345 -18.87 40.07 35.90
CA LEU F 345 -18.31 40.87 36.98
C LEU F 345 -18.52 42.37 36.76
N GLY F 346 -19.15 42.78 35.66
CA GLY F 346 -19.35 44.19 35.41
C GLY F 346 -20.29 44.80 36.42
N SER G 4 54.37 44.45 -22.23
CA SER G 4 53.23 44.66 -23.11
C SER G 4 51.91 44.52 -22.35
N THR G 5 50.85 45.08 -22.91
CA THR G 5 49.52 45.04 -22.31
C THR G 5 48.63 43.95 -22.91
N GLY G 6 49.20 43.09 -23.75
CA GLY G 6 48.41 42.05 -24.38
C GLY G 6 49.04 40.67 -24.28
N PHE G 7 48.66 39.78 -25.20
CA PHE G 7 49.17 38.43 -25.20
C PHE G 7 50.67 38.42 -25.54
N PRO G 8 51.43 37.47 -24.99
CA PRO G 8 52.83 37.34 -25.37
C PRO G 8 52.97 37.04 -26.86
N LEU G 9 53.95 37.68 -27.49
CA LEU G 9 54.13 37.53 -28.93
C LEU G 9 54.79 36.21 -29.29
N GLU G 10 55.39 35.53 -28.32
CA GLU G 10 56.05 34.25 -28.57
C GLU G 10 55.04 33.16 -28.91
N LEU G 11 53.78 33.31 -28.50
CA LEU G 11 52.78 32.25 -28.68
C LEU G 11 52.44 32.01 -30.15
N LEU G 12 52.78 32.94 -31.04
CA LEU G 12 52.49 32.74 -32.46
C LEU G 12 53.22 31.55 -33.03
N THR G 13 54.47 31.30 -32.62
CA THR G 13 55.21 30.16 -33.13
C THR G 13 54.64 28.84 -32.64
N ARG G 14 54.05 28.82 -31.44
CA ARG G 14 53.48 27.61 -30.89
C ARG G 14 52.23 27.20 -31.67
N PRO G 15 51.92 25.89 -31.71
CA PRO G 15 50.68 25.44 -32.36
C PRO G 15 49.42 25.98 -31.69
N ALA G 16 48.27 25.67 -32.27
CA ALA G 16 47.02 26.30 -31.86
C ALA G 16 46.57 25.88 -30.47
N THR G 17 46.97 24.69 -30.01
CA THR G 17 46.47 24.18 -28.74
C THR G 17 46.91 25.07 -27.57
N GLU G 18 48.19 25.47 -27.58
CA GLU G 18 48.68 26.31 -26.50
C GLU G 18 48.04 27.69 -26.53
N ARG G 19 47.79 28.23 -27.73
CA ARG G 19 47.09 29.52 -27.83
C ARG G 19 45.68 29.41 -27.27
N LEU G 20 44.97 28.34 -27.63
CA LEU G 20 43.63 28.12 -27.09
C LEU G 20 43.66 28.01 -25.57
N ALA G 21 44.60 27.24 -25.04
CA ALA G 21 44.71 27.10 -23.59
C ALA G 21 45.01 28.43 -22.91
N TYR G 22 45.93 29.20 -23.49
CA TYR G 22 46.30 30.49 -22.89
C TYR G 22 45.11 31.43 -22.86
N PHE G 23 44.34 31.48 -23.94
CA PHE G 23 43.14 32.34 -23.93
C PHE G 23 42.10 31.81 -22.96
N GLU G 24 42.02 30.48 -22.80
CA GLU G 24 41.04 29.93 -21.87
C GLU G 24 41.37 30.27 -20.43
N ASN G 25 42.62 30.09 -20.02
CA ASN G 25 43.00 30.36 -18.63
C ASN G 25 43.14 31.84 -18.33
N TYR G 26 43.25 32.70 -19.34
CA TYR G 26 43.35 34.12 -19.09
C TYR G 26 42.04 34.65 -18.51
N THR G 27 42.17 35.46 -17.45
CA THR G 27 41.02 36.08 -16.80
C THR G 27 41.24 37.58 -16.74
N VAL G 28 40.16 38.33 -16.94
CA VAL G 28 40.20 39.78 -16.93
C VAL G 28 39.60 40.28 -15.63
N ALA G 29 40.02 41.47 -15.23
CA ALA G 29 39.51 42.13 -14.04
C ALA G 29 38.71 43.36 -14.46
N HIS G 30 37.45 43.41 -14.05
CA HIS G 30 36.56 44.52 -14.38
C HIS G 30 35.89 45.01 -13.11
N PRO G 31 35.47 46.29 -13.08
CA PRO G 31 35.04 46.90 -11.81
C PRO G 31 33.95 46.13 -11.07
N ARG G 32 32.95 45.60 -11.78
CA ARG G 32 31.88 44.88 -11.10
C ARG G 32 32.40 43.61 -10.43
N LEU G 33 33.24 42.85 -11.14
CA LEU G 33 33.77 41.62 -10.56
C LEU G 33 34.64 41.92 -9.34
N LYS G 34 35.49 42.95 -9.44
CA LYS G 34 36.33 43.32 -8.31
C LYS G 34 35.50 43.78 -7.11
N GLU G 35 34.48 44.59 -7.35
CA GLU G 35 33.63 45.06 -6.27
C GLU G 35 32.90 43.91 -5.60
N VAL G 36 32.33 43.00 -6.40
CA VAL G 36 31.60 41.88 -5.83
C VAL G 36 32.53 40.95 -5.07
N TYR G 37 33.74 40.74 -5.60
CA TYR G 37 34.72 39.91 -4.91
C TYR G 37 35.12 40.52 -3.58
N GLU G 38 35.34 41.84 -3.54
CA GLU G 38 35.69 42.50 -2.29
C GLU G 38 34.55 42.39 -1.28
N ILE G 39 33.31 42.60 -1.74
CA ILE G 39 32.16 42.51 -0.83
C ILE G 39 32.03 41.09 -0.28
N LEU G 40 32.18 40.08 -1.14
CA LEU G 40 32.06 38.70 -0.70
C LEU G 40 33.16 38.34 0.28
N MET G 41 34.39 38.78 0.03
CA MET G 41 35.48 38.50 0.96
C MET G 41 35.26 39.19 2.30
N ARG G 42 34.78 40.43 2.27
CA ARG G 42 34.50 41.13 3.52
C ARG G 42 33.41 40.42 4.31
N THR G 43 32.36 39.96 3.62
CA THR G 43 31.28 39.25 4.30
C THR G 43 31.76 37.93 4.88
N ILE G 44 32.60 37.20 4.12
CA ILE G 44 33.08 35.91 4.58
C ILE G 44 34.02 36.06 5.77
N ALA G 45 34.86 37.10 5.74
CA ALA G 45 35.83 37.29 6.83
C ALA G 45 35.13 37.52 8.16
N GLU G 46 34.09 38.33 8.18
CA GLU G 46 33.33 38.64 9.39
C GLU G 46 31.84 38.49 9.11
N PRO G 47 31.32 37.26 9.12
CA PRO G 47 29.88 37.08 8.91
C PRO G 47 29.03 37.77 9.96
N ALA G 48 29.48 37.76 11.22
CA ALA G 48 28.82 38.45 12.33
C ALA G 48 27.35 38.04 12.43
N GLY G 49 27.14 36.75 12.72
CA GLY G 49 25.79 36.24 12.94
C GLY G 49 24.95 36.15 11.68
N ALA G 50 25.58 36.10 10.53
CA ALA G 50 24.88 35.93 9.25
C ALA G 50 25.21 34.56 8.69
N SER G 51 24.18 33.80 8.32
CA SER G 51 24.34 32.44 7.85
C SER G 51 24.17 32.28 6.36
N PHE G 52 23.68 33.29 5.66
CA PHE G 52 23.43 33.18 4.23
C PHE G 52 24.04 34.38 3.48
N ILE G 53 24.63 34.10 2.33
CA ILE G 53 25.07 35.12 1.39
C ILE G 53 24.43 34.75 0.05
N PHE G 54 23.39 35.47 -0.35
CA PHE G 54 22.70 35.22 -1.61
C PHE G 54 23.40 36.04 -2.70
N VAL G 55 24.15 35.35 -3.55
CA VAL G 55 24.89 36.01 -4.62
C VAL G 55 24.04 35.88 -5.89
N TYR G 56 23.20 36.88 -6.13
CA TYR G 56 22.40 36.89 -7.35
C TYR G 56 23.25 37.36 -8.54
N GLY G 57 22.74 37.10 -9.73
CA GLY G 57 23.42 37.48 -10.95
C GLY G 57 22.90 36.74 -12.16
N ALA G 58 22.92 37.39 -13.32
CA ALA G 58 22.43 36.77 -14.54
C ALA G 58 23.32 35.59 -14.94
N SER G 59 22.90 34.87 -15.97
CA SER G 59 23.76 33.81 -16.47
C SER G 59 24.78 34.48 -17.38
N GLY G 60 25.98 34.75 -16.86
CA GLY G 60 27.03 35.34 -17.66
C GLY G 60 27.88 36.32 -16.88
N VAL G 61 27.58 36.49 -15.59
CA VAL G 61 28.30 37.48 -14.80
C VAL G 61 29.62 36.99 -14.21
N GLY G 62 29.82 35.68 -14.16
CA GLY G 62 31.05 35.14 -13.62
C GLY G 62 30.90 34.62 -12.21
N LYS G 63 29.70 34.17 -11.85
CA LYS G 63 29.45 33.68 -10.51
C LYS G 63 30.33 32.48 -10.18
N THR G 64 30.45 31.54 -11.11
CA THR G 64 31.28 30.36 -10.86
C THR G 64 32.75 30.72 -10.80
N THR G 65 33.21 31.62 -11.68
CA THR G 65 34.59 32.07 -11.63
C THR G 65 34.87 32.85 -10.36
N LEU G 66 33.91 33.67 -9.92
CA LEU G 66 34.05 34.37 -8.64
C LEU G 66 34.17 33.37 -7.50
N ARG G 67 33.34 32.34 -7.50
CA ARG G 67 33.41 31.32 -6.45
C ARG G 67 34.77 30.63 -6.46
N LEU G 68 35.26 30.27 -7.65
CA LEU G 68 36.56 29.61 -7.74
C LEU G 68 37.69 30.51 -7.25
N ARG G 69 37.64 31.79 -7.63
CA ARG G 69 38.68 32.73 -7.19
C ARG G 69 38.65 32.91 -5.68
N VAL G 70 37.45 33.04 -5.10
CA VAL G 70 37.34 33.17 -3.65
C VAL G 70 37.84 31.91 -2.96
N GLU G 71 37.50 30.74 -3.51
CA GLU G 71 37.96 29.48 -2.94
C GLU G 71 39.48 29.39 -2.93
N GLN G 72 40.10 29.72 -4.07
CA GLN G 72 41.55 29.65 -4.16
C GLN G 72 42.21 30.64 -3.21
N LYS G 73 41.69 31.88 -3.15
CA LYS G 73 42.29 32.88 -2.28
C LYS G 73 42.13 32.50 -0.81
N LEU G 74 40.97 31.95 -0.43
CA LEU G 74 40.78 31.49 0.94
C LEU G 74 41.71 30.35 1.28
N THR G 75 41.89 29.39 0.36
CA THR G 75 42.82 28.29 0.61
C THR G 75 44.24 28.81 0.80
N GLU G 76 44.67 29.74 -0.05
CA GLU G 76 45.99 30.33 0.09
C GLU G 76 46.14 31.08 1.40
N LEU G 77 45.11 31.84 1.79
CA LEU G 77 45.16 32.59 3.05
C LEU G 77 45.23 31.66 4.25
N ALA G 78 44.49 30.56 4.22
CA ALA G 78 44.46 29.63 5.34
C ALA G 78 45.65 28.67 5.35
N LEU G 79 46.41 28.58 4.26
CA LEU G 79 47.57 27.69 4.21
C LEU G 79 48.58 27.95 5.33
N PRO G 80 49.03 29.18 5.59
CA PRO G 80 50.02 29.36 6.68
C PRO G 80 49.53 28.88 8.03
N LYS G 81 48.25 29.11 8.35
CA LYS G 81 47.67 28.57 9.57
C LYS G 81 47.36 27.08 9.46
N LEU G 82 47.09 26.59 8.25
CA LEU G 82 46.89 25.15 8.07
C LEU G 82 48.18 24.37 8.28
N GLU G 83 49.34 25.02 8.15
CA GLU G 83 50.60 24.36 8.46
C GLU G 83 50.66 23.97 9.93
N SER G 84 50.17 24.83 10.81
CA SER G 84 50.22 24.54 12.24
C SER G 84 49.00 23.74 12.70
N ASP G 85 47.80 24.22 12.39
CA ASP G 85 46.57 23.58 12.81
C ASP G 85 46.06 22.67 11.70
N ARG G 86 45.70 21.45 12.07
CA ARG G 86 45.21 20.44 11.13
C ARG G 86 43.73 20.16 11.39
N ALA G 87 43.18 19.20 10.65
CA ALA G 87 41.77 18.85 10.70
C ALA G 87 40.87 20.03 10.37
N ARG G 88 41.38 20.94 9.55
CA ARG G 88 40.67 22.15 9.17
C ARG G 88 40.66 22.28 7.66
N VAL G 89 39.47 22.39 7.08
CA VAL G 89 39.31 22.68 5.65
C VAL G 89 39.00 24.16 5.50
N PRO G 90 39.74 24.88 4.64
CA PRO G 90 39.49 26.32 4.50
C PRO G 90 38.11 26.63 3.95
N VAL G 91 37.69 25.90 2.92
CA VAL G 91 36.44 26.19 2.22
C VAL G 91 36.02 24.94 1.46
N VAL G 92 34.72 24.64 1.53
CA VAL G 92 34.13 23.49 0.87
C VAL G 92 33.06 23.98 -0.08
N GLY G 93 33.13 23.53 -1.34
CA GLY G 93 32.17 23.95 -2.34
C GLY G 93 31.47 22.79 -3.03
N ILE G 94 30.14 22.82 -3.06
CA ILE G 94 29.34 21.79 -3.71
C ILE G 94 28.31 22.48 -4.59
N GLU G 95 27.89 21.78 -5.64
CA GLU G 95 26.89 22.29 -6.57
C GLU G 95 25.57 21.57 -6.34
N ALA G 96 24.49 22.34 -6.21
CA ALA G 96 23.17 21.75 -6.03
C ALA G 96 22.74 20.99 -7.28
N ILE G 97 21.96 19.94 -7.08
CA ILE G 97 21.54 19.03 -8.13
C ILE G 97 20.05 19.23 -8.39
N ALA G 98 19.70 19.46 -9.65
CA ALA G 98 18.30 19.46 -10.04
C ALA G 98 17.74 18.05 -9.92
N PRO G 99 16.64 17.85 -9.20
CA PRO G 99 16.17 16.49 -8.93
C PRO G 99 15.48 15.87 -10.14
N GLU G 100 15.50 14.54 -10.17
CA GLU G 100 14.77 13.81 -11.20
C GLU G 100 13.26 13.86 -10.93
N SER G 101 12.87 13.80 -9.67
CA SER G 101 11.46 13.85 -9.29
C SER G 101 11.00 15.31 -9.23
N ARG G 102 9.75 15.52 -8.82
CA ARG G 102 9.17 16.85 -8.74
C ARG G 102 9.64 17.63 -7.52
N TYR G 103 10.20 16.95 -6.52
CA TYR G 103 10.68 17.61 -5.30
C TYR G 103 12.19 17.51 -5.23
N PHE G 104 12.81 18.54 -4.66
CA PHE G 104 14.26 18.54 -4.45
C PHE G 104 14.58 17.56 -3.32
N ASN G 105 15.29 16.48 -3.66
CA ASN G 105 15.64 15.49 -2.66
C ASN G 105 16.77 16.00 -1.78
N TRP G 106 16.66 15.77 -0.47
CA TRP G 106 17.66 16.21 0.48
C TRP G 106 18.69 15.13 0.82
N LYS G 107 18.34 13.85 0.65
CA LYS G 107 19.28 12.79 0.95
C LYS G 107 20.52 12.88 0.05
N GLU G 108 20.31 13.10 -1.24
CA GLU G 108 21.45 13.25 -2.15
C GLU G 108 22.27 14.48 -1.80
N TYR G 109 21.61 15.58 -1.43
CA TYR G 109 22.35 16.78 -1.04
C TYR G 109 23.22 16.51 0.18
N TYR G 110 22.68 15.83 1.18
CA TYR G 110 23.44 15.53 2.39
C TYR G 110 24.62 14.61 2.08
N THR G 111 24.38 13.55 1.31
CA THR G 111 25.47 12.61 1.04
C THR G 111 26.53 13.24 0.16
N ARG G 112 26.14 14.10 -0.80
CA ARG G 112 27.12 14.74 -1.65
C ARG G 112 27.91 15.79 -0.88
N ALA G 113 27.26 16.50 0.05
CA ALA G 113 27.99 17.42 0.91
C ALA G 113 28.98 16.67 1.78
N LEU G 114 28.59 15.50 2.29
CA LEU G 114 29.52 14.69 3.08
C LEU G 114 30.69 14.22 2.23
N ILE G 115 30.44 13.82 0.98
CA ILE G 115 31.51 13.38 0.09
C ILE G 115 32.48 14.52 -0.19
N THR G 116 31.94 15.67 -0.61
CA THR G 116 32.79 16.79 -1.01
C THR G 116 33.56 17.37 0.18
N LEU G 117 32.89 17.51 1.33
CA LEU G 117 33.55 18.04 2.51
C LEU G 117 34.68 17.13 2.97
N GLU G 118 34.44 15.82 2.96
CA GLU G 118 35.39 14.86 3.54
C GLU G 118 36.23 14.24 2.42
N GLU G 119 37.23 15.01 1.98
CA GLU G 119 38.32 14.49 1.14
C GLU G 119 39.68 15.01 1.59
N PRO G 120 40.01 14.91 2.90
CA PRO G 120 41.32 15.39 3.36
C PRO G 120 42.35 14.28 3.33
N LEU G 121 43.53 14.55 3.86
CA LEU G 121 44.52 13.49 4.08
C LEU G 121 43.93 12.45 5.03
N ILE G 122 44.27 11.18 4.78
CA ILE G 122 43.68 10.07 5.50
C ILE G 122 43.97 10.15 7.00
N ASP G 123 45.03 10.88 7.37
CA ASP G 123 45.40 11.00 8.78
C ASP G 123 44.26 11.57 9.62
N HIS G 124 43.37 12.35 9.02
CA HIS G 124 42.24 12.93 9.74
C HIS G 124 41.19 11.85 9.95
N LYS G 125 40.99 11.45 11.22
CA LYS G 125 39.97 10.48 11.60
C LYS G 125 39.01 11.15 12.58
N PHE G 126 37.71 11.01 12.32
CA PHE G 126 36.71 11.69 13.12
C PHE G 126 35.52 10.77 13.46
N ASP G 127 35.52 9.53 12.97
CA ASP G 127 34.50 8.52 13.29
C ASP G 127 33.08 9.08 13.23
N TYR G 128 32.64 9.42 12.02
CA TYR G 128 31.34 10.04 11.77
C TYR G 128 30.23 9.36 12.55
N GLY G 129 29.24 10.15 12.97
CA GLY G 129 28.07 9.60 13.61
C GLY G 129 27.28 8.71 12.65
N VAL G 130 26.45 7.86 13.26
CA VAL G 130 25.66 6.83 12.57
C VAL G 130 26.58 5.78 11.96
N ARG G 131 26.21 4.51 12.08
CA ARG G 131 27.08 3.42 11.68
C ARG G 131 27.11 3.19 10.18
N GLY G 132 26.19 3.79 9.43
CA GLY G 132 26.12 3.57 8.00
C GLY G 132 27.07 4.38 7.15
N ILE G 133 27.89 5.24 7.76
CA ILE G 133 28.86 6.07 7.05
C ILE G 133 30.24 5.78 7.62
N SER G 134 31.19 5.46 6.75
CA SER G 134 32.53 5.08 7.18
C SER G 134 33.50 5.31 6.02
N ARG G 135 34.79 5.16 6.32
CA ARG G 135 35.84 5.27 5.31
C ARG G 135 36.04 3.89 4.67
N ASP G 136 36.83 3.83 3.60
CA ASP G 136 37.08 2.58 2.90
C ASP G 136 38.57 2.47 2.63
N ASN G 137 38.94 1.51 1.77
CA ASN G 137 40.34 1.28 1.43
C ASN G 137 40.92 2.35 0.51
N PHE G 138 40.07 3.13 -0.17
CA PHE G 138 40.54 4.14 -1.11
C PHE G 138 40.32 5.55 -0.60
N GLY G 139 39.97 5.72 0.67
CA GLY G 139 39.78 7.05 1.22
C GLY G 139 38.50 7.73 0.82
N LYS G 140 37.57 7.02 0.19
CA LYS G 140 36.31 7.59 -0.27
C LYS G 140 35.22 7.34 0.77
N ILE G 141 34.37 8.34 0.98
CA ILE G 141 33.31 8.22 1.98
C ILE G 141 32.27 7.22 1.48
N ASN G 142 31.91 6.27 2.33
CA ASN G 142 30.92 5.25 2.02
C ASN G 142 29.61 5.61 2.70
N VAL G 143 28.58 5.83 1.90
CA VAL G 143 27.23 6.11 2.39
C VAL G 143 26.30 5.10 1.75
N GLU G 144 25.66 4.28 2.58
CA GLU G 144 24.74 3.26 2.11
C GLU G 144 23.31 3.79 2.07
N SER G 145 22.43 3.06 1.39
CA SER G 145 21.02 3.37 1.40
C SER G 145 20.36 3.05 2.74
N LYS G 146 21.07 2.38 3.64
CA LYS G 146 20.52 2.05 4.95
C LYS G 146 20.16 3.30 5.73
N VAL G 147 21.03 4.32 5.69
CA VAL G 147 20.84 5.50 6.53
C VAL G 147 19.65 6.32 6.03
N VAL G 148 18.89 6.86 6.96
CA VAL G 148 17.80 7.76 6.66
C VAL G 148 18.32 9.20 6.66
N ALA G 149 17.56 10.09 6.05
CA ALA G 149 18.02 11.47 5.88
C ALA G 149 18.39 12.18 7.18
N PRO G 150 17.63 12.08 8.27
CA PRO G 150 18.10 12.69 9.53
C PRO G 150 19.44 12.16 10.02
N ALA G 151 19.73 10.87 9.82
CA ALA G 151 21.02 10.34 10.21
C ALA G 151 22.15 10.97 9.40
N LEU G 152 21.95 11.12 8.09
CA LEU G 152 22.93 11.80 7.25
C LEU G 152 23.08 13.25 7.68
N ARG G 153 21.98 13.90 8.04
CA ARG G 153 22.06 15.28 8.51
C ARG G 153 22.89 15.37 9.78
N ARG G 154 22.69 14.44 10.72
CA ARG G 154 23.47 14.44 11.95
C ARG G 154 24.95 14.23 11.66
N ALA G 155 25.27 13.27 10.79
CA ALA G 155 26.65 13.02 10.46
C ALA G 155 27.29 14.23 9.79
N LEU G 156 26.56 14.88 8.88
CA LEU G 156 27.08 16.08 8.22
C LEU G 156 27.27 17.21 9.22
N GLU G 157 26.35 17.36 10.17
CA GLU G 157 26.48 18.41 11.15
C GLU G 157 27.72 18.20 12.02
N ASN G 158 27.93 16.96 12.48
CA ASN G 158 29.12 16.68 13.27
C ASN G 158 30.40 16.91 12.47
N ALA G 159 30.40 16.46 11.21
CA ALA G 159 31.58 16.66 10.36
C ALA G 159 31.86 18.14 10.14
N LEU G 160 30.81 18.94 9.90
CA LEU G 160 31.00 20.37 9.70
C LEU G 160 31.51 21.05 10.96
N ILE G 161 30.98 20.65 12.12
CA ILE G 161 31.45 21.23 13.38
C ILE G 161 32.91 20.89 13.61
N HIS G 162 33.30 19.64 13.34
CA HIS G 162 34.69 19.24 13.57
C HIS G 162 35.63 19.93 12.60
N ARG G 163 35.28 19.95 11.31
CA ARG G 163 36.16 20.54 10.31
C ARG G 163 36.14 22.07 10.39
N HIS G 164 34.95 22.65 10.56
CA HIS G 164 34.75 24.09 10.68
C HIS G 164 35.29 24.86 9.47
N PRO G 165 34.71 24.68 8.28
CA PRO G 165 35.14 25.48 7.14
C PRO G 165 34.71 26.93 7.29
N ASP G 166 35.47 27.83 6.66
CA ASP G 166 35.15 29.24 6.72
C ASP G 166 33.82 29.54 6.03
N VAL G 167 33.57 28.91 4.89
CA VAL G 167 32.33 29.11 4.15
C VAL G 167 32.02 27.84 3.37
N PHE G 168 30.73 27.54 3.22
CA PHE G 168 30.27 26.35 2.54
C PHE G 168 29.54 26.79 1.27
N PHE G 169 30.26 26.78 0.15
CA PHE G 169 29.72 27.26 -1.11
C PHE G 169 28.69 26.27 -1.66
N VAL G 170 27.56 26.80 -2.12
CA VAL G 170 26.54 26.01 -2.79
C VAL G 170 26.25 26.70 -4.13
N ASP G 171 26.75 26.13 -5.21
CA ASP G 171 26.53 26.67 -6.54
C ASP G 171 25.22 26.15 -7.12
N GLU G 172 24.68 26.88 -8.10
CA GLU G 172 23.40 26.57 -8.71
C GLU G 172 22.31 26.41 -7.65
N ALA G 173 22.20 27.41 -6.78
CA ALA G 173 21.27 27.37 -5.66
C ALA G 173 19.82 27.46 -6.09
N GLN G 174 19.53 27.77 -7.36
CA GLN G 174 18.15 27.86 -7.81
C GLN G 174 17.45 26.51 -7.74
N HIS G 175 18.22 25.42 -7.72
CA HIS G 175 17.62 24.08 -7.68
C HIS G 175 16.94 23.80 -6.35
N PHE G 176 17.13 24.65 -5.35
CA PHE G 176 16.43 24.52 -4.08
C PHE G 176 14.95 24.81 -4.19
N GLY G 177 14.52 25.45 -5.28
CA GLY G 177 13.13 25.80 -5.48
C GLY G 177 12.25 24.73 -6.09
N LYS G 178 12.80 23.55 -6.36
CA LYS G 178 12.02 22.44 -6.91
C LYS G 178 11.26 21.80 -5.76
N VAL G 179 10.04 22.26 -5.52
CA VAL G 179 9.19 21.78 -4.44
C VAL G 179 7.79 21.53 -4.99
N ALA G 180 6.97 20.85 -4.18
CA ALA G 180 5.59 20.56 -4.54
C ALA G 180 4.59 21.50 -3.90
N SER G 181 4.96 22.22 -2.85
CA SER G 181 4.08 23.16 -2.17
C SER G 181 4.73 24.53 -2.06
N GLY G 182 3.91 25.57 -2.09
CA GLY G 182 4.44 26.92 -2.00
C GLY G 182 5.11 27.20 -0.67
N TYR G 183 4.49 26.77 0.43
CA TYR G 183 5.09 26.98 1.74
C TYR G 183 6.37 26.16 1.90
N LYS G 184 6.45 25.03 1.20
CA LYS G 184 7.66 24.23 1.23
C LYS G 184 8.87 24.99 0.69
N LEU G 185 8.65 26.00 -0.14
CA LEU G 185 9.75 26.84 -0.60
C LEU G 185 10.39 27.58 0.57
N GLN G 186 9.57 28.12 1.47
CA GLN G 186 10.12 28.72 2.69
C GLN G 186 10.67 27.66 3.63
N ASP G 187 10.04 26.49 3.67
CA ASP G 187 10.50 25.42 4.55
C ASP G 187 11.90 24.94 4.18
N GLN G 188 12.22 24.91 2.89
CA GLN G 188 13.58 24.52 2.47
C GLN G 188 14.62 25.48 3.02
N LEU G 189 14.36 26.78 2.90
CA LEU G 189 15.28 27.77 3.44
C LEU G 189 15.33 27.71 4.95
N ASP G 190 14.22 27.37 5.61
CA ASP G 190 14.24 27.19 7.06
C ASP G 190 15.13 26.01 7.44
N CYS G 191 15.06 24.92 6.69
CA CYS G 191 15.95 23.79 6.93
C CYS G 191 17.40 24.17 6.75
N LEU G 192 17.71 24.92 5.69
CA LEU G 192 19.08 25.39 5.49
C LEU G 192 19.53 26.30 6.64
N LYS G 193 18.64 27.17 7.11
CA LYS G 193 18.97 28.07 8.21
C LYS G 193 19.26 27.28 9.48
N SER G 194 18.46 26.25 9.77
CA SER G 194 18.71 25.42 10.93
C SER G 194 20.04 24.69 10.81
N LEU G 195 20.34 24.18 9.62
CA LEU G 195 21.62 23.51 9.39
C LEU G 195 22.78 24.46 9.63
N ALA G 196 22.68 25.69 9.13
CA ALA G 196 23.76 26.65 9.34
C ALA G 196 23.84 27.12 10.79
N ASN G 197 22.70 27.19 11.48
CA ASN G 197 22.69 27.64 12.87
C ASN G 197 23.34 26.62 13.79
N MET G 198 22.96 25.35 13.64
CA MET G 198 23.43 24.32 14.56
C MET G 198 24.87 23.89 14.30
N THR G 199 25.49 24.38 13.22
CA THR G 199 26.91 24.15 12.98
C THR G 199 27.72 25.43 12.94
N GLY G 200 27.09 26.58 12.81
CA GLY G 200 27.81 27.85 12.73
C GLY G 200 28.69 27.98 11.52
N ILE G 201 28.24 27.50 10.36
CA ILE G 201 29.01 27.54 9.13
C ILE G 201 28.31 28.47 8.16
N LEU G 202 29.04 29.45 7.66
CA LEU G 202 28.49 30.41 6.72
C LEU G 202 28.17 29.74 5.39
N HIS G 203 26.95 29.94 4.91
CA HIS G 203 26.49 29.37 3.66
C HIS G 203 26.36 30.47 2.61
N CYS G 204 26.99 30.27 1.46
CA CYS G 204 26.92 31.23 0.35
C CYS G 204 26.15 30.59 -0.79
N LEU G 205 25.07 31.23 -1.20
CA LEU G 205 24.23 30.74 -2.29
C LEU G 205 24.50 31.56 -3.54
N LEU G 206 24.95 30.89 -4.61
CA LEU G 206 25.17 31.53 -5.90
C LEU G 206 24.14 30.99 -6.88
N GLY G 207 23.42 31.88 -7.54
CA GLY G 207 22.38 31.44 -8.46
C GLY G 207 21.95 32.56 -9.38
N THR G 208 21.08 32.20 -10.32
CA THR G 208 20.54 33.15 -11.29
C THR G 208 19.47 34.00 -10.62
N TYR G 209 18.79 34.85 -11.40
CA TYR G 209 17.82 35.77 -10.85
C TYR G 209 16.55 35.08 -10.38
N GLU G 210 16.37 33.79 -10.69
CA GLU G 210 15.22 33.07 -10.16
C GLU G 210 15.43 32.73 -8.69
N LEU G 211 16.64 32.95 -8.16
CA LEU G 211 16.88 32.85 -6.73
C LEU G 211 16.17 33.94 -5.95
N LEU G 212 15.63 34.96 -6.63
CA LEU G 212 14.92 36.04 -5.95
C LEU G 212 13.67 35.55 -5.23
N THR G 213 13.19 34.35 -5.54
CA THR G 213 12.10 33.76 -4.77
C THR G 213 12.49 33.48 -3.33
N PHE G 214 13.79 33.46 -3.03
CA PHE G 214 14.30 33.26 -1.69
C PHE G 214 14.70 34.56 -1.01
N ARG G 215 14.37 35.71 -1.61
CA ARG G 215 14.92 36.98 -1.15
C ARG G 215 14.36 37.37 0.22
N ASN G 216 13.05 37.58 0.30
CA ASN G 216 12.40 38.02 1.53
C ASN G 216 11.30 37.04 1.89
N LEU G 217 11.51 36.28 2.96
CA LEU G 217 10.53 35.33 3.46
C LEU G 217 10.88 35.03 4.91
N SER G 218 9.95 35.33 5.82
CA SER G 218 10.17 35.31 7.27
C SER G 218 11.21 36.35 7.68
N GLY G 219 10.93 37.09 8.75
CA GLY G 219 11.88 38.10 9.20
C GLY G 219 13.20 37.52 9.65
N GLN G 220 13.17 36.32 10.25
CA GLN G 220 14.40 35.69 10.71
C GLN G 220 15.35 35.42 9.55
N LEU G 221 14.84 34.88 8.44
CA LEU G 221 15.69 34.62 7.30
C LEU G 221 16.21 35.93 6.69
N SER G 222 15.38 36.96 6.68
CA SER G 222 15.81 38.25 6.16
C SER G 222 16.93 38.86 7.00
N ARG G 223 16.90 38.65 8.31
CA ARG G 223 17.92 39.22 9.17
C ARG G 223 19.30 38.60 8.93
N ARG G 224 19.33 37.29 8.66
CA ARG G 224 20.59 36.61 8.41
C ARG G 224 20.73 36.17 6.96
N SER G 225 20.63 37.11 6.03
CA SER G 225 20.78 36.78 4.60
C SER G 225 21.35 37.95 3.82
N VAL G 226 22.67 37.93 3.59
CA VAL G 226 23.32 38.99 2.85
C VAL G 226 22.91 38.99 1.39
N ASP G 227 22.66 40.17 0.81
CA ASP G 227 22.35 40.19 -0.61
C ASP G 227 23.52 40.85 -1.35
N ILE G 228 24.14 40.10 -2.26
CA ILE G 228 25.16 40.62 -3.15
C ILE G 228 24.65 40.50 -4.58
N HIS G 229 24.61 41.62 -5.29
CA HIS G 229 24.09 41.68 -6.65
C HIS G 229 25.26 41.77 -7.62
N PHE G 230 25.43 40.74 -8.44
CA PHE G 230 26.44 40.74 -9.49
C PHE G 230 25.83 41.36 -10.74
N ARG G 231 25.68 42.67 -10.71
CA ARG G 231 24.98 43.37 -11.78
C ARG G 231 25.79 43.34 -13.06
N ARG G 232 25.08 43.35 -14.19
CA ARG G 232 25.66 43.41 -15.51
C ARG G 232 25.96 44.86 -15.88
N TYR G 233 26.62 45.04 -17.01
CA TYR G 233 26.94 46.37 -17.52
C TYR G 233 25.77 46.86 -18.37
N CYS G 234 25.05 47.85 -17.86
CA CYS G 234 23.92 48.41 -18.60
C CYS G 234 24.42 49.32 -19.73
N ALA G 235 23.53 49.57 -20.68
CA ALA G 235 23.85 50.46 -21.79
C ALA G 235 23.42 51.90 -21.55
N ASP G 236 22.43 52.13 -20.68
CA ASP G 236 21.96 53.49 -20.44
C ASP G 236 23.03 54.35 -19.80
N SER G 237 23.76 53.81 -18.83
CA SER G 237 24.78 54.58 -18.13
C SER G 237 26.06 54.60 -18.96
N PRO G 238 26.59 55.78 -19.31
CA PRO G 238 27.84 55.83 -20.10
C PRO G 238 29.02 55.17 -19.42
N GLU G 239 29.07 55.18 -18.08
CA GLU G 239 30.22 54.58 -17.38
C GLU G 239 30.29 53.07 -17.62
N ASP G 240 29.14 52.39 -17.58
CA ASP G 240 29.15 50.96 -17.86
C ASP G 240 29.53 50.68 -19.30
N VAL G 241 29.10 51.54 -20.23
CA VAL G 241 29.50 51.40 -21.63
C VAL G 241 31.00 51.53 -21.76
N GLN G 242 31.60 52.51 -21.07
CA GLN G 242 33.04 52.69 -21.12
C GLN G 242 33.77 51.49 -20.53
N ALA G 243 33.24 50.94 -19.43
CA ALA G 243 33.86 49.75 -18.83
C ALA G 243 33.78 48.56 -19.78
N PHE G 244 32.64 48.38 -20.44
CA PHE G 244 32.50 47.29 -21.40
C PHE G 244 33.44 47.47 -22.58
N LYS G 245 33.60 48.71 -23.06
CA LYS G 245 34.56 48.98 -24.12
C LYS G 245 35.98 48.70 -23.69
N SER G 246 36.33 49.02 -22.44
CA SER G 246 37.67 48.72 -21.94
C SER G 246 37.89 47.21 -21.88
N VAL G 247 36.87 46.46 -21.45
CA VAL G 247 36.97 45.00 -21.42
C VAL G 247 37.15 44.46 -22.83
N LEU G 248 36.41 44.99 -23.80
CA LEU G 248 36.57 44.57 -25.18
C LEU G 248 37.97 44.89 -25.69
N LEU G 249 38.49 46.06 -25.33
CA LEU G 249 39.82 46.46 -25.78
C LEU G 249 40.90 45.55 -25.21
N THR G 250 40.83 45.23 -23.92
CA THR G 250 41.83 44.32 -23.37
C THR G 250 41.66 42.90 -23.89
N PHE G 251 40.42 42.48 -24.20
CA PHE G 251 40.24 41.18 -24.82
C PHE G 251 40.88 41.12 -26.21
N GLN G 252 40.68 42.15 -27.03
CA GLN G 252 41.29 42.15 -28.35
C GLN G 252 42.80 42.29 -28.25
N GLN G 253 43.29 42.97 -27.22
CA GLN G 253 44.73 42.99 -26.97
C GLN G 253 45.25 41.62 -26.58
N HIS G 254 44.44 40.82 -25.89
CA HIS G 254 44.84 39.51 -25.41
C HIS G 254 44.48 38.38 -26.35
N LEU G 255 44.00 38.69 -27.55
CA LEU G 255 43.69 37.65 -28.52
C LEU G 255 44.97 37.21 -29.22
N PRO G 256 45.41 35.97 -29.05
CA PRO G 256 46.66 35.53 -29.70
C PRO G 256 46.51 35.31 -31.19
N LEU G 257 46.55 36.41 -31.95
CA LEU G 257 46.49 36.36 -33.41
C LEU G 257 47.64 37.16 -33.98
N ALA G 258 47.98 36.84 -35.23
CA ALA G 258 49.05 37.57 -35.92
C ALA G 258 48.69 39.04 -36.06
N GLU G 259 47.42 39.32 -36.38
CA GLU G 259 46.91 40.68 -36.46
C GLU G 259 45.83 40.87 -35.40
N THR G 260 45.94 41.94 -34.62
CA THR G 260 44.94 42.24 -33.61
C THR G 260 43.75 42.92 -34.27
N PRO G 261 42.54 42.36 -34.15
CA PRO G 261 41.37 42.94 -34.82
C PRO G 261 40.88 44.19 -34.08
N ASN G 262 39.89 44.84 -34.68
CA ASN G 262 39.22 45.98 -34.08
C ASN G 262 37.88 45.48 -33.53
N LEU G 263 37.74 45.53 -32.21
CA LEU G 263 36.53 45.05 -31.54
C LEU G 263 35.71 46.16 -30.91
N VAL G 264 36.33 47.29 -30.57
CA VAL G 264 35.59 48.40 -30.01
C VAL G 264 34.61 48.97 -31.03
N ASP G 265 34.93 48.84 -32.33
CA ASP G 265 34.05 49.35 -33.36
C ASP G 265 32.67 48.71 -33.30
N HIS G 266 32.63 47.37 -33.24
CA HIS G 266 31.36 46.66 -33.12
C HIS G 266 31.01 46.36 -31.68
N TRP G 267 31.05 47.40 -30.83
CA TRP G 267 30.68 47.19 -29.43
C TRP G 267 29.18 47.04 -29.26
N GLU G 268 28.39 47.70 -30.13
CA GLU G 268 26.94 47.56 -30.07
C GLU G 268 26.52 46.13 -30.35
N TYR G 269 27.17 45.50 -31.32
CA TYR G 269 26.84 44.11 -31.67
C TYR G 269 27.14 43.17 -30.53
N PHE G 270 28.37 43.23 -30.03
CA PHE G 270 28.75 42.39 -28.90
C PHE G 270 27.68 42.48 -27.83
N TYR G 271 27.45 43.69 -27.35
CA TYR G 271 26.43 43.90 -26.33
C TYR G 271 25.14 43.20 -26.71
N GLU G 272 24.59 43.58 -27.86
CA GLU G 272 23.34 42.97 -28.32
C GLU G 272 23.36 41.46 -28.16
N ARG G 273 24.51 40.84 -28.38
CA ARG G 273 24.61 39.39 -28.29
C ARG G 273 25.20 38.90 -26.98
N THR G 274 25.52 39.79 -26.05
CA THR G 274 26.01 39.39 -24.73
C THR G 274 25.27 40.05 -23.57
N LEU G 275 24.55 41.15 -23.80
CA LEU G 275 23.80 41.86 -22.75
C LEU G 275 24.72 42.37 -21.64
N GLY G 276 26.01 42.52 -21.94
CA GLY G 276 26.96 43.04 -20.97
C GLY G 276 27.59 42.00 -20.08
N CYS G 277 27.16 40.75 -20.14
CA CYS G 277 27.76 39.71 -19.31
C CYS G 277 29.16 39.42 -19.80
N ILE G 278 30.13 39.44 -18.88
CA ILE G 278 31.53 39.23 -19.27
C ILE G 278 31.77 37.78 -19.67
N GLY G 279 31.10 36.83 -19.02
CA GLY G 279 31.27 35.43 -19.37
C GLY G 279 30.80 35.13 -20.79
N THR G 280 29.66 35.71 -21.18
CA THR G 280 29.15 35.51 -22.53
C THR G 280 30.13 36.06 -23.56
N LEU G 281 30.66 37.27 -23.32
CA LEU G 281 31.66 37.82 -24.22
C LEU G 281 32.89 36.93 -24.27
N LYS G 282 33.33 36.43 -23.12
CA LYS G 282 34.54 35.62 -23.06
C LYS G 282 34.38 34.33 -23.86
N ASP G 283 33.27 33.62 -23.67
CA ASP G 283 33.12 32.36 -24.39
C ASP G 283 32.78 32.58 -25.86
N TRP G 284 32.09 33.68 -26.21
CA TRP G 284 31.87 33.99 -27.62
C TRP G 284 33.20 34.26 -28.33
N LEU G 285 34.08 35.04 -27.69
CA LEU G 285 35.41 35.25 -28.25
C LEU G 285 36.21 33.97 -28.28
N LYS G 286 36.01 33.08 -27.31
CA LYS G 286 36.67 31.79 -27.33
C LYS G 286 36.26 30.99 -28.57
N ARG G 287 34.95 30.98 -28.86
CA ARG G 287 34.47 30.27 -30.05
C ARG G 287 35.04 30.88 -31.33
N VAL G 288 35.02 32.21 -31.42
CA VAL G 288 35.53 32.88 -32.61
C VAL G 288 37.01 32.60 -32.80
N LEU G 289 37.78 32.66 -31.71
CA LEU G 289 39.21 32.39 -31.78
C LEU G 289 39.49 30.95 -32.14
N SER G 290 38.70 30.01 -31.61
CA SER G 290 38.88 28.61 -31.99
C SER G 290 38.62 28.40 -33.47
N ASP G 291 37.57 29.04 -34.01
CA ASP G 291 37.32 28.94 -35.45
C ASP G 291 38.47 29.53 -36.25
N ALA G 292 38.98 30.69 -35.82
CA ALA G 292 40.09 31.32 -36.54
C ALA G 292 41.33 30.45 -36.51
N LEU G 293 41.65 29.85 -35.35
CA LEU G 293 42.81 28.99 -35.25
C LEU G 293 42.64 27.71 -36.08
N ASP G 294 41.41 27.19 -36.16
CA ASP G 294 41.17 26.04 -37.02
C ASP G 294 41.38 26.41 -38.48
N ARG G 295 40.95 27.60 -38.88
CA ARG G 295 41.17 28.07 -40.26
C ARG G 295 42.54 28.67 -40.47
N GLU G 296 43.35 28.82 -39.41
CA GLU G 296 44.68 29.43 -39.49
C GLU G 296 44.61 30.82 -40.10
N ALA G 297 43.55 31.56 -39.77
CA ALA G 297 43.35 32.90 -40.29
C ALA G 297 44.02 33.91 -39.38
N THR G 298 44.82 34.80 -39.96
CA THR G 298 45.54 35.78 -39.15
C THR G 298 44.65 36.65 -38.26
N THR G 299 43.38 36.80 -38.62
CA THR G 299 42.52 37.70 -37.86
C THR G 299 41.05 37.31 -37.85
N ILE G 300 40.23 38.16 -37.23
CA ILE G 300 38.82 37.90 -37.05
C ILE G 300 37.97 38.85 -37.87
N THR G 301 36.82 38.36 -38.33
CA THR G 301 35.88 39.18 -39.07
C THR G 301 34.51 39.16 -38.41
N LEU G 302 33.69 40.16 -38.71
CA LEU G 302 32.35 40.21 -38.13
C LEU G 302 31.61 38.94 -38.50
N LYS G 303 31.78 38.50 -39.74
CA LYS G 303 31.15 37.25 -40.15
C LYS G 303 31.44 36.18 -39.11
N ASP G 304 32.71 35.98 -38.82
CA ASP G 304 33.08 34.96 -37.84
C ASP G 304 32.35 35.17 -36.52
N LEU G 305 32.17 36.43 -36.11
CA LEU G 305 31.36 36.71 -34.92
C LEU G 305 29.92 36.29 -35.14
N GLN G 306 29.39 36.52 -36.35
CA GLN G 306 28.01 36.14 -36.65
C GLN G 306 27.84 34.64 -36.69
N LYS G 307 28.91 33.88 -36.97
CA LYS G 307 28.81 32.44 -37.04
C LYS G 307 28.50 31.84 -35.68
N ARG G 308 29.23 32.27 -34.65
CA ARG G 308 29.09 31.69 -33.30
C ARG G 308 28.42 32.65 -32.32
N ALA G 309 27.60 33.57 -32.82
CA ALA G 309 26.87 34.47 -31.94
C ALA G 309 25.71 33.71 -31.28
N LEU G 310 24.93 34.45 -30.50
CA LEU G 310 23.73 33.91 -29.87
C LEU G 310 22.49 34.34 -30.64
N SER G 311 21.52 33.43 -30.72
CA SER G 311 20.31 33.70 -31.47
C SER G 311 19.53 34.83 -30.82
N VAL G 312 18.77 35.56 -31.65
CA VAL G 312 17.96 36.66 -31.14
C VAL G 312 16.93 36.14 -30.13
N ALA G 313 16.34 34.98 -30.43
CA ALA G 313 15.39 34.38 -29.49
C ALA G 313 16.06 34.04 -28.16
N GLN G 314 17.30 33.56 -28.21
CA GLN G 314 18.03 33.25 -26.99
C GLN G 314 18.26 34.50 -26.16
N CYS G 315 18.75 35.57 -26.80
CA CYS G 315 19.06 36.80 -26.07
C CYS G 315 17.80 37.52 -25.61
N GLN G 316 16.70 37.40 -26.39
CA GLN G 316 15.46 38.04 -25.99
C GLN G 316 14.92 37.43 -24.71
N LYS G 317 15.04 36.11 -24.56
CA LYS G 317 14.63 35.47 -23.31
C LYS G 317 15.55 35.87 -22.17
N MET G 318 16.84 36.05 -22.46
CA MET G 318 17.79 36.53 -21.44
C MET G 318 17.34 37.85 -20.84
N PHE G 319 17.06 38.83 -21.70
CA PHE G 319 16.79 40.18 -21.21
C PHE G 319 15.46 40.24 -20.46
N LYS G 320 14.51 39.36 -20.81
CA LYS G 320 13.25 39.30 -20.09
C LYS G 320 13.46 38.89 -18.64
N GLU G 321 14.32 37.90 -18.40
CA GLU G 321 14.59 37.47 -17.03
C GLU G 321 15.48 38.47 -16.30
N ILE G 322 16.46 39.05 -17.01
CA ILE G 322 17.33 40.05 -16.41
C ILE G 322 16.53 41.30 -16.06
N GLN G 323 15.61 41.72 -16.93
CA GLN G 323 14.79 42.89 -16.67
C GLN G 323 13.95 42.70 -15.41
N GLU G 324 13.36 41.52 -15.25
CA GLU G 324 12.56 41.25 -14.06
C GLU G 324 13.44 41.09 -12.82
N GLY G 325 14.64 40.52 -12.98
CA GLY G 325 15.52 40.35 -11.84
C GLY G 325 16.01 41.68 -11.29
N GLU G 326 16.41 42.59 -12.18
CA GLU G 326 16.87 43.91 -11.74
C GLU G 326 15.72 44.76 -11.25
N ARG G 327 14.53 44.60 -11.83
CA ARG G 327 13.37 45.35 -11.37
C ARG G 327 13.02 44.99 -9.93
N GLN G 328 13.07 43.70 -9.59
CA GLN G 328 12.76 43.28 -8.23
C GLN G 328 13.83 43.70 -7.24
N LEU G 329 15.07 43.83 -7.70
CA LEU G 329 16.20 44.19 -6.84
C LEU G 329 16.46 45.70 -6.82
N SER G 330 15.58 46.49 -7.44
CA SER G 330 15.78 47.94 -7.53
C SER G 330 15.45 48.58 -6.18
N GLU G 331 16.46 49.19 -5.56
CA GLU G 331 16.31 49.90 -4.30
C GLU G 331 16.36 51.40 -4.59
N THR G 332 15.25 52.09 -4.35
CA THR G 332 15.13 53.51 -4.63
C THR G 332 15.03 54.30 -3.33
N GLU G 333 15.33 55.59 -3.42
CA GLU G 333 15.19 56.46 -2.26
C GLU G 333 13.73 56.58 -1.81
N ALA G 334 12.79 56.38 -2.73
CA ALA G 334 11.38 56.38 -2.36
C ALA G 334 11.06 55.24 -1.40
N ASP G 335 11.69 54.08 -1.60
CA ASP G 335 11.47 52.94 -0.72
C ASP G 335 11.86 53.26 0.71
N VAL G 336 12.95 54.00 0.90
CA VAL G 336 13.37 54.40 2.24
C VAL G 336 12.32 55.31 2.87
N GLN G 337 11.67 56.14 2.07
CA GLN G 337 10.66 57.06 2.60
C GLN G 337 9.52 56.31 3.26
N ASN G 338 9.03 55.24 2.63
CA ASN G 338 7.96 54.46 3.24
C ASN G 338 8.45 53.79 4.52
N LEU G 339 9.69 53.30 4.52
CA LEU G 339 10.23 52.64 5.71
C LEU G 339 10.29 53.61 6.89
N ARG G 340 10.78 54.83 6.66
CA ARG G 340 10.77 55.83 7.71
C ARG G 340 9.35 56.25 8.08
N SER G 341 8.48 56.38 7.09
CA SER G 341 7.09 56.70 7.36
C SER G 341 6.41 55.60 8.16
N ALA G 342 6.66 54.34 7.79
CA ALA G 342 6.10 53.22 8.55
C ALA G 342 6.67 53.18 9.96
N LEU G 343 7.97 53.43 10.11
CA LEU G 343 8.60 53.43 11.42
C LEU G 343 8.25 54.66 12.24
N GLY G 344 7.60 55.66 11.64
CA GLY G 344 7.27 56.88 12.36
C GLY G 344 8.42 57.85 12.52
N LEU G 345 9.49 57.69 11.76
CA LEU G 345 10.67 58.56 11.85
C LEU G 345 10.67 59.68 10.83
N GLY G 346 9.60 59.82 10.04
CA GLY G 346 9.55 60.84 9.02
C GLY G 346 9.41 62.23 9.60
N SER H 4 34.14 6.36 -63.29
CA SER H 4 32.73 6.68 -63.52
C SER H 4 32.13 7.37 -62.31
N THR H 5 31.21 8.30 -62.55
CA THR H 5 30.55 9.04 -61.49
C THR H 5 29.30 8.33 -60.97
N GLY H 6 28.90 7.23 -61.60
CA GLY H 6 27.73 6.49 -61.16
C GLY H 6 28.07 5.17 -60.52
N PHE H 7 27.09 4.26 -60.47
CA PHE H 7 27.32 2.95 -59.89
C PHE H 7 28.28 2.14 -60.76
N PRO H 8 29.13 1.32 -60.15
CA PRO H 8 30.01 0.45 -60.94
C PRO H 8 29.22 -0.51 -61.81
N LEU H 9 29.72 -0.75 -63.02
CA LEU H 9 28.99 -1.57 -63.97
C LEU H 9 29.06 -3.06 -63.62
N GLU H 10 30.10 -3.48 -62.92
CA GLU H 10 30.27 -4.91 -62.64
C GLU H 10 29.22 -5.45 -61.68
N LEU H 11 28.45 -4.57 -61.02
CA LEU H 11 27.39 -5.04 -60.13
C LEU H 11 26.27 -5.76 -60.88
N LEU H 12 26.15 -5.54 -62.19
CA LEU H 12 25.08 -6.17 -62.95
C LEU H 12 25.21 -7.69 -62.95
N THR H 13 26.42 -8.21 -63.11
CA THR H 13 26.62 -9.65 -63.10
C THR H 13 26.32 -10.25 -61.73
N ARG H 14 26.72 -9.57 -60.66
CA ARG H 14 26.43 -10.01 -59.31
C ARG H 14 24.92 -9.89 -59.03
N PRO H 15 24.38 -10.69 -58.11
CA PRO H 15 22.93 -10.78 -57.97
C PRO H 15 22.33 -9.54 -57.32
N ALA H 16 21.00 -9.58 -57.16
CA ALA H 16 20.25 -8.41 -56.71
C ALA H 16 20.56 -8.03 -55.26
N THR H 17 20.83 -9.01 -54.41
CA THR H 17 21.01 -8.73 -53.00
C THR H 17 22.18 -7.78 -52.76
N GLU H 18 23.30 -8.00 -53.45
CA GLU H 18 24.46 -7.14 -53.24
C GLU H 18 24.22 -5.76 -53.84
N ARG H 19 23.40 -5.67 -54.90
CA ARG H 19 23.05 -4.37 -55.44
C ARG H 19 22.21 -3.57 -54.43
N LEU H 20 21.24 -4.23 -53.80
CA LEU H 20 20.46 -3.57 -52.76
C LEU H 20 21.35 -3.17 -51.60
N ALA H 21 22.30 -4.04 -51.23
CA ALA H 21 23.22 -3.71 -50.15
C ALA H 21 24.08 -2.50 -50.49
N TYR H 22 24.56 -2.43 -51.74
CA TYR H 22 25.34 -1.29 -52.18
C TYR H 22 24.52 0.00 -52.13
N PHE H 23 23.25 -0.07 -52.56
CA PHE H 23 22.43 1.14 -52.53
C PHE H 23 22.13 1.56 -51.09
N GLU H 24 21.91 0.61 -50.19
CA GLU H 24 21.71 0.96 -48.78
C GLU H 24 22.96 1.60 -48.19
N ASN H 25 24.13 1.00 -48.45
CA ASN H 25 25.37 1.54 -47.89
C ASN H 25 25.82 2.82 -48.59
N TYR H 26 25.21 3.16 -49.73
CA TYR H 26 25.57 4.39 -50.42
C TYR H 26 24.97 5.60 -49.71
N THR H 27 25.80 6.63 -49.54
CA THR H 27 25.37 7.88 -48.93
C THR H 27 25.70 9.04 -49.86
N VAL H 28 24.78 9.99 -49.94
CA VAL H 28 24.94 11.15 -50.81
C VAL H 28 25.29 12.36 -49.96
N ALA H 29 25.96 13.33 -50.58
CA ALA H 29 26.35 14.57 -49.91
C ALA H 29 25.60 15.73 -50.56
N HIS H 30 24.88 16.49 -49.75
CA HIS H 30 24.13 17.64 -50.23
C HIS H 30 24.41 18.84 -49.33
N PRO H 31 24.27 20.06 -49.87
CA PRO H 31 24.82 21.24 -49.15
C PRO H 31 24.34 21.41 -47.72
N ARG H 32 23.05 21.16 -47.45
CA ARG H 32 22.56 21.33 -46.09
C ARG H 32 23.21 20.34 -45.14
N LEU H 33 23.36 19.08 -45.57
CA LEU H 33 23.97 18.08 -44.70
C LEU H 33 25.40 18.47 -44.36
N LYS H 34 26.18 18.88 -45.36
CA LYS H 34 27.58 19.21 -45.11
C LYS H 34 27.70 20.48 -44.27
N GLU H 35 26.83 21.46 -44.49
CA GLU H 35 26.87 22.68 -43.68
C GLU H 35 26.55 22.39 -42.23
N VAL H 36 25.48 21.62 -41.98
CA VAL H 36 25.12 21.28 -40.61
C VAL H 36 26.20 20.41 -39.98
N TYR H 37 26.81 19.52 -40.78
CA TYR H 37 27.87 18.67 -40.26
C TYR H 37 29.08 19.48 -39.83
N GLU H 38 29.49 20.46 -40.64
CA GLU H 38 30.64 21.26 -40.27
C GLU H 38 30.33 22.16 -39.06
N ILE H 39 29.11 22.68 -38.99
CA ILE H 39 28.72 23.50 -37.84
C ILE H 39 28.74 22.66 -36.57
N LEU H 40 28.17 21.45 -36.64
CA LEU H 40 28.14 20.57 -35.47
C LEU H 40 29.54 20.14 -35.06
N MET H 41 30.40 19.85 -36.03
CA MET H 41 31.78 19.47 -35.70
C MET H 41 32.52 20.63 -35.04
N ARG H 42 32.32 21.86 -35.54
CA ARG H 42 32.95 23.01 -34.92
C ARG H 42 32.45 23.21 -33.50
N THR H 43 31.15 23.03 -33.28
CA THR H 43 30.59 23.19 -31.93
C THR H 43 31.10 22.09 -30.99
N ILE H 44 31.22 20.86 -31.48
CA ILE H 44 31.68 19.76 -30.65
C ILE H 44 33.16 19.92 -30.32
N ALA H 45 33.95 20.41 -31.27
CA ALA H 45 35.39 20.57 -31.05
C ALA H 45 35.68 21.45 -29.84
N GLU H 46 34.82 22.42 -29.57
CA GLU H 46 34.94 23.23 -28.36
C GLU H 46 33.57 23.80 -27.98
N PRO H 47 33.07 23.48 -26.78
CA PRO H 47 31.75 23.97 -26.38
C PRO H 47 31.76 25.41 -25.88
N ALA H 48 32.85 25.79 -25.20
CA ALA H 48 33.01 27.13 -24.63
C ALA H 48 31.84 27.48 -23.71
N GLY H 49 31.72 26.72 -22.64
CA GLY H 49 30.69 26.99 -21.65
C GLY H 49 29.29 26.60 -22.06
N ALA H 50 29.14 25.86 -23.16
CA ALA H 50 27.85 25.39 -23.61
C ALA H 50 27.69 23.92 -23.25
N SER H 51 26.48 23.56 -22.83
CA SER H 51 26.19 22.18 -22.45
C SER H 51 25.11 21.51 -23.31
N PHE H 52 24.46 22.25 -24.20
CA PHE H 52 23.38 21.71 -25.02
C PHE H 52 23.54 22.15 -26.46
N ILE H 53 23.23 21.23 -27.38
CA ILE H 53 23.04 21.54 -28.79
C ILE H 53 21.67 21.02 -29.18
N PHE H 54 20.77 21.93 -29.56
CA PHE H 54 19.42 21.57 -29.95
C PHE H 54 19.37 21.52 -31.48
N VAL H 55 19.55 20.34 -32.03
CA VAL H 55 19.47 20.16 -33.48
C VAL H 55 18.04 19.75 -33.82
N TYR H 56 17.35 20.58 -34.58
CA TYR H 56 15.98 20.30 -35.00
C TYR H 56 15.97 19.81 -36.43
N GLY H 57 14.78 19.59 -36.95
CA GLY H 57 14.62 19.14 -38.33
C GLY H 57 13.41 18.25 -38.48
N ALA H 58 12.99 18.07 -39.72
CA ALA H 58 11.80 17.27 -40.00
C ALA H 58 12.07 15.79 -39.90
N SER H 59 11.40 15.02 -40.73
CA SER H 59 11.61 13.58 -40.74
C SER H 59 12.22 13.21 -42.08
N GLY H 60 12.89 12.06 -42.15
CA GLY H 60 13.59 11.70 -43.37
C GLY H 60 14.59 12.78 -43.73
N VAL H 61 15.25 13.35 -42.73
CA VAL H 61 16.14 14.49 -43.00
C VAL H 61 17.63 14.17 -42.81
N GLY H 62 17.95 13.05 -42.19
CA GLY H 62 19.35 12.65 -42.06
C GLY H 62 19.99 12.91 -40.70
N LYS H 63 19.18 13.33 -39.72
CA LYS H 63 19.71 13.60 -38.38
C LYS H 63 20.46 12.40 -37.84
N THR H 64 19.89 11.20 -37.94
CA THR H 64 20.54 10.01 -37.43
C THR H 64 21.80 9.69 -38.24
N THR H 65 21.74 9.84 -39.56
CA THR H 65 22.92 9.62 -40.39
C THR H 65 24.01 10.64 -40.08
N LEU H 66 23.61 11.89 -39.86
CA LEU H 66 24.56 12.92 -39.45
C LEU H 66 25.23 12.54 -38.12
N ARG H 67 24.43 12.05 -37.18
CA ARG H 67 24.99 11.63 -35.90
C ARG H 67 26.00 10.51 -36.08
N LEU H 68 25.66 9.49 -36.87
CA LEU H 68 26.57 8.37 -37.08
C LEU H 68 27.85 8.83 -37.76
N ARG H 69 27.74 9.72 -38.75
CA ARG H 69 28.91 10.24 -39.41
C ARG H 69 29.80 11.02 -38.44
N VAL H 70 29.19 11.82 -37.57
CA VAL H 70 29.95 12.59 -36.59
C VAL H 70 30.68 11.64 -35.63
N GLU H 71 29.99 10.61 -35.16
CA GLU H 71 30.63 9.67 -34.24
C GLU H 71 31.79 8.95 -34.90
N GLN H 72 31.62 8.48 -36.15
CA GLN H 72 32.70 7.78 -36.81
C GLN H 72 33.88 8.71 -37.08
N LYS H 73 33.60 9.96 -37.48
CA LYS H 73 34.67 10.92 -37.69
C LYS H 73 35.44 11.21 -36.41
N LEU H 74 34.73 11.40 -35.30
CA LEU H 74 35.42 11.69 -34.05
C LEU H 74 36.22 10.47 -33.56
N THR H 75 35.68 9.27 -33.76
CA THR H 75 36.44 8.07 -33.38
C THR H 75 37.72 7.93 -34.20
N GLU H 76 37.63 8.14 -35.51
CA GLU H 76 38.83 8.07 -36.34
C GLU H 76 39.81 9.19 -36.02
N LEU H 77 39.31 10.34 -35.58
CA LEU H 77 40.20 11.42 -35.15
C LEU H 77 40.89 11.09 -33.84
N ALA H 78 40.18 10.39 -32.95
CA ALA H 78 40.73 10.07 -31.63
C ALA H 78 41.67 8.87 -31.68
N LEU H 79 41.43 7.96 -32.61
CA LEU H 79 42.24 6.74 -32.70
C LEU H 79 43.70 6.94 -32.24
N PRO H 80 44.44 7.87 -32.86
CA PRO H 80 45.84 7.98 -32.45
C PRO H 80 45.96 8.22 -30.96
N LYS H 81 45.31 9.25 -30.47
CA LYS H 81 45.34 9.53 -29.03
C LYS H 81 45.08 8.28 -28.25
N LEU H 82 43.99 7.59 -28.58
CA LEU H 82 43.65 6.35 -27.88
C LEU H 82 44.85 5.43 -27.82
N GLU H 83 45.53 5.26 -28.95
CA GLU H 83 46.66 4.34 -28.99
C GLU H 83 47.62 4.59 -27.83
N SER H 84 47.68 5.81 -27.33
CA SER H 84 48.59 6.14 -26.24
C SER H 84 47.91 6.14 -24.87
N ASP H 85 46.81 6.88 -24.73
CA ASP H 85 46.11 6.98 -23.46
C ASP H 85 44.91 6.03 -23.46
N ARG H 86 44.84 5.17 -22.46
CA ARG H 86 43.75 4.20 -22.33
C ARG H 86 42.59 4.84 -21.56
N ALA H 87 41.57 4.03 -21.27
CA ALA H 87 40.41 4.46 -20.49
C ALA H 87 39.74 5.70 -21.09
N ARG H 88 39.52 5.70 -22.40
CA ARG H 88 38.96 6.84 -23.10
C ARG H 88 37.92 6.33 -24.08
N VAL H 89 36.75 6.95 -24.07
CA VAL H 89 35.73 6.73 -25.09
C VAL H 89 35.47 8.08 -25.77
N PRO H 90 35.70 8.21 -27.07
CA PRO H 90 35.57 9.52 -27.72
C PRO H 90 34.15 10.06 -27.69
N VAL H 91 33.20 9.25 -28.18
CA VAL H 91 31.80 9.67 -28.28
C VAL H 91 30.92 8.59 -27.67
N VAL H 92 29.96 9.01 -26.86
CA VAL H 92 28.89 8.15 -26.38
C VAL H 92 27.59 8.67 -26.97
N GLY H 93 26.95 7.85 -27.82
CA GLY H 93 25.73 8.25 -28.47
C GLY H 93 24.54 7.40 -28.03
N ILE H 94 23.50 8.05 -27.52
CA ILE H 94 22.34 7.37 -26.95
C ILE H 94 21.07 7.96 -27.57
N GLU H 95 20.06 7.13 -27.68
CA GLU H 95 18.72 7.53 -28.10
C GLU H 95 17.77 7.48 -26.91
N ALA H 96 16.77 8.36 -26.92
CA ALA H 96 15.82 8.40 -25.81
C ALA H 96 14.81 7.27 -25.96
N ILE H 97 14.14 6.95 -24.85
CA ILE H 97 13.15 5.87 -24.79
C ILE H 97 11.81 6.48 -24.40
N ALA H 98 10.80 6.23 -25.23
CA ALA H 98 9.45 6.66 -24.89
C ALA H 98 8.90 5.80 -23.76
N PRO H 99 8.49 6.39 -22.65
CA PRO H 99 8.07 5.58 -21.49
C PRO H 99 6.71 4.94 -21.71
N GLU H 100 6.53 3.78 -21.07
CA GLU H 100 5.23 3.13 -21.06
C GLU H 100 4.22 3.96 -20.29
N SER H 101 4.63 4.56 -19.18
CA SER H 101 3.78 5.43 -18.38
C SER H 101 3.79 6.83 -18.98
N ARG H 102 3.18 7.79 -18.27
CA ARG H 102 3.05 9.15 -18.76
C ARG H 102 4.23 10.04 -18.37
N TYR H 103 5.15 9.56 -17.54
CA TYR H 103 6.30 10.35 -17.12
C TYR H 103 7.57 9.67 -17.60
N PHE H 104 8.54 10.48 -18.05
CA PHE H 104 9.79 9.94 -18.55
C PHE H 104 10.54 9.24 -17.42
N ASN H 105 11.07 8.05 -17.74
CA ASN H 105 11.74 7.22 -16.74
C ASN H 105 13.22 7.59 -16.69
N TRP H 106 13.60 8.32 -15.64
CA TRP H 106 15.00 8.71 -15.48
C TRP H 106 15.88 7.53 -15.07
N LYS H 107 15.34 6.59 -14.30
CA LYS H 107 16.11 5.42 -13.90
C LYS H 107 16.53 4.59 -15.11
N GLU H 108 15.62 4.39 -16.06
CA GLU H 108 15.95 3.64 -17.26
C GLU H 108 16.95 4.40 -18.11
N TYR H 109 16.83 5.73 -18.17
CA TYR H 109 17.81 6.53 -18.90
C TYR H 109 19.20 6.38 -18.29
N TYR H 110 19.28 6.43 -16.97
CA TYR H 110 20.57 6.31 -16.30
C TYR H 110 21.18 4.92 -16.50
N THR H 111 20.36 3.86 -16.38
CA THR H 111 20.92 2.53 -16.56
C THR H 111 21.29 2.26 -18.01
N ARG H 112 20.55 2.82 -18.97
CA ARG H 112 20.95 2.71 -20.37
C ARG H 112 22.25 3.45 -20.63
N ALA H 113 22.42 4.62 -20.02
CA ALA H 113 23.68 5.34 -20.15
C ALA H 113 24.83 4.54 -19.59
N LEU H 114 24.63 3.91 -18.43
CA LEU H 114 25.67 3.06 -17.86
C LEU H 114 25.98 1.88 -18.77
N ILE H 115 24.94 1.27 -19.37
CA ILE H 115 25.14 0.11 -20.23
C ILE H 115 25.95 0.49 -21.46
N THR H 116 25.54 1.55 -22.16
CA THR H 116 26.18 1.90 -23.43
C THR H 116 27.55 2.52 -23.21
N LEU H 117 27.68 3.38 -22.20
CA LEU H 117 28.95 4.08 -21.99
C LEU H 117 30.07 3.12 -21.65
N GLU H 118 29.81 2.14 -20.79
CA GLU H 118 30.85 1.26 -20.27
C GLU H 118 30.82 -0.06 -21.03
N GLU H 119 31.42 -0.04 -22.22
CA GLU H 119 31.72 -1.27 -22.97
C GLU H 119 33.15 -1.26 -23.50
N PRO H 120 34.15 -0.99 -22.64
CA PRO H 120 35.54 -1.03 -23.11
C PRO H 120 36.15 -2.40 -22.92
N LEU H 121 37.45 -2.52 -23.20
CA LEU H 121 38.17 -3.74 -22.85
C LEU H 121 38.10 -3.95 -21.33
N ILE H 122 38.00 -5.21 -20.92
CA ILE H 122 37.74 -5.54 -19.52
C ILE H 122 38.85 -5.04 -18.61
N ASP H 123 40.02 -4.73 -19.17
CA ASP H 123 41.15 -4.29 -18.35
C ASP H 123 40.81 -3.05 -17.53
N HIS H 124 39.99 -2.16 -18.09
CA HIS H 124 39.59 -0.95 -17.38
C HIS H 124 38.62 -1.31 -16.27
N LYS H 125 39.03 -1.10 -15.02
CA LYS H 125 38.21 -1.36 -13.84
C LYS H 125 38.03 -0.07 -13.06
N PHE H 126 36.80 0.20 -12.62
CA PHE H 126 36.53 1.38 -11.82
C PHE H 126 35.54 1.19 -10.68
N ASP H 127 35.09 -0.03 -10.41
CA ASP H 127 34.35 -0.41 -9.19
C ASP H 127 33.46 0.73 -8.69
N TYR H 128 32.58 1.17 -9.58
CA TYR H 128 31.90 2.45 -9.45
C TYR H 128 31.19 2.59 -8.11
N GLY H 129 30.94 3.83 -7.72
CA GLY H 129 30.18 4.09 -6.51
C GLY H 129 28.82 3.41 -6.53
N VAL H 130 28.24 3.28 -5.34
CA VAL H 130 27.02 2.50 -5.10
C VAL H 130 27.31 1.03 -5.32
N ARG H 131 26.86 0.18 -4.40
CA ARG H 131 27.25 -1.22 -4.40
C ARG H 131 26.38 -2.06 -5.33
N GLY H 132 25.32 -1.48 -5.87
CA GLY H 132 24.42 -2.20 -6.75
C GLY H 132 24.81 -2.23 -8.21
N ILE H 133 25.96 -1.67 -8.57
CA ILE H 133 26.44 -1.68 -9.94
C ILE H 133 27.81 -2.34 -9.97
N SER H 134 27.96 -3.34 -10.82
CA SER H 134 29.22 -4.09 -10.90
C SER H 134 29.27 -4.80 -12.25
N ARG H 135 30.45 -5.34 -12.55
CA ARG H 135 30.66 -6.13 -13.75
C ARG H 135 30.13 -7.54 -13.53
N ASP H 136 30.42 -8.44 -14.46
CA ASP H 136 29.97 -9.83 -14.36
C ASP H 136 31.02 -10.72 -15.02
N ASN H 137 30.65 -11.99 -15.24
CA ASN H 137 31.54 -12.95 -15.88
C ASN H 137 31.59 -12.79 -17.40
N PHE H 138 30.75 -11.94 -17.98
CA PHE H 138 30.70 -11.75 -19.42
C PHE H 138 31.01 -10.31 -19.83
N GLY H 139 31.44 -9.47 -18.89
CA GLY H 139 31.75 -8.09 -19.18
C GLY H 139 30.57 -7.14 -19.18
N LYS H 140 29.35 -7.65 -19.03
CA LYS H 140 28.19 -6.79 -19.01
C LYS H 140 28.09 -6.04 -17.68
N ILE H 141 27.41 -4.90 -17.71
CA ILE H 141 27.19 -4.10 -16.51
C ILE H 141 25.89 -4.57 -15.87
N ASN H 142 25.95 -4.89 -14.58
CA ASN H 142 24.79 -5.40 -13.85
C ASN H 142 24.18 -4.28 -13.04
N VAL H 143 22.93 -3.95 -13.31
CA VAL H 143 22.19 -2.92 -12.59
C VAL H 143 20.93 -3.56 -12.04
N GLU H 144 20.87 -3.73 -10.73
CA GLU H 144 19.70 -4.27 -10.06
C GLU H 144 18.66 -3.19 -9.86
N SER H 145 17.40 -3.61 -9.71
CA SER H 145 16.32 -2.67 -9.44
C SER H 145 16.43 -2.05 -8.05
N LYS H 146 17.24 -2.64 -7.17
CA LYS H 146 17.41 -2.08 -5.84
C LYS H 146 18.13 -0.73 -5.86
N VAL H 147 18.87 -0.43 -6.92
CA VAL H 147 19.62 0.81 -7.01
C VAL H 147 18.65 1.95 -7.28
N VAL H 148 18.56 2.90 -6.35
CA VAL H 148 17.70 4.06 -6.55
C VAL H 148 18.28 4.96 -7.63
N ALA H 149 17.41 5.76 -8.24
CA ALA H 149 17.80 6.59 -9.38
C ALA H 149 18.92 7.58 -9.04
N PRO H 150 18.91 8.29 -7.92
CA PRO H 150 20.05 9.18 -7.61
C PRO H 150 21.38 8.45 -7.51
N ALA H 151 21.38 7.21 -7.01
CA ALA H 151 22.61 6.43 -6.96
C ALA H 151 23.13 6.14 -8.36
N LEU H 152 22.24 5.77 -9.27
CA LEU H 152 22.62 5.57 -10.67
C LEU H 152 23.14 6.87 -11.27
N ARG H 153 22.53 8.01 -10.91
CA ARG H 153 23.01 9.29 -11.38
C ARG H 153 24.43 9.55 -10.91
N ARG H 154 24.73 9.26 -9.64
CA ARG H 154 26.07 9.46 -9.12
C ARG H 154 27.09 8.58 -9.83
N ALA H 155 26.73 7.30 -10.05
CA ALA H 155 27.64 6.40 -10.75
C ALA H 155 27.88 6.86 -12.18
N LEU H 156 26.82 7.29 -12.87
CA LEU H 156 26.97 7.81 -14.22
C LEU H 156 27.81 9.06 -14.25
N GLU H 157 27.66 9.93 -13.24
CA GLU H 157 28.48 11.13 -13.15
C GLU H 157 29.95 10.77 -13.01
N ASN H 158 30.26 9.80 -12.14
CA ASN H 158 31.65 9.39 -12.00
C ASN H 158 32.21 8.83 -13.31
N ALA H 159 31.44 7.96 -13.96
CA ALA H 159 31.91 7.37 -15.22
C ALA H 159 32.13 8.43 -16.28
N LEU H 160 31.19 9.37 -16.41
CA LEU H 160 31.33 10.43 -17.40
C LEU H 160 32.51 11.32 -17.09
N ILE H 161 32.73 11.63 -15.80
CA ILE H 161 33.86 12.48 -15.42
C ILE H 161 35.18 11.82 -15.80
N HIS H 162 35.32 10.52 -15.53
CA HIS H 162 36.59 9.88 -15.84
C HIS H 162 36.76 9.67 -17.34
N ARG H 163 35.81 8.96 -17.98
CA ARG H 163 35.95 8.67 -19.40
C ARG H 163 36.00 9.95 -20.23
N HIS H 164 35.17 10.93 -19.90
CA HIS H 164 35.15 12.26 -20.50
C HIS H 164 35.05 12.14 -22.02
N PRO H 165 33.87 11.80 -22.55
CA PRO H 165 33.69 11.85 -24.00
C PRO H 165 33.60 13.29 -24.48
N ASP H 166 33.92 13.48 -25.77
CA ASP H 166 33.87 14.82 -26.35
C ASP H 166 32.44 15.33 -26.46
N VAL H 167 31.50 14.44 -26.78
CA VAL H 167 30.11 14.83 -26.96
C VAL H 167 29.22 13.65 -26.60
N PHE H 168 28.09 13.93 -25.98
CA PHE H 168 27.12 12.93 -25.56
C PHE H 168 25.85 13.15 -26.35
N PHE H 169 25.59 12.27 -27.32
CA PHE H 169 24.43 12.40 -28.19
C PHE H 169 23.19 11.84 -27.50
N VAL H 170 22.08 12.57 -27.59
CA VAL H 170 20.79 12.12 -27.12
C VAL H 170 19.84 12.18 -28.31
N ASP H 171 19.71 11.06 -29.02
CA ASP H 171 18.85 11.00 -30.19
C ASP H 171 17.38 10.96 -29.79
N GLU H 172 16.54 11.39 -30.71
CA GLU H 172 15.09 11.58 -30.50
C GLU H 172 14.81 12.13 -29.10
N ALA H 173 15.41 13.29 -28.83
CA ALA H 173 15.33 13.92 -27.52
C ALA H 173 13.93 14.46 -27.22
N GLN H 174 13.02 14.47 -28.19
CA GLN H 174 11.66 14.94 -27.94
C GLN H 174 10.92 14.04 -26.96
N HIS H 175 11.44 12.85 -26.67
CA HIS H 175 10.81 11.97 -25.69
C HIS H 175 10.94 12.50 -24.27
N PHE H 176 11.78 13.52 -24.05
CA PHE H 176 11.86 14.15 -22.73
C PHE H 176 10.58 14.91 -22.38
N GLY H 177 9.70 15.16 -23.36
CA GLY H 177 8.48 15.91 -23.10
C GLY H 177 7.37 15.11 -22.46
N LYS H 178 7.55 13.79 -22.30
CA LYS H 178 6.53 12.96 -21.69
C LYS H 178 6.56 13.19 -20.18
N VAL H 179 5.85 14.23 -19.74
CA VAL H 179 5.81 14.62 -18.34
C VAL H 179 4.35 14.80 -17.92
N ALA H 180 4.13 14.72 -16.61
CA ALA H 180 2.78 14.89 -16.06
C ALA H 180 2.45 16.34 -15.74
N SER H 181 3.45 17.15 -15.40
CA SER H 181 3.25 18.54 -15.06
C SER H 181 3.79 19.43 -16.19
N GLY H 182 3.02 20.48 -16.52
CA GLY H 182 3.44 21.37 -17.58
C GLY H 182 4.74 22.08 -17.28
N TYR H 183 4.90 22.55 -16.04
CA TYR H 183 6.12 23.24 -15.64
C TYR H 183 7.30 22.28 -15.56
N LYS H 184 7.02 20.97 -15.49
CA LYS H 184 8.09 19.99 -15.27
C LYS H 184 9.01 19.86 -16.48
N LEU H 185 8.65 20.47 -17.61
CA LEU H 185 9.53 20.47 -18.78
C LEU H 185 10.85 21.17 -18.44
N GLN H 186 10.75 22.34 -17.82
CA GLN H 186 11.94 23.06 -17.40
C GLN H 186 12.71 22.27 -16.35
N ASP H 187 11.99 21.54 -15.49
CA ASP H 187 12.67 20.71 -14.50
C ASP H 187 13.46 19.59 -15.15
N GLN H 188 12.89 18.97 -16.19
CA GLN H 188 13.61 17.93 -16.93
C GLN H 188 14.86 18.50 -17.58
N LEU H 189 14.73 19.66 -18.22
CA LEU H 189 15.88 20.28 -18.85
C LEU H 189 16.93 20.70 -17.82
N ASP H 190 16.48 21.14 -16.65
CA ASP H 190 17.40 21.50 -15.57
C ASP H 190 18.13 20.27 -15.04
N CYS H 191 17.43 19.14 -14.95
CA CYS H 191 18.08 17.89 -14.55
C CYS H 191 19.17 17.51 -15.54
N LEU H 192 18.87 17.61 -16.84
CA LEU H 192 19.88 17.31 -17.85
C LEU H 192 21.06 18.29 -17.76
N LYS H 193 20.76 19.57 -17.53
CA LYS H 193 21.81 20.57 -17.40
C LYS H 193 22.70 20.30 -16.19
N SER H 194 22.08 19.93 -15.06
CA SER H 194 22.86 19.61 -13.86
C SER H 194 23.72 18.38 -14.08
N LEU H 195 23.19 17.38 -14.79
CA LEU H 195 24.01 16.24 -15.17
C LEU H 195 25.17 16.64 -16.05
N ALA H 196 24.98 17.58 -16.96
CA ALA H 196 26.03 18.04 -17.85
C ALA H 196 26.98 19.02 -17.19
N ASN H 197 26.65 19.55 -16.01
CA ASN H 197 27.48 20.57 -15.38
C ASN H 197 28.65 19.96 -14.64
N MET H 198 28.37 19.15 -13.61
CA MET H 198 29.42 18.55 -12.81
C MET H 198 30.23 17.50 -13.57
N THR H 199 29.72 16.99 -14.69
CA THR H 199 30.50 16.07 -15.51
C THR H 199 31.35 16.81 -16.53
N GLY H 200 30.96 18.03 -16.88
CA GLY H 200 31.67 18.78 -17.92
C GLY H 200 31.64 18.09 -19.27
N ILE H 201 30.51 17.45 -19.60
CA ILE H 201 30.36 16.69 -20.83
C ILE H 201 29.31 17.38 -21.70
N LEU H 202 29.67 17.63 -22.95
CA LEU H 202 28.78 18.32 -23.87
C LEU H 202 27.63 17.40 -24.27
N HIS H 203 26.41 17.85 -24.04
CA HIS H 203 25.21 17.09 -24.36
C HIS H 203 24.63 17.64 -25.66
N CYS H 204 24.45 16.77 -26.65
CA CYS H 204 23.81 17.15 -27.90
C CYS H 204 22.47 16.45 -28.01
N LEU H 205 21.41 17.23 -28.18
CA LEU H 205 20.03 16.73 -28.18
C LEU H 205 19.54 16.68 -29.63
N LEU H 206 19.44 15.46 -30.18
CA LEU H 206 18.89 15.25 -31.51
C LEU H 206 17.39 15.04 -31.36
N GLY H 207 16.59 15.86 -32.04
CA GLY H 207 15.15 15.74 -31.94
C GLY H 207 14.45 16.30 -33.16
N THR H 208 13.17 15.95 -33.27
CA THR H 208 12.31 16.48 -34.32
C THR H 208 11.83 17.86 -33.90
N TYR H 209 10.86 18.41 -34.63
CA TYR H 209 10.33 19.74 -34.31
C TYR H 209 9.50 19.75 -33.04
N GLU H 210 9.15 18.59 -32.49
CA GLU H 210 8.51 18.55 -31.19
C GLU H 210 9.45 19.03 -30.09
N LEU H 211 10.76 18.95 -30.31
CA LEU H 211 11.76 19.40 -29.35
C LEU H 211 11.72 20.90 -29.12
N LEU H 212 11.02 21.65 -29.97
CA LEU H 212 10.95 23.10 -29.81
C LEU H 212 10.29 23.52 -28.51
N THR H 213 9.57 22.60 -27.84
CA THR H 213 9.05 22.90 -26.51
C THR H 213 10.16 23.17 -25.50
N PHE H 214 11.36 22.64 -25.74
CA PHE H 214 12.51 22.86 -24.88
C PHE H 214 13.41 23.97 -25.39
N ARG H 215 13.02 24.67 -26.46
CA ARG H 215 13.95 25.50 -27.20
C ARG H 215 14.45 26.68 -26.36
N ASN H 216 13.58 27.28 -25.55
CA ASN H 216 13.96 28.45 -24.75
C ASN H 216 13.15 28.46 -23.47
N LEU H 217 13.72 27.89 -22.41
CA LEU H 217 13.15 27.97 -21.07
C LEU H 217 14.24 28.48 -20.13
N SER H 218 13.96 29.61 -19.48
CA SER H 218 14.89 30.25 -18.54
C SER H 218 16.13 30.78 -19.25
N GLY H 219 16.72 31.84 -18.68
CA GLY H 219 17.90 32.44 -19.30
C GLY H 219 19.11 31.53 -19.27
N GLN H 220 19.29 30.79 -18.18
CA GLN H 220 20.48 29.95 -18.04
C GLN H 220 20.52 28.86 -19.11
N LEU H 221 19.39 28.19 -19.35
CA LEU H 221 19.35 27.18 -20.39
C LEU H 221 19.54 27.79 -21.77
N SER H 222 19.09 29.03 -21.95
CA SER H 222 19.33 29.73 -23.20
C SER H 222 20.82 29.98 -23.41
N ARG H 223 21.54 30.35 -22.35
CA ARG H 223 22.97 30.62 -22.47
C ARG H 223 23.75 29.38 -22.85
N ARG H 224 23.45 28.25 -22.22
CA ARG H 224 24.25 27.04 -22.36
C ARG H 224 23.72 26.13 -23.46
N SER H 225 23.07 26.69 -24.48
CA SER H 225 22.56 25.92 -25.60
C SER H 225 22.80 26.68 -26.90
N VAL H 226 23.03 25.94 -27.98
CA VAL H 226 23.15 26.49 -29.32
C VAL H 226 22.12 25.80 -30.20
N ASP H 227 21.51 26.57 -31.10
CA ASP H 227 20.42 26.07 -31.94
C ASP H 227 20.96 25.83 -33.35
N ILE H 228 20.97 24.56 -33.76
CA ILE H 228 21.33 24.19 -35.13
C ILE H 228 20.07 23.71 -35.82
N HIS H 229 19.76 24.30 -36.98
CA HIS H 229 18.54 24.00 -37.71
C HIS H 229 18.88 23.21 -38.96
N PHE H 230 18.45 21.95 -39.01
CA PHE H 230 18.61 21.13 -40.20
C PHE H 230 17.43 21.42 -41.13
N ARG H 231 17.52 22.55 -41.81
CA ARG H 231 16.44 22.99 -42.67
C ARG H 231 16.26 22.05 -43.86
N ARG H 232 15.02 21.91 -44.30
CA ARG H 232 14.69 21.14 -45.48
C ARG H 232 14.83 22.01 -46.72
N TYR H 233 15.04 21.36 -47.86
CA TYR H 233 15.13 22.07 -49.13
C TYR H 233 13.76 22.59 -49.51
N CYS H 234 13.56 23.90 -49.36
CA CYS H 234 12.28 24.52 -49.65
C CYS H 234 12.06 24.61 -51.17
N ALA H 235 10.84 24.99 -51.55
CA ALA H 235 10.47 25.10 -52.95
C ALA H 235 10.50 26.52 -53.50
N ASP H 236 10.35 27.53 -52.64
CA ASP H 236 10.30 28.91 -53.11
C ASP H 236 11.67 29.38 -53.57
N SER H 237 12.72 29.08 -52.81
CA SER H 237 14.06 29.53 -53.15
C SER H 237 14.60 28.71 -54.32
N PRO H 238 14.98 29.33 -55.44
CA PRO H 238 15.47 28.53 -56.58
C PRO H 238 16.68 27.68 -56.28
N GLU H 239 17.59 28.16 -55.42
CA GLU H 239 18.81 27.41 -55.13
C GLU H 239 18.50 26.07 -54.47
N ASP H 240 17.49 26.04 -53.60
CA ASP H 240 17.07 24.77 -53.01
C ASP H 240 16.52 23.83 -54.07
N VAL H 241 15.80 24.37 -55.06
CA VAL H 241 15.31 23.55 -56.16
C VAL H 241 16.47 22.97 -56.96
N GLN H 242 17.49 23.78 -57.23
CA GLN H 242 18.67 23.27 -57.93
C GLN H 242 19.37 22.18 -57.12
N ALA H 243 19.46 22.37 -55.80
CA ALA H 243 20.06 21.34 -54.95
C ALA H 243 19.25 20.06 -54.99
N PHE H 244 17.92 20.18 -54.96
CA PHE H 244 17.06 19.01 -55.03
C PHE H 244 17.25 18.27 -56.36
N LYS H 245 17.32 19.02 -57.46
CA LYS H 245 17.55 18.39 -58.75
C LYS H 245 18.92 17.73 -58.82
N SER H 246 19.92 18.37 -58.22
CA SER H 246 21.28 17.80 -58.21
C SER H 246 21.32 16.50 -57.44
N VAL H 247 20.68 16.45 -56.27
CA VAL H 247 20.69 15.21 -55.50
C VAL H 247 19.83 14.14 -56.19
N LEU H 248 18.78 14.56 -56.90
CA LEU H 248 18.01 13.60 -57.68
C LEU H 248 18.86 12.98 -58.78
N LEU H 249 19.64 13.81 -59.47
CA LEU H 249 20.54 13.30 -60.51
C LEU H 249 21.61 12.38 -59.90
N THR H 250 22.15 12.76 -58.74
CA THR H 250 23.15 11.94 -58.08
C THR H 250 22.60 10.58 -57.70
N PHE H 251 21.36 10.56 -57.18
CA PHE H 251 20.71 9.29 -56.90
C PHE H 251 20.49 8.48 -58.17
N GLN H 252 20.06 9.15 -59.24
CA GLN H 252 19.81 8.46 -60.50
C GLN H 252 21.08 7.82 -61.06
N GLN H 253 22.23 8.48 -60.87
CA GLN H 253 23.48 7.94 -61.40
C GLN H 253 23.86 6.65 -60.69
N HIS H 254 23.57 6.52 -59.40
CA HIS H 254 23.98 5.38 -58.61
C HIS H 254 22.84 4.39 -58.36
N LEU H 255 21.98 4.18 -59.35
CA LEU H 255 20.95 3.16 -59.26
C LEU H 255 21.44 1.90 -59.97
N PRO H 256 21.68 0.80 -59.25
CA PRO H 256 22.25 -0.38 -59.90
C PRO H 256 21.27 -1.09 -60.82
N LEU H 257 21.03 -0.48 -61.99
CA LEU H 257 20.11 -1.03 -62.97
C LEU H 257 20.83 -1.15 -64.32
N ALA H 258 20.31 -2.06 -65.16
CA ALA H 258 20.88 -2.22 -66.50
C ALA H 258 20.74 -0.92 -67.30
N GLU H 259 19.61 -0.26 -67.18
CA GLU H 259 19.37 1.04 -67.80
C GLU H 259 19.15 2.07 -66.71
N THR H 260 19.86 3.19 -66.80
CA THR H 260 19.70 4.25 -65.83
C THR H 260 18.42 5.03 -66.12
N PRO H 261 17.45 5.06 -65.21
CA PRO H 261 16.21 5.79 -65.48
C PRO H 261 16.42 7.30 -65.43
N ASN H 262 15.53 8.00 -66.14
CA ASN H 262 15.48 9.46 -66.11
C ASN H 262 14.58 9.85 -64.95
N LEU H 263 15.15 10.58 -63.98
CA LEU H 263 14.47 10.82 -62.73
C LEU H 263 14.22 12.29 -62.44
N VAL H 264 15.07 13.19 -62.94
CA VAL H 264 14.95 14.61 -62.65
C VAL H 264 13.67 15.18 -63.25
N ASP H 265 13.16 14.57 -64.32
CA ASP H 265 12.00 15.11 -65.01
C ASP H 265 10.78 15.18 -64.10
N HIS H 266 10.53 14.11 -63.34
CA HIS H 266 9.39 14.08 -62.42
C HIS H 266 9.78 14.57 -61.02
N TRP H 267 10.43 15.74 -60.95
CA TRP H 267 10.91 16.21 -59.65
C TRP H 267 9.79 16.80 -58.81
N GLU H 268 8.74 17.32 -59.45
CA GLU H 268 7.63 17.90 -58.71
C GLU H 268 6.93 16.83 -57.86
N TYR H 269 6.73 15.63 -58.42
CA TYR H 269 6.14 14.54 -57.65
C TYR H 269 7.01 14.16 -56.47
N PHE H 270 8.33 14.11 -56.67
CA PHE H 270 9.24 13.77 -55.58
C PHE H 270 9.18 14.81 -54.47
N TYR H 271 9.15 16.09 -54.84
CA TYR H 271 9.04 17.13 -53.82
C TYR H 271 7.70 17.06 -53.11
N GLU H 272 6.63 16.74 -53.84
CA GLU H 272 5.32 16.59 -53.22
C GLU H 272 5.32 15.49 -52.17
N ARG H 273 5.91 14.34 -52.50
CA ARG H 273 5.85 13.19 -51.61
C ARG H 273 7.04 13.05 -50.68
N THR H 274 7.97 14.01 -50.71
CA THR H 274 9.11 13.99 -49.80
C THR H 274 9.35 15.30 -49.07
N LEU H 275 8.77 16.41 -49.54
CA LEU H 275 8.87 17.73 -48.90
C LEU H 275 10.32 18.22 -48.82
N GLY H 276 11.20 17.68 -49.65
CA GLY H 276 12.59 18.11 -49.68
C GLY H 276 13.51 17.34 -48.75
N CYS H 277 12.98 16.47 -47.89
CA CYS H 277 13.82 15.68 -47.00
C CYS H 277 14.54 14.60 -47.78
N ILE H 278 15.87 14.56 -47.66
CA ILE H 278 16.68 13.61 -48.42
C ILE H 278 16.41 12.19 -47.95
N GLY H 279 16.19 12.00 -46.65
CA GLY H 279 15.93 10.66 -46.13
C GLY H 279 14.68 10.04 -46.71
N THR H 280 13.61 10.83 -46.82
CA THR H 280 12.37 10.31 -47.39
C THR H 280 12.56 9.90 -48.86
N LEU H 281 13.29 10.72 -49.62
CA LEU H 281 13.55 10.39 -51.02
C LEU H 281 14.41 9.14 -51.12
N LYS H 282 15.40 8.99 -50.24
CA LYS H 282 16.22 7.78 -50.24
C LYS H 282 15.38 6.56 -49.92
N ASP H 283 14.46 6.69 -48.96
CA ASP H 283 13.54 5.60 -48.63
C ASP H 283 12.70 5.23 -49.85
N TRP H 284 12.15 6.23 -50.52
CA TRP H 284 11.32 5.99 -51.71
C TRP H 284 12.10 5.26 -52.79
N LEU H 285 13.30 5.75 -53.10
CA LEU H 285 14.10 5.13 -54.15
C LEU H 285 14.56 3.74 -53.75
N LYS H 286 14.83 3.52 -52.46
CA LYS H 286 15.19 2.19 -51.99
C LYS H 286 14.03 1.22 -52.20
N ARG H 287 12.82 1.63 -51.87
CA ARG H 287 11.66 0.76 -52.07
C ARG H 287 11.47 0.45 -53.55
N VAL H 288 11.57 1.48 -54.40
CA VAL H 288 11.37 1.28 -55.84
C VAL H 288 12.43 0.36 -56.40
N LEU H 289 13.69 0.55 -56.00
CA LEU H 289 14.77 -0.30 -56.48
C LEU H 289 14.60 -1.73 -56.01
N SER H 290 14.16 -1.92 -54.77
CA SER H 290 13.91 -3.28 -54.28
C SER H 290 12.82 -3.96 -55.11
N ASP H 291 11.74 -3.23 -55.41
CA ASP H 291 10.68 -3.81 -56.24
C ASP H 291 11.21 -4.16 -57.63
N ALA H 292 11.98 -3.25 -58.23
CA ALA H 292 12.49 -3.49 -59.57
C ALA H 292 13.43 -4.69 -59.60
N LEU H 293 14.30 -4.81 -58.60
CA LEU H 293 15.21 -5.94 -58.55
C LEU H 293 14.47 -7.24 -58.27
N ASP H 294 13.37 -7.18 -57.51
CA ASP H 294 12.53 -8.37 -57.36
C ASP H 294 11.93 -8.79 -58.69
N ARG H 295 11.45 -7.83 -59.48
CA ARG H 295 10.92 -8.15 -60.79
C ARG H 295 12.01 -8.35 -61.83
N GLU H 296 13.27 -8.04 -61.49
CA GLU H 296 14.40 -8.19 -62.41
C GLU H 296 14.20 -7.39 -63.69
N ALA H 297 13.50 -6.28 -63.60
CA ALA H 297 13.26 -5.43 -64.76
C ALA H 297 14.46 -4.53 -65.01
N THR H 298 14.71 -4.22 -66.28
CA THR H 298 15.81 -3.33 -66.63
C THR H 298 15.77 -1.96 -65.93
N THR H 299 14.63 -1.27 -65.97
CA THR H 299 14.58 0.08 -65.41
C THR H 299 13.26 0.47 -64.73
N ILE H 300 13.23 1.69 -64.20
CA ILE H 300 12.15 2.17 -63.34
C ILE H 300 11.09 2.97 -64.10
N THR H 301 9.92 3.10 -63.50
CA THR H 301 8.82 3.89 -64.08
C THR H 301 8.03 4.61 -63.00
N LEU H 302 7.24 5.59 -63.41
CA LEU H 302 6.41 6.33 -62.45
C LEU H 302 5.45 5.39 -61.74
N LYS H 303 5.00 4.37 -62.46
CA LYS H 303 4.10 3.40 -61.85
C LYS H 303 4.74 2.87 -60.58
N ASP H 304 5.82 2.11 -60.72
CA ASP H 304 6.53 1.62 -59.54
C ASP H 304 6.66 2.72 -58.49
N LEU H 305 6.81 3.97 -58.92
CA LEU H 305 6.95 5.07 -57.98
C LEU H 305 5.66 5.26 -57.18
N GLN H 306 4.51 5.17 -57.84
CA GLN H 306 3.24 5.40 -57.17
C GLN H 306 2.87 4.28 -56.21
N LYS H 307 3.37 3.06 -56.44
CA LYS H 307 3.03 1.95 -55.57
C LYS H 307 3.57 2.16 -54.16
N ARG H 308 4.82 2.60 -54.04
CA ARG H 308 5.44 2.82 -52.74
C ARG H 308 5.43 4.28 -52.32
N ALA H 309 4.66 5.12 -53.00
CA ALA H 309 4.60 6.53 -52.65
C ALA H 309 3.90 6.74 -51.32
N LEU H 310 4.34 7.77 -50.59
CA LEU H 310 3.66 8.16 -49.36
C LEU H 310 2.30 8.74 -49.70
N SER H 311 1.29 8.37 -48.91
CA SER H 311 -0.06 8.82 -49.20
C SER H 311 -0.22 10.31 -48.89
N VAL H 312 -1.27 10.89 -49.47
CA VAL H 312 -1.49 12.33 -49.33
C VAL H 312 -1.76 12.70 -47.88
N ALA H 313 -2.55 11.89 -47.18
CA ALA H 313 -2.95 12.25 -45.82
C ALA H 313 -1.76 12.30 -44.87
N GLN H 314 -0.89 11.29 -44.91
CA GLN H 314 0.26 11.29 -44.01
C GLN H 314 1.25 12.38 -44.39
N CYS H 315 1.43 12.62 -45.68
CA CYS H 315 2.30 13.70 -46.12
C CYS H 315 1.74 15.06 -45.73
N GLN H 316 0.41 15.19 -45.70
CA GLN H 316 -0.20 16.45 -45.28
C GLN H 316 0.10 16.76 -43.82
N LYS H 317 0.07 15.74 -42.95
CA LYS H 317 0.32 15.96 -41.54
C LYS H 317 1.76 16.41 -41.31
N MET H 318 2.71 15.84 -42.05
CA MET H 318 4.11 16.25 -41.89
C MET H 318 4.29 17.72 -42.19
N PHE H 319 3.73 18.20 -43.29
CA PHE H 319 3.91 19.60 -43.66
C PHE H 319 3.27 20.52 -42.65
N LYS H 320 2.16 20.10 -42.04
CA LYS H 320 1.56 20.88 -40.97
C LYS H 320 2.51 21.00 -39.78
N GLU H 321 3.17 19.89 -39.42
CA GLU H 321 4.18 19.94 -38.37
C GLU H 321 5.38 20.78 -38.79
N ILE H 322 5.81 20.65 -40.05
CA ILE H 322 6.99 21.37 -40.52
C ILE H 322 6.69 22.87 -40.62
N GLN H 323 5.48 23.22 -41.07
CA GLN H 323 5.14 24.63 -41.24
C GLN H 323 5.19 25.38 -39.92
N GLU H 324 4.65 24.79 -38.86
CA GLU H 324 4.69 25.44 -37.55
C GLU H 324 6.10 25.44 -36.97
N GLY H 325 6.86 24.36 -37.16
CA GLY H 325 8.21 24.30 -36.63
C GLY H 325 9.12 25.34 -37.24
N GLU H 326 9.09 25.46 -38.57
CA GLU H 326 9.91 26.46 -39.24
C GLU H 326 9.45 27.88 -38.92
N ARG H 327 8.14 28.07 -38.74
CA ARG H 327 7.63 29.38 -38.36
C ARG H 327 8.15 29.80 -36.98
N GLN H 328 8.21 28.84 -36.05
CA GLN H 328 8.75 29.13 -34.72
C GLN H 328 10.24 29.43 -34.77
N LEU H 329 10.99 28.76 -35.63
CA LEU H 329 12.44 28.88 -35.70
C LEU H 329 12.90 29.96 -36.68
N SER H 330 11.96 30.73 -37.22
CA SER H 330 12.28 31.75 -38.21
C SER H 330 12.76 33.02 -37.51
N GLU H 331 14.02 33.37 -37.72
CA GLU H 331 14.61 34.59 -37.17
C GLU H 331 14.73 35.61 -38.29
N THR H 332 14.05 36.74 -38.15
CA THR H 332 14.06 37.80 -39.14
C THR H 332 14.89 38.96 -38.64
N GLU H 333 15.20 39.88 -39.56
CA GLU H 333 15.94 41.09 -39.17
C GLU H 333 15.11 41.94 -38.23
N ALA H 334 13.78 41.89 -38.35
CA ALA H 334 12.92 42.66 -37.46
C ALA H 334 13.13 42.25 -36.00
N ASP H 335 13.23 40.95 -35.75
CA ASP H 335 13.44 40.47 -34.38
C ASP H 335 14.68 41.07 -33.75
N VAL H 336 15.70 41.37 -34.56
CA VAL H 336 16.88 42.06 -34.05
C VAL H 336 16.52 43.46 -33.58
N GLN H 337 15.59 44.12 -34.28
CA GLN H 337 15.30 45.52 -34.00
C GLN H 337 14.70 45.70 -32.62
N ASN H 338 13.73 44.85 -32.23
CA ASN H 338 13.15 44.96 -30.90
C ASN H 338 14.18 44.63 -29.83
N LEU H 339 15.06 43.67 -30.10
CA LEU H 339 16.12 43.33 -29.14
C LEU H 339 17.03 44.53 -28.91
N ARG H 340 17.42 45.21 -30.00
CA ARG H 340 18.23 46.41 -29.85
C ARG H 340 17.44 47.55 -29.22
N SER H 341 16.16 47.69 -29.59
CA SER H 341 15.33 48.75 -29.02
C SER H 341 15.14 48.55 -27.53
N ALA H 342 14.91 47.32 -27.08
CA ALA H 342 14.74 47.06 -25.66
C ALA H 342 16.02 47.35 -24.89
N LEU H 343 17.17 46.96 -25.44
CA LEU H 343 18.44 47.19 -24.77
C LEU H 343 18.87 48.64 -24.79
N GLY H 344 18.35 49.45 -25.71
CA GLY H 344 18.79 50.82 -25.85
C GLY H 344 19.87 51.04 -26.88
N LEU H 345 20.14 50.06 -27.75
CA LEU H 345 21.16 50.17 -28.78
C LEU H 345 20.59 50.68 -30.10
N GLY H 346 19.31 51.04 -30.14
CA GLY H 346 18.72 51.51 -31.38
C GLY H 346 19.33 52.81 -31.86
N SER I 4 -10.85 -32.34 -61.18
CA SER I 4 -11.97 -31.39 -61.13
C SER I 4 -11.58 -30.13 -60.36
N THR I 5 -12.31 -29.05 -60.62
CA THR I 5 -12.08 -27.78 -59.95
C THR I 5 -12.74 -27.70 -58.58
N GLY I 6 -13.52 -28.71 -58.22
CA GLY I 6 -14.21 -28.71 -56.94
C GLY I 6 -13.70 -29.75 -55.97
N PHE I 7 -14.55 -30.13 -55.01
CA PHE I 7 -14.17 -31.10 -54.01
C PHE I 7 -13.99 -32.48 -54.65
N PRO I 8 -13.01 -33.27 -54.19
CA PRO I 8 -12.92 -34.66 -54.65
C PRO I 8 -14.15 -35.46 -54.22
N LEU I 9 -14.53 -36.42 -55.06
CA LEU I 9 -15.74 -37.20 -54.80
C LEU I 9 -15.54 -38.26 -53.72
N GLU I 10 -14.29 -38.54 -53.34
CA GLU I 10 -14.05 -39.57 -52.32
C GLU I 10 -14.50 -39.11 -50.94
N LEU I 11 -14.70 -37.81 -50.74
CA LEU I 11 -15.11 -37.32 -49.44
C LEU I 11 -16.52 -37.75 -49.08
N LEU I 12 -17.33 -38.13 -50.07
CA LEU I 12 -18.70 -38.52 -49.80
C LEU I 12 -18.77 -39.76 -48.92
N THR I 13 -17.91 -40.76 -49.18
CA THR I 13 -17.88 -41.95 -48.34
C THR I 13 -17.45 -41.64 -46.92
N ARG I 14 -16.52 -40.71 -46.75
CA ARG I 14 -16.02 -40.35 -45.43
C ARG I 14 -17.13 -39.66 -44.63
N PRO I 15 -17.06 -39.71 -43.30
CA PRO I 15 -18.15 -39.15 -42.48
C PRO I 15 -18.23 -37.64 -42.61
N ALA I 16 -19.26 -37.08 -41.97
CA ALA I 16 -19.50 -35.64 -42.04
C ALA I 16 -18.35 -34.85 -41.41
N THR I 17 -17.73 -35.39 -40.37
CA THR I 17 -16.63 -34.68 -39.72
C THR I 17 -15.46 -34.45 -40.68
N GLU I 18 -15.12 -35.47 -41.48
CA GLU I 18 -14.02 -35.32 -42.42
C GLU I 18 -14.34 -34.29 -43.50
N ARG I 19 -15.57 -34.29 -44.01
CA ARG I 19 -15.96 -33.29 -45.00
C ARG I 19 -15.93 -31.89 -44.41
N LEU I 20 -16.41 -31.73 -43.17
CA LEU I 20 -16.37 -30.43 -42.52
C LEU I 20 -14.94 -29.95 -42.32
N ALA I 21 -14.05 -30.86 -41.93
CA ALA I 21 -12.64 -30.51 -41.76
C ALA I 21 -12.03 -30.09 -43.10
N TYR I 22 -12.34 -30.82 -44.17
CA TYR I 22 -11.81 -30.46 -45.48
C TYR I 22 -12.30 -29.09 -45.91
N PHE I 23 -13.58 -28.79 -45.69
CA PHE I 23 -14.09 -27.48 -46.08
C PHE I 23 -13.52 -26.38 -45.20
N GLU I 24 -13.26 -26.66 -43.92
CA GLU I 24 -12.70 -25.67 -43.03
C GLU I 24 -11.26 -25.33 -43.39
N ASN I 25 -10.42 -26.34 -43.59
CA ASN I 25 -9.02 -26.07 -43.91
C ASN I 25 -8.85 -25.54 -45.33
N TYR I 26 -9.88 -25.64 -46.17
CA TYR I 26 -9.86 -25.02 -47.48
C TYR I 26 -9.92 -23.51 -47.33
N THR I 27 -9.11 -22.80 -48.12
CA THR I 27 -9.06 -21.34 -48.11
C THR I 27 -9.04 -20.86 -49.56
N VAL I 28 -10.14 -20.26 -50.00
CA VAL I 28 -10.20 -19.75 -51.37
C VAL I 28 -9.38 -18.48 -51.48
N ALA I 29 -9.05 -18.12 -52.71
CA ALA I 29 -8.27 -16.93 -53.02
C ALA I 29 -9.10 -15.99 -53.88
N HIS I 30 -9.06 -14.70 -53.53
CA HIS I 30 -9.78 -13.67 -54.25
C HIS I 30 -8.83 -12.53 -54.61
N PRO I 31 -9.16 -11.73 -55.64
CA PRO I 31 -8.20 -10.72 -56.11
C PRO I 31 -7.72 -9.76 -55.04
N ARG I 32 -8.59 -9.31 -54.14
CA ARG I 32 -8.13 -8.44 -53.05
C ARG I 32 -7.18 -9.17 -52.13
N LEU I 33 -7.46 -10.43 -51.82
CA LEU I 33 -6.57 -11.20 -50.95
C LEU I 33 -5.17 -11.29 -51.54
N LYS I 34 -5.06 -11.71 -52.81
CA LYS I 34 -3.75 -11.87 -53.42
C LYS I 34 -3.06 -10.52 -53.62
N GLU I 35 -3.83 -9.48 -53.95
CA GLU I 35 -3.23 -8.16 -54.14
C GLU I 35 -2.64 -7.64 -52.83
N VAL I 36 -3.40 -7.71 -51.74
CA VAL I 36 -2.92 -7.24 -50.45
C VAL I 36 -1.77 -8.12 -49.97
N TYR I 37 -1.84 -9.44 -50.25
CA TYR I 37 -0.76 -10.33 -49.86
C TYR I 37 0.54 -9.96 -50.58
N GLU I 38 0.47 -9.69 -51.88
CA GLU I 38 1.67 -9.30 -52.62
C GLU I 38 2.19 -7.95 -52.14
N ILE I 39 1.28 -7.01 -51.87
CA ILE I 39 1.71 -5.69 -51.39
C ILE I 39 2.42 -5.81 -50.06
N LEU I 40 1.84 -6.59 -49.13
CA LEU I 40 2.48 -6.78 -47.83
C LEU I 40 3.79 -7.53 -47.96
N MET I 41 3.86 -8.52 -48.85
CA MET I 41 5.12 -9.24 -49.05
C MET I 41 6.21 -8.30 -49.55
N ARG I 42 5.86 -7.41 -50.48
CA ARG I 42 6.86 -6.47 -50.98
C ARG I 42 7.20 -5.40 -49.95
N THR I 43 6.26 -5.09 -49.05
CA THR I 43 6.53 -4.10 -48.01
C THR I 43 7.45 -4.66 -46.93
N ILE I 44 7.23 -5.92 -46.53
CA ILE I 44 8.05 -6.53 -45.49
C ILE I 44 9.27 -7.25 -46.02
N ALA I 45 9.39 -7.44 -47.34
CA ALA I 45 10.63 -7.93 -47.90
C ALA I 45 11.79 -6.99 -47.62
N GLU I 46 11.51 -5.69 -47.51
CA GLU I 46 12.46 -4.69 -47.05
C GLU I 46 11.67 -3.49 -46.52
N PRO I 47 11.91 -3.08 -45.27
CA PRO I 47 11.09 -2.00 -44.71
C PRO I 47 11.54 -0.62 -45.16
N ALA I 48 12.85 -0.42 -45.36
CA ALA I 48 13.41 0.85 -45.81
C ALA I 48 13.05 1.98 -44.86
N GLY I 49 13.52 1.87 -43.62
CA GLY I 49 13.33 2.93 -42.67
C GLY I 49 11.91 3.11 -42.18
N ALA I 50 11.03 2.17 -42.48
CA ALA I 50 9.64 2.22 -42.04
C ALA I 50 9.46 1.23 -40.89
N SER I 51 8.89 1.71 -39.78
CA SER I 51 8.74 0.89 -38.59
C SER I 51 7.33 0.37 -38.38
N PHE I 52 6.33 0.93 -39.05
CA PHE I 52 4.94 0.59 -38.81
C PHE I 52 4.25 0.25 -40.13
N ILE I 53 3.48 -0.85 -40.12
CA ILE I 53 2.58 -1.19 -41.21
C ILE I 53 1.17 -1.24 -40.63
N PHE I 54 0.26 -0.48 -41.23
CA PHE I 54 -1.11 -0.36 -40.74
C PHE I 54 -2.04 -1.06 -41.73
N VAL I 55 -2.31 -2.34 -41.47
CA VAL I 55 -3.25 -3.09 -42.29
C VAL I 55 -4.66 -2.79 -41.78
N TYR I 56 -5.42 -2.03 -42.55
CA TYR I 56 -6.76 -1.62 -42.17
C TYR I 56 -7.78 -2.52 -42.84
N GLY I 57 -8.74 -3.00 -42.06
CA GLY I 57 -9.75 -3.90 -42.59
C GLY I 57 -10.88 -4.18 -41.64
N ALA I 58 -12.08 -4.38 -42.17
CA ALA I 58 -13.24 -4.69 -41.36
C ALA I 58 -13.09 -6.08 -40.72
N SER I 59 -14.07 -6.32 -39.85
CA SER I 59 -14.16 -7.62 -39.23
C SER I 59 -14.89 -8.51 -40.21
N GLY I 60 -14.18 -9.04 -41.22
CA GLY I 60 -14.76 -9.99 -42.15
C GLY I 60 -13.86 -10.12 -43.36
N VAL I 61 -12.79 -9.35 -43.42
CA VAL I 61 -11.95 -9.33 -44.63
C VAL I 61 -10.84 -10.37 -44.79
N GLY I 62 -10.43 -11.07 -43.73
CA GLY I 62 -9.32 -11.98 -43.90
C GLY I 62 -8.00 -11.52 -43.33
N LYS I 63 -7.99 -10.66 -42.31
CA LYS I 63 -6.74 -10.18 -41.74
C LYS I 63 -5.98 -11.32 -41.06
N THR I 64 -6.67 -12.13 -40.26
CA THR I 64 -5.99 -13.19 -39.52
C THR I 64 -5.45 -14.26 -40.46
N THR I 65 -6.23 -14.66 -41.46
CA THR I 65 -5.74 -15.67 -42.40
C THR I 65 -4.64 -15.11 -43.28
N LEU I 66 -4.67 -13.82 -43.59
CA LEU I 66 -3.57 -13.19 -44.31
C LEU I 66 -2.29 -13.22 -43.47
N ARG I 67 -2.42 -12.93 -42.17
CA ARG I 67 -1.27 -13.01 -41.28
C ARG I 67 -0.71 -14.43 -41.24
N LEU I 68 -1.59 -15.43 -41.13
CA LEU I 68 -1.14 -16.82 -41.10
C LEU I 68 -0.45 -17.20 -42.40
N ARG I 69 -1.00 -16.76 -43.53
CA ARG I 69 -0.37 -17.02 -44.82
C ARG I 69 1.01 -16.41 -44.91
N VAL I 70 1.15 -15.16 -44.44
CA VAL I 70 2.45 -14.50 -44.49
C VAL I 70 3.46 -15.24 -43.62
N GLU I 71 3.05 -15.62 -42.39
CA GLU I 71 3.96 -16.34 -41.52
C GLU I 71 4.38 -17.67 -42.12
N GLN I 72 3.43 -18.42 -42.68
CA GLN I 72 3.79 -19.72 -43.26
C GLN I 72 4.70 -19.54 -44.47
N LYS I 73 4.46 -18.52 -45.28
CA LYS I 73 5.31 -18.27 -46.45
C LYS I 73 6.74 -17.95 -46.03
N LEU I 74 6.90 -17.03 -45.08
CA LEU I 74 8.26 -16.66 -44.67
C LEU I 74 8.93 -17.78 -43.89
N THR I 75 8.16 -18.59 -43.16
CA THR I 75 8.73 -19.76 -42.49
C THR I 75 9.24 -20.76 -43.52
N GLU I 76 8.50 -20.95 -44.61
CA GLU I 76 8.97 -21.81 -45.69
C GLU I 76 10.23 -21.24 -46.32
N LEU I 77 10.28 -19.92 -46.51
CA LEU I 77 11.41 -19.30 -47.20
C LEU I 77 12.72 -19.43 -46.42
N ALA I 78 12.64 -19.48 -45.09
CA ALA I 78 13.83 -19.38 -44.25
C ALA I 78 14.39 -20.73 -43.82
N LEU I 79 13.82 -21.84 -44.26
CA LEU I 79 14.33 -23.14 -43.83
C LEU I 79 15.77 -23.43 -44.28
N PRO I 80 16.20 -23.16 -45.52
CA PRO I 80 17.58 -23.51 -45.88
C PRO I 80 18.63 -22.77 -45.06
N LYS I 81 18.37 -21.51 -44.72
CA LYS I 81 19.29 -20.76 -43.87
C LYS I 81 19.24 -21.23 -42.43
N LEU I 82 18.05 -21.60 -41.96
CA LEU I 82 17.91 -22.13 -40.60
C LEU I 82 18.68 -23.43 -40.44
N GLU I 83 18.66 -24.29 -41.47
CA GLU I 83 19.43 -25.53 -41.40
C GLU I 83 20.93 -25.25 -41.29
N SER I 84 21.38 -24.10 -41.79
CA SER I 84 22.79 -23.73 -41.71
C SER I 84 23.10 -22.80 -40.55
N ASP I 85 22.19 -21.90 -40.19
CA ASP I 85 22.40 -20.94 -39.11
C ASP I 85 21.34 -21.12 -38.05
N ARG I 86 21.78 -21.24 -36.79
CA ARG I 86 20.86 -21.38 -35.67
C ARG I 86 20.56 -20.00 -35.08
N ALA I 87 19.84 -19.98 -33.96
CA ALA I 87 19.55 -18.77 -33.18
C ALA I 87 18.87 -17.69 -34.00
N ARG I 88 17.98 -18.07 -34.92
CA ARG I 88 17.24 -17.12 -35.72
C ARG I 88 15.80 -17.60 -35.89
N VAL I 89 14.86 -16.69 -35.73
CA VAL I 89 13.44 -16.96 -35.96
C VAL I 89 13.01 -16.15 -37.18
N PRO I 90 12.38 -16.77 -38.18
CA PRO I 90 11.95 -16.01 -39.37
C PRO I 90 10.96 -14.91 -39.05
N VAL I 91 9.81 -15.28 -38.49
CA VAL I 91 8.74 -14.34 -38.18
C VAL I 91 8.13 -14.73 -36.84
N VAL I 92 7.81 -13.73 -36.02
CA VAL I 92 7.07 -13.93 -34.79
C VAL I 92 5.91 -12.94 -34.78
N GLY I 93 4.83 -13.33 -34.09
CA GLY I 93 3.65 -12.49 -34.02
C GLY I 93 2.72 -12.86 -32.88
N ILE I 94 2.01 -11.86 -32.34
CA ILE I 94 1.12 -12.04 -31.21
C ILE I 94 -0.16 -11.24 -31.46
N GLU I 95 -1.08 -11.31 -30.51
CA GLU I 95 -2.33 -10.57 -30.56
C GLU I 95 -2.44 -9.68 -29.33
N ALA I 96 -2.83 -8.44 -29.54
CA ALA I 96 -2.95 -7.49 -28.43
C ALA I 96 -4.03 -7.95 -27.45
N ILE I 97 -3.79 -7.68 -26.18
CA ILE I 97 -4.70 -8.08 -25.10
C ILE I 97 -5.56 -6.88 -24.71
N ALA I 98 -6.87 -7.08 -24.69
CA ALA I 98 -7.73 -6.09 -24.08
C ALA I 98 -7.58 -6.18 -22.57
N PRO I 99 -7.16 -5.10 -21.90
CA PRO I 99 -6.84 -5.21 -20.47
C PRO I 99 -8.08 -5.26 -19.61
N GLU I 100 -7.93 -5.95 -18.47
CA GLU I 100 -9.02 -6.00 -17.50
C GLU I 100 -9.30 -4.61 -16.93
N SER I 101 -8.25 -3.86 -16.63
CA SER I 101 -8.40 -2.50 -16.11
C SER I 101 -8.58 -1.53 -17.27
N ARG I 102 -8.52 -0.23 -16.95
CA ARG I 102 -8.67 0.81 -17.97
C ARG I 102 -7.48 0.86 -18.91
N TYR I 103 -6.26 0.87 -18.39
CA TYR I 103 -5.07 1.12 -19.18
C TYR I 103 -4.55 -0.17 -19.78
N PHE I 104 -4.04 -0.08 -21.01
CA PHE I 104 -3.33 -1.20 -21.61
C PHE I 104 -2.13 -1.57 -20.76
N ASN I 105 -2.00 -2.86 -20.44
CA ASN I 105 -0.94 -3.32 -19.56
C ASN I 105 0.28 -3.67 -20.40
N TRP I 106 1.35 -2.87 -20.28
CA TRP I 106 2.55 -3.12 -21.07
C TRP I 106 3.34 -4.30 -20.54
N LYS I 107 3.23 -4.60 -19.24
CA LYS I 107 3.95 -5.74 -18.68
C LYS I 107 3.50 -7.04 -19.34
N GLU I 108 2.18 -7.23 -19.47
CA GLU I 108 1.67 -8.45 -20.10
C GLU I 108 2.04 -8.51 -21.57
N TYR I 109 2.00 -7.37 -22.27
CA TYR I 109 2.41 -7.34 -23.67
C TYR I 109 3.86 -7.77 -23.82
N TYR I 110 4.74 -7.20 -22.99
CA TYR I 110 6.16 -7.53 -23.08
C TYR I 110 6.41 -8.99 -22.74
N THR I 111 5.76 -9.50 -21.69
CA THR I 111 6.02 -10.89 -21.29
C THR I 111 5.46 -11.86 -22.31
N ARG I 112 4.32 -11.55 -22.93
CA ARG I 112 3.79 -12.42 -23.96
C ARG I 112 4.65 -12.41 -25.22
N ALA I 113 5.16 -11.22 -25.58
CA ALA I 113 6.09 -11.15 -26.71
C ALA I 113 7.34 -11.97 -26.44
N LEU I 114 7.87 -11.87 -25.21
CA LEU I 114 9.06 -12.65 -24.86
C LEU I 114 8.75 -14.15 -24.88
N ILE I 115 7.58 -14.55 -24.38
CA ILE I 115 7.21 -15.97 -24.39
C ILE I 115 7.11 -16.49 -25.81
N THR I 116 6.42 -15.74 -26.68
CA THR I 116 6.19 -16.22 -28.04
C THR I 116 7.49 -16.24 -28.85
N LEU I 117 8.30 -15.19 -28.72
CA LEU I 117 9.55 -15.13 -29.50
C LEU I 117 10.52 -16.22 -29.07
N GLU I 118 10.64 -16.47 -27.78
CA GLU I 118 11.65 -17.39 -27.26
C GLU I 118 11.06 -18.78 -27.07
N GLU I 119 10.80 -19.44 -28.20
CA GLU I 119 10.47 -20.87 -28.22
C GLU I 119 11.28 -21.62 -29.28
N PRO I 120 12.62 -21.49 -29.27
CA PRO I 120 13.43 -22.31 -30.17
C PRO I 120 13.84 -23.61 -29.51
N LEU I 121 14.66 -24.41 -30.18
CA LEU I 121 15.20 -25.61 -29.56
C LEU I 121 16.14 -25.21 -28.43
N ILE I 122 16.22 -26.07 -27.41
CA ILE I 122 16.78 -25.70 -26.11
C ILE I 122 18.28 -25.42 -26.17
N ASP I 123 18.92 -25.69 -27.30
CA ASP I 123 20.36 -25.45 -27.40
C ASP I 123 20.68 -23.97 -27.32
N HIS I 124 19.85 -23.13 -27.94
CA HIS I 124 20.14 -21.70 -27.99
C HIS I 124 20.01 -21.06 -26.61
N LYS I 125 21.14 -20.77 -25.98
CA LYS I 125 21.20 -20.09 -24.68
C LYS I 125 21.83 -18.72 -24.88
N PHE I 126 21.14 -17.68 -24.42
CA PHE I 126 21.59 -16.30 -24.60
C PHE I 126 21.64 -15.55 -23.28
N ASP I 127 21.45 -16.27 -22.15
CA ASP I 127 21.54 -15.77 -20.78
C ASP I 127 20.99 -14.35 -20.66
N TYR I 128 19.69 -14.21 -20.97
CA TYR I 128 19.01 -12.92 -21.06
C TYR I 128 19.35 -12.04 -19.86
N GLY I 129 19.30 -10.73 -20.08
CA GLY I 129 19.39 -9.78 -18.99
C GLY I 129 18.22 -9.92 -18.04
N VAL I 130 18.31 -9.18 -16.94
CA VAL I 130 17.37 -9.25 -15.82
C VAL I 130 17.42 -10.64 -15.18
N ARG I 131 17.75 -10.68 -13.88
CA ARG I 131 17.80 -11.94 -13.16
C ARG I 131 16.45 -12.67 -13.11
N GLY I 132 15.34 -11.96 -13.30
CA GLY I 132 14.05 -12.61 -13.25
C GLY I 132 13.65 -13.37 -14.50
N ILE I 133 14.45 -13.34 -15.56
CA ILE I 133 14.15 -14.01 -16.81
C ILE I 133 15.19 -15.11 -17.02
N SER I 134 14.71 -16.32 -17.27
CA SER I 134 15.58 -17.48 -17.47
C SER I 134 14.75 -18.59 -18.09
N ARG I 135 15.37 -19.77 -18.22
CA ARG I 135 14.68 -20.98 -18.65
C ARG I 135 14.21 -21.73 -17.41
N ASP I 136 13.76 -22.97 -17.59
CA ASP I 136 13.33 -23.81 -16.48
C ASP I 136 13.61 -25.27 -16.85
N ASN I 137 13.20 -26.19 -15.95
CA ASN I 137 13.44 -27.61 -16.19
C ASN I 137 12.70 -28.12 -17.42
N PHE I 138 11.57 -27.52 -17.77
CA PHE I 138 10.77 -27.95 -18.91
C PHE I 138 11.05 -27.15 -20.17
N GLY I 139 12.01 -26.22 -20.13
CA GLY I 139 12.35 -25.42 -21.29
C GLY I 139 11.53 -24.16 -21.47
N LYS I 140 10.52 -23.94 -20.63
CA LYS I 140 9.70 -22.74 -20.74
C LYS I 140 10.44 -21.54 -20.18
N ILE I 141 10.00 -20.35 -20.58
CA ILE I 141 10.57 -19.10 -20.08
C ILE I 141 9.70 -18.63 -18.92
N ASN I 142 10.31 -18.43 -17.76
CA ASN I 142 9.61 -18.02 -16.56
C ASN I 142 9.86 -16.53 -16.31
N VAL I 143 8.77 -15.78 -16.09
CA VAL I 143 8.85 -14.35 -15.85
C VAL I 143 8.30 -14.09 -14.45
N GLU I 144 9.16 -13.61 -13.56
CA GLU I 144 8.75 -13.30 -12.20
C GLU I 144 7.99 -11.98 -12.14
N SER I 145 6.98 -11.94 -11.27
CA SER I 145 6.19 -10.72 -11.11
C SER I 145 7.02 -9.57 -10.53
N LYS I 146 8.12 -9.89 -9.84
CA LYS I 146 8.97 -8.84 -9.28
C LYS I 146 9.72 -8.07 -10.36
N VAL I 147 9.74 -8.57 -11.59
CA VAL I 147 10.47 -7.89 -12.67
C VAL I 147 9.70 -6.64 -13.08
N VAL I 148 10.38 -5.50 -13.02
CA VAL I 148 9.75 -4.24 -13.42
C VAL I 148 9.61 -4.18 -14.94
N ALA I 149 8.67 -3.36 -15.41
CA ALA I 149 8.37 -3.28 -16.83
C ALA I 149 9.55 -2.85 -17.68
N PRO I 150 10.33 -1.81 -17.34
CA PRO I 150 11.50 -1.47 -18.16
C PRO I 150 12.52 -2.59 -18.27
N ALA I 151 12.69 -3.40 -17.22
CA ALA I 151 13.58 -4.55 -17.32
C ALA I 151 13.08 -5.55 -18.35
N LEU I 152 11.77 -5.82 -18.35
CA LEU I 152 11.20 -6.69 -19.36
C LEU I 152 11.38 -6.11 -20.75
N ARG I 153 11.25 -4.78 -20.87
CA ARG I 153 11.45 -4.15 -22.17
C ARG I 153 12.89 -4.33 -22.65
N ARG I 154 13.86 -4.15 -21.76
CA ARG I 154 15.26 -4.35 -22.15
C ARG I 154 15.52 -5.80 -22.54
N ALA I 155 14.97 -6.75 -21.78
CA ALA I 155 15.16 -8.16 -22.11
C ALA I 155 14.55 -8.49 -23.47
N LEU I 156 13.33 -7.99 -23.72
CA LEU I 156 12.69 -8.21 -25.01
C LEU I 156 13.50 -7.58 -26.14
N GLU I 157 14.08 -6.41 -25.88
CA GLU I 157 14.91 -5.77 -26.89
C GLU I 157 16.13 -6.61 -27.22
N ASN I 158 16.81 -7.13 -26.19
CA ASN I 158 17.98 -7.97 -26.44
C ASN I 158 17.61 -9.24 -27.21
N ALA I 159 16.49 -9.85 -26.84
CA ALA I 159 16.03 -11.04 -27.55
C ALA I 159 15.69 -10.71 -29.00
N LEU I 160 15.03 -9.58 -29.24
CA LEU I 160 14.67 -9.19 -30.60
C LEU I 160 15.92 -8.94 -31.43
N ILE I 161 16.91 -8.27 -30.87
CA ILE I 161 18.15 -7.98 -31.60
C ILE I 161 18.89 -9.27 -31.92
N HIS I 162 18.98 -10.19 -30.96
CA HIS I 162 19.73 -11.42 -31.19
C HIS I 162 19.02 -12.32 -32.19
N ARG I 163 17.72 -12.55 -31.99
CA ARG I 163 16.98 -13.47 -32.85
C ARG I 163 16.81 -12.89 -34.25
N HIS I 164 16.63 -11.56 -34.34
CA HIS I 164 16.52 -10.82 -35.59
C HIS I 164 15.36 -11.38 -36.42
N PRO I 165 14.11 -11.14 -36.01
CA PRO I 165 12.98 -11.54 -36.83
C PRO I 165 12.81 -10.63 -38.04
N ASP I 166 12.12 -11.14 -39.05
CA ASP I 166 11.89 -10.37 -40.26
C ASP I 166 10.81 -9.30 -40.04
N VAL I 167 9.75 -9.65 -39.31
CA VAL I 167 8.66 -8.73 -39.04
C VAL I 167 7.95 -9.17 -37.78
N PHE I 168 7.48 -8.20 -37.00
CA PHE I 168 6.75 -8.44 -35.76
C PHE I 168 5.28 -8.15 -36.00
N PHE I 169 4.45 -9.18 -35.92
CA PHE I 169 3.01 -9.06 -36.15
C PHE I 169 2.30 -8.76 -34.84
N VAL I 170 1.41 -7.79 -34.85
CA VAL I 170 0.56 -7.46 -33.71
C VAL I 170 -0.88 -7.49 -34.21
N ASP I 171 -1.53 -8.63 -34.08
CA ASP I 171 -2.92 -8.77 -34.50
C ASP I 171 -3.84 -8.11 -33.48
N GLU I 172 -5.02 -7.69 -33.95
CA GLU I 172 -6.00 -7.00 -33.12
C GLU I 172 -5.38 -5.78 -32.44
N ALA I 173 -4.67 -4.99 -33.24
CA ALA I 173 -3.90 -3.86 -32.71
C ALA I 173 -4.77 -2.72 -32.21
N GLN I 174 -6.07 -2.73 -32.47
CA GLN I 174 -6.94 -1.67 -31.97
C GLN I 174 -7.07 -1.70 -30.46
N HIS I 175 -6.62 -2.77 -29.81
CA HIS I 175 -6.65 -2.85 -28.36
C HIS I 175 -5.68 -1.89 -27.68
N PHE I 176 -4.78 -1.26 -28.44
CA PHE I 176 -3.83 -0.33 -27.85
C PHE I 176 -4.47 1.01 -27.50
N GLY I 177 -5.70 1.25 -27.92
CA GLY I 177 -6.37 2.51 -27.69
C GLY I 177 -7.00 2.69 -26.33
N LYS I 178 -6.88 1.71 -25.43
CA LYS I 178 -7.47 1.81 -24.11
C LYS I 178 -6.63 2.75 -23.26
N VAL I 179 -6.90 4.04 -23.42
CA VAL I 179 -6.18 5.10 -22.72
C VAL I 179 -7.18 6.07 -22.11
N ALA I 180 -6.70 6.85 -21.15
CA ALA I 180 -7.52 7.84 -20.47
C ALA I 180 -7.15 9.28 -20.81
N SER I 181 -5.96 9.51 -21.36
CA SER I 181 -5.53 10.84 -21.75
C SER I 181 -5.46 10.94 -23.27
N GLY I 182 -5.79 12.12 -23.79
CA GLY I 182 -5.73 12.32 -25.23
C GLY I 182 -4.33 12.12 -25.78
N TYR I 183 -3.33 12.63 -25.07
CA TYR I 183 -1.94 12.43 -25.48
C TYR I 183 -1.43 11.04 -25.16
N LYS I 184 -2.07 10.33 -24.22
CA LYS I 184 -1.69 8.95 -23.99
C LYS I 184 -1.93 8.12 -25.24
N LEU I 185 -2.99 8.44 -25.98
CA LEU I 185 -3.26 7.79 -27.25
C LEU I 185 -2.02 7.82 -28.15
N GLN I 186 -1.28 8.94 -28.14
CA GLN I 186 -0.11 9.08 -29.00
C GLN I 186 1.17 8.48 -28.42
N ASP I 187 1.45 8.66 -27.13
CA ASP I 187 2.73 8.14 -26.67
C ASP I 187 2.67 6.63 -26.49
N GLN I 188 1.48 6.03 -26.56
CA GLN I 188 1.45 4.58 -26.76
C GLN I 188 2.13 4.19 -28.08
N LEU I 189 1.71 4.82 -29.18
CA LEU I 189 2.34 4.56 -30.46
C LEU I 189 3.80 4.99 -30.46
N ASP I 190 4.11 6.03 -29.68
CA ASP I 190 5.51 6.44 -29.53
C ASP I 190 6.33 5.35 -28.85
N CYS I 191 5.76 4.69 -27.84
CA CYS I 191 6.45 3.58 -27.20
C CYS I 191 6.67 2.43 -28.16
N LEU I 192 5.65 2.12 -28.97
CA LEU I 192 5.82 1.11 -30.01
C LEU I 192 6.94 1.49 -30.97
N LYS I 193 6.98 2.76 -31.39
CA LYS I 193 8.00 3.20 -32.33
C LYS I 193 9.39 3.15 -31.71
N SER I 194 9.51 3.52 -30.42
CA SER I 194 10.80 3.41 -29.75
C SER I 194 11.24 1.95 -29.64
N LEU I 195 10.31 1.05 -29.33
CA LEU I 195 10.66 -0.36 -29.27
C LEU I 195 11.11 -0.87 -30.65
N ALA I 196 10.45 -0.43 -31.71
CA ALA I 196 10.81 -0.88 -33.05
C ALA I 196 12.15 -0.30 -33.50
N ASN I 197 12.38 0.98 -33.23
CA ASN I 197 13.62 1.62 -33.65
C ASN I 197 14.82 1.00 -32.95
N MET I 198 14.74 0.89 -31.63
CA MET I 198 15.85 0.38 -30.84
C MET I 198 16.19 -1.06 -31.17
N THR I 199 15.26 -1.81 -31.77
CA THR I 199 15.53 -3.16 -32.25
C THR I 199 15.70 -3.25 -33.76
N GLY I 200 15.28 -2.23 -34.50
CA GLY I 200 15.35 -2.30 -35.95
C GLY I 200 14.46 -3.37 -36.55
N ILE I 201 13.26 -3.53 -36.02
CA ILE I 201 12.33 -4.57 -36.44
C ILE I 201 11.04 -3.92 -36.90
N LEU I 202 10.61 -4.25 -38.12
CA LEU I 202 9.37 -3.73 -38.67
C LEU I 202 8.19 -4.27 -37.86
N HIS I 203 7.26 -3.39 -37.51
CA HIS I 203 6.09 -3.77 -36.71
C HIS I 203 4.84 -3.59 -37.57
N CYS I 204 4.23 -4.71 -37.96
CA CYS I 204 2.99 -4.66 -38.71
C CYS I 204 1.80 -4.79 -37.77
N LEU I 205 0.87 -3.83 -37.85
CA LEU I 205 -0.27 -3.76 -36.95
C LEU I 205 -1.53 -4.11 -37.75
N LEU I 206 -2.08 -5.29 -37.51
CA LEU I 206 -3.33 -5.73 -38.11
C LEU I 206 -4.46 -5.46 -37.13
N GLY I 207 -5.41 -4.63 -37.53
CA GLY I 207 -6.52 -4.30 -36.67
C GLY I 207 -7.72 -3.86 -37.48
N THR I 208 -8.83 -3.69 -36.78
CA THR I 208 -10.07 -3.25 -37.42
C THR I 208 -10.00 -1.75 -37.72
N TYR I 209 -11.14 -1.19 -38.14
CA TYR I 209 -11.22 0.22 -38.47
C TYR I 209 -11.07 1.12 -37.25
N GLU I 210 -11.11 0.56 -36.04
CA GLU I 210 -10.81 1.33 -34.84
C GLU I 210 -9.37 1.85 -34.88
N LEU I 211 -8.49 1.20 -35.65
CA LEU I 211 -7.11 1.62 -35.80
C LEU I 211 -6.96 2.92 -36.57
N LEU I 212 -8.04 3.43 -37.18
CA LEU I 212 -7.95 4.73 -37.83
C LEU I 212 -7.64 5.84 -36.83
N THR I 213 -7.82 5.56 -35.54
CA THR I 213 -7.36 6.48 -34.51
C THR I 213 -5.85 6.68 -34.55
N PHE I 214 -5.08 5.61 -34.77
CA PHE I 214 -3.63 5.66 -34.83
C PHE I 214 -3.12 6.12 -36.20
N ARG I 215 -4.00 6.63 -37.07
CA ARG I 215 -3.62 6.85 -38.45
C ARG I 215 -2.51 7.88 -38.59
N ASN I 216 -2.78 9.12 -38.19
CA ASN I 216 -1.85 10.23 -38.41
C ASN I 216 -1.67 11.00 -37.11
N LEU I 217 -0.53 10.81 -36.45
CA LEU I 217 -0.17 11.57 -35.26
C LEU I 217 1.28 12.00 -35.40
N SER I 218 1.50 13.29 -35.66
CA SER I 218 2.81 13.92 -35.79
C SER I 218 3.57 13.42 -37.03
N GLY I 219 4.52 14.24 -37.50
CA GLY I 219 5.21 13.94 -38.74
C GLY I 219 6.05 12.68 -38.67
N GLN I 220 6.65 12.41 -37.51
CA GLN I 220 7.49 11.23 -37.39
C GLN I 220 6.70 9.94 -37.63
N LEU I 221 5.58 9.78 -36.92
CA LEU I 221 4.78 8.57 -37.08
C LEU I 221 4.00 8.60 -38.39
N SER I 222 3.80 9.79 -38.96
CA SER I 222 3.22 9.86 -40.29
C SER I 222 4.18 9.38 -41.37
N ARG I 223 5.48 9.61 -41.18
CA ARG I 223 6.49 9.21 -42.15
C ARG I 223 6.86 7.74 -42.00
N ARG I 224 7.15 7.30 -40.78
CA ARG I 224 7.64 5.94 -40.56
C ARG I 224 6.56 4.88 -40.59
N SER I 225 5.38 5.20 -41.13
CA SER I 225 4.29 4.25 -41.24
C SER I 225 3.76 4.25 -42.67
N VAL I 226 3.41 3.06 -43.15
CA VAL I 226 2.79 2.89 -44.46
C VAL I 226 1.45 2.19 -44.26
N ASP I 227 0.40 2.75 -44.86
CA ASP I 227 -0.96 2.29 -44.65
C ASP I 227 -1.37 1.35 -45.77
N ILE I 228 -1.86 0.17 -45.40
CA ILE I 228 -2.36 -0.82 -46.34
C ILE I 228 -3.83 -1.04 -46.01
N HIS I 229 -4.70 -0.86 -47.00
CA HIS I 229 -6.14 -0.93 -46.81
C HIS I 229 -6.68 -2.23 -47.41
N PHE I 230 -7.22 -3.09 -46.55
CA PHE I 230 -7.87 -4.33 -47.00
C PHE I 230 -9.33 -3.99 -47.30
N ARG I 231 -9.53 -3.37 -48.47
CA ARG I 231 -10.86 -2.94 -48.87
C ARG I 231 -11.78 -4.14 -49.08
N ARG I 232 -13.06 -3.94 -48.77
CA ARG I 232 -14.08 -4.95 -48.99
C ARG I 232 -14.66 -4.81 -50.40
N TYR I 233 -15.16 -5.92 -50.92
CA TYR I 233 -15.79 -5.93 -52.23
C TYR I 233 -17.11 -5.16 -52.15
N CYS I 234 -17.14 -3.96 -52.71
CA CYS I 234 -18.33 -3.13 -52.68
C CYS I 234 -19.33 -3.60 -53.73
N ALA I 235 -20.49 -2.94 -53.78
CA ALA I 235 -21.52 -3.26 -54.75
C ALA I 235 -21.54 -2.33 -55.96
N ASP I 236 -20.98 -1.13 -55.84
CA ASP I 236 -21.00 -0.18 -56.94
C ASP I 236 -20.11 -0.64 -58.09
N SER I 237 -18.92 -1.14 -57.77
CA SER I 237 -17.98 -1.54 -58.80
C SER I 237 -18.44 -2.84 -59.47
N PRO I 238 -18.66 -2.85 -60.79
CA PRO I 238 -18.99 -4.12 -61.46
C PRO I 238 -17.90 -5.17 -61.33
N GLU I 239 -16.63 -4.75 -61.32
CA GLU I 239 -15.55 -5.71 -61.11
C GLU I 239 -15.62 -6.32 -59.72
N ASP I 240 -15.98 -5.51 -58.71
CA ASP I 240 -16.16 -6.05 -57.36
C ASP I 240 -17.28 -7.08 -57.33
N VAL I 241 -18.38 -6.80 -58.02
CA VAL I 241 -19.49 -7.75 -58.07
C VAL I 241 -19.07 -9.04 -58.77
N GLN I 242 -18.33 -8.90 -59.87
CA GLN I 242 -17.86 -10.08 -60.59
C GLN I 242 -16.92 -10.93 -59.72
N ALA I 243 -16.01 -10.28 -58.99
CA ALA I 243 -15.11 -11.02 -58.11
C ALA I 243 -15.90 -11.70 -56.99
N PHE I 244 -16.89 -11.01 -56.42
CA PHE I 244 -17.73 -11.60 -55.39
C PHE I 244 -18.45 -12.84 -55.92
N LYS I 245 -19.00 -12.75 -57.13
CA LYS I 245 -19.73 -13.87 -57.71
C LYS I 245 -18.78 -15.02 -58.04
N SER I 246 -17.56 -14.70 -58.50
CA SER I 246 -16.58 -15.76 -58.77
C SER I 246 -16.18 -16.49 -57.50
N VAL I 247 -15.94 -15.74 -56.42
CA VAL I 247 -15.60 -16.37 -55.14
C VAL I 247 -16.76 -17.22 -54.65
N LEU I 248 -17.98 -16.71 -54.79
CA LEU I 248 -19.16 -17.46 -54.36
C LEU I 248 -19.32 -18.73 -55.17
N LEU I 249 -19.07 -18.66 -56.48
CA LEU I 249 -19.17 -19.84 -57.33
C LEU I 249 -18.10 -20.88 -56.96
N THR I 250 -16.88 -20.41 -56.66
CA THR I 250 -15.84 -21.33 -56.20
C THR I 250 -16.25 -22.00 -54.88
N PHE I 251 -16.84 -21.22 -53.97
CA PHE I 251 -17.34 -21.78 -52.73
C PHE I 251 -18.40 -22.85 -52.99
N GLN I 252 -19.33 -22.56 -53.90
CA GLN I 252 -20.37 -23.52 -54.25
C GLN I 252 -19.77 -24.80 -54.81
N GLN I 253 -18.77 -24.67 -55.69
CA GLN I 253 -18.12 -25.83 -56.27
C GLN I 253 -17.30 -26.61 -55.25
N HIS I 254 -16.84 -25.96 -54.18
CA HIS I 254 -15.99 -26.62 -53.20
C HIS I 254 -16.76 -27.15 -51.99
N LEU I 255 -18.08 -27.14 -52.03
CA LEU I 255 -18.85 -27.73 -50.93
C LEU I 255 -18.84 -29.25 -51.04
N PRO I 256 -18.34 -29.96 -50.04
CA PRO I 256 -18.40 -31.43 -50.08
C PRO I 256 -19.82 -31.95 -49.87
N LEU I 257 -20.69 -31.72 -50.86
CA LEU I 257 -22.08 -32.10 -50.79
C LEU I 257 -22.38 -33.13 -51.86
N ALA I 258 -23.39 -33.98 -51.59
CA ALA I 258 -23.74 -35.03 -52.55
C ALA I 258 -24.18 -34.44 -53.88
N GLU I 259 -25.00 -33.39 -53.85
CA GLU I 259 -25.39 -32.66 -55.05
C GLU I 259 -25.08 -31.19 -54.84
N THR I 260 -24.35 -30.60 -55.78
CA THR I 260 -23.97 -29.20 -55.66
C THR I 260 -25.17 -28.30 -55.92
N PRO I 261 -25.48 -27.37 -55.03
CA PRO I 261 -26.61 -26.46 -55.27
C PRO I 261 -26.17 -25.23 -56.04
N ASN I 262 -27.17 -24.51 -56.56
CA ASN I 262 -26.94 -23.25 -57.25
C ASN I 262 -26.89 -22.13 -56.23
N LEU I 263 -25.73 -21.50 -56.10
CA LEU I 263 -25.49 -20.50 -55.07
C LEU I 263 -25.52 -19.06 -55.61
N VAL I 264 -25.29 -18.87 -56.90
CA VAL I 264 -25.14 -17.53 -57.44
C VAL I 264 -26.47 -16.80 -57.49
N ASP I 265 -27.58 -17.51 -57.33
CA ASP I 265 -28.89 -16.90 -57.45
C ASP I 265 -29.10 -15.83 -56.37
N HIS I 266 -28.87 -16.19 -55.10
CA HIS I 266 -29.13 -15.26 -54.01
C HIS I 266 -27.88 -14.46 -53.64
N TRP I 267 -27.24 -13.89 -54.68
CA TRP I 267 -26.06 -13.09 -54.45
C TRP I 267 -26.42 -11.78 -53.74
N GLU I 268 -27.61 -11.24 -54.02
CA GLU I 268 -28.05 -10.04 -53.31
C GLU I 268 -28.23 -10.33 -51.82
N TYR I 269 -28.83 -11.46 -51.47
CA TYR I 269 -28.98 -11.82 -50.06
C TYR I 269 -27.62 -12.03 -49.41
N PHE I 270 -26.71 -12.72 -50.11
CA PHE I 270 -25.39 -12.96 -49.54
C PHE I 270 -24.62 -11.66 -49.32
N TYR I 271 -24.71 -10.73 -50.27
CA TYR I 271 -24.05 -9.43 -50.09
C TYR I 271 -24.75 -8.61 -49.01
N GLU I 272 -26.06 -8.78 -48.86
CA GLU I 272 -26.77 -8.09 -47.79
C GLU I 272 -26.28 -8.53 -46.42
N ARG I 273 -26.08 -9.84 -46.25
CA ARG I 273 -25.67 -10.38 -44.96
C ARG I 273 -24.17 -10.47 -44.79
N THR I 274 -23.38 -10.14 -45.81
CA THR I 274 -21.93 -10.16 -45.70
C THR I 274 -21.26 -8.86 -46.14
N LEU I 275 -21.91 -8.05 -46.97
CA LEU I 275 -21.42 -6.76 -47.45
C LEU I 275 -19.98 -6.79 -47.94
N GLY I 276 -19.55 -7.92 -48.49
CA GLY I 276 -18.26 -7.99 -49.13
C GLY I 276 -17.21 -8.79 -48.38
N CYS I 277 -17.31 -8.85 -47.06
CA CYS I 277 -16.33 -9.58 -46.27
C CYS I 277 -16.33 -11.06 -46.64
N ILE I 278 -15.19 -11.52 -47.19
CA ILE I 278 -15.08 -12.90 -47.64
C ILE I 278 -15.14 -13.85 -46.45
N GLY I 279 -14.55 -13.47 -45.32
CA GLY I 279 -14.58 -14.33 -44.14
C GLY I 279 -15.98 -14.55 -43.62
N THR I 280 -16.83 -13.52 -43.66
CA THR I 280 -18.22 -13.68 -43.24
C THR I 280 -18.95 -14.67 -44.13
N LEU I 281 -18.76 -14.56 -45.45
CA LEU I 281 -19.35 -15.54 -46.35
C LEU I 281 -18.81 -16.94 -46.08
N LYS I 282 -17.52 -17.04 -45.80
CA LYS I 282 -16.89 -18.35 -45.61
C LYS I 282 -17.44 -19.04 -44.36
N ASP I 283 -17.49 -18.33 -43.23
CA ASP I 283 -17.97 -18.99 -42.03
C ASP I 283 -19.48 -19.14 -42.03
N TRP I 284 -20.21 -18.28 -42.75
CA TRP I 284 -21.63 -18.52 -42.98
C TRP I 284 -21.85 -19.83 -43.74
N LEU I 285 -21.07 -20.05 -44.80
CA LEU I 285 -21.19 -21.27 -45.57
C LEU I 285 -20.76 -22.48 -44.76
N LYS I 286 -19.74 -22.32 -43.92
CA LYS I 286 -19.35 -23.38 -42.99
C LYS I 286 -20.50 -23.74 -42.07
N ARG I 287 -21.17 -22.73 -41.51
CA ARG I 287 -22.33 -22.97 -40.66
C ARG I 287 -23.41 -23.74 -41.40
N VAL I 288 -23.76 -23.27 -42.60
CA VAL I 288 -24.85 -23.87 -43.35
C VAL I 288 -24.52 -25.30 -43.74
N LEU I 289 -23.28 -25.53 -44.20
CA LEU I 289 -22.87 -26.87 -44.60
C LEU I 289 -22.86 -27.82 -43.42
N SER I 290 -22.39 -27.35 -42.25
CA SER I 290 -22.42 -28.21 -41.07
C SER I 290 -23.85 -28.54 -40.67
N ASP I 291 -24.75 -27.55 -40.73
CA ASP I 291 -26.15 -27.81 -40.40
C ASP I 291 -26.76 -28.82 -41.37
N ALA I 292 -26.45 -28.70 -42.65
CA ALA I 292 -26.95 -29.66 -43.63
C ALA I 292 -26.40 -31.05 -43.38
N LEU I 293 -25.10 -31.15 -43.08
CA LEU I 293 -24.48 -32.45 -42.83
C LEU I 293 -24.97 -33.09 -41.53
N ASP I 294 -25.44 -32.29 -40.58
CA ASP I 294 -25.98 -32.86 -39.35
C ASP I 294 -27.21 -33.71 -39.63
N ARG I 295 -28.07 -33.26 -40.55
CA ARG I 295 -29.27 -33.99 -40.92
C ARG I 295 -29.06 -34.94 -42.09
N GLU I 296 -27.81 -35.08 -42.56
CA GLU I 296 -27.46 -36.00 -43.65
C GLU I 296 -28.22 -35.67 -44.93
N ALA I 297 -28.55 -34.38 -45.11
CA ALA I 297 -29.24 -33.96 -46.33
C ALA I 297 -28.36 -34.07 -47.58
N THR I 298 -28.63 -33.26 -48.59
CA THR I 298 -27.87 -33.34 -49.84
C THR I 298 -27.86 -32.03 -50.63
N THR I 299 -28.47 -30.99 -50.06
CA THR I 299 -28.51 -29.70 -50.75
C THR I 299 -28.59 -28.54 -49.78
N ILE I 300 -28.40 -27.33 -50.31
CA ILE I 300 -28.50 -26.14 -49.46
C ILE I 300 -29.77 -25.37 -49.81
N THR I 301 -30.59 -25.11 -48.80
CA THR I 301 -31.84 -24.40 -49.04
C THR I 301 -31.77 -22.96 -48.58
N LEU I 302 -32.64 -22.12 -49.14
CA LEU I 302 -32.66 -20.71 -48.72
C LEU I 302 -32.95 -20.58 -47.23
N LYS I 303 -33.89 -21.38 -46.72
CA LYS I 303 -34.20 -21.32 -45.29
C LYS I 303 -33.03 -21.79 -44.44
N ASP I 304 -32.20 -22.71 -44.96
CA ASP I 304 -31.00 -23.11 -44.25
C ASP I 304 -30.04 -21.94 -44.09
N LEU I 305 -29.86 -21.15 -45.15
CA LEU I 305 -29.09 -19.92 -45.05
C LEU I 305 -29.75 -18.94 -44.09
N GLN I 306 -31.08 -18.81 -44.18
CA GLN I 306 -31.80 -17.90 -43.31
C GLN I 306 -31.76 -18.36 -41.85
N LYS I 307 -31.70 -19.67 -41.63
CA LYS I 307 -31.70 -20.19 -40.27
C LYS I 307 -30.47 -19.74 -39.49
N ARG I 308 -29.34 -19.53 -40.17
CA ARG I 308 -28.08 -19.21 -39.53
C ARG I 308 -27.39 -18.06 -40.22
N ALA I 309 -28.14 -17.02 -40.55
CA ALA I 309 -27.59 -15.84 -41.18
C ALA I 309 -27.17 -14.84 -40.10
N LEU I 310 -26.82 -13.62 -40.52
CA LEU I 310 -26.50 -12.54 -39.60
C LEU I 310 -27.70 -11.60 -39.52
N SER I 311 -28.14 -11.31 -38.30
CA SER I 311 -29.34 -10.51 -38.14
C SER I 311 -29.12 -9.08 -38.62
N VAL I 312 -30.23 -8.40 -38.93
CA VAL I 312 -30.14 -7.05 -39.46
C VAL I 312 -29.51 -6.10 -38.44
N ALA I 313 -29.82 -6.31 -37.16
CA ALA I 313 -29.35 -5.39 -36.12
C ALA I 313 -27.83 -5.30 -36.10
N GLN I 314 -27.14 -6.45 -36.17
CA GLN I 314 -25.70 -6.41 -36.26
C GLN I 314 -25.23 -5.99 -37.65
N CYS I 315 -25.88 -6.51 -38.70
CA CYS I 315 -25.38 -6.32 -40.05
C CYS I 315 -25.23 -4.85 -40.41
N GLN I 316 -26.17 -4.01 -39.96
CA GLN I 316 -26.04 -2.58 -40.21
C GLN I 316 -24.94 -1.96 -39.37
N LYS I 317 -24.57 -2.63 -38.27
CA LYS I 317 -23.60 -2.03 -37.35
C LYS I 317 -22.20 -1.99 -37.96
N MET I 318 -21.78 -3.08 -38.63
CA MET I 318 -20.48 -3.02 -39.31
C MET I 318 -20.51 -1.98 -40.42
N PHE I 319 -21.63 -1.85 -41.12
CA PHE I 319 -21.74 -0.85 -42.17
C PHE I 319 -21.43 0.54 -41.63
N LYS I 320 -21.98 0.88 -40.46
CA LYS I 320 -21.72 2.19 -39.88
C LYS I 320 -20.24 2.38 -39.60
N GLU I 321 -19.58 1.35 -39.07
CA GLU I 321 -18.14 1.43 -38.86
C GLU I 321 -17.37 1.43 -40.19
N ILE I 322 -17.80 0.58 -41.12
CA ILE I 322 -17.04 0.38 -42.35
C ILE I 322 -17.10 1.61 -43.24
N GLN I 323 -18.29 2.20 -43.40
CA GLN I 323 -18.42 3.39 -44.23
C GLN I 323 -17.62 4.55 -43.63
N GLU I 324 -17.50 4.59 -42.31
CA GLU I 324 -16.71 5.63 -41.67
C GLU I 324 -15.22 5.46 -41.97
N GLY I 325 -14.69 4.24 -41.81
CA GLY I 325 -13.29 4.01 -42.09
C GLY I 325 -12.94 4.18 -43.55
N GLU I 326 -13.81 3.71 -44.44
CA GLU I 326 -13.58 3.91 -45.87
C GLU I 326 -13.66 5.38 -46.24
N ARG I 327 -14.44 6.16 -45.48
CA ARG I 327 -14.53 7.60 -45.73
C ARG I 327 -13.21 8.30 -45.42
N GLN I 328 -12.62 7.99 -44.26
CA GLN I 328 -11.36 8.61 -43.88
C GLN I 328 -10.19 8.11 -44.71
N LEU I 329 -10.23 6.83 -45.12
CA LEU I 329 -9.16 6.23 -45.91
C LEU I 329 -9.27 6.52 -47.40
N SER I 330 -10.12 7.48 -47.77
CA SER I 330 -10.35 7.80 -49.18
C SER I 330 -9.41 8.92 -49.60
N GLU I 331 -8.48 8.61 -50.50
CA GLU I 331 -7.55 9.58 -51.05
C GLU I 331 -8.00 9.96 -52.45
N THR I 332 -8.42 11.21 -52.62
CA THR I 332 -8.95 11.70 -53.89
C THR I 332 -7.94 12.62 -54.56
N GLU I 333 -8.25 12.98 -55.81
CA GLU I 333 -7.38 13.89 -56.55
C GLU I 333 -7.44 15.30 -55.99
N ALA I 334 -8.54 15.66 -55.32
CA ALA I 334 -8.63 16.98 -54.70
C ALA I 334 -7.58 17.15 -53.61
N ASP I 335 -7.36 16.11 -52.81
CA ASP I 335 -6.33 16.17 -51.78
C ASP I 335 -4.94 16.31 -52.41
N VAL I 336 -4.72 15.64 -53.54
CA VAL I 336 -3.42 15.73 -54.21
C VAL I 336 -3.15 17.17 -54.64
N GLN I 337 -4.14 17.83 -55.23
CA GLN I 337 -3.96 19.21 -55.66
C GLN I 337 -3.89 20.16 -54.47
N ASN I 338 -4.46 19.76 -53.33
CA ASN I 338 -4.33 20.58 -52.12
C ASN I 338 -2.88 20.61 -51.64
N LEU I 339 -2.19 19.48 -51.71
CA LEU I 339 -0.76 19.45 -51.40
C LEU I 339 0.04 20.30 -52.39
N ARG I 340 -0.37 20.31 -53.66
CA ARG I 340 0.32 21.12 -54.66
C ARG I 340 0.24 22.60 -54.31
N SER I 341 -0.94 23.07 -53.90
CA SER I 341 -1.12 24.49 -53.60
C SER I 341 -0.38 24.88 -52.32
N ALA I 342 -0.51 24.08 -51.27
CA ALA I 342 0.11 24.42 -50.00
C ALA I 342 1.64 24.41 -50.11
N LEU I 343 2.18 23.42 -50.81
CA LEU I 343 3.63 23.31 -50.95
C LEU I 343 4.20 24.20 -52.04
N GLY I 344 3.36 24.71 -52.94
CA GLY I 344 3.83 25.60 -53.99
C GLY I 344 4.20 24.94 -55.30
N LEU I 345 3.82 23.68 -55.51
CA LEU I 345 4.11 22.99 -56.76
C LEU I 345 2.97 23.05 -57.76
N GLY I 346 1.93 23.84 -57.49
CA GLY I 346 0.83 23.97 -58.42
C GLY I 346 1.29 24.53 -59.75
N SER J 4 -48.84 -45.33 -17.38
CA SER J 4 -49.62 -44.12 -17.18
C SER J 4 -48.83 -42.88 -17.58
N THR J 5 -49.55 -41.84 -18.00
CA THR J 5 -48.94 -40.59 -18.42
C THR J 5 -48.69 -39.63 -17.26
N GLY J 6 -49.09 -39.99 -16.04
CA GLY J 6 -48.92 -39.15 -14.88
C GLY J 6 -47.84 -39.64 -13.95
N PHE J 7 -47.83 -39.06 -12.75
CA PHE J 7 -46.84 -39.42 -11.75
C PHE J 7 -47.09 -40.83 -11.23
N PRO J 8 -46.05 -41.52 -10.77
CA PRO J 8 -46.23 -42.88 -10.25
C PRO J 8 -47.18 -42.90 -9.06
N LEU J 9 -47.99 -43.97 -8.99
CA LEU J 9 -49.04 -44.04 -7.98
C LEU J 9 -48.48 -44.35 -6.60
N GLU J 10 -47.30 -44.97 -6.53
CA GLU J 10 -46.78 -45.42 -5.25
C GLU J 10 -46.12 -44.31 -4.44
N LEU J 11 -45.97 -43.11 -4.99
CA LEU J 11 -45.34 -42.03 -4.23
C LEU J 11 -46.24 -41.55 -3.09
N LEU J 12 -47.55 -41.79 -3.18
CA LEU J 12 -48.44 -41.43 -2.08
C LEU J 12 -48.09 -42.22 -0.82
N THR J 13 -47.79 -43.51 -0.97
CA THR J 13 -47.35 -44.31 0.17
C THR J 13 -46.01 -43.80 0.73
N ARG J 14 -45.17 -43.24 -0.13
CA ARG J 14 -43.89 -42.71 0.31
C ARG J 14 -44.13 -41.45 1.14
N PRO J 15 -43.17 -41.07 1.99
CA PRO J 15 -43.35 -39.86 2.81
C PRO J 15 -43.43 -38.61 1.96
N ALA J 16 -43.72 -37.50 2.65
CA ALA J 16 -43.89 -36.22 1.96
C ALA J 16 -42.59 -35.75 1.30
N THR J 17 -41.46 -35.92 2.00
CA THR J 17 -40.19 -35.41 1.48
C THR J 17 -39.83 -36.06 0.15
N GLU J 18 -40.09 -37.37 0.01
CA GLU J 18 -39.85 -38.03 -1.25
C GLU J 18 -40.72 -37.46 -2.37
N ARG J 19 -41.97 -37.12 -2.04
CA ARG J 19 -42.85 -36.51 -3.03
C ARG J 19 -42.33 -35.14 -3.46
N LEU J 20 -41.87 -34.32 -2.50
CA LEU J 20 -41.27 -33.03 -2.88
C LEU J 20 -40.04 -33.22 -3.74
N ALA J 21 -39.20 -34.20 -3.40
CA ALA J 21 -38.00 -34.47 -4.18
C ALA J 21 -38.36 -34.88 -5.60
N TYR J 22 -39.36 -35.75 -5.75
CA TYR J 22 -39.79 -36.16 -7.08
C TYR J 22 -40.32 -34.97 -7.88
N PHE J 23 -41.13 -34.12 -7.24
CA PHE J 23 -41.70 -32.98 -7.96
C PHE J 23 -40.61 -32.00 -8.39
N GLU J 24 -39.64 -31.73 -7.52
CA GLU J 24 -38.57 -30.81 -7.87
C GLU J 24 -37.67 -31.39 -8.95
N ASN J 25 -37.34 -32.67 -8.85
CA ASN J 25 -36.50 -33.32 -9.85
C ASN J 25 -37.20 -33.45 -11.20
N TYR J 26 -38.52 -33.30 -11.25
CA TYR J 26 -39.23 -33.35 -12.52
C TYR J 26 -38.86 -32.15 -13.39
N THR J 27 -38.63 -32.42 -14.67
CA THR J 27 -38.48 -31.38 -15.68
C THR J 27 -39.38 -31.70 -16.86
N VAL J 28 -39.94 -30.67 -17.48
CA VAL J 28 -40.91 -30.83 -18.55
C VAL J 28 -40.32 -30.23 -19.82
N ALA J 29 -40.62 -30.86 -20.96
CA ALA J 29 -40.16 -30.39 -22.26
C ALA J 29 -41.32 -29.69 -22.97
N HIS J 30 -41.08 -28.46 -23.39
CA HIS J 30 -42.05 -27.66 -24.12
C HIS J 30 -41.40 -27.16 -25.40
N PRO J 31 -42.21 -26.82 -26.42
CA PRO J 31 -41.63 -26.56 -27.76
C PRO J 31 -40.53 -25.50 -27.78
N ARG J 32 -40.69 -24.41 -27.03
CA ARG J 32 -39.64 -23.39 -27.01
C ARG J 32 -38.35 -23.93 -26.41
N LEU J 33 -38.45 -24.68 -25.31
CA LEU J 33 -37.25 -25.24 -24.69
C LEU J 33 -36.54 -26.18 -25.64
N LYS J 34 -37.30 -27.06 -26.30
CA LYS J 34 -36.68 -28.03 -27.20
C LYS J 34 -36.08 -27.34 -28.43
N GLU J 35 -36.75 -26.31 -28.96
CA GLU J 35 -36.21 -25.62 -30.12
C GLU J 35 -34.93 -24.87 -29.77
N VAL J 36 -34.92 -24.17 -28.63
CA VAL J 36 -33.73 -23.46 -28.21
C VAL J 36 -32.60 -24.43 -27.90
N TYR J 37 -32.95 -25.58 -27.30
CA TYR J 37 -31.95 -26.60 -27.01
C TYR J 37 -31.32 -27.16 -28.29
N GLU J 38 -32.15 -27.43 -29.30
CA GLU J 38 -31.63 -27.91 -30.57
C GLU J 38 -30.73 -26.86 -31.23
N ILE J 39 -31.17 -25.60 -31.22
CA ILE J 39 -30.37 -24.53 -31.82
C ILE J 39 -29.04 -24.38 -31.11
N LEU J 40 -29.07 -24.39 -29.77
CA LEU J 40 -27.85 -24.27 -28.99
C LEU J 40 -26.90 -25.43 -29.25
N MET J 41 -27.44 -26.66 -29.32
CA MET J 41 -26.57 -27.80 -29.58
C MET J 41 -25.96 -27.73 -30.97
N ARG J 42 -26.75 -27.33 -31.97
CA ARG J 42 -26.21 -27.20 -33.31
C ARG J 42 -25.11 -26.15 -33.36
N THR J 43 -25.28 -25.06 -32.61
CA THR J 43 -24.27 -24.01 -32.59
C THR J 43 -23.02 -24.45 -31.84
N ILE J 44 -23.19 -25.18 -30.74
CA ILE J 44 -22.06 -25.62 -29.94
C ILE J 44 -21.25 -26.67 -30.71
N ALA J 45 -21.94 -27.52 -31.48
CA ALA J 45 -21.24 -28.54 -32.25
C ALA J 45 -20.22 -27.92 -33.20
N GLU J 46 -20.51 -26.73 -33.71
CA GLU J 46 -19.56 -25.99 -34.56
C GLU J 46 -19.88 -24.50 -34.48
N PRO J 47 -18.94 -23.70 -33.99
CA PRO J 47 -19.19 -22.25 -33.89
C PRO J 47 -18.95 -21.51 -35.20
N ALA J 48 -17.98 -21.95 -35.99
CA ALA J 48 -17.62 -21.33 -37.27
C ALA J 48 -17.26 -19.85 -37.07
N GLY J 49 -16.18 -19.65 -36.33
CA GLY J 49 -15.63 -18.31 -36.14
C GLY J 49 -16.50 -17.36 -35.35
N ALA J 50 -17.17 -17.84 -34.31
CA ALA J 50 -17.94 -17.00 -33.41
C ALA J 50 -17.45 -17.23 -31.98
N SER J 51 -17.30 -16.15 -31.23
CA SER J 51 -16.80 -16.24 -29.86
C SER J 51 -17.87 -15.95 -28.81
N PHE J 52 -18.99 -15.33 -29.19
CA PHE J 52 -20.05 -14.99 -28.24
C PHE J 52 -21.36 -15.58 -28.70
N ILE J 53 -22.06 -16.26 -27.80
CA ILE J 53 -23.40 -16.76 -28.02
C ILE J 53 -24.29 -16.08 -26.99
N PHE J 54 -25.25 -15.29 -27.47
CA PHE J 54 -26.13 -14.58 -26.56
C PHE J 54 -27.45 -15.32 -26.41
N VAL J 55 -27.76 -15.70 -25.17
CA VAL J 55 -29.03 -16.37 -24.87
C VAL J 55 -29.93 -15.39 -24.14
N TYR J 56 -30.83 -14.75 -24.88
CA TYR J 56 -31.66 -13.69 -24.34
C TYR J 56 -33.01 -14.25 -23.88
N GLY J 57 -33.32 -14.02 -22.61
CA GLY J 57 -34.56 -14.53 -22.03
C GLY J 57 -34.87 -13.92 -20.68
N ALA J 58 -36.14 -13.91 -20.31
CA ALA J 58 -36.54 -13.29 -19.06
C ALA J 58 -36.55 -14.26 -17.89
N SER J 59 -37.33 -13.93 -16.86
CA SER J 59 -37.41 -14.80 -15.70
C SER J 59 -38.21 -16.06 -16.00
N GLY J 60 -38.06 -17.07 -15.17
CA GLY J 60 -38.77 -18.32 -15.37
C GLY J 60 -38.84 -18.75 -16.81
N VAL J 61 -37.69 -18.86 -17.47
CA VAL J 61 -37.68 -19.37 -18.84
C VAL J 61 -36.91 -20.67 -18.89
N GLY J 62 -36.11 -20.94 -17.86
CA GLY J 62 -35.38 -22.20 -17.81
C GLY J 62 -33.96 -22.13 -18.32
N LYS J 63 -33.42 -20.94 -18.47
CA LYS J 63 -32.05 -20.78 -18.97
C LYS J 63 -31.08 -21.64 -18.18
N THR J 64 -31.20 -21.64 -16.85
CA THR J 64 -30.35 -22.50 -16.03
C THR J 64 -30.63 -23.97 -16.31
N THR J 65 -31.91 -24.34 -16.42
CA THR J 65 -32.24 -25.72 -16.75
C THR J 65 -31.74 -26.10 -18.13
N LEU J 66 -31.85 -25.18 -19.10
CA LEU J 66 -31.31 -25.43 -20.43
C LEU J 66 -29.81 -25.66 -20.38
N ARG J 67 -29.09 -24.84 -19.60
CA ARG J 67 -27.65 -25.01 -19.49
C ARG J 67 -27.30 -26.36 -18.84
N LEU J 68 -28.03 -26.74 -17.80
CA LEU J 68 -27.80 -28.03 -17.16
C LEU J 68 -28.02 -29.18 -18.14
N ARG J 69 -29.12 -29.12 -18.89
CA ARG J 69 -29.40 -30.17 -19.87
C ARG J 69 -28.30 -30.23 -20.92
N VAL J 70 -27.86 -29.08 -21.43
CA VAL J 70 -26.85 -29.05 -22.47
C VAL J 70 -25.54 -29.63 -21.95
N GLU J 71 -25.11 -29.22 -20.75
CA GLU J 71 -23.83 -29.71 -20.25
C GLU J 71 -23.91 -31.20 -19.92
N GLN J 72 -25.05 -31.66 -19.39
CA GLN J 72 -25.18 -33.09 -19.12
C GLN J 72 -25.11 -33.91 -20.40
N LYS J 73 -25.79 -33.47 -21.45
CA LYS J 73 -25.78 -34.24 -22.69
C LYS J 73 -24.42 -34.17 -23.37
N LEU J 74 -23.74 -33.02 -23.30
CA LEU J 74 -22.38 -32.94 -23.83
C LEU J 74 -21.44 -33.85 -23.06
N THR J 75 -21.58 -33.91 -21.74
CA THR J 75 -20.74 -34.78 -20.94
C THR J 75 -20.97 -36.25 -21.30
N GLU J 76 -22.23 -36.65 -21.45
CA GLU J 76 -22.51 -38.04 -21.81
C GLU J 76 -22.11 -38.33 -23.25
N LEU J 77 -22.02 -37.30 -24.11
CA LEU J 77 -21.62 -37.52 -25.49
C LEU J 77 -20.14 -37.90 -25.60
N ALA J 78 -19.30 -37.31 -24.76
CA ALA J 78 -17.85 -37.45 -24.89
C ALA J 78 -17.30 -38.68 -24.17
N LEU J 79 -18.13 -39.43 -23.44
CA LEU J 79 -17.63 -40.59 -22.70
C LEU J 79 -16.90 -41.59 -23.57
N PRO J 80 -17.38 -41.97 -24.77
CA PRO J 80 -16.60 -42.91 -25.59
C PRO J 80 -15.21 -42.41 -25.93
N LYS J 81 -15.05 -41.11 -26.16
CA LYS J 81 -13.72 -40.58 -26.46
C LYS J 81 -12.87 -40.47 -25.21
N LEU J 82 -13.49 -40.14 -24.07
CA LEU J 82 -12.73 -40.01 -22.83
C LEU J 82 -12.17 -41.35 -22.35
N GLU J 83 -12.77 -42.47 -22.77
CA GLU J 83 -12.24 -43.78 -22.39
C GLU J 83 -10.86 -44.02 -22.99
N SER J 84 -10.58 -43.46 -24.17
CA SER J 84 -9.29 -43.60 -24.82
C SER J 84 -8.40 -42.39 -24.62
N ASP J 85 -8.93 -41.19 -24.80
CA ASP J 85 -8.19 -39.95 -24.66
C ASP J 85 -8.46 -39.32 -23.30
N ARG J 86 -7.39 -38.93 -22.61
CA ARG J 86 -7.49 -38.32 -21.29
C ARG J 86 -7.18 -36.82 -21.39
N ALA J 87 -7.17 -36.16 -20.23
CA ALA J 87 -6.86 -34.74 -20.13
C ALA J 87 -7.79 -33.91 -21.01
N ARG J 88 -9.08 -34.26 -21.02
CA ARG J 88 -10.08 -33.56 -21.81
C ARG J 88 -11.34 -33.42 -20.98
N VAL J 89 -11.94 -32.22 -21.01
CA VAL J 89 -13.22 -31.98 -20.37
C VAL J 89 -14.25 -31.64 -21.44
N PRO J 90 -15.44 -32.23 -21.41
CA PRO J 90 -16.43 -31.99 -22.48
C PRO J 90 -16.94 -30.56 -22.49
N VAL J 91 -17.40 -30.08 -21.33
CA VAL J 91 -18.02 -28.76 -21.24
C VAL J 91 -17.85 -28.25 -19.82
N VAL J 92 -17.59 -26.96 -19.70
CA VAL J 92 -17.48 -26.28 -18.41
C VAL J 92 -18.49 -25.15 -18.37
N GLY J 93 -19.38 -25.20 -17.38
CA GLY J 93 -20.39 -24.17 -17.22
C GLY J 93 -20.45 -23.64 -15.80
N ILE J 94 -20.10 -22.37 -15.62
CA ILE J 94 -19.96 -21.79 -14.29
C ILE J 94 -20.76 -20.51 -14.20
N GLU J 95 -21.18 -20.17 -12.98
CA GLU J 95 -21.75 -18.86 -12.68
C GLU J 95 -20.57 -17.91 -12.54
N ALA J 96 -20.21 -17.29 -13.66
CA ALA J 96 -18.87 -16.71 -13.80
C ALA J 96 -18.75 -15.35 -13.11
N ILE J 97 -19.87 -14.66 -12.90
CA ILE J 97 -19.83 -13.25 -12.54
C ILE J 97 -20.73 -12.97 -11.35
N ALA J 98 -20.20 -12.18 -10.40
CA ALA J 98 -20.87 -11.72 -9.19
C ALA J 98 -21.65 -12.84 -8.49
N PRO J 99 -21.01 -13.93 -8.10
CA PRO J 99 -21.73 -14.97 -7.35
C PRO J 99 -21.83 -14.61 -5.87
N GLU J 100 -23.04 -14.72 -5.34
CA GLU J 100 -23.32 -14.36 -3.96
C GLU J 100 -22.92 -12.91 -3.69
N SER J 101 -21.63 -12.65 -3.58
CA SER J 101 -21.13 -11.29 -3.37
C SER J 101 -21.47 -10.39 -4.55
N ARG J 102 -21.26 -9.09 -4.37
CA ARG J 102 -21.65 -8.10 -5.36
C ARG J 102 -20.46 -7.65 -6.19
N TYR J 103 -20.74 -6.84 -7.21
CA TYR J 103 -19.75 -6.25 -8.11
C TYR J 103 -18.99 -7.27 -8.94
N PHE J 104 -18.33 -6.80 -9.98
CA PHE J 104 -17.56 -7.63 -10.88
C PHE J 104 -16.06 -7.43 -10.61
N ASN J 105 -15.37 -8.52 -10.32
CA ASN J 105 -13.92 -8.51 -10.13
C ASN J 105 -13.32 -9.53 -11.08
N TRP J 106 -12.27 -9.10 -11.80
CA TRP J 106 -11.72 -9.95 -12.86
C TRP J 106 -10.89 -11.10 -12.31
N LYS J 107 -10.08 -10.86 -11.28
CA LYS J 107 -9.27 -11.95 -10.74
C LYS J 107 -10.13 -13.01 -10.10
N GLU J 108 -11.26 -12.63 -9.48
CA GLU J 108 -12.19 -13.62 -8.97
C GLU J 108 -12.78 -14.46 -10.11
N TYR J 109 -13.15 -13.80 -11.21
CA TYR J 109 -13.53 -14.51 -12.42
C TYR J 109 -12.50 -15.55 -12.81
N TYR J 110 -11.24 -15.13 -12.92
CA TYR J 110 -10.20 -16.01 -13.44
C TYR J 110 -9.96 -17.20 -12.51
N THR J 111 -9.85 -16.92 -11.21
CA THR J 111 -9.58 -18.02 -10.27
C THR J 111 -10.76 -18.96 -10.17
N ARG J 112 -12.00 -18.45 -10.21
CA ARG J 112 -13.16 -19.32 -10.16
C ARG J 112 -13.26 -20.18 -11.41
N ALA J 113 -13.02 -19.61 -12.58
CA ALA J 113 -13.03 -20.39 -13.80
C ALA J 113 -11.96 -21.47 -13.75
N LEU J 114 -10.77 -21.14 -13.25
CA LEU J 114 -9.71 -22.13 -13.15
C LEU J 114 -10.11 -23.27 -12.22
N ILE J 115 -10.57 -22.95 -11.01
CA ILE J 115 -10.86 -24.02 -10.04
C ILE J 115 -12.03 -24.87 -10.51
N THR J 116 -13.02 -24.24 -11.16
CA THR J 116 -14.18 -25.00 -11.61
C THR J 116 -13.84 -25.89 -12.80
N LEU J 117 -13.07 -25.39 -13.76
CA LEU J 117 -12.72 -26.22 -14.91
C LEU J 117 -11.83 -27.38 -14.50
N GLU J 118 -10.94 -27.15 -13.53
CA GLU J 118 -9.98 -28.18 -13.11
C GLU J 118 -10.55 -28.95 -11.93
N GLU J 119 -11.36 -29.96 -12.24
CA GLU J 119 -11.74 -31.00 -11.28
C GLU J 119 -11.57 -32.39 -11.87
N PRO J 120 -10.41 -32.70 -12.48
CA PRO J 120 -10.21 -34.05 -13.03
C PRO J 120 -9.57 -34.98 -12.02
N LEU J 121 -9.25 -36.20 -12.45
CA LEU J 121 -8.45 -37.07 -11.61
C LEU J 121 -7.05 -36.48 -11.42
N ILE J 122 -6.41 -36.86 -10.32
CA ILE J 122 -5.14 -36.25 -9.94
C ILE J 122 -4.01 -36.59 -10.90
N ASP J 123 -4.19 -37.60 -11.76
CA ASP J 123 -3.09 -38.05 -12.60
C ASP J 123 -2.69 -37.03 -13.66
N HIS J 124 -3.63 -36.21 -14.14
CA HIS J 124 -3.30 -35.22 -15.16
C HIS J 124 -2.41 -34.13 -14.58
N LYS J 125 -1.15 -34.10 -15.00
CA LYS J 125 -0.17 -33.11 -14.57
C LYS J 125 0.36 -32.39 -15.82
N PHE J 126 -0.10 -31.16 -16.03
CA PHE J 126 0.38 -30.36 -17.16
C PHE J 126 1.08 -29.08 -16.65
N ASP J 127 1.50 -29.11 -15.38
CA ASP J 127 2.45 -28.18 -14.76
C ASP J 127 2.26 -26.72 -15.16
N TYR J 128 1.15 -26.12 -14.74
CA TYR J 128 0.73 -24.79 -15.13
C TYR J 128 1.88 -23.79 -15.00
N GLY J 129 1.80 -22.73 -15.80
CA GLY J 129 2.68 -21.60 -15.65
C GLY J 129 2.29 -20.76 -14.44
N VAL J 130 3.10 -19.73 -14.18
CA VAL J 130 2.97 -18.86 -13.02
C VAL J 130 3.26 -19.65 -11.75
N ARG J 131 4.28 -19.23 -11.00
CA ARG J 131 4.72 -19.97 -9.83
C ARG J 131 3.73 -19.92 -8.68
N GLY J 132 2.74 -19.03 -8.72
CA GLY J 132 1.78 -18.91 -7.65
C GLY J 132 0.61 -19.85 -7.68
N ILE J 133 0.51 -20.72 -8.69
CA ILE J 133 -0.59 -21.67 -8.77
C ILE J 133 -0.01 -23.06 -9.03
N SER J 134 -0.67 -24.06 -8.47
CA SER J 134 -0.22 -25.44 -8.55
C SER J 134 -1.28 -26.36 -7.97
N ARG J 135 -1.28 -27.61 -8.42
CA ARG J 135 -2.09 -28.64 -7.79
C ARG J 135 -1.43 -29.10 -6.49
N ASP J 136 -2.25 -29.42 -5.50
CA ASP J 136 -1.74 -29.84 -4.21
C ASP J 136 -1.23 -31.28 -4.28
N ASN J 137 -0.88 -31.83 -3.12
CA ASN J 137 -0.40 -33.20 -3.06
C ASN J 137 -1.46 -34.18 -3.53
N PHE J 138 -2.71 -34.00 -3.08
CA PHE J 138 -3.79 -34.95 -3.38
C PHE J 138 -5.09 -34.17 -3.57
N GLY J 139 -5.62 -34.19 -4.78
CA GLY J 139 -6.96 -33.68 -5.02
C GLY J 139 -7.05 -32.25 -5.53
N LYS J 140 -7.34 -31.32 -4.63
CA LYS J 140 -7.71 -29.97 -5.01
C LYS J 140 -6.53 -29.22 -5.62
N ILE J 141 -6.83 -28.05 -6.17
CA ILE J 141 -5.83 -27.12 -6.68
C ILE J 141 -5.85 -25.89 -5.79
N ASN J 142 -4.69 -25.25 -5.67
CA ASN J 142 -4.58 -24.08 -4.81
C ASN J 142 -4.05 -22.90 -5.61
N VAL J 143 -4.60 -21.73 -5.34
CA VAL J 143 -4.15 -20.48 -5.92
C VAL J 143 -3.65 -19.60 -4.78
N GLU J 144 -2.47 -19.03 -4.96
CA GLU J 144 -1.93 -18.11 -3.96
C GLU J 144 -2.48 -16.71 -4.19
N SER J 145 -2.67 -15.98 -3.09
CA SER J 145 -3.19 -14.62 -3.17
C SER J 145 -2.17 -13.65 -3.76
N LYS J 146 -0.90 -14.04 -3.88
CA LYS J 146 0.11 -13.17 -4.45
C LYS J 146 0.02 -13.09 -5.97
N VAL J 147 -0.78 -13.95 -6.60
CA VAL J 147 -0.85 -13.99 -8.06
C VAL J 147 -1.59 -12.75 -8.55
N VAL J 148 -0.95 -12.04 -9.49
CA VAL J 148 -1.60 -10.90 -10.12
C VAL J 148 -2.57 -11.38 -11.19
N ALA J 149 -3.52 -10.51 -11.54
CA ALA J 149 -4.58 -10.90 -12.47
C ALA J 149 -4.07 -11.31 -13.84
N PRO J 150 -3.17 -10.57 -14.50
CA PRO J 150 -2.70 -11.02 -15.83
C PRO J 150 -2.04 -12.39 -15.81
N ALA J 151 -1.26 -12.70 -14.76
CA ALA J 151 -0.64 -14.02 -14.68
C ALA J 151 -1.68 -15.11 -14.52
N LEU J 152 -2.71 -14.85 -13.70
CA LEU J 152 -3.78 -15.83 -13.54
C LEU J 152 -4.54 -16.01 -14.84
N ARG J 153 -4.72 -14.94 -15.61
CA ARG J 153 -5.35 -15.04 -16.93
C ARG J 153 -4.49 -15.87 -17.88
N ARG J 154 -3.17 -15.70 -17.83
CA ARG J 154 -2.28 -16.51 -18.65
C ARG J 154 -2.41 -17.98 -18.29
N ALA J 155 -2.46 -18.28 -17.00
CA ALA J 155 -2.63 -19.67 -16.56
C ALA J 155 -3.97 -20.22 -17.02
N LEU J 156 -5.03 -19.42 -16.93
CA LEU J 156 -6.35 -19.84 -17.42
C LEU J 156 -6.32 -20.12 -18.91
N GLU J 157 -5.64 -19.27 -19.68
CA GLU J 157 -5.53 -19.51 -21.12
C GLU J 157 -4.76 -20.79 -21.42
N ASN J 158 -3.68 -21.05 -20.69
CA ASN J 158 -2.94 -22.30 -20.91
C ASN J 158 -3.81 -23.51 -20.59
N ALA J 159 -4.55 -23.45 -19.50
CA ALA J 159 -5.45 -24.56 -19.15
C ALA J 159 -6.53 -24.74 -20.21
N LEU J 160 -7.07 -23.63 -20.73
CA LEU J 160 -8.08 -23.71 -21.77
C LEU J 160 -7.53 -24.35 -23.04
N ILE J 161 -6.30 -23.98 -23.42
CA ILE J 161 -5.67 -24.58 -24.58
C ILE J 161 -5.46 -26.08 -24.38
N HIS J 162 -4.98 -26.48 -23.20
CA HIS J 162 -4.72 -27.90 -22.98
C HIS J 162 -6.02 -28.70 -22.96
N ARG J 163 -6.91 -28.39 -22.01
CA ARG J 163 -8.09 -29.21 -21.80
C ARG J 163 -9.02 -29.17 -23.01
N HIS J 164 -9.13 -28.00 -23.65
CA HIS J 164 -9.90 -27.81 -24.87
C HIS J 164 -11.35 -28.22 -24.62
N PRO J 165 -12.12 -27.42 -23.91
CA PRO J 165 -13.54 -27.68 -23.75
C PRO J 165 -14.32 -27.27 -24.99
N ASP J 166 -15.53 -27.82 -25.11
CA ASP J 166 -16.35 -27.53 -26.28
C ASP J 166 -16.93 -26.12 -26.21
N VAL J 167 -17.38 -25.70 -25.02
CA VAL J 167 -17.99 -24.38 -24.85
C VAL J 167 -17.85 -23.98 -23.39
N PHE J 168 -17.66 -22.68 -23.16
CA PHE J 168 -17.58 -22.10 -21.82
C PHE J 168 -18.87 -21.34 -21.56
N PHE J 169 -19.70 -21.86 -20.66
CA PHE J 169 -20.98 -21.28 -20.32
C PHE J 169 -20.79 -20.20 -19.26
N VAL J 170 -21.34 -19.02 -19.51
CA VAL J 170 -21.37 -17.93 -18.55
C VAL J 170 -22.83 -17.71 -18.18
N ASP J 171 -23.28 -18.36 -17.11
CA ASP J 171 -24.68 -18.26 -16.69
C ASP J 171 -24.95 -16.89 -16.09
N GLU J 172 -26.14 -16.36 -16.39
CA GLU J 172 -26.61 -15.09 -15.86
C GLU J 172 -25.59 -13.99 -16.14
N ALA J 173 -25.42 -13.73 -17.44
CA ALA J 173 -24.35 -12.88 -17.95
C ALA J 173 -24.57 -11.39 -17.70
N GLN J 174 -25.71 -10.98 -17.16
CA GLN J 174 -26.00 -9.56 -17.02
C GLN J 174 -25.16 -8.89 -15.93
N HIS J 175 -24.45 -9.67 -15.11
CA HIS J 175 -23.63 -9.06 -14.06
C HIS J 175 -22.36 -8.42 -14.60
N PHE J 176 -22.06 -8.60 -15.90
CA PHE J 176 -20.88 -7.97 -16.48
C PHE J 176 -20.93 -6.45 -16.32
N GLY J 177 -22.10 -5.84 -16.50
CA GLY J 177 -22.18 -4.38 -16.51
C GLY J 177 -21.83 -3.74 -15.17
N LYS J 178 -22.17 -4.41 -14.08
CA LYS J 178 -21.98 -3.82 -12.74
C LYS J 178 -20.49 -3.83 -12.42
N VAL J 179 -19.82 -2.71 -12.70
CA VAL J 179 -18.41 -2.52 -12.44
C VAL J 179 -18.22 -1.12 -11.87
N ALA J 180 -17.03 -0.87 -11.32
CA ALA J 180 -16.79 0.36 -10.56
C ALA J 180 -16.96 1.60 -11.43
N SER J 181 -16.29 1.64 -12.58
CA SER J 181 -16.29 2.81 -13.44
C SER J 181 -16.92 2.49 -14.78
N GLY J 182 -17.62 3.46 -15.34
CA GLY J 182 -18.36 3.27 -16.57
C GLY J 182 -17.48 3.30 -17.81
N TYR J 183 -18.13 3.06 -18.95
CA TYR J 183 -17.58 3.04 -20.30
C TYR J 183 -16.72 1.81 -20.57
N LYS J 184 -16.47 0.96 -19.57
CA LYS J 184 -15.68 -0.23 -19.77
C LYS J 184 -16.52 -1.43 -20.23
N LEU J 185 -17.83 -1.25 -20.38
CA LEU J 185 -18.67 -2.35 -20.87
C LEU J 185 -18.18 -2.85 -22.22
N GLN J 186 -17.88 -1.92 -23.13
CA GLN J 186 -17.22 -2.31 -24.37
C GLN J 186 -15.86 -2.90 -24.10
N ASP J 187 -15.12 -2.35 -23.13
CA ASP J 187 -13.82 -2.90 -22.78
C ASP J 187 -13.93 -4.27 -22.13
N GLN J 188 -14.97 -4.47 -21.30
CA GLN J 188 -15.20 -5.79 -20.73
C GLN J 188 -15.51 -6.81 -21.82
N LEU J 189 -16.35 -6.44 -22.78
CA LEU J 189 -16.64 -7.32 -23.90
C LEU J 189 -15.39 -7.60 -24.72
N ASP J 190 -14.54 -6.58 -24.90
CA ASP J 190 -13.27 -6.79 -25.61
C ASP J 190 -12.37 -7.75 -24.87
N CYS J 191 -12.32 -7.65 -23.54
CA CYS J 191 -11.51 -8.57 -22.76
C CYS J 191 -12.01 -10.00 -22.91
N LEU J 192 -13.33 -10.20 -22.83
CA LEU J 192 -13.88 -11.54 -23.05
C LEU J 192 -13.60 -12.03 -24.47
N LYS J 193 -13.69 -11.13 -25.45
CA LYS J 193 -13.43 -11.51 -26.83
C LYS J 193 -11.99 -11.96 -27.02
N SER J 194 -11.04 -11.24 -26.43
CA SER J 194 -9.64 -11.67 -26.51
C SER J 194 -9.43 -12.99 -25.78
N LEU J 195 -10.07 -13.16 -24.62
CA LEU J 195 -9.95 -14.41 -23.90
C LEU J 195 -10.43 -15.57 -24.75
N ALA J 196 -11.52 -15.38 -25.49
CA ALA J 196 -12.02 -16.43 -26.38
C ALA J 196 -11.16 -16.55 -27.64
N ASN J 197 -10.51 -15.46 -28.06
CA ASN J 197 -9.75 -15.47 -29.31
C ASN J 197 -8.46 -16.25 -29.16
N MET J 198 -7.69 -15.91 -28.13
CA MET J 198 -6.47 -16.66 -27.86
C MET J 198 -6.80 -18.12 -27.56
N THR J 199 -7.66 -18.37 -26.58
CA THR J 199 -8.00 -19.74 -26.20
C THR J 199 -8.70 -20.47 -27.33
N GLY J 200 -9.56 -19.77 -28.06
CA GLY J 200 -10.31 -20.41 -29.12
C GLY J 200 -11.44 -21.24 -28.59
N ILE J 201 -11.98 -20.87 -27.44
CA ILE J 201 -13.11 -21.60 -26.86
C ILE J 201 -14.36 -20.73 -26.91
N LEU J 202 -15.44 -21.25 -27.50
CA LEU J 202 -16.65 -20.46 -27.64
C LEU J 202 -17.16 -20.05 -26.27
N HIS J 203 -17.45 -18.76 -26.11
CA HIS J 203 -18.03 -18.22 -24.89
C HIS J 203 -19.51 -17.96 -25.14
N CYS J 204 -20.38 -18.60 -24.36
CA CYS J 204 -21.82 -18.50 -24.55
C CYS J 204 -22.41 -17.76 -23.36
N LEU J 205 -23.18 -16.71 -23.62
CA LEU J 205 -23.67 -15.80 -22.60
C LEU J 205 -25.16 -16.02 -22.40
N LEU J 206 -25.53 -16.62 -21.27
CA LEU J 206 -26.91 -16.67 -20.81
C LEU J 206 -27.16 -15.45 -19.94
N GLY J 207 -28.19 -14.68 -20.27
CA GLY J 207 -28.47 -13.49 -19.48
C GLY J 207 -29.93 -13.09 -19.59
N THR J 208 -30.30 -12.12 -18.77
CA THR J 208 -31.65 -11.58 -18.77
C THR J 208 -31.78 -10.53 -19.87
N TYR J 209 -32.90 -9.80 -19.86
CA TYR J 209 -33.16 -8.84 -20.93
C TYR J 209 -32.34 -7.56 -20.78
N GLU J 210 -31.76 -7.30 -19.61
CA GLU J 210 -30.88 -6.16 -19.47
C GLU J 210 -29.51 -6.40 -20.09
N LEU J 211 -29.21 -7.65 -20.49
CA LEU J 211 -28.00 -7.96 -21.21
C LEU J 211 -27.97 -7.35 -22.60
N LEU J 212 -29.11 -6.82 -23.08
CA LEU J 212 -29.20 -6.22 -24.41
C LEU J 212 -28.30 -5.00 -24.55
N THR J 213 -27.81 -4.42 -23.46
CA THR J 213 -26.83 -3.35 -23.56
C THR J 213 -25.49 -3.85 -24.09
N PHE J 214 -25.30 -5.17 -24.16
CA PHE J 214 -24.09 -5.76 -24.69
C PHE J 214 -24.26 -6.35 -26.08
N ARG J 215 -25.44 -6.16 -26.70
CA ARG J 215 -25.73 -6.85 -27.96
C ARG J 215 -24.82 -6.36 -29.08
N ASN J 216 -24.74 -5.04 -29.27
CA ASN J 216 -23.87 -4.47 -30.29
C ASN J 216 -23.11 -3.29 -29.68
N LEU J 217 -21.78 -3.38 -29.67
CA LEU J 217 -20.91 -2.27 -29.31
C LEU J 217 -19.93 -1.92 -30.42
N SER J 218 -19.28 -2.93 -31.00
CA SER J 218 -18.32 -2.74 -32.07
C SER J 218 -18.55 -3.78 -33.16
N GLY J 219 -18.07 -3.47 -34.37
CA GLY J 219 -18.18 -4.42 -35.46
C GLY J 219 -17.48 -5.73 -35.15
N GLN J 220 -16.33 -5.66 -34.49
CA GLN J 220 -15.63 -6.87 -34.08
C GLN J 220 -16.49 -7.71 -33.15
N LEU J 221 -17.14 -7.07 -32.18
CA LEU J 221 -18.01 -7.80 -31.26
C LEU J 221 -19.25 -8.32 -31.96
N SER J 222 -19.77 -7.56 -32.93
CA SER J 222 -20.97 -7.99 -33.64
C SER J 222 -20.72 -9.17 -34.56
N ARG J 223 -19.59 -9.21 -35.26
CA ARG J 223 -19.33 -10.27 -36.23
C ARG J 223 -19.20 -11.64 -35.59
N ARG J 224 -18.48 -11.76 -34.48
CA ARG J 224 -18.25 -13.03 -33.81
C ARG J 224 -19.37 -13.40 -32.83
N SER J 225 -20.53 -12.75 -32.95
CA SER J 225 -21.63 -12.96 -32.02
C SER J 225 -22.85 -13.45 -32.76
N VAL J 226 -23.50 -14.49 -32.21
CA VAL J 226 -24.75 -15.01 -32.72
C VAL J 226 -25.79 -14.91 -31.60
N ASP J 227 -26.93 -14.31 -31.92
CA ASP J 227 -27.97 -14.01 -30.93
C ASP J 227 -29.05 -15.08 -30.98
N ILE J 228 -29.32 -15.70 -29.83
CA ILE J 228 -30.39 -16.67 -29.68
C ILE J 228 -31.41 -16.10 -28.71
N HIS J 229 -32.68 -16.10 -29.11
CA HIS J 229 -33.77 -15.57 -28.31
C HIS J 229 -34.53 -16.70 -27.65
N PHE J 230 -34.63 -16.65 -26.32
CA PHE J 230 -35.46 -17.60 -25.58
C PHE J 230 -36.84 -16.96 -25.39
N ARG J 231 -37.62 -16.98 -26.46
CA ARG J 231 -38.91 -16.31 -26.47
C ARG J 231 -39.86 -16.94 -25.46
N ARG J 232 -40.68 -16.10 -24.85
CA ARG J 232 -41.72 -16.54 -23.93
C ARG J 232 -42.99 -16.91 -24.69
N TYR J 233 -43.84 -17.68 -24.04
CA TYR J 233 -45.11 -18.08 -24.63
C TYR J 233 -46.10 -16.93 -24.51
N CYS J 234 -46.12 -16.07 -25.53
CA CYS J 234 -47.03 -14.93 -25.53
C CYS J 234 -48.46 -15.39 -25.73
N ALA J 235 -49.40 -14.67 -25.10
CA ALA J 235 -50.81 -15.05 -25.19
C ALA J 235 -51.43 -14.68 -26.53
N ASP J 236 -50.81 -13.76 -27.28
CA ASP J 236 -51.40 -13.32 -28.54
C ASP J 236 -51.43 -14.45 -29.56
N SER J 237 -50.34 -15.19 -29.69
CA SER J 237 -50.28 -16.28 -30.67
C SER J 237 -50.97 -17.52 -30.11
N PRO J 238 -51.95 -18.08 -30.81
CA PRO J 238 -52.66 -19.26 -30.28
C PRO J 238 -51.76 -20.47 -30.03
N GLU J 239 -50.69 -20.64 -30.81
CA GLU J 239 -49.84 -21.81 -30.63
C GLU J 239 -49.18 -21.81 -29.26
N ASP J 240 -48.69 -20.65 -28.81
CA ASP J 240 -48.16 -20.56 -27.45
C ASP J 240 -49.25 -20.80 -26.41
N VAL J 241 -50.50 -20.44 -26.72
CA VAL J 241 -51.60 -20.73 -25.80
C VAL J 241 -51.79 -22.24 -25.66
N GLN J 242 -51.76 -22.96 -26.78
CA GLN J 242 -51.87 -24.41 -26.72
C GLN J 242 -50.69 -25.02 -25.98
N ALA J 243 -49.49 -24.50 -26.20
CA ALA J 243 -48.32 -25.00 -25.48
C ALA J 243 -48.46 -24.76 -23.98
N PHE J 244 -48.95 -23.58 -23.59
CA PHE J 244 -49.17 -23.27 -22.18
C PHE J 244 -50.20 -24.22 -21.58
N LYS J 245 -51.28 -24.48 -22.32
CA LYS J 245 -52.30 -25.40 -21.83
C LYS J 245 -51.74 -26.81 -21.66
N SER J 246 -50.91 -27.26 -22.61
CA SER J 246 -50.29 -28.57 -22.48
C SER J 246 -49.36 -28.63 -21.27
N VAL J 247 -48.62 -27.53 -21.02
CA VAL J 247 -47.77 -27.47 -19.84
C VAL J 247 -48.62 -27.60 -18.57
N LEU J 248 -49.76 -26.92 -18.54
CA LEU J 248 -50.66 -27.04 -17.39
C LEU J 248 -51.17 -28.47 -17.23
N LEU J 249 -51.55 -29.12 -18.33
CA LEU J 249 -52.00 -30.51 -18.24
C LEU J 249 -50.91 -31.41 -17.69
N THR J 250 -49.69 -31.27 -18.18
CA THR J 250 -48.59 -32.09 -17.68
C THR J 250 -48.32 -31.82 -16.20
N PHE J 251 -48.35 -30.55 -15.80
CA PHE J 251 -48.12 -30.20 -14.40
C PHE J 251 -49.20 -30.80 -13.51
N GLN J 252 -50.46 -30.77 -13.96
CA GLN J 252 -51.53 -31.45 -13.24
C GLN J 252 -51.26 -32.95 -13.15
N GLN J 253 -50.85 -33.56 -14.26
CA GLN J 253 -50.75 -35.01 -14.31
C GLN J 253 -49.62 -35.53 -13.42
N HIS J 254 -48.53 -34.79 -13.33
CA HIS J 254 -47.40 -35.21 -12.50
C HIS J 254 -47.33 -34.50 -11.15
N LEU J 255 -48.38 -33.81 -10.74
CA LEU J 255 -48.45 -33.32 -9.36
C LEU J 255 -48.73 -34.49 -8.42
N PRO J 256 -47.90 -34.71 -7.40
CA PRO J 256 -48.09 -35.88 -6.51
C PRO J 256 -49.15 -35.66 -5.43
N LEU J 257 -50.41 -35.83 -5.81
CA LEU J 257 -51.54 -35.70 -4.90
C LEU J 257 -52.43 -36.93 -5.03
N ALA J 258 -53.40 -37.04 -4.12
CA ALA J 258 -54.35 -38.14 -4.18
C ALA J 258 -55.18 -38.08 -5.47
N GLU J 259 -55.57 -36.86 -5.84
CA GLU J 259 -56.32 -36.65 -7.07
C GLU J 259 -55.79 -35.37 -7.69
N THR J 260 -55.94 -35.22 -9.01
CA THR J 260 -55.37 -34.05 -9.68
C THR J 260 -56.22 -32.80 -9.52
N PRO J 261 -55.60 -31.68 -9.11
CA PRO J 261 -56.33 -30.43 -9.00
C PRO J 261 -56.45 -29.75 -10.36
N ASN J 262 -57.32 -28.75 -10.47
CA ASN J 262 -57.53 -28.08 -11.75
C ASN J 262 -56.91 -26.69 -11.76
N LEU J 263 -55.95 -26.48 -12.66
CA LEU J 263 -55.33 -25.17 -12.78
C LEU J 263 -55.53 -24.66 -14.19
N VAL J 264 -55.74 -25.58 -15.12
CA VAL J 264 -55.92 -25.18 -16.52
C VAL J 264 -57.09 -24.22 -16.62
N ASP J 265 -58.06 -24.35 -15.71
CA ASP J 265 -59.20 -23.45 -15.72
C ASP J 265 -58.76 -22.01 -15.57
N HIS J 266 -57.78 -21.76 -14.71
CA HIS J 266 -57.31 -20.41 -14.47
C HIS J 266 -56.13 -20.09 -15.38
N TRP J 267 -55.96 -20.87 -16.43
CA TRP J 267 -54.80 -20.68 -17.30
C TRP J 267 -54.57 -19.21 -17.61
N GLU J 268 -55.63 -18.50 -17.95
CA GLU J 268 -55.50 -17.09 -18.28
C GLU J 268 -54.93 -16.33 -17.10
N TYR J 269 -55.47 -16.60 -15.92
CA TYR J 269 -55.01 -15.91 -14.72
C TYR J 269 -53.54 -16.21 -14.48
N PHE J 270 -53.17 -17.47 -14.62
CA PHE J 270 -51.79 -17.85 -14.43
C PHE J 270 -50.92 -17.04 -15.38
N TYR J 271 -51.35 -16.95 -16.64
CA TYR J 271 -50.56 -16.23 -17.62
C TYR J 271 -50.33 -14.80 -17.17
N GLU J 272 -51.37 -14.17 -16.62
CA GLU J 272 -51.23 -12.80 -16.17
C GLU J 272 -50.11 -12.74 -15.15
N ARG J 273 -50.08 -13.70 -14.24
CA ARG J 273 -49.04 -13.73 -13.23
C ARG J 273 -47.68 -14.11 -13.80
N THR J 274 -47.65 -15.07 -14.72
CA THR J 274 -46.39 -15.55 -15.26
C THR J 274 -45.91 -14.75 -16.47
N LEU J 275 -46.80 -13.96 -17.06
CA LEU J 275 -46.46 -13.19 -18.25
C LEU J 275 -46.03 -14.11 -19.37
N GLY J 276 -46.42 -15.37 -19.30
CA GLY J 276 -46.06 -16.32 -20.33
C GLY J 276 -44.76 -17.07 -20.11
N CYS J 277 -44.19 -16.94 -18.91
CA CYS J 277 -42.95 -17.63 -18.61
C CYS J 277 -43.23 -18.92 -17.85
N ILE J 278 -42.87 -20.05 -18.45
CA ILE J 278 -43.14 -21.34 -17.82
C ILE J 278 -42.47 -21.46 -16.47
N GLY J 279 -41.22 -21.03 -16.37
CA GLY J 279 -40.50 -21.12 -15.12
C GLY J 279 -41.18 -20.31 -14.04
N THR J 280 -41.62 -19.11 -14.40
CA THR J 280 -42.32 -18.27 -13.44
C THR J 280 -43.52 -19.05 -12.93
N LEU J 281 -44.27 -19.63 -13.85
CA LEU J 281 -45.42 -20.42 -13.46
C LEU J 281 -45.00 -21.53 -12.52
N LYS J 282 -43.99 -22.29 -12.93
CA LYS J 282 -43.56 -23.41 -12.11
C LYS J 282 -43.21 -22.94 -10.71
N ASP J 283 -42.47 -21.85 -10.62
CA ASP J 283 -42.05 -21.35 -9.31
C ASP J 283 -43.27 -21.05 -8.46
N TRP J 284 -44.20 -20.30 -9.01
CA TRP J 284 -45.40 -19.96 -8.27
C TRP J 284 -46.14 -21.23 -7.88
N LEU J 285 -46.30 -22.14 -8.83
CA LEU J 285 -47.03 -23.37 -8.55
C LEU J 285 -46.37 -24.19 -7.46
N LYS J 286 -45.05 -24.36 -7.58
CA LYS J 286 -44.34 -25.17 -6.59
C LYS J 286 -44.43 -24.49 -5.24
N ARG J 287 -44.33 -23.17 -5.23
CA ARG J 287 -44.42 -22.43 -3.98
C ARG J 287 -45.77 -22.71 -3.36
N VAL J 288 -46.82 -22.59 -4.16
CA VAL J 288 -48.16 -22.87 -3.67
C VAL J 288 -48.24 -24.30 -3.18
N LEU J 289 -47.66 -25.22 -3.95
CA LEU J 289 -47.70 -26.62 -3.58
C LEU J 289 -47.07 -26.81 -2.23
N SER J 290 -46.02 -26.06 -1.95
CA SER J 290 -45.34 -26.18 -0.66
C SER J 290 -46.36 -26.01 0.45
N ASP J 291 -47.16 -24.94 0.38
CA ASP J 291 -48.16 -24.69 1.40
C ASP J 291 -49.22 -25.77 1.39
N ALA J 292 -49.67 -26.13 0.19
CA ALA J 292 -50.73 -27.12 0.10
C ALA J 292 -50.31 -28.43 0.72
N LEU J 293 -49.12 -28.90 0.37
CA LEU J 293 -48.61 -30.14 0.94
C LEU J 293 -48.28 -29.89 2.40
N ASP J 294 -47.88 -28.68 2.73
CA ASP J 294 -47.65 -28.35 4.12
C ASP J 294 -48.94 -28.59 4.85
N ARG J 295 -50.06 -28.29 4.19
CA ARG J 295 -51.37 -28.52 4.77
C ARG J 295 -51.88 -29.88 4.35
N GLU J 296 -51.06 -30.61 3.60
CA GLU J 296 -51.46 -31.94 3.13
C GLU J 296 -52.78 -31.89 2.38
N ALA J 297 -52.92 -30.96 1.45
CA ALA J 297 -54.15 -30.85 0.68
C ALA J 297 -54.11 -31.78 -0.53
N THR J 298 -55.05 -32.70 -0.61
CA THR J 298 -55.09 -33.65 -1.72
C THR J 298 -55.35 -32.93 -3.03
N THR J 299 -55.91 -31.73 -2.95
CA THR J 299 -56.14 -30.94 -4.16
C THR J 299 -55.78 -29.48 -3.89
N ILE J 300 -55.53 -28.74 -4.96
CA ILE J 300 -55.15 -27.34 -4.82
C ILE J 300 -56.36 -26.43 -4.97
N THR J 301 -56.87 -25.96 -3.83
CA THR J 301 -57.92 -24.95 -3.83
C THR J 301 -57.40 -23.66 -4.43
N LEU J 302 -58.29 -22.92 -5.08
CA LEU J 302 -57.89 -21.65 -5.67
C LEU J 302 -57.17 -20.80 -4.65
N LYS J 303 -57.59 -20.87 -3.38
CA LYS J 303 -56.97 -19.99 -2.40
C LYS J 303 -55.48 -20.27 -2.25
N ASP J 304 -55.04 -21.51 -2.51
CA ASP J 304 -53.62 -21.84 -2.37
C ASP J 304 -52.76 -21.03 -3.32
N LEU J 305 -53.25 -20.77 -4.54
CA LEU J 305 -52.49 -19.99 -5.50
C LEU J 305 -52.31 -18.55 -5.02
N GLN J 306 -53.34 -17.96 -4.42
CA GLN J 306 -53.24 -16.58 -3.96
C GLN J 306 -52.26 -16.43 -2.80
N LYS J 307 -52.04 -17.50 -2.03
CA LYS J 307 -51.10 -17.42 -0.92
C LYS J 307 -49.69 -17.12 -1.41
N ARG J 308 -49.26 -17.78 -2.48
CA ARG J 308 -47.95 -17.57 -3.08
C ARG J 308 -48.01 -16.76 -4.36
N ALA J 309 -49.14 -16.10 -4.63
CA ALA J 309 -49.29 -15.37 -5.89
C ALA J 309 -48.30 -14.22 -5.98
N LEU J 310 -47.78 -13.99 -7.17
CA LEU J 310 -46.89 -12.86 -7.41
C LEU J 310 -47.68 -11.55 -7.43
N SER J 311 -47.07 -10.51 -6.87
CA SER J 311 -47.74 -9.22 -6.77
C SER J 311 -47.98 -8.62 -8.15
N VAL J 312 -49.02 -7.80 -8.25
CA VAL J 312 -49.33 -7.13 -9.51
C VAL J 312 -48.20 -6.20 -9.90
N ALA J 313 -47.67 -5.43 -8.94
CA ALA J 313 -46.53 -4.57 -9.23
C ALA J 313 -45.31 -5.37 -9.65
N GLN J 314 -45.06 -6.50 -8.97
CA GLN J 314 -43.97 -7.37 -9.39
C GLN J 314 -44.24 -7.94 -10.78
N CYS J 315 -45.48 -8.36 -11.04
CA CYS J 315 -45.82 -8.86 -12.37
C CYS J 315 -45.71 -7.75 -13.42
N GLN J 316 -46.02 -6.51 -13.02
CA GLN J 316 -45.94 -5.40 -13.98
C GLN J 316 -44.49 -5.06 -14.31
N LYS J 317 -43.61 -5.05 -13.30
CA LYS J 317 -42.23 -4.65 -13.54
C LYS J 317 -41.49 -5.64 -14.43
N MET J 318 -41.77 -6.94 -14.29
CA MET J 318 -41.23 -7.90 -15.24
C MET J 318 -41.77 -7.65 -16.64
N PHE J 319 -43.06 -7.36 -16.74
CA PHE J 319 -43.67 -7.13 -18.05
C PHE J 319 -43.07 -5.92 -18.74
N LYS J 320 -42.74 -4.88 -17.99
CA LYS J 320 -42.06 -3.73 -18.57
C LYS J 320 -40.69 -4.11 -19.10
N GLU J 321 -39.95 -4.93 -18.35
CA GLU J 321 -38.64 -5.39 -18.81
C GLU J 321 -38.75 -6.24 -20.06
N ILE J 322 -39.66 -7.21 -20.06
CA ILE J 322 -39.79 -8.11 -21.20
C ILE J 322 -40.36 -7.38 -22.41
N GLN J 323 -41.15 -6.32 -22.20
CA GLN J 323 -41.72 -5.60 -23.33
C GLN J 323 -40.66 -4.77 -24.04
N GLU J 324 -39.83 -4.04 -23.28
CA GLU J 324 -38.79 -3.23 -23.89
C GLU J 324 -37.75 -4.10 -24.59
N GLY J 325 -37.34 -5.19 -23.95
CA GLY J 325 -36.33 -6.05 -24.54
C GLY J 325 -36.81 -6.76 -25.80
N GLU J 326 -38.05 -7.25 -25.78
CA GLU J 326 -38.62 -7.86 -26.98
C GLU J 326 -38.74 -6.84 -28.10
N ARG J 327 -38.93 -5.57 -27.75
CA ARG J 327 -38.98 -4.51 -28.76
C ARG J 327 -37.60 -4.29 -29.37
N GLN J 328 -36.55 -4.28 -28.55
CA GLN J 328 -35.20 -4.13 -29.07
C GLN J 328 -34.81 -5.28 -29.98
N LEU J 329 -35.14 -6.51 -29.58
CA LEU J 329 -34.78 -7.71 -30.32
C LEU J 329 -35.76 -8.03 -31.44
N SER J 330 -36.61 -7.09 -31.82
CA SER J 330 -37.62 -7.32 -32.85
C SER J 330 -37.01 -7.02 -34.22
N GLU J 331 -36.71 -8.08 -34.97
CA GLU J 331 -36.20 -7.96 -36.33
C GLU J 331 -37.33 -8.31 -37.29
N THR J 332 -37.81 -7.32 -38.02
CA THR J 332 -38.91 -7.49 -38.96
C THR J 332 -38.41 -7.32 -40.39
N GLU J 333 -39.36 -7.44 -41.33
CA GLU J 333 -39.01 -7.27 -42.74
C GLU J 333 -38.63 -5.82 -43.05
N ALA J 334 -39.24 -4.85 -42.34
CA ALA J 334 -38.88 -3.46 -42.54
C ALA J 334 -37.42 -3.20 -42.21
N ASP J 335 -36.89 -3.92 -41.20
CA ASP J 335 -35.47 -3.83 -40.91
C ASP J 335 -34.64 -4.35 -42.07
N VAL J 336 -35.08 -5.45 -42.69
CA VAL J 336 -34.37 -6.02 -43.82
C VAL J 336 -34.32 -5.03 -44.98
N GLN J 337 -35.44 -4.37 -45.26
CA GLN J 337 -35.49 -3.45 -46.39
C GLN J 337 -34.56 -2.26 -46.17
N ASN J 338 -34.46 -1.78 -44.93
CA ASN J 338 -33.56 -0.67 -44.65
C ASN J 338 -32.11 -1.03 -44.93
N LEU J 339 -31.72 -2.27 -44.58
CA LEU J 339 -30.38 -2.75 -44.94
C LEU J 339 -30.22 -2.84 -46.45
N ARG J 340 -31.28 -3.25 -47.16
CA ARG J 340 -31.24 -3.30 -48.61
C ARG J 340 -30.98 -1.92 -49.20
N SER J 341 -31.67 -0.91 -48.67
CA SER J 341 -31.47 0.45 -49.19
C SER J 341 -30.11 1.00 -48.80
N ALA J 342 -29.65 0.71 -47.59
CA ALA J 342 -28.36 1.24 -47.13
C ALA J 342 -27.21 0.71 -47.98
N LEU J 343 -27.27 -0.58 -48.34
CA LEU J 343 -26.21 -1.21 -49.13
C LEU J 343 -26.32 -0.89 -50.61
N GLY J 344 -27.39 -0.21 -51.04
CA GLY J 344 -27.59 0.03 -52.45
C GLY J 344 -28.07 -1.19 -53.21
N LEU J 345 -28.65 -2.16 -52.52
CA LEU J 345 -29.10 -3.41 -53.12
C LEU J 345 -30.60 -3.43 -53.41
N GLY J 346 -31.27 -2.30 -53.32
CA GLY J 346 -32.70 -2.27 -53.56
C GLY J 346 -33.03 -2.60 -55.01
#